data_9LGO
#
_entry.id   9LGO
#
loop_
_entity.id
_entity.type
_entity.pdbx_description
1 polymer 'ATPase family gene 2 protein homolog A'
2 polymer 'Cyclin-dependent kinase 2-interacting protein'
3 polymer 'cDNA FLJ55172'
4 polymer 'ATPase family gene 2 protein homolog B'
5 non-polymer "ADENOSINE-5'-TRIPHOSPHATE"
6 non-polymer 'MAGNESIUM ION'
#
loop_
_entity_poly.entity_id
_entity_poly.type
_entity_poly.pdbx_seq_one_letter_code
_entity_poly.pdbx_strand_id
1 'polypeptide(L)'
;MSSKKNRKRLNQSAENGSSLPSAASSCAEARAPSAGSDFAATSGTLTVTNLLEKVDDKIPKTFQNSLIHLGLNTMKSANI
CIGRPVLLTSLNGKQEVYTAWPMAGFPGGKVGLSEMAQKNVGVRPGDAIQVQPLVGAVLQAEEMDVALSDKDMEINEEEL
TGCILRKLDGKIVLPGNFLYCTFYGRPYKLQVLRVKGADGMILGGPQSDSDTDAQRMAFEQSSMETSSLELSLQLSQLDL
EDTQIPTSRSTPYKPIDDRITNKASDVLLDVTQSPGDGSGLMLEEVTGLKCNFESAREGNEQLTEEERLLKFSIGAKCNT
DTFYFISSTTRVNFTEIDKNSKEQDNQFKVTYDMIGGLSSQLKAIREIIELPLKQPELFKSYGIPAPRGVLLYGPPGTGK
TMIARAVANEVGAYVSVINGPEIISKFYGETEAKLRQIFAEATLRHPSIIFIDQLDALCPKREGAQNEVEKRVVASLLTL
MDGIGSEVSEGQVLVLGATNRPHALDAALRRPGRFDKEIEIGVPNAQDRLDILQKLLRRVPHLLTEAELLQLANSAHGYV
GADLKVLCNEAGLCALRRILKKQPNLPDVKVAGLVKITLKDFLQAMNDIRPSAMREIAIDVPNVSWSDIGGLESIKLKLE
QAVEWPLKHPESFIRMGIQPPKGVLLYGPPGCSKTMIAKALANESGLNFLAIKGPELMNKYVGESERAVRETFRKARAVA
PSIIFFDQLDALAVERGSSLGAGNVADRVLAQLLTEMDGIEQLKDVTILAATNRPDRIDKALMRPGRIDRIIYVPLPDAA
TRREIFKLQFHSMPVSNEVDLDELILQTDAYSGAEIVAVCREAALLALEEDIQANLIMKRHFTQALSTVTPRIPESLRRF
YEDYQE
;
A,E,D,B
2 'polypeptide(L)'
;MWSHPQFEKGGGSGGGSGGSAWSHPQFEKGMEAKTLGTVTPRKPVLSVSARKIKDNAADWHNLILKWETLNDAGFTTANN
IANLKISLLNKDKIELDSSSPASKENEEKVCLEYNEELEKLCEELQATLDGLTKIQVKMEKLSSTTKGICELENYHYGEE
SKRPPLFHTWPTTHFYEVSHKLLEMYRKELLLKRTVAKELAHTGDPDLTLSYLSMWLHQPYVESDSRLHLESMLLETGHR
AL
;
J,I
3 'polypeptide(L)'
;MYPYDVPDYAMSEKRRRLDARNPLKQETALSRLPFPRGNQGLLQKAEAGRARWLTPVIPALWKTEAGGSPEKMTQDRPLL
AVQEALKKCFPVVEEQQGLWQSALRDCQPLLSSLSNLAEQLQAAQNLRFEDVPALRAFPDLKERLRRKQLVAGDIVLDKL
GERLAILLKVRDMVSSHVERVFQIYEQHADTVGIDAVLQPSAVSPSVADMLEWLQDIERHYRKSYLKRKYLLSSIQWGDL
ANIQALPKAWDRISKDEHQDLVQDILLNVSFFLEE
;
H,G
4 'polypeptide(L)'
;MAPDSDPFPEGPLLKLLPLDARDRGTQRCRLGPAALHALGARLGSAVKISLPDGGSCLCTAWPRRDGADGFVQLDPLCAS
PGAAVGASRSRRSLSLNRLLLVPCPPLRRVAVWPVLRERAGAPGARNTAAVLEAAQELLRNRPISLGHVVVAPPGAPGLV
AALHIVGGTPSPDPAGLVTPRTRVSLGGEPPSEAQPQPEVPLGGLSEAADSLRELLRLPLRYPRALTALGLAVPRGVLLA
GPPGVGKTQLVRAVAREAGAELLAVSAPALQGSRPGETEENVRRVFQRARELASRGPSLLFLDEMDALCPQRGSRAPESR
VVAQVLTLLDGASGDREVVVVGATNRPDALDPALRRPGRFDREVVIGTPTLKQRKEILQVITSKMPISSHVDLGLLAEMT
VGYVGADLTALCREAAMHALLHSEKNQDNPVIDEIDFLEAFKNIQPSSFRSVIGLMDIKPVDWEEIGGLEDVKLKLKQSI
EWPLKFPWEFVRMGLTQPKGVLLYGPPGCAKTTLVRALATSCHCSFVSVSGADLFSPFVGDSEKVLSQIFRQARASTPAI
LFLDEIDSILGARSASKTGCDVQERVLSVLLNELDGVGLKTIERRGSKSSQQEFQEVFNRSVMIIAATNRPDVLDTALLR
PGRLDKIIYIPPPDHKGRLSILKVCTKTMPIGPDVSLENLAAETCFFSGADLRNLCTEAALLALQENGLDATTVKQEHFL
KSLKTVKPSLSCKDLALYENLFKKEGFSN
;
F,C
#
loop_
_chem_comp.id
_chem_comp.type
_chem_comp.name
_chem_comp.formula
ATP non-polymer ADENOSINE-5'-TRIPHOSPHATE 'C10 H16 N5 O13 P3'
MG non-polymer 'MAGNESIUM ION' 'Mg 2'
#
# COMPACT_ATOMS: atom_id res chain seq x y z
N SER A 43 -17.88 -72.57 42.26
CA SER A 43 -16.88 -71.70 42.85
C SER A 43 -16.20 -70.85 41.79
N GLY A 44 -16.99 -70.04 41.10
CA GLY A 44 -16.45 -69.21 40.04
C GLY A 44 -17.42 -68.96 38.90
N THR A 45 -18.41 -69.84 38.74
CA THR A 45 -19.39 -69.69 37.67
C THR A 45 -20.59 -68.92 38.17
N LEU A 46 -20.80 -67.73 37.62
CA LEU A 46 -21.96 -66.89 37.95
C LEU A 46 -22.77 -66.64 36.67
N THR A 47 -23.83 -65.85 36.81
CA THR A 47 -24.77 -65.61 35.72
C THR A 47 -24.85 -64.11 35.47
N VAL A 48 -24.86 -63.72 34.20
CA VAL A 48 -24.79 -62.32 33.82
C VAL A 48 -26.16 -61.67 33.83
N THR A 49 -26.16 -60.35 34.10
CA THR A 49 -27.37 -59.54 34.06
C THR A 49 -26.94 -58.12 33.73
N ASN A 50 -27.93 -57.29 33.39
CA ASN A 50 -27.66 -55.89 33.14
C ASN A 50 -27.43 -55.16 34.46
N LEU A 51 -26.78 -54.01 34.33
CA LEU A 51 -26.45 -53.20 35.49
C LEU A 51 -27.58 -52.37 35.99
N LEU A 52 -27.64 -52.15 37.28
CA LEU A 52 -28.76 -51.41 37.85
C LEU A 52 -28.62 -50.00 37.43
N GLU A 53 -29.69 -49.39 37.00
CA GLU A 53 -29.55 -48.05 36.49
C GLU A 53 -29.58 -47.06 37.58
N LYS A 54 -29.57 -45.80 37.24
CA LYS A 54 -29.45 -44.79 38.26
C LYS A 54 -28.20 -45.17 39.01
N VAL A 55 -28.19 -44.97 40.30
CA VAL A 55 -27.01 -45.28 41.09
C VAL A 55 -25.77 -44.59 40.62
N ASP A 56 -25.85 -43.38 40.14
CA ASP A 56 -24.62 -42.79 39.69
C ASP A 56 -24.13 -41.77 40.68
N ASP A 57 -24.58 -41.86 41.91
CA ASP A 57 -24.08 -40.98 42.93
C ASP A 57 -23.51 -41.80 44.03
N LYS A 58 -23.30 -43.06 43.80
CA LYS A 58 -22.62 -43.88 44.77
C LYS A 58 -21.51 -44.67 44.11
N ILE A 59 -21.01 -44.22 42.98
CA ILE A 59 -19.90 -44.87 42.33
C ILE A 59 -18.83 -43.84 42.01
N PRO A 60 -17.65 -43.92 42.62
CA PRO A 60 -16.57 -42.94 42.42
C PRO A 60 -16.29 -42.70 40.94
N LYS A 61 -15.77 -41.51 40.65
CA LYS A 61 -15.64 -41.05 39.27
C LYS A 61 -14.47 -41.70 38.54
N THR A 62 -13.48 -42.21 39.26
CA THR A 62 -12.36 -42.87 38.59
C THR A 62 -12.68 -44.30 38.14
N PHE A 63 -13.79 -44.89 38.60
CA PHE A 63 -14.13 -46.28 38.29
C PHE A 63 -15.35 -46.36 37.38
N GLN A 64 -15.56 -45.36 36.53
CA GLN A 64 -16.84 -45.22 35.83
C GLN A 64 -16.96 -46.17 34.65
N ASN A 65 -15.92 -46.27 33.82
CA ASN A 65 -16.02 -46.98 32.56
C ASN A 65 -15.38 -48.36 32.61
N SER A 66 -15.15 -48.90 33.81
CA SER A 66 -14.39 -50.15 33.93
C SER A 66 -15.03 -51.08 34.96
N LEU A 67 -16.34 -51.06 35.11
CA LEU A 67 -16.96 -51.42 36.38
C LEU A 67 -17.86 -52.64 36.23
N ILE A 68 -17.79 -53.56 37.20
CA ILE A 68 -18.80 -54.60 37.39
C ILE A 68 -19.42 -54.41 38.77
N HIS A 69 -20.59 -55.01 38.95
CA HIS A 69 -21.32 -54.96 40.21
C HIS A 69 -21.58 -56.38 40.70
N LEU A 70 -21.51 -56.56 42.01
CA LEU A 70 -21.69 -57.87 42.61
C LEU A 70 -22.41 -57.73 43.95
N GLY A 71 -23.06 -58.80 44.37
CA GLY A 71 -23.63 -58.85 45.69
C GLY A 71 -22.56 -59.08 46.74
N LEU A 72 -22.89 -58.75 47.99
CA LEU A 72 -21.88 -58.77 49.05
C LEU A 72 -21.55 -60.19 49.52
N ASN A 73 -22.53 -61.09 49.55
CA ASN A 73 -22.24 -62.45 49.98
C ASN A 73 -21.55 -63.27 48.89
N THR A 74 -21.86 -63.01 47.62
CA THR A 74 -21.16 -63.63 46.50
C THR A 74 -19.70 -63.20 46.46
N MET A 75 -19.45 -61.92 46.69
CA MET A 75 -18.10 -61.39 46.65
C MET A 75 -17.33 -61.78 47.90
N LYS A 76 -18.03 -61.98 49.02
CA LYS A 76 -17.41 -62.53 50.22
C LYS A 76 -17.04 -64.00 50.02
N SER A 77 -17.82 -64.73 49.22
CA SER A 77 -17.57 -66.15 49.02
C SER A 77 -16.34 -66.40 48.17
N ALA A 78 -16.26 -65.80 46.99
CA ALA A 78 -15.11 -66.03 46.10
C ALA A 78 -14.04 -64.95 46.23
N ASN A 79 -13.70 -64.59 47.49
CA ASN A 79 -12.62 -63.73 48.03
C ASN A 79 -12.16 -62.54 47.19
N ILE A 80 -13.11 -61.78 46.66
CA ILE A 80 -12.85 -60.60 45.85
C ILE A 80 -12.95 -59.37 46.76
N CYS A 81 -12.00 -58.44 46.64
CA CYS A 81 -12.01 -57.22 47.44
C CYS A 81 -12.50 -56.03 46.61
N ILE A 82 -12.82 -54.93 47.31
CA ILE A 82 -13.37 -53.73 46.69
C ILE A 82 -12.25 -52.93 46.03
N GLY A 83 -12.41 -52.62 44.75
CA GLY A 83 -11.46 -51.82 44.02
C GLY A 83 -10.38 -52.61 43.31
N ARG A 84 -10.18 -53.86 43.68
CA ARG A 84 -9.21 -54.71 43.02
C ARG A 84 -9.76 -55.20 41.69
N PRO A 85 -8.89 -55.47 40.70
CA PRO A 85 -9.37 -56.02 39.44
C PRO A 85 -9.76 -57.48 39.55
N VAL A 86 -10.70 -57.87 38.68
CA VAL A 86 -11.11 -59.26 38.47
C VAL A 86 -10.96 -59.61 36.99
N LEU A 87 -10.81 -60.90 36.74
CA LEU A 87 -10.62 -61.47 35.42
C LEU A 87 -11.83 -62.29 35.05
N LEU A 88 -12.39 -62.03 33.87
CA LEU A 88 -13.59 -62.68 33.37
C LEU A 88 -13.26 -63.50 32.15
N THR A 89 -13.64 -64.78 32.18
CA THR A 89 -13.44 -65.72 31.08
C THR A 89 -14.78 -66.33 30.69
N SER A 90 -15.10 -66.32 29.41
CA SER A 90 -16.31 -66.96 28.93
C SER A 90 -15.99 -68.39 28.49
N LEU A 91 -16.96 -69.05 27.87
CA LEU A 91 -16.76 -70.41 27.38
C LEU A 91 -15.96 -70.45 26.08
N ASN A 92 -15.91 -69.35 25.34
CA ASN A 92 -15.16 -69.30 24.09
C ASN A 92 -13.69 -69.00 24.30
N GLY A 93 -13.28 -68.67 25.52
CA GLY A 93 -11.89 -68.34 25.77
C GLY A 93 -11.52 -66.90 25.58
N LYS A 94 -12.49 -65.98 25.60
CA LYS A 94 -12.22 -64.56 25.53
C LYS A 94 -12.25 -63.97 26.93
N GLN A 95 -11.33 -63.04 27.21
CA GLN A 95 -11.08 -62.60 28.57
C GLN A 95 -11.12 -61.08 28.69
N GLU A 96 -11.37 -60.62 29.92
CA GLU A 96 -11.45 -59.19 30.21
C GLU A 96 -11.05 -58.96 31.66
N VAL A 97 -10.47 -57.78 31.95
CA VAL A 97 -10.06 -57.43 33.31
C VAL A 97 -10.77 -56.14 33.74
N TYR A 98 -11.64 -56.24 34.75
CA TYR A 98 -12.45 -55.14 35.26
C TYR A 98 -12.34 -54.87 36.76
N THR A 99 -13.11 -53.92 37.28
CA THR A 99 -12.99 -53.51 38.68
C THR A 99 -14.22 -53.78 39.51
N ALA A 100 -14.11 -54.43 40.65
CA ALA A 100 -15.30 -54.77 41.40
C ALA A 100 -15.85 -53.67 42.30
N TRP A 101 -17.17 -53.57 42.43
CA TRP A 101 -17.77 -52.59 43.34
C TRP A 101 -18.87 -53.22 44.18
N PRO A 102 -18.88 -52.96 45.50
CA PRO A 102 -19.94 -53.62 46.25
C PRO A 102 -21.30 -53.02 45.91
N MET A 103 -22.23 -53.82 45.40
CA MET A 103 -23.51 -53.26 44.96
C MET A 103 -24.58 -53.18 46.03
N ALA A 104 -24.58 -54.12 46.95
CA ALA A 104 -25.63 -54.12 47.97
C ALA A 104 -27.00 -54.05 47.32
N GLY A 105 -27.39 -55.11 46.64
CA GLY A 105 -28.68 -55.14 45.98
C GLY A 105 -28.76 -56.25 44.95
N PHE A 106 -27.93 -56.17 43.91
CA PHE A 106 -27.99 -57.15 42.83
C PHE A 106 -28.34 -58.53 43.35
N PRO A 107 -29.27 -59.21 42.67
CA PRO A 107 -29.69 -60.53 43.16
C PRO A 107 -28.48 -61.38 43.43
N GLY A 108 -28.40 -61.98 44.61
CA GLY A 108 -27.23 -62.76 44.95
C GLY A 108 -26.94 -63.74 43.85
N GLY A 109 -25.70 -63.80 43.40
CA GLY A 109 -25.34 -64.71 42.33
C GLY A 109 -25.43 -64.13 40.93
N LYS A 110 -25.34 -62.80 40.84
CA LYS A 110 -25.46 -62.17 39.53
C LYS A 110 -24.39 -61.13 39.24
N VAL A 111 -23.57 -61.38 38.23
CA VAL A 111 -22.56 -60.41 37.85
C VAL A 111 -23.18 -59.44 36.87
N GLY A 112 -22.93 -58.14 37.06
CA GLY A 112 -23.52 -57.16 36.20
C GLY A 112 -22.53 -56.55 35.27
N LEU A 113 -22.80 -56.59 33.98
CA LEU A 113 -21.89 -56.04 33.00
C LEU A 113 -22.59 -55.10 32.02
N SER A 114 -21.86 -54.15 31.46
CA SER A 114 -22.43 -53.24 30.49
C SER A 114 -22.51 -53.92 29.12
N GLU A 115 -23.12 -53.22 28.15
CA GLU A 115 -23.37 -53.83 26.84
C GLU A 115 -22.11 -53.90 25.99
N MET A 116 -21.15 -52.99 26.20
CA MET A 116 -19.86 -53.08 25.53
C MET A 116 -19.04 -54.26 26.03
N ALA A 117 -19.14 -54.57 27.32
CA ALA A 117 -18.52 -55.77 27.87
C ALA A 117 -19.15 -57.04 27.32
N GLN A 118 -20.47 -57.02 27.15
CA GLN A 118 -21.18 -58.18 26.60
C GLN A 118 -20.89 -58.39 25.14
N LYS A 119 -20.61 -57.32 24.39
CA LYS A 119 -20.12 -57.51 23.03
C LYS A 119 -18.66 -57.92 22.98
N ASN A 120 -17.84 -57.42 23.92
CA ASN A 120 -16.39 -57.63 23.84
C ASN A 120 -16.00 -59.04 24.25
N VAL A 121 -16.62 -59.58 25.29
CA VAL A 121 -16.36 -60.96 25.66
C VAL A 121 -17.15 -61.91 24.77
N GLY A 122 -18.39 -61.55 24.47
CA GLY A 122 -19.33 -62.35 23.71
C GLY A 122 -20.24 -63.00 24.71
N VAL A 123 -21.32 -62.30 25.06
CA VAL A 123 -22.18 -62.57 26.22
C VAL A 123 -23.60 -62.14 25.87
N ARG A 124 -24.54 -63.07 25.92
CA ARG A 124 -25.92 -62.62 26.01
C ARG A 124 -26.34 -62.61 27.48
N PRO A 125 -27.30 -61.74 27.87
CA PRO A 125 -27.76 -61.77 29.28
C PRO A 125 -28.57 -63.01 29.62
N GLY A 126 -27.99 -63.86 30.47
CA GLY A 126 -28.56 -65.16 30.75
C GLY A 126 -27.60 -66.30 30.43
N ASP A 127 -26.29 -66.03 30.51
CA ASP A 127 -25.26 -67.01 30.22
C ASP A 127 -24.39 -67.24 31.46
N ALA A 128 -23.30 -67.98 31.29
CA ALA A 128 -22.39 -68.30 32.37
C ALA A 128 -21.02 -67.68 32.12
N ILE A 129 -20.34 -67.27 33.20
CA ILE A 129 -19.07 -66.56 33.08
C ILE A 129 -18.22 -66.97 34.28
N GLN A 130 -16.89 -66.92 34.12
CA GLN A 130 -15.94 -67.31 35.16
C GLN A 130 -15.22 -66.07 35.66
N VAL A 131 -15.31 -65.82 36.98
CA VAL A 131 -14.77 -64.63 37.62
C VAL A 131 -13.66 -65.06 38.57
N GLN A 132 -12.52 -64.38 38.50
CA GLN A 132 -11.38 -64.70 39.35
C GLN A 132 -10.71 -63.42 39.85
N PRO A 133 -10.12 -63.43 41.03
CA PRO A 133 -9.29 -62.30 41.45
C PRO A 133 -7.86 -62.41 40.94
N LEU A 134 -7.20 -61.26 40.87
CA LEU A 134 -5.84 -61.17 40.37
C LEU A 134 -4.86 -61.13 41.53
N VAL A 135 -3.92 -62.06 41.55
CA VAL A 135 -2.89 -62.11 42.57
C VAL A 135 -1.55 -61.59 42.05
N GLY A 136 -1.41 -61.40 40.74
CA GLY A 136 -0.16 -60.98 40.14
C GLY A 136 0.10 -59.50 40.24
N ALA A 137 0.75 -58.96 39.22
CA ALA A 137 1.17 -57.57 39.21
C ALA A 137 0.56 -56.84 38.03
N VAL A 138 0.24 -55.57 38.21
CA VAL A 138 -0.14 -54.69 37.12
C VAL A 138 0.93 -53.60 36.98
N LEU A 139 1.34 -53.35 35.75
CA LEU A 139 2.44 -52.46 35.46
C LEU A 139 2.01 -51.43 34.43
N GLN A 140 2.73 -50.30 34.43
CA GLN A 140 2.40 -49.20 33.56
C GLN A 140 2.84 -49.52 32.13
N ALA A 141 1.92 -49.40 31.19
CA ALA A 141 2.26 -49.59 29.78
C ALA A 141 3.03 -48.38 29.27
N GLU A 142 3.79 -48.58 28.20
CA GLU A 142 4.42 -47.45 27.55
C GLU A 142 4.26 -47.41 26.04
N GLU A 143 3.89 -48.50 25.38
CA GLU A 143 3.75 -48.42 23.94
C GLU A 143 2.55 -49.26 23.53
N MET A 144 1.56 -48.63 22.90
CA MET A 144 0.31 -49.32 22.60
C MET A 144 -0.02 -49.11 21.12
N ASP A 145 0.13 -50.18 20.35
CA ASP A 145 -0.26 -50.21 18.94
C ASP A 145 -1.74 -50.48 18.86
N VAL A 146 -2.50 -49.48 18.40
CA VAL A 146 -3.93 -49.56 18.23
C VAL A 146 -4.23 -49.49 16.74
N ALA A 147 -5.27 -50.15 16.29
CA ALA A 147 -5.64 -50.13 14.90
C ALA A 147 -7.02 -49.57 14.79
N LEU A 148 -7.17 -48.48 14.05
CA LEU A 148 -8.46 -47.82 14.01
C LEU A 148 -9.41 -48.59 13.17
N SER A 149 -10.66 -48.63 13.57
CA SER A 149 -11.57 -49.44 12.82
C SER A 149 -12.26 -48.56 11.85
N ASP A 150 -12.53 -49.07 10.66
CA ASP A 150 -13.16 -48.27 9.63
C ASP A 150 -12.23 -47.16 9.32
N LYS A 151 -12.78 -46.00 9.05
CA LYS A 151 -11.94 -44.86 8.83
C LYS A 151 -12.75 -43.60 8.65
N ASP A 152 -12.93 -42.89 9.74
CA ASP A 152 -13.63 -41.64 9.66
C ASP A 152 -12.62 -40.61 9.26
N MET A 153 -13.03 -39.36 9.31
CA MET A 153 -12.16 -38.31 8.88
C MET A 153 -10.88 -38.61 9.53
N GLU A 154 -9.81 -38.65 8.78
CA GLU A 154 -8.54 -38.83 9.44
C GLU A 154 -8.57 -37.84 10.58
N ILE A 155 -8.17 -38.23 11.78
CA ILE A 155 -8.34 -37.31 12.90
C ILE A 155 -7.14 -36.72 13.54
N ASN A 156 -7.29 -35.51 14.07
CA ASN A 156 -6.20 -34.85 14.72
C ASN A 156 -5.74 -35.91 15.62
N GLU A 157 -4.49 -36.26 15.50
CA GLU A 157 -4.01 -37.36 16.29
C GLU A 157 -3.71 -37.04 17.73
N GLU A 158 -3.12 -35.90 18.01
CA GLU A 158 -2.65 -35.62 19.37
C GLU A 158 -3.80 -35.37 20.34
N GLU A 159 -4.87 -34.75 19.88
CA GLU A 159 -6.00 -34.54 20.77
C GLU A 159 -6.97 -35.71 20.79
N LEU A 160 -6.94 -36.57 19.77
CA LEU A 160 -7.52 -37.91 19.89
C LEU A 160 -6.78 -38.74 20.93
N THR A 161 -5.46 -38.63 20.98
CA THR A 161 -4.68 -39.28 22.03
C THR A 161 -4.97 -38.67 23.40
N GLY A 162 -5.24 -37.36 23.43
CA GLY A 162 -5.67 -36.73 24.67
C GLY A 162 -7.04 -37.20 25.16
N CYS A 163 -7.97 -37.46 24.22
CA CYS A 163 -9.27 -38.00 24.61
C CYS A 163 -9.17 -39.45 25.07
N ILE A 164 -8.28 -40.23 24.45
CA ILE A 164 -8.02 -41.62 24.86
C ILE A 164 -7.41 -41.67 26.26
N LEU A 165 -6.40 -40.84 26.51
CA LEU A 165 -5.76 -40.86 27.82
C LEU A 165 -6.52 -40.07 28.88
N ARG A 166 -7.56 -39.33 28.51
CA ARG A 166 -8.40 -38.70 29.52
C ARG A 166 -9.58 -39.57 29.93
N LYS A 167 -10.28 -40.21 28.99
CA LYS A 167 -11.44 -40.99 29.40
C LYS A 167 -11.10 -42.41 29.81
N LEU A 168 -10.03 -42.99 29.26
CA LEU A 168 -9.61 -44.34 29.62
C LEU A 168 -8.33 -44.22 30.44
N ASP A 169 -8.46 -44.30 31.76
CA ASP A 169 -7.32 -44.28 32.65
C ASP A 169 -7.46 -45.42 33.63
N GLY A 170 -6.37 -46.16 33.84
CA GLY A 170 -6.42 -47.31 34.70
C GLY A 170 -7.06 -48.54 34.09
N LYS A 171 -7.27 -48.55 32.78
CA LYS A 171 -7.88 -49.68 32.10
C LYS A 171 -6.81 -50.70 31.76
N ILE A 172 -7.03 -51.95 32.16
CA ILE A 172 -6.05 -53.01 31.95
C ILE A 172 -6.30 -53.64 30.60
N VAL A 173 -5.27 -53.61 29.74
CA VAL A 173 -5.43 -53.90 28.33
C VAL A 173 -4.92 -55.30 27.99
N LEU A 174 -5.56 -55.90 27.00
CA LEU A 174 -5.28 -57.22 26.47
C LEU A 174 -5.33 -57.11 24.94
N PRO A 175 -4.61 -57.97 24.21
CA PRO A 175 -4.72 -57.93 22.75
C PRO A 175 -6.03 -58.52 22.28
N GLY A 176 -6.70 -57.81 21.38
CA GLY A 176 -7.98 -58.25 20.85
C GLY A 176 -9.18 -57.59 21.47
N ASN A 177 -9.00 -56.69 22.43
CA ASN A 177 -10.12 -56.00 23.03
C ASN A 177 -10.43 -54.71 22.29
N PHE A 178 -11.68 -54.26 22.42
CA PHE A 178 -12.15 -53.03 21.79
C PHE A 178 -12.35 -51.96 22.86
N LEU A 179 -11.93 -50.74 22.53
CA LEU A 179 -12.07 -49.59 23.41
C LEU A 179 -13.01 -48.57 22.79
N TYR A 180 -13.77 -47.89 23.64
CA TYR A 180 -14.82 -46.97 23.24
C TYR A 180 -14.59 -45.62 23.88
N CYS A 181 -14.52 -44.58 23.07
CA CYS A 181 -14.42 -43.21 23.57
C CYS A 181 -15.30 -42.31 22.71
N THR A 182 -15.90 -41.33 23.35
CA THR A 182 -16.81 -40.40 22.69
C THR A 182 -16.10 -39.06 22.55
N PHE A 183 -15.58 -38.79 21.36
CA PHE A 183 -14.93 -37.50 21.09
C PHE A 183 -16.02 -36.55 20.58
N TYR A 184 -16.52 -35.73 21.51
CA TYR A 184 -17.50 -34.65 21.31
C TYR A 184 -18.79 -35.14 20.64
N GLY A 185 -19.23 -36.34 21.04
CA GLY A 185 -20.40 -36.97 20.47
C GLY A 185 -20.08 -38.05 19.46
N ARG A 186 -18.92 -37.98 18.81
CA ARG A 186 -18.60 -38.98 17.80
C ARG A 186 -18.05 -40.23 18.47
N PRO A 187 -18.64 -41.40 18.26
CA PRO A 187 -18.10 -42.62 18.89
C PRO A 187 -16.94 -43.19 18.09
N TYR A 188 -15.95 -43.66 18.83
CA TYR A 188 -14.76 -44.27 18.25
C TYR A 188 -14.60 -45.71 18.70
N LYS A 189 -14.24 -46.54 17.74
CA LYS A 189 -13.98 -47.96 17.93
C LYS A 189 -12.48 -48.14 17.83
N LEU A 190 -11.84 -48.67 18.87
CA LEU A 190 -10.41 -48.88 18.86
C LEU A 190 -10.11 -50.35 19.08
N GLN A 191 -9.19 -50.91 18.29
CA GLN A 191 -8.80 -52.30 18.43
C GLN A 191 -7.33 -52.36 18.82
N VAL A 192 -7.05 -52.95 19.98
CA VAL A 192 -5.69 -52.99 20.51
C VAL A 192 -4.95 -54.15 19.87
N LEU A 193 -3.82 -53.85 19.22
CA LEU A 193 -2.99 -54.86 18.59
C LEU A 193 -1.80 -55.27 19.43
N ARG A 194 -1.09 -54.31 20.03
CA ARG A 194 0.13 -54.67 20.75
C ARG A 194 0.34 -53.77 21.95
N VAL A 195 0.71 -54.36 23.10
CA VAL A 195 1.05 -53.60 24.30
C VAL A 195 2.48 -53.96 24.70
N LYS A 196 3.33 -52.96 24.85
CA LYS A 196 4.68 -53.10 25.35
C LYS A 196 4.80 -52.33 26.65
N GLY A 197 5.17 -53.03 27.73
CA GLY A 197 5.08 -52.51 29.07
C GLY A 197 6.41 -52.05 29.63
N ALA A 198 6.42 -51.82 30.94
CA ALA A 198 7.56 -51.20 31.60
C ALA A 198 8.69 -52.16 31.90
N ASP A 199 8.43 -53.46 31.98
CA ASP A 199 9.51 -54.40 32.22
C ASP A 199 10.16 -54.91 30.93
N GLY A 200 9.72 -54.42 29.78
CA GLY A 200 10.31 -54.76 28.52
C GLY A 200 9.71 -55.97 27.84
N MET A 201 8.84 -56.71 28.51
CA MET A 201 8.21 -57.88 27.92
C MET A 201 7.03 -57.44 27.07
N ILE A 202 7.05 -57.82 25.80
CA ILE A 202 5.97 -57.51 24.89
C ILE A 202 5.07 -58.73 24.77
N LEU A 203 3.92 -58.54 24.15
CA LEU A 203 3.03 -59.64 23.85
C LEU A 203 3.20 -60.08 22.40
N GLY A 204 2.31 -60.95 21.94
CA GLY A 204 2.33 -61.40 20.55
C GLY A 204 1.64 -60.41 19.62
N ALA A 316 -2.03 -62.61 27.84
CA ALA A 316 -2.03 -63.08 29.22
C ALA A 316 -3.35 -63.77 29.56
N LYS A 317 -3.27 -65.01 30.00
CA LYS A 317 -4.47 -65.82 30.21
C LYS A 317 -4.67 -66.24 31.66
N CYS A 318 -3.65 -66.79 32.30
CA CYS A 318 -3.77 -67.22 33.68
C CYS A 318 -3.71 -66.01 34.61
N ASN A 319 -4.35 -66.11 35.76
CA ASN A 319 -4.47 -64.96 36.65
C ASN A 319 -3.22 -64.65 37.44
N THR A 320 -2.25 -65.56 37.49
CA THR A 320 -0.97 -65.29 38.14
C THR A 320 0.07 -64.78 37.15
N ASP A 321 -0.28 -63.75 36.37
CA ASP A 321 0.62 -63.22 35.35
C ASP A 321 0.78 -61.71 35.54
N THR A 322 1.48 -61.10 34.60
CA THR A 322 1.79 -59.68 34.64
C THR A 322 0.91 -58.95 33.65
N PHE A 323 0.05 -58.07 34.16
CA PHE A 323 -0.88 -57.33 33.32
C PHE A 323 -0.42 -55.88 33.21
N TYR A 324 -0.96 -55.17 32.23
CA TYR A 324 -0.50 -53.83 31.90
C TYR A 324 -1.69 -52.88 31.81
N PHE A 325 -1.53 -51.65 32.32
CA PHE A 325 -2.64 -50.71 32.32
C PHE A 325 -2.25 -49.37 31.70
N ILE A 326 -3.27 -48.70 31.17
CA ILE A 326 -3.11 -47.38 30.54
C ILE A 326 -2.96 -46.34 31.63
N SER A 327 -1.92 -45.53 31.55
CA SER A 327 -1.81 -44.34 32.38
C SER A 327 -1.61 -43.14 31.49
N SER A 328 -1.25 -42.00 32.08
CA SER A 328 -0.68 -40.96 31.26
C SER A 328 0.78 -41.29 30.95
N THR A 329 1.33 -40.57 29.97
CA THR A 329 2.62 -40.83 29.30
C THR A 329 2.74 -42.27 28.80
N THR A 330 1.73 -42.70 28.04
CA THR A 330 1.84 -43.89 27.20
C THR A 330 1.78 -43.46 25.73
N ARG A 331 2.65 -44.04 24.92
CA ARG A 331 2.72 -43.71 23.51
C ARG A 331 1.71 -44.54 22.73
N VAL A 332 0.76 -43.88 22.09
CA VAL A 332 -0.28 -44.54 21.33
C VAL A 332 0.08 -44.43 19.85
N ASN A 333 0.19 -45.56 19.16
CA ASN A 333 0.54 -45.58 17.76
C ASN A 333 -0.65 -46.10 16.94
N PHE A 334 -1.10 -45.29 15.99
CA PHE A 334 -2.20 -45.65 15.11
C PHE A 334 -1.65 -46.45 13.94
N THR A 335 -1.50 -47.75 14.15
CA THR A 335 -1.10 -48.64 13.07
C THR A 335 -2.30 -48.89 12.17
N GLU A 336 -2.10 -48.75 10.86
CA GLU A 336 -3.16 -48.96 9.89
C GLU A 336 -3.47 -50.45 9.80
N ILE A 337 -4.73 -50.76 9.45
CA ILE A 337 -5.24 -52.13 9.42
C ILE A 337 -4.59 -52.91 8.26
N ASP A 338 -4.09 -54.10 8.57
CA ASP A 338 -3.39 -54.93 7.59
C ASP A 338 -4.04 -56.30 7.48
N VAL A 350 18.95 -50.81 -5.82
CA VAL A 350 19.90 -50.05 -6.64
C VAL A 350 21.21 -50.83 -6.70
N THR A 351 21.68 -51.26 -5.53
CA THR A 351 22.77 -52.24 -5.31
C THR A 351 24.13 -51.79 -5.86
N TYR A 352 24.33 -50.49 -6.08
CA TYR A 352 25.61 -49.80 -6.33
C TYR A 352 26.32 -50.22 -7.62
N ASP A 353 25.65 -50.95 -8.50
CA ASP A 353 26.18 -51.27 -9.81
C ASP A 353 25.32 -50.67 -10.90
N MET A 354 24.18 -50.10 -10.54
CA MET A 354 23.37 -49.28 -11.44
C MET A 354 23.86 -47.85 -11.51
N ILE A 355 24.72 -47.41 -10.60
CA ILE A 355 25.38 -46.13 -10.73
C ILE A 355 26.47 -46.25 -11.78
N GLY A 356 26.45 -45.37 -12.78
CA GLY A 356 27.45 -45.36 -13.81
C GLY A 356 28.35 -44.14 -13.68
N GLY A 357 29.65 -44.38 -13.67
CA GLY A 357 30.56 -43.31 -13.31
C GLY A 357 30.50 -43.12 -11.80
N LEU A 358 30.96 -41.92 -11.38
CA LEU A 358 30.90 -41.39 -10.01
C LEU A 358 31.58 -42.28 -8.98
N SER A 359 32.67 -42.96 -9.35
CA SER A 359 33.26 -43.96 -8.48
C SER A 359 34.05 -43.31 -7.34
N SER A 360 34.59 -42.12 -7.58
CA SER A 360 35.26 -41.39 -6.52
C SER A 360 34.25 -40.75 -5.57
N GLN A 361 33.11 -40.32 -6.11
CA GLN A 361 32.17 -39.53 -5.31
C GLN A 361 31.20 -40.41 -4.53
N LEU A 362 30.88 -41.61 -4.99
CA LEU A 362 30.04 -42.50 -4.19
C LEU A 362 30.86 -43.19 -3.12
N LYS A 363 32.14 -43.38 -3.36
CA LYS A 363 33.00 -43.93 -2.32
C LYS A 363 33.19 -42.96 -1.17
N ALA A 364 33.16 -41.65 -1.45
CA ALA A 364 33.19 -40.65 -0.39
C ALA A 364 31.91 -40.64 0.42
N ILE A 365 30.76 -40.80 -0.24
CA ILE A 365 29.44 -40.90 0.41
C ILE A 365 29.34 -42.14 1.28
N ARG A 366 29.89 -43.24 0.85
CA ARG A 366 29.83 -44.38 1.70
C ARG A 366 30.81 -44.26 2.87
N GLU A 367 31.98 -43.68 2.66
CA GLU A 367 32.91 -43.57 3.78
C GLU A 367 32.43 -42.52 4.78
N ILE A 368 31.72 -41.52 4.30
CA ILE A 368 31.12 -40.51 5.16
C ILE A 368 29.91 -41.08 5.87
N ILE A 369 29.17 -41.95 5.18
CA ILE A 369 28.02 -42.60 5.79
C ILE A 369 28.37 -44.03 6.16
N GLU A 370 29.30 -44.18 7.11
CA GLU A 370 29.64 -45.47 7.68
C GLU A 370 30.54 -45.30 8.89
N LEU A 371 31.41 -44.30 8.85
CA LEU A 371 32.24 -43.97 10.00
C LEU A 371 31.37 -43.57 11.19
N PRO A 372 30.42 -42.64 10.96
CA PRO A 372 29.38 -42.43 11.98
C PRO A 372 28.50 -43.66 12.09
N LEU A 373 27.67 -43.70 13.12
CA LEU A 373 26.80 -44.85 13.37
C LEU A 373 27.60 -46.10 13.71
N LYS A 374 28.87 -46.11 13.30
CA LYS A 374 29.78 -47.18 13.71
C LYS A 374 30.86 -46.69 14.66
N GLN A 375 31.65 -45.69 14.25
CA GLN A 375 32.79 -45.22 15.03
C GLN A 375 32.73 -43.71 15.20
N PRO A 376 32.02 -43.21 16.22
CA PRO A 376 32.16 -41.79 16.58
C PRO A 376 33.31 -41.50 17.55
N GLU A 377 34.04 -42.52 17.97
CA GLU A 377 35.19 -42.31 18.85
C GLU A 377 36.39 -41.76 18.10
N LEU A 378 36.49 -42.06 16.80
CA LEU A 378 37.62 -41.58 16.01
C LEU A 378 37.54 -40.09 15.72
N PHE A 379 36.32 -39.56 15.59
CA PHE A 379 36.11 -38.14 15.36
C PHE A 379 36.50 -37.31 16.57
N LYS A 380 36.11 -37.75 17.76
CA LYS A 380 36.48 -37.09 19.00
C LYS A 380 37.83 -37.54 19.52
N SER A 381 38.50 -38.47 18.83
CA SER A 381 39.90 -38.70 19.10
C SER A 381 40.74 -37.51 18.66
N TYR A 382 40.54 -37.02 17.43
CA TYR A 382 41.42 -35.94 16.99
C TYR A 382 40.91 -34.55 17.40
N GLY A 383 39.95 -34.00 16.66
CA GLY A 383 39.53 -32.65 16.99
C GLY A 383 38.17 -32.15 16.58
N ILE A 384 37.34 -32.97 15.95
CA ILE A 384 36.15 -32.44 15.29
C ILE A 384 34.90 -33.16 15.79
N PRO A 385 33.74 -32.52 15.80
CA PRO A 385 32.49 -33.25 16.04
C PRO A 385 32.13 -34.12 14.85
N ALA A 386 31.32 -35.12 15.13
CA ALA A 386 30.79 -35.97 14.07
C ALA A 386 29.77 -35.18 13.27
N PRO A 387 29.96 -35.00 11.95
CA PRO A 387 29.15 -34.04 11.20
C PRO A 387 27.76 -34.57 10.89
N ARG A 388 26.89 -33.63 10.54
CA ARG A 388 25.50 -33.93 10.30
C ARG A 388 25.06 -33.65 8.87
N GLY A 389 25.41 -32.49 8.33
CA GLY A 389 24.86 -32.09 7.06
C GLY A 389 25.67 -32.45 5.84
N VAL A 390 25.15 -33.38 5.04
CA VAL A 390 25.72 -33.72 3.75
C VAL A 390 24.80 -33.13 2.69
N LEU A 391 25.31 -32.16 1.94
CA LEU A 391 24.53 -31.49 0.91
C LEU A 391 25.01 -31.95 -0.46
N LEU A 392 24.11 -32.52 -1.23
CA LEU A 392 24.41 -32.99 -2.57
C LEU A 392 23.72 -32.09 -3.58
N TYR A 393 24.44 -31.75 -4.65
CA TYR A 393 23.83 -30.91 -5.67
C TYR A 393 24.41 -31.22 -7.04
N GLY A 394 23.75 -30.69 -8.06
CA GLY A 394 24.22 -30.79 -9.42
C GLY A 394 23.30 -30.13 -10.43
N PRO A 395 23.63 -30.25 -11.70
CA PRO A 395 22.70 -29.85 -12.78
C PRO A 395 21.51 -30.80 -12.85
N PRO A 396 20.37 -30.37 -13.40
CA PRO A 396 19.16 -31.23 -13.36
C PRO A 396 19.23 -32.40 -14.32
N GLY A 397 19.02 -33.59 -13.77
CA GLY A 397 19.11 -34.82 -14.53
C GLY A 397 20.38 -35.62 -14.34
N THR A 398 21.01 -35.55 -13.17
CA THR A 398 22.37 -36.04 -12.99
C THR A 398 22.44 -37.34 -12.19
N GLY A 399 21.57 -37.52 -11.20
CA GLY A 399 21.60 -38.73 -10.40
C GLY A 399 21.63 -38.52 -8.89
N LYS A 400 21.11 -37.39 -8.42
CA LYS A 400 21.14 -37.09 -7.00
C LYS A 400 20.04 -37.81 -6.23
N THR A 401 18.85 -37.91 -6.81
CA THR A 401 17.74 -38.58 -6.13
C THR A 401 17.93 -40.10 -6.14
N MET A 402 18.58 -40.62 -7.17
CA MET A 402 18.88 -42.05 -7.23
C MET A 402 19.99 -42.44 -6.25
N ILE A 403 20.97 -41.54 -6.06
CA ILE A 403 22.05 -41.84 -5.11
C ILE A 403 21.59 -41.64 -3.67
N ALA A 404 20.49 -40.93 -3.42
CA ALA A 404 19.90 -40.90 -2.09
C ALA A 404 19.25 -42.23 -1.76
N ARG A 405 18.43 -42.75 -2.68
CA ARG A 405 17.74 -44.03 -2.56
C ARG A 405 18.71 -45.21 -2.58
N ALA A 406 19.90 -45.04 -3.16
CA ALA A 406 20.94 -46.06 -3.12
C ALA A 406 21.57 -46.21 -1.72
N VAL A 407 21.72 -45.12 -0.97
CA VAL A 407 22.30 -45.17 0.38
C VAL A 407 21.37 -45.90 1.34
N ALA A 408 20.06 -45.63 1.22
CA ALA A 408 19.08 -46.24 2.09
C ALA A 408 18.81 -47.71 1.80
N ASN A 409 19.27 -48.23 0.67
CA ASN A 409 19.12 -49.65 0.35
C ASN A 409 20.27 -50.49 0.87
N GLU A 410 21.29 -49.91 1.48
CA GLU A 410 22.48 -50.68 1.81
C GLU A 410 22.86 -50.66 3.28
N VAL A 411 22.80 -49.51 3.95
CA VAL A 411 23.40 -49.43 5.29
C VAL A 411 22.47 -50.00 6.36
N GLY A 412 21.17 -49.68 6.32
CA GLY A 412 20.20 -50.30 7.22
C GLY A 412 19.95 -49.51 8.49
N ALA A 413 18.84 -48.78 8.50
CA ALA A 413 18.35 -48.01 9.64
C ALA A 413 16.86 -47.78 9.41
N TYR A 414 16.27 -46.84 10.13
CA TYR A 414 15.04 -46.22 9.68
C TYR A 414 15.42 -45.02 8.85
N VAL A 415 14.86 -44.92 7.66
CA VAL A 415 15.17 -43.85 6.73
C VAL A 415 13.90 -43.03 6.51
N SER A 416 13.98 -41.74 6.83
CA SER A 416 12.83 -40.86 6.76
C SER A 416 12.99 -39.94 5.56
N VAL A 417 12.08 -40.06 4.60
CA VAL A 417 12.13 -39.30 3.36
C VAL A 417 11.04 -38.24 3.42
N ILE A 418 11.45 -36.98 3.37
CA ILE A 418 10.53 -35.86 3.29
C ILE A 418 10.68 -35.27 1.90
N ASN A 419 9.56 -35.14 1.20
CA ASN A 419 9.60 -34.56 -0.13
C ASN A 419 9.56 -33.04 -0.06
N GLY A 420 9.84 -32.43 -1.20
CA GLY A 420 9.88 -30.99 -1.33
C GLY A 420 8.60 -30.30 -1.78
N PRO A 421 8.01 -30.65 -2.96
CA PRO A 421 6.83 -29.91 -3.42
C PRO A 421 5.50 -30.31 -2.82
N GLU A 422 5.46 -31.03 -1.71
CA GLU A 422 4.20 -31.34 -1.05
C GLU A 422 4.15 -30.88 0.40
N ILE A 423 5.15 -30.13 0.87
CA ILE A 423 5.08 -29.39 2.13
C ILE A 423 5.19 -27.90 1.75
N ILE A 424 4.64 -27.53 0.59
CA ILE A 424 4.70 -26.12 0.18
C ILE A 424 3.46 -25.38 0.63
N SER A 425 2.27 -25.84 0.20
CA SER A 425 1.09 -24.98 0.21
C SER A 425 0.44 -24.91 1.58
N LYS A 426 -0.08 -26.04 2.08
CA LYS A 426 -0.81 -26.24 3.33
C LYS A 426 -1.99 -25.29 3.50
N PHE A 427 -2.34 -24.99 4.75
CA PHE A 427 -3.28 -23.92 5.09
C PHE A 427 -2.67 -22.91 6.03
N TYR A 428 -1.91 -23.37 7.02
CA TYR A 428 -1.23 -22.53 7.99
C TYR A 428 0.07 -23.22 8.38
N GLY A 429 0.65 -22.82 9.50
CA GLY A 429 1.94 -23.36 9.93
C GLY A 429 1.90 -24.76 10.51
N GLU A 430 1.65 -25.75 9.66
CA GLU A 430 1.66 -27.16 10.05
C GLU A 430 3.02 -27.81 9.85
N THR A 431 4.02 -27.05 9.40
CA THR A 431 5.37 -27.57 9.25
C THR A 431 6.02 -27.86 10.60
N GLU A 432 5.75 -27.02 11.60
CA GLU A 432 6.44 -27.09 12.88
C GLU A 432 5.95 -28.25 13.74
N ALA A 433 4.80 -28.83 13.42
CA ALA A 433 4.41 -30.11 14.01
C ALA A 433 4.87 -31.28 13.16
N LYS A 434 4.92 -31.12 11.84
CA LYS A 434 5.27 -32.22 10.95
C LYS A 434 6.78 -32.49 10.95
N LEU A 435 7.61 -31.45 10.85
CA LEU A 435 9.04 -31.69 10.78
C LEU A 435 9.47 -32.35 12.04
N ARG A 436 9.28 -31.66 13.15
CA ARG A 436 9.68 -32.18 14.45
C ARG A 436 9.33 -33.60 14.72
N GLN A 437 8.09 -33.96 14.50
CA GLN A 437 7.68 -35.29 14.81
C GLN A 437 8.56 -36.15 13.99
N ILE A 438 8.74 -35.79 12.72
CA ILE A 438 9.53 -36.60 11.80
C ILE A 438 10.95 -36.85 12.30
N PHE A 439 11.56 -35.83 12.88
CA PHE A 439 12.92 -35.95 13.31
C PHE A 439 13.02 -36.96 14.41
N ALA A 440 12.94 -36.50 15.65
CA ALA A 440 13.14 -37.40 16.79
C ALA A 440 12.39 -38.68 16.73
N GLU A 441 11.30 -38.70 16.01
CA GLU A 441 10.63 -39.94 15.86
C GLU A 441 11.67 -40.91 15.32
N ALA A 442 12.44 -40.50 14.31
CA ALA A 442 13.55 -41.35 13.79
C ALA A 442 14.62 -41.46 14.82
N THR A 443 14.81 -40.37 15.55
CA THR A 443 15.77 -40.37 16.63
C THR A 443 15.58 -41.66 17.33
N LEU A 444 14.32 -42.06 17.44
CA LEU A 444 14.02 -43.28 18.15
C LEU A 444 14.86 -44.44 17.67
N ARG A 445 14.96 -44.64 16.37
CA ARG A 445 15.70 -45.81 15.95
C ARG A 445 17.16 -45.46 15.83
N HIS A 446 17.86 -45.47 16.96
CA HIS A 446 19.27 -45.15 16.96
C HIS A 446 20.08 -46.33 16.49
N SER A 448 19.74 -43.75 12.71
CA SER A 448 18.69 -43.31 11.81
C SER A 448 19.23 -42.22 10.89
N ILE A 449 18.79 -42.25 9.64
CA ILE A 449 19.26 -41.33 8.61
C ILE A 449 18.06 -40.58 8.07
N ILE A 450 18.13 -39.25 8.06
CA ILE A 450 17.02 -38.39 7.65
C ILE A 450 17.34 -37.82 6.27
N PHE A 451 16.41 -38.03 5.34
CA PHE A 451 16.51 -37.57 3.96
C PHE A 451 15.61 -36.35 3.79
N ILE A 452 16.16 -35.27 3.27
CA ILE A 452 15.36 -34.16 2.78
C ILE A 452 15.72 -33.95 1.33
N ASP A 453 14.76 -34.15 0.44
CA ASP A 453 14.97 -33.93 -0.98
C ASP A 453 14.18 -32.72 -1.41
N GLN A 454 14.69 -32.05 -2.46
CA GLN A 454 14.20 -30.79 -3.04
C GLN A 454 14.16 -29.69 -1.98
N LEU A 455 15.37 -29.31 -1.56
CA LEU A 455 15.57 -28.34 -0.48
C LEU A 455 15.15 -26.92 -0.87
N ASP A 456 15.11 -26.60 -2.16
CA ASP A 456 14.71 -25.27 -2.59
C ASP A 456 13.19 -25.08 -2.58
N ALA A 457 12.48 -26.09 -2.10
CA ALA A 457 11.05 -25.94 -1.89
C ALA A 457 10.97 -25.44 -0.48
N LEU A 458 11.20 -26.31 0.49
CA LEU A 458 11.02 -25.92 1.89
C LEU A 458 11.61 -24.57 2.16
N CYS A 459 12.70 -24.24 1.52
CA CYS A 459 13.35 -23.02 1.88
C CYS A 459 13.90 -22.30 0.75
N PRO A 460 13.42 -21.10 0.55
CA PRO A 460 13.99 -20.30 -0.50
C PRO A 460 14.92 -19.36 0.13
N LYS A 461 14.81 -18.11 -0.27
CA LYS A 461 15.69 -17.09 0.24
C LYS A 461 15.22 -15.87 -0.51
N ARG A 462 13.97 -15.93 -0.96
CA ARG A 462 13.46 -14.83 -1.78
C ARG A 462 12.99 -13.69 -0.88
N GLU A 463 13.89 -12.78 -0.54
CA GLU A 463 13.54 -11.70 0.39
C GLU A 463 12.47 -10.74 -0.10
N GLY A 464 12.58 -10.24 -1.33
CA GLY A 464 11.60 -9.30 -1.85
C GLY A 464 10.24 -9.74 -1.40
N ALA A 465 9.75 -10.84 -1.96
CA ALA A 465 8.48 -11.41 -1.50
C ALA A 465 8.65 -11.90 -0.08
N GLN A 466 7.78 -11.44 0.82
CA GLN A 466 7.79 -11.83 2.22
C GLN A 466 6.57 -12.71 2.47
N ASN A 467 6.75 -14.01 2.29
CA ASN A 467 5.65 -14.96 2.41
C ASN A 467 5.49 -15.43 3.86
N GLU A 468 4.29 -15.95 4.15
CA GLU A 468 3.98 -16.41 5.49
C GLU A 468 4.65 -17.73 5.81
N VAL A 469 4.83 -18.60 4.82
CA VAL A 469 5.43 -19.91 5.03
C VAL A 469 6.91 -19.91 4.65
N GLU A 470 7.54 -18.75 4.59
CA GLU A 470 8.92 -18.60 4.16
C GLU A 470 9.84 -18.07 5.25
N LYS A 471 9.42 -17.00 5.93
CA LYS A 471 10.32 -16.23 6.77
C LYS A 471 10.58 -16.87 8.14
N ARG A 472 9.75 -17.81 8.59
CA ARG A 472 9.98 -18.46 9.87
C ARG A 472 10.03 -19.98 9.77
N VAL A 473 10.03 -20.54 8.57
CA VAL A 473 10.42 -21.94 8.42
C VAL A 473 11.94 -22.06 8.40
N VAL A 474 12.67 -20.96 8.14
CA VAL A 474 14.11 -20.95 8.30
C VAL A 474 14.50 -21.01 9.78
N ALA A 475 13.69 -20.44 10.66
CA ALA A 475 13.91 -20.64 12.08
C ALA A 475 13.43 -22.01 12.55
N SER A 476 12.60 -22.68 11.76
CA SER A 476 12.14 -24.02 12.08
C SER A 476 13.15 -25.11 11.73
N LEU A 477 14.22 -24.78 11.02
CA LEU A 477 15.27 -25.75 10.71
C LEU A 477 16.59 -25.46 11.42
N LEU A 478 16.98 -24.18 11.52
CA LEU A 478 18.21 -23.82 12.24
C LEU A 478 18.07 -24.05 13.74
N THR A 479 16.90 -23.78 14.31
CA THR A 479 16.72 -24.06 15.73
C THR A 479 16.31 -25.50 15.99
N LEU A 480 16.02 -26.28 14.94
CA LEU A 480 15.80 -27.69 15.14
C LEU A 480 17.08 -28.49 14.95
N MET A 481 17.90 -28.14 13.95
CA MET A 481 19.16 -28.86 13.76
C MET A 481 20.22 -28.50 14.78
N ASP A 482 20.11 -27.34 15.43
CA ASP A 482 21.01 -27.04 16.54
C ASP A 482 20.61 -27.77 17.82
N GLY A 483 19.36 -28.25 17.89
CA GLY A 483 18.91 -29.03 19.02
C GLY A 483 18.83 -30.52 18.73
N ILE A 484 19.14 -30.93 17.50
CA ILE A 484 19.07 -32.36 17.17
C ILE A 484 20.40 -33.03 17.52
N GLY A 485 21.44 -32.24 17.83
CA GLY A 485 22.65 -32.74 18.43
C GLY A 485 22.38 -33.36 19.79
N SER A 486 22.52 -34.68 19.84
CA SER A 486 21.89 -35.51 20.87
C SER A 486 22.86 -35.83 22.01
N GLU A 487 23.68 -34.85 22.41
CA GLU A 487 24.82 -34.99 23.32
C GLU A 487 24.45 -35.37 24.76
N VAL A 488 23.17 -35.29 25.14
CA VAL A 488 22.73 -35.86 26.41
C VAL A 488 22.86 -37.38 26.39
N SER A 489 22.49 -38.01 25.28
CA SER A 489 22.51 -39.47 25.17
C SER A 489 23.44 -39.99 24.08
N GLU A 490 24.15 -39.09 23.38
CA GLU A 490 25.12 -39.37 22.30
C GLU A 490 24.51 -40.15 21.14
N GLY A 491 23.42 -39.60 20.60
CA GLY A 491 22.78 -40.17 19.44
C GLY A 491 23.42 -39.70 18.15
N GLN A 492 22.90 -40.20 17.03
CA GLN A 492 23.46 -39.94 15.71
C GLN A 492 22.34 -39.61 14.74
N VAL A 493 22.31 -38.36 14.28
CA VAL A 493 21.36 -37.88 13.29
C VAL A 493 22.16 -37.39 12.09
N LEU A 494 21.86 -37.94 10.92
CA LEU A 494 22.51 -37.54 9.68
C LEU A 494 21.46 -36.99 8.74
N VAL A 495 21.68 -35.78 8.24
CA VAL A 495 20.76 -35.13 7.33
C VAL A 495 21.42 -35.10 5.95
N LEU A 496 20.72 -35.66 4.96
CA LEU A 496 21.17 -35.64 3.57
C LEU A 496 20.25 -34.72 2.79
N GLY A 497 20.76 -33.56 2.42
CA GLY A 497 20.02 -32.61 1.61
C GLY A 497 20.41 -32.74 0.15
N ALA A 498 19.40 -32.78 -0.71
CA ALA A 498 19.68 -32.80 -2.13
C ALA A 498 18.96 -31.67 -2.87
N THR A 499 19.68 -30.82 -3.60
CA THR A 499 19.08 -29.66 -4.32
C THR A 499 19.60 -29.37 -5.73
N ASN A 500 18.81 -28.75 -6.59
CA ASN A 500 19.22 -28.57 -7.99
C ASN A 500 19.88 -27.29 -8.25
N ARG A 501 20.04 -26.49 -7.23
CA ARG A 501 20.60 -25.21 -7.46
C ARG A 501 20.94 -24.64 -6.17
N PRO A 502 21.98 -25.14 -5.55
CA PRO A 502 22.23 -24.63 -4.24
C PRO A 502 22.83 -23.28 -4.43
N HIS A 503 22.22 -22.44 -5.25
CA HIS A 503 22.71 -21.09 -5.35
C HIS A 503 21.89 -20.19 -4.55
N ALA A 504 20.76 -20.69 -4.10
CA ALA A 504 19.84 -19.85 -3.42
C ALA A 504 19.39 -20.55 -2.24
N LEU A 505 20.33 -21.05 -1.49
CA LEU A 505 19.96 -21.59 -0.25
C LEU A 505 20.52 -20.45 0.57
N ASP A 506 19.82 -20.01 1.59
CA ASP A 506 20.21 -18.91 2.45
C ASP A 506 21.71 -18.97 2.72
N ALA A 507 22.25 -17.85 3.19
CA ALA A 507 23.63 -17.88 3.67
C ALA A 507 23.75 -18.54 5.04
N ALA A 508 22.64 -18.68 5.76
CA ALA A 508 22.63 -19.25 7.10
C ALA A 508 22.52 -20.76 7.11
N LEU A 509 22.38 -21.41 5.95
CA LEU A 509 22.33 -22.86 5.91
C LEU A 509 23.68 -23.50 5.59
N ARG A 510 24.76 -22.71 5.57
CA ARG A 510 26.09 -23.25 5.31
C ARG A 510 27.00 -23.18 6.53
N ARG A 511 26.47 -22.86 7.70
CA ARG A 511 27.27 -22.71 8.90
C ARG A 511 27.58 -24.08 9.50
N PRO A 512 28.70 -24.20 10.24
CA PRO A 512 29.02 -25.46 10.92
C PRO A 512 28.01 -25.84 11.99
N GLY A 513 27.75 -27.15 12.10
CA GLY A 513 26.68 -27.69 12.91
C GLY A 513 25.50 -28.06 12.04
N ARG A 514 25.25 -27.20 11.06
CA ARG A 514 24.25 -27.35 10.01
C ARG A 514 24.92 -28.00 8.81
N PHE A 515 24.34 -27.85 7.60
CA PHE A 515 24.89 -28.36 6.35
C PHE A 515 26.29 -27.83 6.05
N ASP A 516 27.27 -28.71 6.11
CA ASP A 516 28.68 -28.34 6.03
C ASP A 516 29.38 -28.95 4.84
N LYS A 517 29.19 -30.23 4.56
CA LYS A 517 29.89 -30.92 3.49
C LYS A 517 29.09 -30.84 2.20
N GLU A 518 29.70 -30.27 1.16
CA GLU A 518 29.05 -30.10 -0.14
C GLU A 518 29.79 -30.92 -1.17
N ILE A 519 29.08 -31.87 -1.78
CA ILE A 519 29.65 -32.74 -2.80
C ILE A 519 29.00 -32.41 -4.14
N GLU A 520 29.82 -32.16 -5.15
CA GLU A 520 29.36 -31.71 -6.46
C GLU A 520 29.23 -32.92 -7.37
N ILE A 521 28.05 -33.10 -7.95
CA ILE A 521 27.79 -34.17 -8.91
C ILE A 521 27.56 -33.49 -10.25
N GLY A 522 28.60 -33.43 -11.08
CA GLY A 522 28.58 -32.65 -12.30
C GLY A 522 28.15 -33.45 -13.52
N VAL A 523 28.19 -32.76 -14.65
CA VAL A 523 27.83 -33.33 -15.97
C VAL A 523 28.91 -34.33 -16.37
N PRO A 524 28.54 -35.54 -16.84
CA PRO A 524 29.54 -36.55 -17.17
C PRO A 524 30.37 -36.22 -18.40
N ASN A 525 31.62 -36.69 -18.37
CA ASN A 525 32.60 -36.47 -19.44
C ASN A 525 32.49 -37.58 -20.47
N ALA A 526 33.47 -37.66 -21.38
CA ALA A 526 33.44 -38.67 -22.43
C ALA A 526 33.80 -40.04 -21.89
N GLN A 527 34.70 -40.11 -20.92
CA GLN A 527 35.02 -41.38 -20.28
C GLN A 527 33.91 -41.83 -19.35
N ASP A 528 33.17 -40.88 -18.76
CA ASP A 528 32.06 -41.22 -17.89
C ASP A 528 30.84 -41.67 -18.66
N ARG A 529 30.59 -41.08 -19.83
CA ARG A 529 29.47 -41.49 -20.66
C ARG A 529 29.69 -42.84 -21.31
N LEU A 530 30.95 -43.25 -21.47
CA LEU A 530 31.26 -44.62 -21.86
C LEU A 530 30.85 -45.62 -20.80
N ASP A 531 31.19 -45.36 -19.53
CA ASP A 531 30.77 -46.24 -18.45
C ASP A 531 29.30 -46.12 -18.11
N ILE A 532 28.62 -45.03 -18.48
CA ILE A 532 27.17 -44.97 -18.32
C ILE A 532 26.49 -45.93 -19.30
N LEU A 533 26.99 -45.96 -20.54
CA LEU A 533 26.34 -46.73 -21.60
C LEU A 533 26.55 -48.23 -21.48
N GLN A 534 27.64 -48.68 -20.83
CA GLN A 534 27.78 -50.11 -20.59
C GLN A 534 26.84 -50.59 -19.48
N LYS A 535 26.59 -49.76 -18.47
CA LYS A 535 25.66 -50.13 -17.42
C LYS A 535 24.21 -50.04 -17.90
N LEU A 536 23.94 -49.21 -18.91
CA LEU A 536 22.60 -49.13 -19.47
C LEU A 536 22.33 -50.16 -20.55
N LEU A 537 23.37 -50.78 -21.11
CA LEU A 537 23.20 -51.80 -22.15
C LEU A 537 23.57 -53.18 -21.61
N ARG A 538 23.44 -53.39 -20.30
CA ARG A 538 23.86 -54.65 -19.70
C ARG A 538 22.89 -55.80 -20.00
N ARG A 539 21.65 -55.51 -20.40
CA ARG A 539 20.67 -56.56 -20.65
C ARG A 539 20.41 -56.76 -22.15
N VAL A 540 20.15 -55.67 -22.87
CA VAL A 540 19.77 -55.73 -24.27
C VAL A 540 21.03 -55.90 -25.13
N PRO A 541 21.06 -56.83 -26.11
CA PRO A 541 22.29 -57.04 -26.88
C PRO A 541 22.44 -56.13 -28.10
N HIS A 542 23.67 -55.98 -28.56
CA HIS A 542 24.03 -55.00 -29.59
C HIS A 542 25.16 -55.53 -30.47
N LEU A 543 25.32 -54.97 -31.64
CA LEU A 543 26.40 -55.38 -32.50
C LEU A 543 27.52 -54.36 -32.46
N LEU A 544 27.54 -53.53 -31.45
CA LEU A 544 28.55 -52.50 -31.33
C LEU A 544 29.84 -53.05 -30.75
N THR A 545 30.96 -52.70 -31.36
CA THR A 545 32.25 -53.16 -30.90
C THR A 545 32.79 -52.19 -29.85
N GLU A 546 34.04 -52.41 -29.42
CA GLU A 546 34.64 -51.59 -28.37
C GLU A 546 35.03 -50.21 -28.91
N ALA A 547 35.49 -50.16 -30.15
CA ALA A 547 35.81 -48.89 -30.79
C ALA A 547 34.55 -48.17 -31.25
N GLU A 548 33.46 -48.93 -31.40
CA GLU A 548 32.23 -48.36 -31.90
C GLU A 548 31.47 -47.63 -30.79
N LEU A 549 31.61 -48.08 -29.54
CA LEU A 549 31.09 -47.29 -28.42
C LEU A 549 31.86 -46.01 -28.19
N LEU A 550 33.16 -46.00 -28.52
CA LEU A 550 33.98 -44.81 -28.29
C LEU A 550 33.61 -43.69 -29.24
N GLN A 551 33.21 -44.04 -30.46
CA GLN A 551 32.69 -43.07 -31.41
C GLN A 551 31.30 -42.59 -31.02
N LEU A 552 30.52 -43.43 -30.35
CA LEU A 552 29.25 -42.98 -29.81
C LEU A 552 29.41 -42.14 -28.56
N ALA A 553 30.44 -42.44 -27.75
CA ALA A 553 30.66 -41.66 -26.52
C ALA A 553 31.24 -40.30 -26.83
N ASN A 554 32.09 -40.20 -27.84
CA ASN A 554 32.70 -38.93 -28.20
C ASN A 554 31.72 -38.02 -28.94
N SER A 555 30.75 -38.60 -29.63
CA SER A 555 29.77 -37.78 -30.35
C SER A 555 28.72 -37.20 -29.42
N ALA A 556 28.43 -37.86 -28.32
CA ALA A 556 27.40 -37.42 -27.39
C ALA A 556 27.96 -36.29 -26.53
N HIS A 557 27.41 -35.09 -26.69
CA HIS A 557 27.83 -33.92 -25.94
C HIS A 557 26.61 -33.22 -25.38
N GLY A 558 26.65 -32.89 -24.10
CA GLY A 558 25.52 -32.32 -23.43
C GLY A 558 24.52 -33.32 -22.88
N TYR A 559 24.76 -34.61 -23.07
CA TYR A 559 23.85 -35.63 -22.61
C TYR A 559 24.14 -35.96 -21.15
N VAL A 560 23.18 -35.64 -20.27
CA VAL A 560 23.24 -36.03 -18.87
C VAL A 560 22.76 -37.46 -18.75
N GLY A 561 22.90 -38.05 -17.56
CA GLY A 561 22.57 -39.45 -17.35
C GLY A 561 21.09 -39.78 -17.42
N ALA A 562 20.21 -38.79 -17.27
CA ALA A 562 18.79 -39.03 -17.46
C ALA A 562 18.43 -39.19 -18.93
N ASP A 563 19.10 -38.44 -19.82
CA ASP A 563 18.79 -38.52 -21.25
C ASP A 563 19.32 -39.79 -21.88
N LEU A 564 20.39 -40.36 -21.35
CA LEU A 564 20.95 -41.58 -21.91
C LEU A 564 20.11 -42.81 -21.57
N LYS A 565 19.32 -42.77 -20.50
CA LYS A 565 18.33 -43.82 -20.25
C LYS A 565 17.19 -43.76 -21.26
N VAL A 566 16.73 -42.53 -21.56
CA VAL A 566 15.62 -42.32 -22.49
C VAL A 566 16.07 -42.62 -23.93
N LEU A 567 17.33 -42.36 -24.26
CA LEU A 567 17.87 -42.61 -25.60
C LEU A 567 18.00 -44.09 -25.88
N CYS A 568 18.36 -44.89 -24.87
CA CYS A 568 18.42 -46.33 -25.06
C CYS A 568 17.03 -46.97 -25.09
N ASN A 569 16.01 -46.27 -24.59
CA ASN A 569 14.66 -46.80 -24.63
C ASN A 569 14.07 -46.75 -26.03
N GLU A 570 14.22 -45.63 -26.74
CA GLU A 570 13.65 -45.58 -28.08
C GLU A 570 14.58 -46.10 -29.15
N ALA A 571 15.84 -46.40 -28.80
CA ALA A 571 16.72 -47.11 -29.73
C ALA A 571 16.24 -48.54 -29.94
N GLY A 572 15.64 -49.15 -28.92
CA GLY A 572 14.93 -50.40 -29.12
C GLY A 572 13.62 -50.24 -29.86
N LEU A 573 13.02 -49.05 -29.82
CA LEU A 573 11.80 -48.80 -30.59
C LEU A 573 12.09 -48.57 -32.07
N CYS A 574 13.22 -47.94 -32.40
CA CYS A 574 13.59 -47.78 -33.80
C CYS A 574 14.08 -49.08 -34.41
N ALA A 575 14.60 -49.99 -33.60
CA ALA A 575 15.01 -51.29 -34.13
C ALA A 575 13.83 -52.19 -34.44
N LEU A 576 12.70 -51.97 -33.76
CA LEU A 576 11.49 -52.74 -34.05
C LEU A 576 10.87 -52.29 -35.37
N ARG A 577 10.89 -50.99 -35.65
CA ARG A 577 10.39 -50.49 -36.93
C ARG A 577 11.33 -50.78 -38.08
N ARG A 578 12.63 -51.00 -37.80
CA ARG A 578 13.57 -51.33 -38.86
C ARG A 578 13.38 -52.75 -39.36
N ILE A 579 13.14 -53.69 -38.44
CA ILE A 579 13.00 -55.08 -38.85
C ILE A 579 11.60 -55.38 -39.39
N LEU A 580 10.62 -54.53 -39.13
CA LEU A 580 9.30 -54.69 -39.71
C LEU A 580 9.13 -53.94 -41.02
N LYS A 581 10.08 -53.08 -41.36
CA LYS A 581 10.01 -52.38 -42.64
C LYS A 581 10.47 -53.28 -43.79
N VAL A 595 15.44 -57.79 -31.80
CA VAL A 595 15.71 -56.39 -31.50
C VAL A 595 17.13 -56.31 -30.95
N LYS A 596 18.04 -55.81 -31.78
CA LYS A 596 19.46 -56.09 -31.63
C LYS A 596 20.18 -54.88 -32.23
N ILE A 597 20.47 -53.89 -31.39
CA ILE A 597 20.62 -52.50 -31.80
C ILE A 597 22.02 -52.25 -32.36
N THR A 598 22.09 -51.52 -33.48
CA THR A 598 23.33 -51.15 -34.12
C THR A 598 23.58 -49.64 -33.94
N LEU A 599 24.60 -49.13 -34.62
CA LEU A 599 24.95 -47.71 -34.57
C LEU A 599 23.89 -46.85 -35.25
N LYS A 600 23.36 -47.33 -36.37
CA LYS A 600 22.41 -46.58 -37.20
C LYS A 600 21.07 -46.37 -36.51
N ASP A 601 20.72 -47.25 -35.58
CA ASP A 601 19.52 -47.03 -34.79
C ASP A 601 19.73 -45.94 -33.75
N PHE A 602 20.92 -45.86 -33.15
CA PHE A 602 21.23 -44.74 -32.25
C PHE A 602 21.40 -43.43 -33.00
N LEU A 603 21.89 -43.48 -34.24
CA LEU A 603 22.07 -42.24 -35.01
C LEU A 603 20.75 -41.65 -35.46
N GLN A 604 19.74 -42.49 -35.66
CA GLN A 604 18.40 -41.98 -35.89
C GLN A 604 17.66 -41.68 -34.59
N ALA A 605 18.06 -42.28 -33.47
CA ALA A 605 17.45 -41.96 -32.18
C ALA A 605 17.92 -40.64 -31.62
N MET A 606 19.03 -40.09 -32.10
CA MET A 606 19.49 -38.78 -31.68
C MET A 606 18.69 -37.65 -32.30
N ASN A 607 17.88 -37.93 -33.33
CA ASN A 607 17.05 -36.90 -33.93
C ASN A 607 15.86 -36.55 -33.05
N ASP A 608 15.25 -37.54 -32.41
CA ASP A 608 14.07 -37.28 -31.61
C ASP A 608 14.42 -36.69 -30.25
N ILE A 609 15.59 -36.98 -29.72
CA ILE A 609 16.00 -36.56 -28.38
C ILE A 609 17.15 -35.58 -28.49
N ARG A 610 16.94 -34.39 -27.98
CA ARG A 610 17.90 -33.31 -27.98
C ARG A 610 18.70 -33.31 -26.67
N PRO A 611 19.88 -32.68 -26.64
CA PRO A 611 20.58 -32.50 -25.37
C PRO A 611 19.87 -31.58 -24.40
N SER A 612 20.14 -31.81 -23.11
CA SER A 612 19.60 -31.01 -22.03
C SER A 612 20.51 -29.89 -21.60
N ALA A 613 21.80 -30.15 -21.45
CA ALA A 613 22.74 -29.16 -20.90
C ALA A 613 23.92 -29.00 -21.84
N MET A 614 23.75 -28.20 -22.89
CA MET A 614 24.85 -27.73 -23.70
C MET A 614 25.29 -26.33 -23.30
N ARG A 615 24.66 -25.76 -22.29
CA ARG A 615 25.02 -24.43 -21.77
C ARG A 615 25.78 -24.58 -20.46
N GLU A 616 26.61 -25.60 -20.35
CA GLU A 616 27.35 -25.86 -19.13
C GLU A 616 28.84 -25.99 -19.43
N ILE A 617 29.64 -25.77 -18.40
CA ILE A 617 31.10 -25.84 -18.50
C ILE A 617 31.54 -27.23 -18.11
N ALA A 618 32.34 -27.86 -18.96
CA ALA A 618 32.87 -29.19 -18.68
C ALA A 618 34.37 -29.21 -18.96
N ILE A 619 35.10 -29.89 -18.08
CA ILE A 619 36.53 -30.07 -18.27
C ILE A 619 36.77 -31.22 -19.24
N ASP A 620 37.93 -31.20 -19.88
CA ASP A 620 38.37 -32.26 -20.77
C ASP A 620 39.89 -32.18 -20.86
N VAL A 621 40.51 -33.31 -21.16
CA VAL A 621 41.93 -33.31 -21.49
C VAL A 621 42.01 -33.56 -23.00
N PRO A 622 42.22 -32.52 -23.81
CA PRO A 622 42.08 -32.67 -25.26
C PRO A 622 43.31 -33.32 -25.88
N ASN A 623 43.12 -33.81 -27.11
CA ASN A 623 44.15 -34.60 -27.78
C ASN A 623 44.67 -33.83 -29.00
N VAL A 624 45.62 -32.93 -28.76
CA VAL A 624 46.45 -32.31 -29.78
C VAL A 624 47.88 -32.34 -29.25
N SER A 625 48.80 -32.94 -30.00
CA SER A 625 50.20 -32.98 -29.62
C SER A 625 50.97 -31.87 -30.32
N TRP A 626 52.23 -31.69 -29.93
CA TRP A 626 53.06 -30.63 -30.53
C TRP A 626 53.50 -31.01 -31.94
N SER A 627 53.59 -32.30 -32.23
CA SER A 627 54.01 -32.75 -33.55
C SER A 627 52.92 -32.58 -34.61
N ASP A 628 51.66 -32.42 -34.22
CA ASP A 628 50.59 -32.15 -35.17
C ASP A 628 50.60 -30.71 -35.68
N ILE A 629 51.25 -29.79 -34.96
CA ILE A 629 51.24 -28.38 -35.33
C ILE A 629 52.53 -28.07 -36.07
N GLY A 630 53.62 -28.72 -35.67
CA GLY A 630 54.88 -28.53 -36.36
C GLY A 630 56.08 -28.57 -35.45
N GLY A 631 55.83 -28.63 -34.15
CA GLY A 631 56.90 -28.62 -33.18
C GLY A 631 57.51 -27.24 -33.05
N LEU A 632 56.71 -26.27 -32.61
CA LEU A 632 57.17 -24.90 -32.43
C LEU A 632 58.02 -24.85 -31.18
N GLU A 633 59.33 -25.01 -31.36
CA GLU A 633 60.24 -25.21 -30.23
C GLU A 633 60.53 -23.95 -29.43
N SER A 634 60.56 -22.78 -30.08
CA SER A 634 60.79 -21.55 -29.33
C SER A 634 59.55 -21.13 -28.56
N ILE A 635 58.36 -21.40 -29.09
CA ILE A 635 57.13 -21.08 -28.37
C ILE A 635 56.84 -22.17 -27.34
N LYS A 636 57.46 -23.34 -27.46
CA LYS A 636 57.40 -24.35 -26.42
C LYS A 636 58.10 -23.91 -25.15
N LEU A 637 59.31 -23.33 -25.28
CA LEU A 637 60.06 -22.89 -24.10
C LEU A 637 59.49 -21.63 -23.47
N LYS A 638 58.86 -20.77 -24.26
CA LYS A 638 58.32 -19.52 -23.72
C LYS A 638 57.07 -19.76 -22.90
N LEU A 639 56.23 -20.70 -23.32
CA LEU A 639 55.03 -21.02 -22.55
C LEU A 639 55.34 -21.89 -21.34
N GLU A 640 56.41 -22.68 -21.40
CA GLU A 640 56.79 -23.55 -20.29
C GLU A 640 57.48 -22.77 -19.19
N GLN A 641 58.00 -21.58 -19.49
CA GLN A 641 58.60 -20.71 -18.49
C GLN A 641 57.60 -20.09 -17.54
N ALA A 642 56.31 -20.10 -17.87
CA ALA A 642 55.30 -19.51 -17.02
C ALA A 642 54.39 -20.53 -16.34
N VAL A 643 54.11 -21.67 -16.97
CA VAL A 643 53.14 -22.61 -16.42
C VAL A 643 53.79 -23.81 -15.73
N GLU A 644 55.08 -24.04 -15.93
CA GLU A 644 55.72 -25.18 -15.31
C GLU A 644 56.97 -24.80 -14.53
N TRP A 645 57.73 -23.83 -15.00
CA TRP A 645 58.94 -23.35 -14.35
C TRP A 645 58.77 -22.59 -13.02
N PRO A 646 57.66 -21.86 -12.72
CA PRO A 646 57.49 -21.43 -11.32
C PRO A 646 57.29 -22.55 -10.31
N LEU A 647 56.78 -23.72 -10.73
CA LEU A 647 56.62 -24.80 -9.78
C LEU A 647 57.87 -25.68 -9.69
N LYS A 648 58.39 -26.11 -10.84
CA LYS A 648 59.45 -27.11 -10.85
C LYS A 648 60.81 -26.51 -10.50
N HIS A 649 61.16 -25.36 -11.06
CA HIS A 649 62.40 -24.67 -10.72
C HIS A 649 62.15 -23.22 -10.30
N PRO A 650 61.69 -22.98 -9.06
CA PRO A 650 61.58 -21.60 -8.59
C PRO A 650 62.88 -21.02 -8.06
N GLU A 651 63.94 -21.84 -7.97
CA GLU A 651 65.22 -21.38 -7.47
C GLU A 651 65.94 -20.50 -8.48
N SER A 652 65.71 -20.73 -9.78
CA SER A 652 66.36 -19.93 -10.80
C SER A 652 65.77 -18.53 -10.94
N PHE A 653 64.54 -18.32 -10.47
CA PHE A 653 63.97 -16.99 -10.46
C PHE A 653 64.57 -16.14 -9.33
N ILE A 654 64.80 -16.75 -8.16
CA ILE A 654 65.35 -15.99 -7.05
C ILE A 654 66.87 -15.83 -7.21
N ARG A 655 67.49 -16.72 -7.99
CA ARG A 655 68.90 -16.60 -8.32
C ARG A 655 69.20 -15.39 -9.20
N MET A 656 68.24 -14.97 -10.01
CA MET A 656 68.46 -13.87 -10.93
C MET A 656 67.83 -12.57 -10.46
N GLY A 657 67.00 -12.59 -9.43
CA GLY A 657 66.36 -11.39 -8.95
C GLY A 657 65.21 -10.92 -9.81
N ILE A 658 64.15 -11.71 -9.87
CA ILE A 658 63.05 -11.46 -10.79
C ILE A 658 61.76 -12.01 -10.15
N GLN A 659 60.66 -11.37 -10.44
CA GLN A 659 59.40 -11.95 -10.01
C GLN A 659 58.93 -12.96 -11.04
N PRO A 660 58.24 -14.03 -10.61
CA PRO A 660 57.71 -15.00 -11.57
C PRO A 660 56.53 -14.43 -12.33
N PRO A 661 56.50 -14.59 -13.66
CA PRO A 661 55.34 -14.11 -14.42
C PRO A 661 54.14 -15.03 -14.25
N LYS A 662 52.95 -14.47 -14.45
CA LYS A 662 51.73 -15.25 -14.27
C LYS A 662 50.90 -15.40 -15.54
N GLY A 663 50.38 -14.31 -16.11
CA GLY A 663 49.44 -14.40 -17.22
C GLY A 663 50.11 -14.11 -18.54
N VAL A 664 49.72 -14.88 -19.56
CA VAL A 664 50.41 -14.90 -20.84
C VAL A 664 49.43 -14.52 -21.94
N LEU A 665 49.78 -13.50 -22.72
CA LEU A 665 49.00 -13.08 -23.88
C LEU A 665 49.72 -13.50 -25.15
N LEU A 666 48.98 -14.05 -26.09
CA LEU A 666 49.50 -14.43 -27.40
C LEU A 666 48.86 -13.52 -28.44
N TYR A 667 49.67 -12.92 -29.29
CA TYR A 667 49.15 -12.05 -30.33
C TYR A 667 49.78 -12.39 -31.67
N GLY A 668 49.03 -12.18 -32.75
CA GLY A 668 49.50 -12.50 -34.07
C GLY A 668 48.45 -12.31 -35.16
N PRO A 669 48.73 -12.84 -36.36
CA PRO A 669 47.74 -12.79 -37.43
C PRO A 669 46.59 -13.75 -37.15
N PRO A 670 45.39 -13.46 -37.68
CA PRO A 670 44.21 -14.24 -37.26
C PRO A 670 44.16 -15.64 -37.86
N GLY A 671 43.30 -16.45 -37.27
CA GLY A 671 43.17 -17.84 -37.64
C GLY A 671 42.87 -18.66 -36.40
N CYS A 672 42.84 -19.98 -36.59
CA CYS A 672 42.73 -20.91 -35.47
C CYS A 672 44.07 -21.45 -35.01
N SER A 673 45.15 -20.71 -35.27
CA SER A 673 46.47 -21.17 -34.86
C SER A 673 46.68 -21.03 -33.36
N LYS A 674 46.09 -20.00 -32.74
CA LYS A 674 46.35 -19.73 -31.33
C LYS A 674 45.57 -20.64 -30.41
N THR A 675 44.41 -21.14 -30.83
CA THR A 675 43.66 -22.05 -29.98
C THR A 675 44.19 -23.48 -30.04
N MET A 676 44.98 -23.83 -31.04
CA MET A 676 45.57 -25.16 -31.08
C MET A 676 46.85 -25.25 -30.26
N ILE A 677 47.57 -24.14 -30.09
CA ILE A 677 48.74 -24.11 -29.21
C ILE A 677 48.33 -24.23 -27.76
N ALA A 678 47.19 -23.65 -27.39
CA ALA A 678 46.69 -23.76 -26.02
C ALA A 678 46.16 -25.15 -25.71
N LYS A 679 45.64 -25.86 -26.71
CA LYS A 679 45.23 -27.24 -26.50
C LYS A 679 46.43 -28.17 -26.43
N ALA A 680 47.50 -27.84 -27.15
CA ALA A 680 48.71 -28.65 -27.14
C ALA A 680 49.53 -28.48 -25.87
N LEU A 681 49.43 -27.33 -25.22
CA LEU A 681 50.12 -27.12 -23.96
C LEU A 681 49.46 -27.91 -22.84
N ALA A 682 48.14 -28.08 -22.90
CA ALA A 682 47.43 -28.80 -21.86
C ALA A 682 47.57 -30.32 -22.01
N ASN A 683 48.10 -30.80 -23.13
CA ASN A 683 48.18 -32.23 -23.36
C ASN A 683 49.45 -32.84 -22.78
N GLU A 684 50.58 -32.13 -22.82
CA GLU A 684 51.84 -32.73 -22.38
C GLU A 684 52.02 -32.73 -20.87
N SER A 685 51.61 -31.68 -20.18
CA SER A 685 51.51 -31.74 -18.73
C SER A 685 50.10 -32.18 -18.39
N GLY A 686 49.91 -32.74 -17.21
CA GLY A 686 48.56 -33.01 -16.76
C GLY A 686 47.86 -31.72 -16.40
N LEU A 687 46.95 -31.28 -17.27
CA LEU A 687 46.34 -29.96 -17.12
C LEU A 687 44.97 -29.98 -17.76
N ASN A 688 44.00 -29.36 -17.09
CA ASN A 688 42.62 -29.35 -17.55
C ASN A 688 42.31 -28.03 -18.25
N PHE A 689 41.38 -28.09 -19.20
CA PHE A 689 41.12 -27.00 -20.13
C PHE A 689 39.70 -26.47 -19.92
N LEU A 690 39.59 -25.17 -19.69
CA LEU A 690 38.30 -24.49 -19.56
C LEU A 690 38.32 -23.21 -20.39
N ALA A 691 37.34 -23.05 -21.27
CA ALA A 691 37.39 -22.05 -22.32
C ALA A 691 36.26 -21.04 -22.19
N ILE A 692 36.62 -19.76 -22.24
CA ILE A 692 35.66 -18.65 -22.27
C ILE A 692 35.85 -17.92 -23.58
N LYS A 693 34.76 -17.62 -24.28
CA LYS A 693 34.84 -17.00 -25.58
C LYS A 693 34.99 -15.49 -25.46
N GLY A 694 35.02 -14.82 -26.61
CA GLY A 694 35.40 -13.43 -26.71
C GLY A 694 34.21 -12.50 -26.80
N PRO A 695 33.83 -12.11 -28.02
CA PRO A 695 32.70 -11.20 -28.21
C PRO A 695 31.32 -11.84 -28.07
N GLU A 696 31.23 -13.12 -27.69
CA GLU A 696 29.94 -13.72 -27.32
C GLU A 696 29.38 -13.09 -26.05
N LEU A 697 30.22 -12.90 -25.03
CA LEU A 697 29.74 -12.55 -23.70
C LEU A 697 29.37 -11.08 -23.54
N MET A 698 29.88 -10.18 -24.40
CA MET A 698 29.47 -8.78 -24.28
C MET A 698 28.08 -8.57 -24.86
N ASN A 699 27.74 -9.29 -25.92
CA ASN A 699 26.48 -9.11 -26.61
C ASN A 699 25.28 -9.67 -25.86
N LYS A 700 25.51 -10.49 -24.84
CA LYS A 700 24.45 -11.22 -24.17
C LYS A 700 23.68 -10.33 -23.19
N TYR A 701 22.86 -10.96 -22.37
CA TYR A 701 21.85 -10.28 -21.57
C TYR A 701 22.46 -9.59 -20.34
N VAL A 702 21.55 -9.02 -19.53
CA VAL A 702 21.94 -8.09 -18.46
C VAL A 702 22.62 -8.82 -17.30
N GLY A 703 22.12 -9.99 -16.96
CA GLY A 703 22.41 -10.56 -15.65
C GLY A 703 23.60 -11.49 -15.60
N GLU A 704 23.33 -12.79 -15.60
CA GLU A 704 24.22 -13.82 -15.08
C GLU A 704 25.18 -14.37 -16.12
N SER A 705 25.64 -13.53 -17.05
CA SER A 705 26.95 -13.75 -17.67
C SER A 705 28.07 -13.51 -16.66
N GLU A 706 27.82 -12.62 -15.69
CA GLU A 706 28.72 -12.41 -14.56
C GLU A 706 28.83 -13.67 -13.70
N ARG A 707 27.74 -14.40 -13.52
CA ARG A 707 27.76 -15.66 -12.78
C ARG A 707 28.45 -16.76 -13.57
N ALA A 708 28.41 -16.69 -14.90
CA ALA A 708 29.11 -17.67 -15.72
C ALA A 708 30.62 -17.47 -15.71
N VAL A 709 31.09 -16.24 -15.45
CA VAL A 709 32.51 -15.99 -15.32
C VAL A 709 33.03 -16.59 -14.00
N ARG A 710 32.29 -16.38 -12.91
CA ARG A 710 32.73 -16.86 -11.61
C ARG A 710 32.56 -18.37 -11.45
N GLU A 711 31.62 -18.97 -12.17
CA GLU A 711 31.53 -20.42 -12.15
C GLU A 711 32.61 -21.09 -12.99
N THR A 712 33.19 -20.38 -13.95
CA THR A 712 34.37 -20.89 -14.64
C THR A 712 35.57 -20.92 -13.70
N PHE A 713 35.72 -19.87 -12.88
CA PHE A 713 36.89 -19.76 -12.01
C PHE A 713 36.82 -20.68 -10.82
N ARG A 714 35.61 -21.02 -10.34
CA ARG A 714 35.49 -21.99 -9.27
C ARG A 714 35.76 -23.40 -9.76
N LYS A 715 35.40 -23.70 -11.00
CA LYS A 715 35.66 -25.03 -11.55
C LYS A 715 37.12 -25.25 -11.91
N ALA A 716 37.88 -24.17 -12.12
CA ALA A 716 39.32 -24.32 -12.35
C ALA A 716 40.05 -24.67 -11.06
N ARG A 717 39.66 -24.07 -9.95
CA ARG A 717 40.30 -24.34 -8.68
C ARG A 717 39.84 -25.64 -8.05
N ALA A 718 38.72 -26.19 -8.50
CA ALA A 718 38.12 -27.34 -7.84
C ALA A 718 38.84 -28.63 -8.18
N VAL A 719 39.10 -28.84 -9.47
CA VAL A 719 39.60 -30.13 -9.93
C VAL A 719 41.12 -30.25 -9.72
N ALA A 720 41.88 -29.43 -10.43
CA ALA A 720 43.33 -29.56 -10.46
C ALA A 720 43.96 -28.40 -11.22
N PRO A 721 45.28 -28.24 -11.09
CA PRO A 721 46.01 -27.29 -11.92
C PRO A 721 45.42 -27.21 -13.32
N SER A 722 44.86 -26.07 -13.67
CA SER A 722 44.12 -25.94 -14.92
C SER A 722 44.46 -24.66 -15.67
N ILE A 723 44.22 -24.68 -16.97
CA ILE A 723 44.48 -23.55 -17.85
C ILE A 723 43.13 -22.94 -18.23
N ILE A 724 42.94 -21.68 -17.91
CA ILE A 724 41.75 -20.95 -18.33
C ILE A 724 42.09 -20.23 -19.62
N PHE A 725 41.42 -20.62 -20.70
CA PHE A 725 41.64 -19.99 -21.99
C PHE A 725 40.55 -18.96 -22.22
N PHE A 726 40.94 -17.70 -22.36
CA PHE A 726 39.98 -16.64 -22.64
C PHE A 726 40.31 -16.17 -24.04
N ASP A 727 39.31 -15.82 -24.82
CA ASP A 727 39.48 -15.59 -26.26
C ASP A 727 39.75 -14.09 -26.43
N GLN A 728 39.42 -13.49 -27.61
CA GLN A 728 39.73 -12.12 -28.05
C GLN A 728 39.54 -10.99 -27.06
N LEU A 729 40.64 -10.37 -26.67
CA LEU A 729 40.69 -9.41 -25.59
C LEU A 729 40.49 -7.98 -26.06
N ASP A 730 40.64 -7.74 -27.36
CA ASP A 730 40.53 -6.40 -27.93
C ASP A 730 39.10 -5.93 -28.08
N ALA A 731 38.15 -6.86 -28.04
CA ALA A 731 36.76 -6.51 -28.22
C ALA A 731 36.14 -5.92 -26.95
N LEU A 732 36.69 -6.28 -25.79
CA LEU A 732 36.27 -5.64 -24.53
C LEU A 732 36.74 -4.20 -24.44
N ALA A 733 37.85 -3.86 -25.08
CA ALA A 733 38.41 -2.51 -24.98
C ALA A 733 38.43 -1.83 -26.34
N ALA A 742 27.40 1.63 -25.01
CA ALA A 742 27.59 0.38 -24.27
C ALA A 742 28.60 0.57 -23.14
N GLY A 743 28.45 1.68 -22.40
CA GLY A 743 29.38 1.96 -21.32
C GLY A 743 29.19 1.06 -20.11
N ASN A 744 27.94 0.74 -19.78
CA ASN A 744 27.67 -0.13 -18.66
C ASN A 744 27.75 -1.61 -19.04
N VAL A 745 27.83 -1.91 -20.33
CA VAL A 745 27.85 -3.30 -20.77
C VAL A 745 29.22 -3.92 -20.54
N ALA A 746 30.30 -3.22 -20.90
CA ALA A 746 31.63 -3.79 -20.80
C ALA A 746 32.19 -3.75 -19.38
N ASP A 747 31.57 -2.98 -18.48
CA ASP A 747 32.22 -2.68 -17.22
C ASP A 747 31.78 -3.58 -16.07
N ARG A 748 30.59 -4.20 -16.14
CA ARG A 748 30.24 -5.15 -15.09
C ARG A 748 30.93 -6.49 -15.28
N VAL A 749 31.38 -6.78 -16.50
CA VAL A 749 32.07 -8.04 -16.79
C VAL A 749 33.58 -7.86 -16.57
N LEU A 750 34.09 -6.65 -16.84
CA LEU A 750 35.46 -6.30 -16.45
C LEU A 750 35.62 -6.23 -14.94
N ALA A 751 34.56 -5.93 -14.19
CA ALA A 751 34.64 -5.91 -12.74
C ALA A 751 34.68 -7.31 -12.16
N GLN A 752 33.88 -8.23 -12.69
CA GLN A 752 33.87 -9.60 -12.19
C GLN A 752 35.13 -10.36 -12.61
N LEU A 753 35.69 -10.02 -13.77
CA LEU A 753 36.96 -10.62 -14.20
C LEU A 753 38.11 -10.17 -13.32
N LEU A 754 38.13 -8.89 -12.93
CA LEU A 754 39.26 -8.35 -12.19
C LEU A 754 39.23 -8.76 -10.72
N THR A 755 38.03 -8.92 -10.14
CA THR A 755 37.95 -9.30 -8.73
C THR A 755 38.16 -10.80 -8.50
N GLU A 756 38.22 -11.62 -9.55
CA GLU A 756 38.44 -13.04 -9.38
C GLU A 756 39.78 -13.51 -9.94
N MET A 757 40.35 -12.78 -10.89
CA MET A 757 41.74 -13.03 -11.29
C MET A 757 42.70 -12.58 -10.18
N ASP A 758 42.29 -11.58 -9.38
CA ASP A 758 43.05 -11.19 -8.21
C ASP A 758 42.97 -12.21 -7.08
N GLY A 759 41.99 -13.11 -7.09
CA GLY A 759 41.96 -14.18 -6.12
C GLY A 759 42.94 -15.31 -6.38
N ILE A 760 43.43 -15.43 -7.61
CA ILE A 760 44.38 -16.48 -7.94
C ILE A 760 45.74 -15.88 -8.26
N GLU A 761 46.04 -14.72 -7.68
CA GLU A 761 47.39 -14.14 -7.77
C GLU A 761 48.39 -14.99 -7.01
N GLN A 762 48.01 -15.51 -5.86
CA GLN A 762 48.94 -16.29 -5.05
C GLN A 762 48.95 -17.76 -5.42
N LEU A 763 47.84 -18.29 -5.91
CA LEU A 763 47.73 -19.72 -6.22
C LEU A 763 48.48 -20.03 -7.52
N LYS A 764 49.50 -20.88 -7.42
CA LYS A 764 50.42 -21.11 -8.52
C LYS A 764 49.95 -22.19 -9.50
N ASP A 765 48.91 -22.94 -9.17
CA ASP A 765 48.49 -24.06 -10.01
C ASP A 765 47.44 -23.69 -11.05
N VAL A 766 46.93 -22.46 -11.04
CA VAL A 766 45.95 -22.00 -12.00
C VAL A 766 46.58 -20.88 -12.81
N THR A 767 46.59 -21.01 -14.13
CA THR A 767 47.18 -20.02 -15.01
C THR A 767 46.15 -19.55 -16.03
N ILE A 768 46.05 -18.23 -16.22
CA ILE A 768 45.18 -17.66 -17.23
C ILE A 768 45.97 -17.47 -18.52
N LEU A 769 45.34 -17.81 -19.64
CA LEU A 769 45.97 -17.75 -20.95
C LEU A 769 45.00 -17.06 -21.90
N ALA A 770 45.48 -16.04 -22.61
CA ALA A 770 44.61 -15.22 -23.43
C ALA A 770 45.21 -15.06 -24.82
N ALA A 771 44.33 -14.98 -25.82
CA ALA A 771 44.72 -14.80 -27.20
C ALA A 771 43.96 -13.61 -27.76
N THR A 772 44.65 -12.76 -28.51
CA THR A 772 44.00 -11.60 -29.11
C THR A 772 44.57 -11.37 -30.50
N ASN A 773 43.85 -10.57 -31.28
CA ASN A 773 44.27 -10.24 -32.64
C ASN A 773 45.02 -8.94 -32.74
N ARG A 774 44.63 -7.93 -31.97
CA ARG A 774 45.24 -6.62 -32.05
C ARG A 774 45.85 -6.25 -30.70
N PRO A 775 47.16 -5.99 -30.62
CA PRO A 775 47.75 -5.57 -29.35
C PRO A 775 47.56 -4.10 -29.04
N ASP A 776 47.02 -3.32 -29.97
CA ASP A 776 46.85 -1.88 -29.76
C ASP A 776 45.67 -1.59 -28.84
N ARG A 777 44.49 -2.13 -29.14
CA ARG A 777 43.29 -1.85 -28.35
C ARG A 777 43.06 -2.90 -27.26
N ILE A 778 44.13 -3.14 -26.51
CA ILE A 778 44.10 -3.91 -25.27
C ILE A 778 44.11 -2.88 -24.14
N ASP A 779 43.24 -3.07 -23.15
CA ASP A 779 43.16 -2.17 -22.01
C ASP A 779 44.42 -2.25 -21.16
N LYS A 780 44.87 -1.09 -20.67
CA LYS A 780 46.05 -1.03 -19.82
C LYS A 780 45.76 -1.33 -18.36
N ALA A 781 44.49 -1.56 -18.00
CA ALA A 781 44.17 -2.05 -16.67
C ALA A 781 44.56 -3.51 -16.52
N LEU A 782 44.59 -4.27 -17.62
CA LEU A 782 44.93 -5.69 -17.58
C LEU A 782 46.41 -5.92 -17.88
N MET A 783 47.22 -4.87 -17.78
CA MET A 783 48.64 -4.97 -18.09
C MET A 783 49.52 -4.72 -16.87
N ARG A 784 48.95 -4.75 -15.66
CA ARG A 784 49.71 -4.55 -14.45
C ARG A 784 50.58 -5.78 -14.17
N PRO A 785 51.75 -5.60 -13.53
CA PRO A 785 52.62 -6.76 -13.30
C PRO A 785 52.26 -7.71 -12.16
N GLY A 786 50.98 -8.09 -12.04
CA GLY A 786 50.61 -9.27 -11.30
C GLY A 786 49.61 -10.11 -12.07
N ARG A 787 49.00 -9.52 -13.10
CA ARG A 787 47.87 -10.16 -13.80
C ARG A 787 48.26 -10.76 -15.14
N ILE A 788 48.73 -9.95 -16.09
CA ILE A 788 49.19 -10.42 -17.38
C ILE A 788 50.55 -9.79 -17.63
N ASP A 789 51.58 -10.62 -17.78
CA ASP A 789 52.95 -10.12 -17.91
C ASP A 789 53.54 -10.41 -19.29
N ARG A 790 53.59 -11.67 -19.68
CA ARG A 790 54.40 -12.08 -20.82
C ARG A 790 53.61 -11.94 -22.12
N ILE A 791 54.25 -11.36 -23.13
CA ILE A 791 53.67 -11.19 -24.46
C ILE A 791 54.50 -11.99 -25.45
N ILE A 792 53.86 -12.93 -26.14
CA ILE A 792 54.51 -13.83 -27.08
C ILE A 792 53.90 -13.60 -28.46
N TYR A 793 54.76 -13.46 -29.47
CA TYR A 793 54.32 -13.29 -30.85
C TYR A 793 54.25 -14.64 -31.56
N VAL A 794 53.10 -14.94 -32.14
CA VAL A 794 52.88 -16.18 -32.87
C VAL A 794 52.85 -15.85 -34.36
N PRO A 795 53.88 -16.17 -35.13
CA PRO A 795 53.95 -15.67 -36.51
C PRO A 795 53.28 -16.58 -37.51
N LEU A 796 53.20 -16.12 -38.75
CA LEU A 796 52.93 -17.02 -39.86
C LEU A 796 54.15 -17.92 -40.06
N PRO A 797 53.95 -19.19 -40.44
CA PRO A 797 55.06 -20.16 -40.42
C PRO A 797 56.14 -19.91 -41.46
N ASP A 798 57.38 -20.11 -41.05
CA ASP A 798 58.55 -19.91 -41.90
C ASP A 798 58.86 -21.19 -42.65
N ALA A 799 60.06 -21.25 -43.26
CA ALA A 799 60.38 -22.31 -44.22
C ALA A 799 60.63 -23.66 -43.55
N ALA A 800 61.20 -23.67 -42.34
CA ALA A 800 61.42 -24.92 -41.64
C ALA A 800 60.13 -25.49 -41.06
N THR A 801 59.20 -24.62 -40.67
CA THR A 801 57.93 -25.07 -40.14
C THR A 801 57.04 -25.65 -41.25
N ARG A 802 57.07 -25.03 -42.44
CA ARG A 802 56.25 -25.48 -43.57
C ARG A 802 56.76 -26.80 -44.14
N ARG A 803 58.06 -27.07 -44.02
CA ARG A 803 58.60 -28.36 -44.42
C ARG A 803 58.15 -29.48 -43.50
N GLU A 804 57.96 -29.19 -42.21
CA GLU A 804 57.44 -30.20 -41.29
C GLU A 804 55.93 -30.42 -41.48
N ILE A 805 55.20 -29.40 -41.92
CA ILE A 805 53.79 -29.58 -42.23
C ILE A 805 53.63 -30.41 -43.51
N PHE A 806 54.49 -30.18 -44.50
CA PHE A 806 54.49 -30.96 -45.74
C PHE A 806 54.96 -32.38 -45.53
N LYS A 807 55.86 -32.63 -44.58
CA LYS A 807 56.35 -33.98 -44.37
C LYS A 807 55.36 -34.85 -43.61
N LEU A 808 54.50 -34.24 -42.78
CA LEU A 808 53.45 -35.01 -42.12
C LEU A 808 52.38 -35.44 -43.10
N GLN A 809 52.09 -34.61 -44.10
CA GLN A 809 51.06 -34.96 -45.07
C GLN A 809 51.57 -35.86 -46.18
N PHE A 810 52.86 -35.81 -46.49
CA PHE A 810 53.42 -36.67 -47.53
C PHE A 810 53.76 -38.06 -47.00
N HIS A 811 53.62 -38.28 -45.70
CA HIS A 811 53.83 -39.60 -45.12
C HIS A 811 52.69 -40.54 -45.50
N SER A 812 51.47 -40.02 -45.60
CA SER A 812 50.30 -40.85 -45.85
C SER A 812 49.94 -40.96 -47.32
N MET A 813 50.00 -39.87 -48.07
CA MET A 813 49.54 -39.84 -49.45
C MET A 813 50.57 -40.48 -50.37
N PRO A 814 50.14 -41.24 -51.38
CA PRO A 814 51.11 -41.72 -52.37
C PRO A 814 51.51 -40.62 -53.32
N VAL A 815 52.70 -40.07 -53.10
CA VAL A 815 53.24 -38.98 -53.91
C VAL A 815 54.41 -39.54 -54.69
N SER A 816 54.48 -39.20 -55.98
CA SER A 816 55.59 -39.65 -56.80
C SER A 816 56.87 -38.90 -56.45
N ASN A 817 57.99 -39.44 -56.90
CA ASN A 817 59.29 -38.83 -56.64
C ASN A 817 59.63 -37.71 -57.61
N GLU A 818 58.77 -37.41 -58.57
CA GLU A 818 59.00 -36.37 -59.55
C GLU A 818 58.83 -34.96 -58.98
N VAL A 819 58.12 -34.80 -57.86
CA VAL A 819 57.88 -33.47 -57.32
C VAL A 819 59.13 -32.95 -56.61
N ASP A 820 59.27 -31.63 -56.60
CA ASP A 820 60.38 -30.96 -55.93
C ASP A 820 59.84 -30.22 -54.71
N LEU A 821 60.39 -30.56 -53.54
CA LEU A 821 59.88 -30.01 -52.29
C LEU A 821 60.29 -28.56 -52.08
N ASP A 822 61.47 -28.16 -52.57
CA ASP A 822 61.97 -26.81 -52.36
C ASP A 822 61.21 -25.78 -53.18
N GLU A 823 60.69 -26.18 -54.34
CA GLU A 823 59.90 -25.28 -55.17
C GLU A 823 58.52 -25.04 -54.56
N LEU A 824 57.97 -26.05 -53.88
CA LEU A 824 56.69 -25.89 -53.21
C LEU A 824 56.80 -25.04 -51.95
N ILE A 825 57.96 -25.03 -51.30
CA ILE A 825 58.16 -24.22 -50.11
C ILE A 825 58.19 -22.73 -50.48
N LEU A 826 58.78 -22.41 -51.63
CA LEU A 826 58.90 -21.01 -52.04
C LEU A 826 57.58 -20.42 -52.53
N GLN A 827 56.73 -21.23 -53.19
CA GLN A 827 55.47 -20.70 -53.69
C GLN A 827 54.41 -20.56 -52.61
N THR A 828 54.57 -21.21 -51.47
CA THR A 828 53.59 -21.15 -50.39
C THR A 828 53.96 -20.16 -49.31
N ASP A 829 54.52 -19.01 -49.71
CA ASP A 829 54.69 -17.89 -48.82
C ASP A 829 53.34 -17.31 -48.41
N ALA A 830 53.28 -16.83 -47.15
CA ALA A 830 52.10 -16.26 -46.47
C ALA A 830 50.92 -17.23 -46.43
N TYR A 831 51.23 -18.51 -46.27
CA TYR A 831 50.22 -19.56 -46.19
C TYR A 831 50.05 -19.94 -44.74
N SER A 832 48.80 -20.04 -44.30
CA SER A 832 48.53 -20.57 -42.97
C SER A 832 48.71 -22.09 -42.98
N GLY A 833 48.84 -22.67 -41.79
CA GLY A 833 49.05 -24.09 -41.65
C GLY A 833 47.85 -24.94 -42.02
N ALA A 834 46.64 -24.40 -41.89
CA ALA A 834 45.45 -25.11 -42.31
C ALA A 834 45.30 -25.14 -43.82
N GLU A 835 45.86 -24.15 -44.52
CA GLU A 835 45.75 -24.12 -45.97
C GLU A 835 46.74 -25.04 -46.66
N ILE A 836 47.84 -25.40 -46.01
CA ILE A 836 48.79 -26.37 -46.58
C ILE A 836 48.18 -27.78 -46.57
N VAL A 837 47.32 -28.07 -45.59
CA VAL A 837 46.53 -29.30 -45.59
C VAL A 837 45.50 -29.28 -46.72
N ALA A 838 44.95 -28.11 -47.03
CA ALA A 838 43.94 -28.02 -48.08
C ALA A 838 44.53 -28.10 -49.48
N VAL A 839 45.77 -27.63 -49.68
CA VAL A 839 46.45 -27.81 -50.96
C VAL A 839 46.79 -29.28 -51.19
N CYS A 840 47.21 -29.98 -50.14
CA CYS A 840 47.54 -31.41 -50.27
C CYS A 840 46.30 -32.27 -50.44
N ARG A 841 45.16 -31.85 -49.90
CA ARG A 841 43.94 -32.61 -50.06
C ARG A 841 43.34 -32.42 -51.45
N GLU A 842 43.45 -31.22 -52.01
CA GLU A 842 42.86 -30.92 -53.30
C GLU A 842 43.67 -31.50 -54.46
N ALA A 843 44.99 -31.63 -54.28
CA ALA A 843 45.81 -32.22 -55.32
C ALA A 843 45.61 -33.73 -55.40
N ALA A 844 45.19 -34.36 -54.30
CA ALA A 844 44.84 -35.77 -54.33
C ALA A 844 43.49 -36.00 -55.03
N LEU A 845 42.56 -35.06 -54.88
CA LEU A 845 41.26 -35.19 -55.53
C LEU A 845 41.33 -34.89 -57.03
N LEU A 846 42.23 -34.00 -57.44
CA LEU A 846 42.38 -33.68 -58.85
C LEU A 846 43.13 -34.77 -59.61
N ALA A 847 44.03 -35.49 -58.95
CA ALA A 847 44.67 -36.64 -59.57
C ALA A 847 43.73 -37.83 -59.68
N LEU A 848 42.71 -37.90 -58.82
CA LEU A 848 41.68 -38.93 -58.96
C LEU A 848 40.75 -38.66 -60.12
N GLU A 849 40.61 -37.45 -60.56
CA GLU A 849 39.61 -37.20 -61.58
C GLU A 849 40.02 -37.58 -62.99
N GLU A 850 41.29 -37.73 -63.25
CA GLU A 850 41.71 -38.01 -64.61
C GLU A 850 42.03 -39.45 -64.82
N ASP A 851 41.65 -40.30 -63.89
CA ASP A 851 41.83 -41.72 -64.04
C ASP A 851 41.41 -42.32 -62.75
N ILE A 852 40.11 -42.47 -62.55
CA ILE A 852 39.63 -42.94 -61.27
C ILE A 852 40.70 -43.84 -60.68
N GLN A 853 41.10 -44.88 -61.37
CA GLN A 853 42.06 -45.77 -60.74
C GLN A 853 43.44 -45.16 -60.76
N ALA A 854 43.75 -44.29 -59.81
CA ALA A 854 45.01 -43.59 -59.74
C ALA A 854 45.92 -44.18 -58.67
N ASN A 855 47.21 -44.13 -58.93
CA ASN A 855 48.20 -44.63 -57.98
C ASN A 855 49.15 -43.55 -57.48
N LEU A 856 49.54 -42.62 -58.33
CA LEU A 856 50.51 -41.59 -57.96
C LEU A 856 50.01 -40.22 -58.40
N ILE A 857 50.56 -39.19 -57.77
CA ILE A 857 50.20 -37.80 -58.04
C ILE A 857 51.38 -37.11 -58.71
N MET A 858 51.11 -36.43 -59.83
CA MET A 858 52.14 -35.73 -60.59
C MET A 858 52.32 -34.29 -60.12
N LYS A 859 53.22 -33.59 -60.80
CA LYS A 859 53.53 -32.20 -60.50
C LYS A 859 52.46 -31.24 -61.01
N ARG A 860 51.82 -31.60 -62.13
CA ARG A 860 50.83 -30.72 -62.78
C ARG A 860 49.57 -30.57 -61.97
N HIS A 861 49.26 -31.52 -61.09
CA HIS A 861 48.14 -31.36 -60.17
C HIS A 861 48.43 -30.31 -59.11
N PHE A 862 49.69 -30.18 -58.69
CA PHE A 862 50.04 -29.21 -57.68
C PHE A 862 50.06 -27.78 -58.23
N THR A 863 50.34 -27.63 -59.53
CA THR A 863 50.29 -26.32 -60.17
C THR A 863 48.85 -25.82 -60.30
N GLN A 864 47.92 -26.73 -60.60
CA GLN A 864 46.51 -26.38 -60.66
C GLN A 864 45.91 -26.17 -59.28
N ALA A 865 46.40 -26.90 -58.26
CA ALA A 865 45.83 -26.77 -56.92
C ALA A 865 46.25 -25.48 -56.25
N LEU A 866 47.44 -24.97 -56.55
CA LEU A 866 47.88 -23.70 -55.98
C LEU A 866 47.20 -22.51 -56.64
N SER A 867 46.69 -22.66 -57.86
CA SER A 867 45.94 -21.59 -58.48
C SER A 867 44.53 -21.46 -57.91
N THR A 868 43.98 -22.56 -57.38
CA THR A 868 42.63 -22.49 -56.82
C THR A 868 42.66 -21.99 -55.38
N VAL A 869 43.55 -22.51 -54.54
CA VAL A 869 43.64 -22.10 -53.15
C VAL A 869 44.62 -20.93 -53.04
N THR A 870 44.15 -19.81 -52.52
CA THR A 870 44.88 -18.57 -52.37
C THR A 870 45.05 -18.23 -50.89
N PRO A 871 46.04 -17.42 -50.53
CA PRO A 871 46.09 -16.88 -49.15
C PRO A 871 44.92 -15.96 -48.85
N ARG A 872 44.32 -16.15 -47.67
CA ARG A 872 43.24 -15.27 -47.24
C ARG A 872 43.79 -13.96 -46.72
N ILE A 873 44.99 -13.97 -46.15
CA ILE A 873 45.62 -12.78 -45.57
C ILE A 873 46.06 -11.83 -46.68
N PRO A 874 45.55 -10.60 -46.71
CA PRO A 874 45.98 -9.64 -47.73
C PRO A 874 47.34 -9.06 -47.39
N GLU A 875 47.88 -8.30 -48.33
CA GLU A 875 49.19 -7.71 -48.14
C GLU A 875 49.19 -6.48 -47.26
N SER A 876 48.02 -5.92 -46.94
CA SER A 876 47.97 -4.82 -45.98
C SER A 876 48.22 -5.33 -44.57
N LEU A 877 47.65 -6.49 -44.23
CA LEU A 877 47.88 -7.07 -42.90
C LEU A 877 49.26 -7.70 -42.79
N ARG A 878 49.84 -8.13 -43.91
CA ARG A 878 51.21 -8.63 -43.91
C ARG A 878 52.22 -7.52 -43.67
N ARG A 879 51.97 -6.33 -44.21
CA ARG A 879 52.87 -5.21 -44.00
C ARG A 879 52.74 -4.63 -42.60
N PHE A 880 51.54 -4.75 -42.00
CA PHE A 880 51.34 -4.18 -40.67
C PHE A 880 51.99 -5.04 -39.61
N TYR A 881 51.89 -6.36 -39.73
CA TYR A 881 52.42 -7.23 -38.70
C TYR A 881 53.92 -7.47 -38.83
N GLU A 882 54.54 -7.05 -39.93
CA GLU A 882 55.99 -7.03 -39.97
C GLU A 882 56.56 -5.68 -39.56
N ASP A 883 55.79 -4.60 -39.74
CA ASP A 883 56.24 -3.30 -39.26
C ASP A 883 55.97 -3.10 -37.78
N TYR A 884 55.11 -3.93 -37.17
CA TYR A 884 54.89 -3.81 -35.73
C TYR A 884 56.05 -4.39 -34.94
N GLN A 885 56.70 -5.44 -35.46
CA GLN A 885 57.83 -6.02 -34.76
C GLN A 885 59.08 -5.14 -34.86
N GLU A 886 59.27 -4.45 -35.98
CA GLU A 886 60.37 -3.51 -36.14
C GLU A 886 60.14 -2.24 -35.31
N SER B 47 -46.36 18.87 75.03
CA SER B 47 -47.07 17.97 74.12
C SER B 47 -47.38 18.66 72.80
N VAL B 48 -47.28 19.99 72.79
CA VAL B 48 -47.51 20.76 71.57
C VAL B 48 -46.34 20.60 70.61
N SER B 49 -45.12 20.78 71.12
CA SER B 49 -43.93 20.60 70.29
C SER B 49 -43.59 19.13 70.11
N ALA B 50 -44.08 18.26 71.01
CA ALA B 50 -43.75 16.83 70.99
C ALA B 50 -44.31 16.14 69.77
N ARG B 51 -45.54 16.51 69.39
CA ARG B 51 -46.22 15.96 68.23
C ARG B 51 -45.53 16.37 66.94
N LYS B 52 -45.03 17.61 66.85
CA LYS B 52 -44.37 17.99 65.62
C LYS B 52 -42.94 17.45 65.51
N ILE B 53 -42.20 17.28 66.62
CA ILE B 53 -40.88 16.63 66.53
C ILE B 53 -41.01 15.15 66.14
N LYS B 54 -41.99 14.42 66.72
CA LYS B 54 -42.17 13.06 66.23
C LYS B 54 -42.91 12.99 64.89
N ASP B 55 -43.47 14.09 64.41
CA ASP B 55 -43.93 14.13 63.02
C ASP B 55 -42.71 14.23 62.10
N ASN B 56 -41.81 15.21 62.35
CA ASN B 56 -40.69 15.49 61.46
C ASN B 56 -39.65 14.38 61.39
N ALA B 57 -39.50 13.59 62.47
CA ALA B 57 -38.59 12.44 62.41
C ALA B 57 -39.09 11.36 61.44
N ALA B 58 -40.39 11.09 61.45
CA ALA B 58 -41.00 10.15 60.54
C ALA B 58 -41.00 10.67 59.11
N ASP B 59 -41.17 11.99 58.93
CA ASP B 59 -41.07 12.59 57.60
C ASP B 59 -39.67 12.48 57.02
N TRP B 60 -38.63 12.66 57.87
CA TRP B 60 -37.24 12.52 57.43
C TRP B 60 -36.93 11.10 56.98
N HIS B 61 -37.42 10.11 57.74
CA HIS B 61 -37.14 8.70 57.43
C HIS B 61 -37.84 8.22 56.16
N ASN B 62 -39.14 8.56 55.98
CA ASN B 62 -39.83 8.15 54.77
C ASN B 62 -39.37 8.90 53.51
N LEU B 63 -38.93 10.16 53.64
CA LEU B 63 -38.41 10.86 52.46
C LEU B 63 -37.06 10.32 52.02
N ILE B 64 -36.19 9.88 52.96
CA ILE B 64 -34.93 9.24 52.58
C ILE B 64 -35.16 7.91 51.87
N LEU B 65 -36.16 7.11 52.33
CA LEU B 65 -36.48 5.85 51.64
C LEU B 65 -37.07 6.06 50.24
N LYS B 66 -37.90 7.10 50.05
CA LYS B 66 -38.43 7.38 48.71
C LYS B 66 -37.36 7.93 47.77
N TRP B 67 -36.38 8.68 48.30
CA TRP B 67 -35.21 9.10 47.53
C TRP B 67 -34.39 7.91 47.04
N GLU B 68 -34.22 6.89 47.90
CA GLU B 68 -33.45 5.70 47.51
C GLU B 68 -34.14 4.88 46.42
N THR B 69 -35.48 4.75 46.52
CA THR B 69 -36.23 4.01 45.49
C THR B 69 -36.23 4.72 44.14
N LEU B 70 -36.36 6.05 44.15
CA LEU B 70 -36.31 6.83 42.92
C LEU B 70 -34.92 6.83 42.29
N ASN B 71 -33.86 6.78 43.12
CA ASN B 71 -32.50 6.69 42.59
C ASN B 71 -32.21 5.34 41.94
N ASP B 72 -32.76 4.25 42.50
CA ASP B 72 -32.58 2.92 41.89
C ASP B 72 -33.27 2.79 40.54
N ALA B 73 -34.50 3.34 40.43
CA ALA B 73 -35.20 3.35 39.14
C ALA B 73 -34.50 4.23 38.10
N GLY B 74 -33.96 5.38 38.55
CA GLY B 74 -33.18 6.24 37.66
C GLY B 74 -31.88 5.62 37.17
N PHE B 75 -31.22 4.81 38.01
CA PHE B 75 -29.98 4.15 37.59
C PHE B 75 -30.25 3.06 36.55
N THR B 76 -31.38 2.34 36.69
CA THR B 76 -31.78 1.36 35.67
C THR B 76 -32.06 2.01 34.31
N THR B 77 -32.72 3.17 34.31
CA THR B 77 -33.00 3.85 33.05
C THR B 77 -31.77 4.54 32.44
N ALA B 78 -30.85 5.03 33.28
CA ALA B 78 -29.60 5.61 32.77
C ALA B 78 -28.70 4.55 32.16
N ASN B 79 -28.70 3.34 32.73
CA ASN B 79 -27.91 2.24 32.18
C ASN B 79 -28.50 1.77 30.85
N ASN B 80 -29.84 1.80 30.73
CA ASN B 80 -30.50 1.50 29.46
C ASN B 80 -30.18 2.52 28.35
N ILE B 81 -30.18 3.83 28.67
CA ILE B 81 -29.92 4.83 27.63
C ILE B 81 -28.42 4.86 27.26
N ALA B 82 -27.53 4.49 28.20
CA ALA B 82 -26.11 4.37 27.86
C ALA B 82 -25.85 3.16 26.96
N ASN B 83 -26.56 2.04 27.21
CA ASN B 83 -26.48 0.87 26.34
C ASN B 83 -27.02 1.15 24.94
N LEU B 84 -28.08 1.97 24.84
CA LEU B 84 -28.66 2.31 23.54
C LEU B 84 -27.75 3.22 22.71
N LYS B 85 -27.10 4.19 23.36
CA LYS B 85 -26.20 5.09 22.64
C LYS B 85 -24.92 4.39 22.20
N ILE B 86 -24.35 3.51 23.04
CA ILE B 86 -23.18 2.74 22.62
C ILE B 86 -23.56 1.67 21.56
N SER B 87 -24.79 1.16 21.61
CA SER B 87 -25.25 0.20 20.59
C SER B 87 -25.48 0.87 19.24
N LEU B 88 -25.82 2.16 19.21
CA LEU B 88 -25.79 2.85 17.92
C LEU B 88 -24.39 3.30 17.51
N LEU B 89 -23.53 3.66 18.46
CA LEU B 89 -22.20 4.15 18.11
C LEU B 89 -21.27 3.03 17.64
N ASN B 90 -21.52 1.80 18.08
CA ASN B 90 -20.76 0.67 17.57
C ASN B 90 -21.20 0.30 16.16
N LYS B 91 -22.45 0.60 15.81
CA LYS B 91 -22.97 0.31 14.49
C LYS B 91 -22.94 1.56 13.61
N TYR B 114 -35.23 5.31 16.35
CA TYR B 114 -34.31 5.46 17.46
C TYR B 114 -34.65 6.66 18.31
N ASN B 115 -35.01 7.77 17.65
CA ASN B 115 -35.24 9.01 18.39
C ASN B 115 -36.53 8.97 19.19
N GLU B 116 -37.49 8.12 18.81
CA GLU B 116 -38.67 7.92 19.65
C GLU B 116 -38.32 7.18 20.94
N GLU B 117 -37.47 6.15 20.85
CA GLU B 117 -37.05 5.39 22.02
C GLU B 117 -36.14 6.22 22.92
N LEU B 118 -35.25 7.00 22.33
CA LEU B 118 -34.34 7.86 23.10
C LEU B 118 -35.08 9.01 23.76
N GLU B 119 -36.06 9.61 23.05
CA GLU B 119 -36.89 10.65 23.64
C GLU B 119 -37.80 10.12 24.72
N LYS B 120 -38.29 8.88 24.60
CA LYS B 120 -39.09 8.26 25.66
C LYS B 120 -38.28 7.99 26.92
N LEU B 121 -37.04 7.50 26.76
CA LEU B 121 -36.15 7.27 27.89
C LEU B 121 -35.74 8.58 28.58
N CYS B 122 -35.53 9.64 27.79
CA CYS B 122 -35.27 10.96 28.35
C CYS B 122 -36.47 11.55 29.11
N GLU B 123 -37.70 11.32 28.60
CA GLU B 123 -38.91 11.81 29.26
C GLU B 123 -39.15 11.13 30.60
N GLU B 124 -38.95 9.82 30.68
CA GLU B 124 -39.15 9.18 31.99
C GLU B 124 -37.97 9.37 32.96
N LEU B 125 -36.77 9.70 32.46
CA LEU B 125 -35.73 10.23 33.34
C LEU B 125 -36.11 11.60 33.91
N GLN B 126 -36.78 12.43 33.10
CA GLN B 126 -37.30 13.70 33.61
C GLN B 126 -38.43 13.51 34.62
N ALA B 127 -39.23 12.45 34.46
CA ALA B 127 -40.28 12.13 35.43
C ALA B 127 -39.70 11.74 36.80
N THR B 128 -38.60 10.98 36.79
CA THR B 128 -37.85 10.68 38.01
C THR B 128 -37.27 11.95 38.65
N LEU B 129 -36.79 12.88 37.82
CA LEU B 129 -36.21 14.13 38.34
C LEU B 129 -37.24 15.08 38.95
N ASP B 130 -38.44 15.17 38.37
CA ASP B 130 -39.48 16.00 39.01
C ASP B 130 -40.06 15.36 40.27
N GLY B 131 -40.05 14.02 40.36
CA GLY B 131 -40.33 13.38 41.65
C GLY B 131 -39.34 13.74 42.74
N LEU B 132 -38.04 13.75 42.39
CA LEU B 132 -37.00 14.16 43.35
C LEU B 132 -37.08 15.64 43.72
N THR B 133 -37.53 16.50 42.78
CA THR B 133 -37.72 17.92 43.06
C THR B 133 -38.88 18.16 44.04
N LYS B 134 -39.94 17.35 43.94
CA LYS B 134 -41.03 17.35 44.92
C LYS B 134 -40.55 16.96 46.33
N ILE B 135 -39.66 15.94 46.41
CA ILE B 135 -39.07 15.54 47.69
C ILE B 135 -38.19 16.64 48.29
N GLN B 136 -37.50 17.39 47.42
CA GLN B 136 -36.64 18.50 47.85
C GLN B 136 -37.46 19.67 48.41
N VAL B 137 -38.62 19.95 47.80
CA VAL B 137 -39.51 21.00 48.30
C VAL B 137 -40.12 20.62 49.66
N LYS B 138 -40.39 19.32 49.86
CA LYS B 138 -40.82 18.83 51.17
C LYS B 138 -39.74 18.96 52.25
N MET B 139 -38.47 18.71 51.91
CA MET B 139 -37.37 18.92 52.87
C MET B 139 -37.16 20.40 53.23
N GLU B 140 -37.39 21.30 52.25
CA GLU B 140 -37.40 22.74 52.51
C GLU B 140 -38.49 23.14 53.51
N LYS B 141 -39.68 22.53 53.36
CA LYS B 141 -40.79 22.80 54.29
C LYS B 141 -40.50 22.26 55.69
N LEU B 142 -39.78 21.13 55.78
CA LEU B 142 -39.39 20.57 57.08
C LEU B 142 -38.39 21.47 57.83
N SER B 143 -37.38 22.04 57.23
CA SER B 143 -36.49 22.86 58.05
C SER B 143 -37.05 24.22 58.53
N SER B 144 -37.92 24.86 57.76
CA SER B 144 -38.43 26.13 58.22
C SER B 144 -39.38 25.88 59.31
N THR B 145 -40.02 24.72 59.26
CA THR B 145 -40.88 24.38 60.36
C THR B 145 -40.09 24.33 61.65
N THR B 146 -38.96 23.69 61.63
CA THR B 146 -38.22 23.57 62.87
C THR B 146 -37.59 24.87 63.29
N LYS B 147 -37.24 25.71 62.34
CA LYS B 147 -36.55 26.92 62.72
C LYS B 147 -37.44 27.73 63.57
N GLY B 148 -38.72 27.64 63.35
CA GLY B 148 -39.62 28.49 64.09
C GLY B 148 -39.59 28.22 65.57
N ILE B 149 -39.66 26.97 65.92
CA ILE B 149 -39.75 26.65 67.33
C ILE B 149 -38.53 27.19 68.00
N CYS B 150 -37.47 27.35 67.24
CA CYS B 150 -36.26 27.85 67.82
C CYS B 150 -36.46 29.20 68.34
N GLU B 151 -36.98 30.07 67.51
CA GLU B 151 -37.15 31.43 67.91
C GLU B 151 -38.20 31.55 68.97
N LEU B 152 -39.43 31.23 68.61
CA LEU B 152 -40.52 31.38 69.54
C LEU B 152 -40.08 30.99 70.92
N GLU B 153 -39.71 29.75 71.06
CA GLU B 153 -39.35 29.28 72.35
C GLU B 153 -38.22 30.08 72.92
N ASN B 154 -37.13 30.15 72.20
CA ASN B 154 -35.98 30.81 72.80
C ASN B 154 -36.34 32.18 73.28
N TYR B 155 -37.16 32.89 72.52
CA TYR B 155 -37.49 34.24 72.89
C TYR B 155 -38.44 34.30 74.06
N HIS B 156 -39.52 33.53 73.98
CA HIS B 156 -40.52 33.59 75.03
C HIS B 156 -39.92 33.09 76.31
N TYR B 157 -39.26 31.95 76.25
CA TYR B 157 -38.59 31.46 77.42
C TYR B 157 -37.64 32.53 77.78
N GLY B 158 -37.21 33.27 76.77
CA GLY B 158 -36.24 34.29 77.00
C GLY B 158 -35.07 33.57 77.57
N GLU B 159 -34.19 34.28 78.24
CA GLU B 159 -33.11 33.59 78.89
C GLU B 159 -33.75 33.14 80.15
N GLU B 160 -33.04 33.30 81.26
CA GLU B 160 -33.61 32.97 82.55
C GLU B 160 -34.37 31.68 82.32
N SER B 161 -33.77 30.82 81.53
CA SER B 161 -34.43 29.58 81.22
C SER B 161 -33.38 28.57 80.85
N LYS B 162 -32.22 28.63 81.50
CA LYS B 162 -31.25 27.58 81.23
C LYS B 162 -31.76 26.19 81.59
N ARG B 163 -33.08 26.03 81.76
CA ARG B 163 -33.68 24.70 81.92
C ARG B 163 -34.81 24.52 80.90
N PRO B 164 -34.49 24.19 79.65
CA PRO B 164 -35.56 23.92 78.68
C PRO B 164 -35.99 22.47 78.74
N PRO B 165 -37.26 22.20 79.10
CA PRO B 165 -37.71 20.81 79.11
C PRO B 165 -38.03 20.30 77.71
N LEU B 166 -37.10 19.57 77.13
CA LEU B 166 -37.31 18.75 75.95
C LEU B 166 -37.47 17.31 76.40
N PHE B 167 -37.32 16.36 75.46
CA PHE B 167 -37.56 14.94 75.72
C PHE B 167 -36.56 14.36 76.72
N HIS B 168 -35.28 14.33 76.37
CA HIS B 168 -34.29 13.82 77.31
C HIS B 168 -33.29 14.90 77.71
N THR B 169 -32.46 15.41 76.80
CA THR B 169 -31.45 16.38 77.18
C THR B 169 -31.12 17.46 76.15
N TRP B 170 -31.52 17.33 74.89
CA TRP B 170 -31.09 18.26 73.86
C TRP B 170 -31.77 19.62 73.96
N PRO B 171 -31.15 20.67 73.41
CA PRO B 171 -31.89 21.87 73.00
C PRO B 171 -32.39 21.74 71.57
N THR B 172 -33.06 22.76 71.04
CA THR B 172 -33.59 22.72 69.68
C THR B 172 -32.59 23.14 68.61
N THR B 173 -31.46 23.73 69.02
CA THR B 173 -30.44 24.16 68.07
C THR B 173 -29.71 22.98 67.45
N HIS B 174 -29.65 21.85 68.15
CA HIS B 174 -29.15 20.61 67.57
C HIS B 174 -30.08 20.08 66.49
N PHE B 175 -31.39 20.28 66.68
CA PHE B 175 -32.36 19.89 65.64
C PHE B 175 -32.25 20.78 64.41
N TYR B 176 -31.98 22.09 64.62
CA TYR B 176 -31.63 22.99 63.51
C TYR B 176 -30.35 22.53 62.80
N GLU B 177 -29.33 22.12 63.56
CA GLU B 177 -28.05 21.73 62.97
C GLU B 177 -28.16 20.46 62.12
N VAL B 178 -28.94 19.49 62.62
CA VAL B 178 -29.14 18.23 61.90
C VAL B 178 -29.97 18.44 60.63
N SER B 179 -31.06 19.21 60.74
CA SER B 179 -31.93 19.48 59.58
C SER B 179 -31.25 20.37 58.53
N HIS B 180 -30.42 21.31 58.98
CA HIS B 180 -29.67 22.19 58.08
C HIS B 180 -28.61 21.43 57.30
N LYS B 181 -27.89 20.52 57.96
CA LYS B 181 -26.88 19.71 57.28
C LYS B 181 -27.49 18.76 56.26
N LEU B 182 -28.62 18.10 56.61
CA LEU B 182 -29.28 17.19 55.68
C LEU B 182 -29.89 17.92 54.47
N LEU B 183 -30.39 19.14 54.69
CA LEU B 183 -30.90 19.98 53.62
C LEU B 183 -29.79 20.40 52.64
N GLU B 184 -28.60 20.74 53.17
CA GLU B 184 -27.47 21.13 52.33
C GLU B 184 -26.95 19.98 51.46
N MET B 185 -26.85 18.76 52.03
CA MET B 185 -26.38 17.60 51.25
C MET B 185 -27.37 17.20 50.15
N TYR B 186 -28.67 17.14 50.46
CA TYR B 186 -29.61 16.72 49.41
C TYR B 186 -29.84 17.80 48.36
N ARG B 187 -29.68 19.09 48.74
CA ARG B 187 -29.78 20.17 47.78
C ARG B 187 -28.61 20.21 46.81
N LYS B 188 -27.39 19.87 47.26
CA LYS B 188 -26.27 19.82 46.30
C LYS B 188 -26.31 18.56 45.43
N GLU B 189 -26.82 17.45 45.99
CA GLU B 189 -26.93 16.20 45.25
C GLU B 189 -27.94 16.29 44.10
N LEU B 190 -29.01 17.07 44.28
CA LEU B 190 -29.98 17.26 43.19
C LEU B 190 -29.39 18.04 42.01
N LEU B 191 -28.51 19.01 42.28
CA LEU B 191 -27.86 19.77 41.21
C LEU B 191 -26.86 18.92 40.44
N LEU B 192 -26.16 18.01 41.14
CA LEU B 192 -25.28 17.07 40.45
C LEU B 192 -26.06 16.08 39.57
N LYS B 193 -27.22 15.62 40.04
CA LYS B 193 -28.08 14.74 39.23
C LYS B 193 -28.65 15.45 38.01
N ARG B 194 -28.95 16.76 38.14
CA ARG B 194 -29.43 17.54 37.00
C ARG B 194 -28.35 17.74 35.94
N THR B 195 -27.10 17.90 36.36
CA THR B 195 -25.99 18.01 35.40
C THR B 195 -25.71 16.68 34.69
N VAL B 196 -25.84 15.55 35.41
CA VAL B 196 -25.69 14.21 34.82
C VAL B 196 -26.79 13.93 33.79
N ALA B 197 -28.04 14.27 34.12
CA ALA B 197 -29.14 14.09 33.19
C ALA B 197 -29.10 15.07 32.03
N LYS B 198 -28.47 16.23 32.21
CA LYS B 198 -28.30 17.17 31.10
C LYS B 198 -27.26 16.67 30.11
N GLU B 199 -26.14 16.13 30.60
CA GLU B 199 -25.01 15.84 29.72
C GLU B 199 -24.87 14.37 29.33
N LEU B 200 -25.76 13.48 29.76
CA LEU B 200 -25.53 12.04 29.55
C LEU B 200 -25.80 11.59 28.11
N ALA B 201 -26.79 12.16 27.45
CA ALA B 201 -27.21 11.67 26.13
C ALA B 201 -26.39 12.26 24.98
N HIS B 202 -25.42 13.12 25.26
CA HIS B 202 -24.67 13.80 24.21
C HIS B 202 -23.18 13.55 24.26
N THR B 203 -22.68 12.73 25.17
CA THR B 203 -21.26 12.44 25.23
C THR B 203 -20.92 11.23 24.37
N GLY B 204 -19.64 11.08 24.05
CA GLY B 204 -19.20 9.97 23.24
C GLY B 204 -18.02 9.22 23.84
N ASP B 205 -17.41 9.81 24.86
CA ASP B 205 -16.21 9.25 25.46
C ASP B 205 -16.66 8.26 26.54
N PRO B 206 -16.29 6.98 26.45
CA PRO B 206 -16.85 5.98 27.40
C PRO B 206 -16.29 6.04 28.80
N ASP B 207 -15.10 6.62 28.99
CA ASP B 207 -14.61 6.95 30.33
C ASP B 207 -15.53 7.94 31.02
N LEU B 208 -16.00 8.93 30.27
CA LEU B 208 -16.90 9.94 30.81
C LEU B 208 -18.29 9.37 31.07
N THR B 209 -18.71 8.37 30.30
CA THR B 209 -20.00 7.71 30.54
C THR B 209 -19.95 6.84 31.80
N LEU B 210 -18.83 6.11 32.00
CA LEU B 210 -18.64 5.37 33.24
C LEU B 210 -18.50 6.28 34.46
N SER B 211 -17.88 7.45 34.26
CA SER B 211 -17.80 8.46 35.31
C SER B 211 -19.18 9.00 35.69
N TYR B 212 -20.03 9.31 34.69
CA TYR B 212 -21.36 9.85 34.93
C TYR B 212 -22.30 8.84 35.59
N LEU B 213 -22.19 7.57 35.19
CA LEU B 213 -22.95 6.51 35.86
C LEU B 213 -22.46 6.27 37.28
N SER B 214 -21.15 6.44 37.53
CA SER B 214 -20.63 6.32 38.89
C SER B 214 -21.09 7.47 39.78
N MET B 215 -21.23 8.67 39.22
CA MET B 215 -21.77 9.81 39.99
C MET B 215 -23.26 9.62 40.27
N TRP B 216 -23.99 8.92 39.40
CA TRP B 216 -25.36 8.58 39.76
C TRP B 216 -25.41 7.52 40.86
N LEU B 217 -24.56 6.49 40.77
CA LEU B 217 -24.70 5.35 41.69
C LEU B 217 -24.12 5.61 43.07
N HIS B 218 -22.99 6.30 43.17
CA HIS B 218 -22.28 6.32 44.44
C HIS B 218 -22.60 7.53 45.31
N GLN B 219 -23.24 8.58 44.76
CA GLN B 219 -23.73 9.81 45.42
C GLN B 219 -22.67 10.54 46.23
N PRO B 220 -21.74 11.27 45.60
CA PRO B 220 -20.54 11.74 46.32
C PRO B 220 -20.75 12.93 47.24
N TYR B 221 -21.88 13.62 47.21
CA TYR B 221 -22.08 14.77 48.08
C TYR B 221 -22.84 14.45 49.34
N VAL B 222 -23.16 13.18 49.59
CA VAL B 222 -23.89 12.76 50.77
C VAL B 222 -22.92 12.01 51.68
N GLU B 223 -22.70 12.55 52.87
CA GLU B 223 -21.83 11.89 53.84
C GLU B 223 -22.54 10.71 54.50
N SER B 224 -21.74 9.73 54.94
CA SER B 224 -22.31 8.59 55.64
C SER B 224 -22.68 8.93 57.07
N ASP B 225 -21.93 9.85 57.69
CA ASP B 225 -22.04 10.18 59.11
C ASP B 225 -23.36 10.81 59.47
N SER B 226 -23.97 11.52 58.51
CA SER B 226 -25.28 12.15 58.68
C SER B 226 -26.38 11.13 58.88
N ARG B 227 -26.22 9.93 58.28
CA ARG B 227 -27.14 8.83 58.50
C ARG B 227 -27.08 8.36 59.95
N LEU B 228 -25.86 8.37 60.54
CA LEU B 228 -25.68 8.15 61.97
C LEU B 228 -26.38 9.24 62.79
N HIS B 229 -26.29 10.50 62.29
CA HIS B 229 -26.97 11.63 62.91
C HIS B 229 -28.49 11.49 62.88
N LEU B 230 -29.02 10.83 61.83
CA LEU B 230 -30.45 10.62 61.74
C LEU B 230 -30.93 9.63 62.79
N GLU B 231 -30.06 8.65 63.11
CA GLU B 231 -30.34 7.69 64.16
C GLU B 231 -30.35 8.34 65.54
N SER B 232 -29.61 9.45 65.71
CA SER B 232 -29.64 10.21 66.95
C SER B 232 -31.00 10.85 67.17
N MET B 233 -31.63 11.34 66.08
CA MET B 233 -33.00 11.82 66.19
C MET B 233 -33.97 10.68 66.45
N LEU B 234 -33.69 9.50 65.93
CA LEU B 234 -34.54 8.37 66.24
C LEU B 234 -34.23 7.78 67.60
N LEU B 235 -33.24 8.29 68.31
CA LEU B 235 -33.04 7.82 69.67
C LEU B 235 -33.58 8.94 70.52
N GLU B 236 -33.79 10.09 69.91
CA GLU B 236 -34.38 11.20 70.63
C GLU B 236 -35.80 11.52 70.19
N THR B 237 -36.51 10.58 69.58
CA THR B 237 -37.96 10.71 69.40
C THR B 237 -38.73 9.50 69.91
N GLY B 238 -38.06 8.38 70.19
CA GLY B 238 -38.71 7.25 70.80
C GLY B 238 -39.61 6.42 69.89
N HIS B 239 -39.53 6.61 68.56
CA HIS B 239 -40.20 5.66 67.66
C HIS B 239 -39.53 4.30 67.70
N ARG B 240 -38.21 4.28 67.75
CA ARG B 240 -37.52 3.02 67.99
C ARG B 240 -37.55 2.70 69.48
N ALA B 241 -37.49 1.41 69.78
CA ALA B 241 -37.37 0.98 71.17
C ALA B 241 -35.96 1.25 71.68
N LEU B 242 -35.86 1.66 72.93
CA LEU B 242 -34.56 1.98 73.52
C LEU B 242 -33.80 0.70 73.86
N SER C 47 -62.98 -59.88 24.03
CA SER C 47 -62.67 -59.04 25.18
C SER C 47 -61.19 -59.15 25.55
N VAL C 48 -60.47 -60.01 24.83
CA VAL C 48 -59.04 -60.22 25.04
C VAL C 48 -58.21 -59.52 23.96
N SER C 49 -58.53 -59.76 22.69
CA SER C 49 -57.81 -59.11 21.60
C SER C 49 -58.22 -57.65 21.46
N ALA C 50 -59.51 -57.37 21.70
CA ALA C 50 -60.02 -56.00 21.64
C ALA C 50 -59.44 -55.13 22.75
N ARG C 51 -59.20 -55.71 23.93
CA ARG C 51 -58.50 -55.02 25.01
C ARG C 51 -57.04 -54.77 24.66
N LYS C 52 -56.43 -55.63 23.84
CA LYS C 52 -55.09 -55.36 23.33
C LYS C 52 -55.09 -54.21 22.34
N ILE C 53 -56.16 -54.03 21.56
CA ILE C 53 -56.28 -52.83 20.72
C ILE C 53 -56.51 -51.58 21.58
N LYS C 54 -57.27 -51.71 22.69
CA LYS C 54 -57.49 -50.61 23.64
C LYS C 54 -56.18 -50.18 24.29
N ASP C 55 -55.31 -51.13 24.61
CA ASP C 55 -54.01 -50.80 25.17
C ASP C 55 -53.09 -50.21 24.12
N ASN C 56 -53.16 -50.74 22.88
CA ASN C 56 -52.19 -50.39 21.85
C ASN C 56 -52.38 -48.97 21.33
N ALA C 57 -53.65 -48.53 21.15
CA ALA C 57 -53.90 -47.17 20.66
C ALA C 57 -53.52 -46.10 21.69
N ALA C 58 -53.79 -46.38 22.97
CA ALA C 58 -53.45 -45.45 24.04
C ALA C 58 -51.94 -45.39 24.26
N ASP C 59 -51.24 -46.53 24.15
CA ASP C 59 -49.79 -46.51 24.25
C ASP C 59 -49.12 -45.85 23.06
N TRP C 60 -49.75 -45.95 21.87
CA TRP C 60 -49.29 -45.22 20.69
C TRP C 60 -49.35 -43.71 20.91
N HIS C 61 -50.49 -43.21 21.41
CA HIS C 61 -50.68 -41.77 21.65
C HIS C 61 -49.76 -41.23 22.75
N ASN C 62 -49.54 -42.03 23.81
CA ASN C 62 -48.63 -41.64 24.89
C ASN C 62 -47.17 -41.59 24.42
N LEU C 63 -46.78 -42.53 23.54
CA LEU C 63 -45.42 -42.54 23.01
C LEU C 63 -45.15 -41.37 22.06
N ILE C 64 -46.16 -40.93 21.29
CA ILE C 64 -46.02 -39.74 20.44
C ILE C 64 -45.84 -38.48 21.31
N LEU C 65 -46.54 -38.41 22.44
CA LEU C 65 -46.40 -37.27 23.35
C LEU C 65 -45.02 -37.19 24.02
N LYS C 66 -44.47 -38.34 24.45
CA LYS C 66 -43.12 -38.31 25.01
C LYS C 66 -42.03 -38.07 23.96
N TRP C 67 -42.26 -38.48 22.70
CA TRP C 67 -41.36 -38.13 21.61
C TRP C 67 -41.30 -36.62 21.37
N GLU C 68 -42.46 -35.95 21.48
CA GLU C 68 -42.49 -34.50 21.28
C GLU C 68 -41.79 -33.75 22.40
N THR C 69 -41.94 -34.22 23.66
CA THR C 69 -41.27 -33.59 24.80
C THR C 69 -39.74 -33.75 24.74
N LEU C 70 -39.28 -34.95 24.35
CA LEU C 70 -37.85 -35.18 24.21
C LEU C 70 -37.24 -34.43 23.01
N ASN C 71 -38.04 -34.22 21.95
CA ASN C 71 -37.55 -33.45 20.81
C ASN C 71 -37.41 -31.97 21.12
N ASP C 72 -38.30 -31.42 21.97
CA ASP C 72 -38.14 -30.02 22.41
C ASP C 72 -36.91 -29.82 23.29
N ALA C 73 -36.64 -30.79 24.19
CA ALA C 73 -35.43 -30.72 25.03
C ALA C 73 -34.15 -30.83 24.19
N GLY C 74 -34.16 -31.70 23.18
CA GLY C 74 -33.02 -31.83 22.30
C GLY C 74 -32.76 -30.62 21.43
N PHE C 75 -33.83 -29.94 20.99
CA PHE C 75 -33.65 -28.73 20.17
C PHE C 75 -33.07 -27.57 20.99
N THR C 76 -33.50 -27.44 22.25
CA THR C 76 -32.94 -26.41 23.12
C THR C 76 -31.45 -26.65 23.43
N THR C 77 -31.07 -27.92 23.67
CA THR C 77 -29.66 -28.26 23.92
C THR C 77 -28.79 -28.07 22.67
N ALA C 78 -29.32 -28.41 21.48
CA ALA C 78 -28.57 -28.25 20.23
C ALA C 78 -28.40 -26.78 19.83
N ASN C 79 -29.39 -25.95 20.12
CA ASN C 79 -29.29 -24.53 19.81
C ASN C 79 -28.28 -23.85 20.75
N ASN C 80 -28.23 -24.29 22.02
CA ASN C 80 -27.19 -23.81 22.95
C ASN C 80 -25.79 -24.25 22.55
N ILE C 81 -25.67 -25.47 22.00
CA ILE C 81 -24.39 -26.01 21.52
C ILE C 81 -23.86 -25.19 20.33
N ALA C 82 -24.76 -24.85 19.39
CA ALA C 82 -24.34 -24.06 18.22
C ALA C 82 -24.01 -22.61 18.60
N ASN C 83 -24.71 -22.04 19.60
CA ASN C 83 -24.38 -20.70 20.06
C ASN C 83 -23.06 -20.66 20.82
N LEU C 84 -22.75 -21.72 21.59
CA LEU C 84 -21.45 -21.82 22.24
C LEU C 84 -20.31 -22.03 21.25
N LYS C 85 -20.56 -22.77 20.17
CA LYS C 85 -19.55 -22.99 19.14
C LYS C 85 -19.25 -21.70 18.35
N ILE C 86 -20.29 -20.92 18.04
CA ILE C 86 -20.02 -19.69 17.29
C ILE C 86 -19.42 -18.62 18.22
N SER C 87 -19.70 -18.68 19.53
CA SER C 87 -19.01 -17.78 20.46
C SER C 87 -17.57 -18.21 20.72
N LEU C 88 -17.28 -19.51 20.58
CA LEU C 88 -15.90 -19.98 20.61
C LEU C 88 -15.12 -19.49 19.40
N LEU C 89 -15.68 -19.71 18.20
CA LEU C 89 -14.95 -19.45 16.97
C LEU C 89 -14.85 -17.97 16.67
N ASN C 90 -15.83 -17.18 17.08
CA ASN C 90 -15.77 -15.74 16.88
C ASN C 90 -14.78 -15.06 17.82
N LYS C 91 -14.53 -15.63 18.98
CA LYS C 91 -13.61 -15.04 19.94
C LYS C 91 -12.17 -15.41 19.60
N TYR C 114 -13.04 -24.78 28.36
CA TYR C 114 -14.05 -24.81 27.31
C TYR C 114 -14.67 -26.19 27.17
N ASN C 115 -13.84 -27.21 27.32
CA ASN C 115 -14.25 -28.58 27.01
C ASN C 115 -15.18 -29.18 28.05
N GLU C 116 -15.25 -28.59 29.26
CA GLU C 116 -16.08 -29.15 30.32
C GLU C 116 -17.57 -28.92 30.06
N GLU C 117 -17.96 -27.68 29.75
CA GLU C 117 -19.37 -27.42 29.52
C GLU C 117 -19.82 -27.87 28.13
N LEU C 118 -18.90 -27.92 27.15
CA LEU C 118 -19.22 -28.50 25.85
C LEU C 118 -19.42 -30.01 25.95
N GLU C 119 -18.59 -30.68 26.75
CA GLU C 119 -18.74 -32.10 27.01
C GLU C 119 -20.01 -32.39 27.80
N LYS C 120 -20.37 -31.50 28.72
CA LYS C 120 -21.61 -31.65 29.50
C LYS C 120 -22.85 -31.48 28.62
N LEU C 121 -22.82 -30.52 27.70
CA LEU C 121 -23.96 -30.30 26.79
C LEU C 121 -24.10 -31.44 25.78
N CYS C 122 -22.97 -31.97 25.30
CA CYS C 122 -23.00 -33.16 24.45
C CYS C 122 -23.47 -34.39 25.21
N GLU C 123 -23.18 -34.48 26.52
CA GLU C 123 -23.62 -35.63 27.30
C GLU C 123 -25.13 -35.59 27.56
N GLU C 124 -25.72 -34.40 27.79
CA GLU C 124 -27.17 -34.40 27.96
C GLU C 124 -27.91 -34.57 26.63
N LEU C 125 -27.27 -34.19 25.51
CA LEU C 125 -27.82 -34.56 24.20
C LEU C 125 -27.76 -36.09 23.97
N GLN C 126 -26.71 -36.74 24.48
CA GLN C 126 -26.63 -38.20 24.43
C GLN C 126 -27.68 -38.88 25.32
N ALA C 127 -28.00 -38.28 26.47
CA ALA C 127 -29.07 -38.80 27.33
C ALA C 127 -30.45 -38.66 26.69
N THR C 128 -30.67 -37.56 25.93
CA THR C 128 -31.90 -37.39 25.16
C THR C 128 -32.02 -38.44 24.05
N LEU C 129 -30.91 -38.75 23.37
CA LEU C 129 -30.92 -39.80 22.34
C LEU C 129 -31.13 -41.20 22.92
N ASP C 130 -30.65 -41.44 24.15
CA ASP C 130 -30.89 -42.72 24.82
C ASP C 130 -32.35 -42.90 25.21
N GLY C 131 -33.01 -41.80 25.62
CA GLY C 131 -34.45 -41.85 25.87
C GLY C 131 -35.27 -42.11 24.63
N LEU C 132 -34.86 -41.52 23.49
CA LEU C 132 -35.52 -41.80 22.22
C LEU C 132 -35.30 -43.25 21.74
N THR C 133 -34.13 -43.82 22.05
CA THR C 133 -33.84 -45.23 21.74
C THR C 133 -34.74 -46.17 22.54
N LYS C 134 -34.99 -45.83 23.82
CA LYS C 134 -35.92 -46.60 24.66
C LYS C 134 -37.36 -46.56 24.14
N ILE C 135 -37.79 -45.39 23.65
CA ILE C 135 -39.12 -45.23 23.06
C ILE C 135 -39.25 -46.07 21.77
N GLN C 136 -38.17 -46.12 20.97
CA GLN C 136 -38.18 -46.94 19.75
C GLN C 136 -38.18 -48.45 20.04
N VAL C 137 -37.57 -48.87 21.16
CA VAL C 137 -37.61 -50.27 21.59
C VAL C 137 -39.03 -50.68 22.00
N LYS C 138 -39.73 -49.80 22.72
CA LYS C 138 -41.14 -50.05 23.09
C LYS C 138 -42.06 -50.05 21.87
N MET C 139 -41.74 -49.21 20.86
CA MET C 139 -42.47 -49.18 19.61
C MET C 139 -42.33 -50.48 18.82
N GLU C 140 -41.10 -51.02 18.78
CA GLU C 140 -40.84 -52.26 18.05
C GLU C 140 -41.50 -53.46 18.72
N LYS C 141 -41.51 -53.51 20.07
CA LYS C 141 -42.18 -54.63 20.72
C LYS C 141 -43.71 -54.52 20.67
N LEU C 142 -44.24 -53.30 20.55
CA LEU C 142 -45.69 -53.14 20.41
C LEU C 142 -46.15 -53.55 19.01
N SER C 143 -45.37 -53.22 17.98
CA SER C 143 -45.68 -53.70 16.63
C SER C 143 -45.47 -55.19 16.49
N SER C 144 -44.50 -55.76 17.22
CA SER C 144 -44.27 -57.20 17.18
C SER C 144 -45.40 -57.98 17.86
N THR C 145 -45.93 -57.48 18.98
CA THR C 145 -47.05 -58.20 19.59
C THR C 145 -48.36 -57.98 18.83
N THR C 146 -48.48 -56.86 18.09
CA THR C 146 -49.63 -56.68 17.20
C THR C 146 -49.57 -57.64 16.01
N LYS C 147 -48.36 -57.87 15.47
CA LYS C 147 -48.15 -58.86 14.41
C LYS C 147 -48.44 -60.27 14.93
N GLY C 148 -48.05 -60.54 16.18
CA GLY C 148 -48.32 -61.82 16.79
C GLY C 148 -49.79 -62.11 17.03
N ILE C 149 -50.55 -61.09 17.43
CA ILE C 149 -51.98 -61.35 17.68
C ILE C 149 -52.77 -61.39 16.37
N CYS C 150 -52.34 -60.67 15.31
CA CYS C 150 -52.95 -60.83 13.99
C CYS C 150 -52.66 -62.20 13.38
N GLU C 151 -51.43 -62.70 13.52
CA GLU C 151 -51.11 -64.05 13.06
C GLU C 151 -51.77 -65.13 13.90
N LEU C 152 -52.00 -64.87 15.20
CA LEU C 152 -52.73 -65.80 16.06
C LEU C 152 -54.19 -65.91 15.66
N GLU C 153 -54.82 -64.77 15.33
CA GLU C 153 -56.20 -64.80 14.86
C GLU C 153 -56.33 -65.40 13.47
N ASN C 154 -55.32 -65.17 12.60
CA ASN C 154 -55.33 -65.75 11.27
C ASN C 154 -55.10 -67.26 11.30
N TYR C 155 -54.31 -67.75 12.26
CA TYR C 155 -54.14 -69.18 12.41
C TYR C 155 -55.36 -69.82 13.08
N HIS C 156 -55.99 -69.13 14.03
CA HIS C 156 -57.11 -69.70 14.77
C HIS C 156 -58.38 -69.74 13.95
N TYR C 157 -58.65 -68.71 13.14
CA TYR C 157 -59.91 -68.67 12.40
C TYR C 157 -59.86 -69.43 11.09
N GLY C 158 -58.70 -69.94 10.69
CA GLY C 158 -58.59 -70.67 9.45
C GLY C 158 -58.48 -69.76 8.24
N GLU C 159 -58.38 -70.37 7.08
CA GLU C 159 -58.23 -69.62 5.83
C GLU C 159 -59.57 -69.13 5.31
N GLU C 160 -60.46 -70.06 4.98
CA GLU C 160 -61.75 -69.73 4.37
C GLU C 160 -62.75 -69.45 5.47
N SER C 161 -62.77 -68.20 5.94
CA SER C 161 -63.70 -67.77 6.98
C SER C 161 -63.97 -66.28 6.83
N LYS C 162 -65.24 -65.91 6.81
CA LYS C 162 -65.65 -64.51 6.74
C LYS C 162 -65.77 -63.99 8.17
N ARG C 163 -64.71 -63.36 8.64
CA ARG C 163 -64.63 -62.94 10.04
C ARG C 163 -65.42 -61.66 10.25
N PRO C 164 -66.35 -61.63 11.21
CA PRO C 164 -66.92 -60.35 11.65
C PRO C 164 -65.90 -59.53 12.39
N PRO C 165 -65.95 -58.20 12.29
CA PRO C 165 -64.93 -57.37 12.93
C PRO C 165 -65.14 -57.25 14.44
N LEU C 166 -64.03 -56.98 15.13
CA LEU C 166 -64.04 -56.83 16.58
C LEU C 166 -64.72 -55.53 16.99
N PHE C 167 -64.45 -54.45 16.26
CA PHE C 167 -65.18 -53.20 16.35
C PHE C 167 -66.22 -53.29 15.20
N HIS C 168 -66.81 -52.18 14.75
CA HIS C 168 -67.89 -52.22 13.75
C HIS C 168 -67.41 -52.66 12.37
N THR C 169 -66.28 -52.12 11.90
CA THR C 169 -65.94 -52.31 10.50
C THR C 169 -64.58 -52.95 10.22
N TRP C 170 -63.55 -52.56 10.95
CA TRP C 170 -62.18 -52.81 10.52
C TRP C 170 -61.71 -54.24 10.82
N PRO C 171 -60.98 -54.85 9.88
CA PRO C 171 -60.19 -56.05 10.21
C PRO C 171 -58.84 -55.68 10.80
N THR C 172 -58.09 -56.67 11.30
CA THR C 172 -56.89 -56.42 12.08
C THR C 172 -55.64 -56.23 11.24
N THR C 173 -55.68 -56.61 9.96
CA THR C 173 -54.53 -56.41 9.07
C THR C 173 -54.31 -54.95 8.76
N HIS C 174 -55.37 -54.14 8.82
CA HIS C 174 -55.25 -52.68 8.71
C HIS C 174 -54.48 -52.09 9.89
N PHE C 175 -54.70 -52.63 11.09
CA PHE C 175 -53.90 -52.25 12.26
C PHE C 175 -52.44 -52.65 12.11
N TYR C 176 -52.18 -53.82 11.47
CA TYR C 176 -50.80 -54.22 11.20
C TYR C 176 -50.08 -53.29 10.21
N GLU C 177 -50.76 -52.88 9.12
CA GLU C 177 -50.11 -51.95 8.18
C GLU C 177 -49.92 -50.55 8.74
N VAL C 178 -50.86 -50.09 9.60
CA VAL C 178 -50.72 -48.79 10.26
C VAL C 178 -49.52 -48.78 11.21
N SER C 179 -49.37 -49.85 12.01
CA SER C 179 -48.23 -49.96 12.92
C SER C 179 -46.90 -50.16 12.18
N HIS C 180 -46.93 -50.84 11.03
CA HIS C 180 -45.72 -51.05 10.23
C HIS C 180 -45.20 -49.77 9.60
N LYS C 181 -46.10 -48.95 9.03
CA LYS C 181 -45.62 -47.70 8.40
C LYS C 181 -45.24 -46.64 9.44
N LEU C 182 -45.90 -46.62 10.61
CA LEU C 182 -45.49 -45.71 11.69
C LEU C 182 -44.12 -46.10 12.26
N LEU C 183 -43.87 -47.41 12.39
CA LEU C 183 -42.59 -47.92 12.87
C LEU C 183 -41.45 -47.61 11.91
N GLU C 184 -41.71 -47.75 10.59
CA GLU C 184 -40.71 -47.44 9.57
C GLU C 184 -40.33 -45.95 9.55
N MET C 185 -41.34 -45.07 9.68
CA MET C 185 -41.09 -43.63 9.66
C MET C 185 -40.29 -43.16 10.88
N TYR C 186 -40.66 -43.62 12.07
CA TYR C 186 -39.92 -43.20 13.26
C TYR C 186 -38.54 -43.85 13.36
N ARG C 187 -38.37 -45.04 12.78
CA ARG C 187 -37.05 -45.68 12.73
C ARG C 187 -36.09 -44.95 11.80
N LYS C 188 -36.59 -44.38 10.69
CA LYS C 188 -35.69 -43.59 9.82
C LYS C 188 -35.33 -42.25 10.47
N GLU C 189 -36.31 -41.63 11.15
CA GLU C 189 -36.12 -40.32 11.79
C GLU C 189 -35.11 -40.37 12.94
N LEU C 190 -35.09 -41.49 13.69
CA LEU C 190 -34.10 -41.65 14.76
C LEU C 190 -32.67 -41.75 14.23
N LEU C 191 -32.48 -42.41 13.08
CA LEU C 191 -31.16 -42.54 12.46
C LEU C 191 -30.63 -41.19 11.95
N LEU C 192 -31.55 -40.35 11.43
CA LEU C 192 -31.18 -38.99 11.04
C LEU C 192 -30.78 -38.13 12.25
N LYS C 193 -31.45 -38.34 13.39
CA LYS C 193 -31.09 -37.62 14.61
C LYS C 193 -29.74 -38.06 15.18
N ARG C 194 -29.39 -39.35 15.04
CA ARG C 194 -28.06 -39.82 15.44
C ARG C 194 -26.95 -39.22 14.58
N THR C 195 -27.19 -39.08 13.27
CA THR C 195 -26.21 -38.44 12.39
C THR C 195 -26.03 -36.95 12.70
N VAL C 196 -27.13 -36.27 13.06
CA VAL C 196 -27.08 -34.85 13.44
C VAL C 196 -26.30 -34.65 14.75
N ALA C 197 -26.53 -35.53 15.73
CA ALA C 197 -25.77 -35.46 16.99
C ALA C 197 -24.31 -35.88 16.84
N LYS C 198 -23.99 -36.70 15.83
CA LYS C 198 -22.60 -36.97 15.50
C LYS C 198 -21.91 -35.73 14.94
N GLU C 199 -22.52 -35.09 13.94
CA GLU C 199 -21.81 -34.10 13.13
C GLU C 199 -22.04 -32.66 13.55
N LEU C 200 -22.78 -32.41 14.64
CA LEU C 200 -23.12 -31.02 14.97
C LEU C 200 -21.97 -30.25 15.61
N ALA C 201 -21.17 -30.89 16.46
CA ALA C 201 -20.21 -30.17 17.28
C ALA C 201 -18.89 -29.88 16.56
N HIS C 202 -18.71 -30.37 15.33
CA HIS C 202 -17.43 -30.25 14.65
C HIS C 202 -17.45 -29.35 13.41
N THR C 203 -18.61 -29.08 12.83
CA THR C 203 -18.65 -28.38 11.56
C THR C 203 -18.47 -26.87 11.75
N GLY C 204 -18.09 -26.19 10.67
CA GLY C 204 -17.74 -24.79 10.76
C GLY C 204 -18.47 -23.89 9.78
N ASP C 205 -19.06 -24.46 8.75
CA ASP C 205 -19.83 -23.69 7.78
C ASP C 205 -21.19 -23.38 8.40
N PRO C 206 -21.59 -22.11 8.50
CA PRO C 206 -22.84 -21.78 9.23
C PRO C 206 -24.13 -22.14 8.50
N ASP C 207 -24.09 -22.27 7.17
CA ASP C 207 -25.23 -22.77 6.41
C ASP C 207 -25.54 -24.22 6.78
N LEU C 208 -24.50 -25.02 6.99
CA LEU C 208 -24.68 -26.42 7.36
C LEU C 208 -25.13 -26.55 8.80
N THR C 209 -24.77 -25.59 9.66
CA THR C 209 -25.27 -25.55 11.03
C THR C 209 -26.77 -25.22 11.07
N LEU C 210 -27.20 -24.25 10.25
CA LEU C 210 -28.63 -23.95 10.14
C LEU C 210 -29.41 -25.10 9.53
N SER C 211 -28.81 -25.81 8.57
CA SER C 211 -29.42 -27.00 7.99
C SER C 211 -29.57 -28.13 8.99
N TYR C 212 -28.56 -28.35 9.86
CA TYR C 212 -28.64 -29.40 10.87
C TYR C 212 -29.66 -29.09 11.95
N LEU C 213 -29.77 -27.82 12.36
CA LEU C 213 -30.81 -27.42 13.30
C LEU C 213 -32.21 -27.50 12.69
N SER C 214 -32.34 -27.22 11.39
CA SER C 214 -33.62 -27.37 10.72
C SER C 214 -34.01 -28.84 10.55
N MET C 215 -33.02 -29.73 10.35
CA MET C 215 -33.30 -31.17 10.35
C MET C 215 -33.70 -31.69 11.72
N TRP C 216 -33.20 -31.10 12.80
CA TRP C 216 -33.71 -31.47 14.12
C TRP C 216 -35.14 -30.96 14.31
N LEU C 217 -35.43 -29.74 13.86
CA LEU C 217 -36.72 -29.15 14.20
C LEU C 217 -37.87 -29.69 13.35
N HIS C 218 -37.68 -29.81 12.04
CA HIS C 218 -38.82 -29.99 11.17
C HIS C 218 -39.17 -31.44 10.88
N GLN C 219 -38.29 -32.39 11.19
CA GLN C 219 -38.44 -33.85 11.14
C GLN C 219 -38.89 -34.37 9.78
N PRO C 220 -38.00 -34.41 8.77
CA PRO C 220 -38.44 -34.67 7.40
C PRO C 220 -38.82 -36.11 7.07
N TYR C 221 -38.65 -37.06 7.99
CA TYR C 221 -39.06 -38.43 7.72
C TYR C 221 -40.37 -38.81 8.42
N VAL C 222 -41.02 -37.85 9.07
CA VAL C 222 -42.31 -38.06 9.72
C VAL C 222 -43.36 -37.28 8.92
N GLU C 223 -44.30 -38.00 8.33
CA GLU C 223 -45.26 -37.36 7.44
C GLU C 223 -46.53 -36.98 8.19
N SER C 224 -47.27 -36.01 7.61
CA SER C 224 -48.39 -35.38 8.30
C SER C 224 -49.61 -36.27 8.38
N ASP C 225 -49.95 -36.97 7.27
CA ASP C 225 -51.20 -37.71 7.13
C ASP C 225 -51.28 -38.93 8.05
N SER C 226 -50.12 -39.42 8.51
CA SER C 226 -50.05 -40.50 9.49
C SER C 226 -50.67 -40.12 10.82
N ARG C 227 -50.80 -38.81 11.08
CA ARG C 227 -51.57 -38.33 12.23
C ARG C 227 -53.04 -38.60 11.98
N LEU C 228 -53.52 -38.42 10.76
CA LEU C 228 -54.89 -38.77 10.42
C LEU C 228 -55.06 -40.24 10.64
N HIS C 229 -54.06 -41.01 10.29
CA HIS C 229 -54.11 -42.43 10.52
C HIS C 229 -54.15 -42.81 12.01
N LEU C 230 -53.46 -42.07 12.85
CA LEU C 230 -53.52 -42.36 14.27
C LEU C 230 -54.92 -42.10 14.81
N GLU C 231 -55.59 -41.08 14.26
CA GLU C 231 -56.94 -40.76 14.67
C GLU C 231 -57.95 -41.75 14.15
N SER C 232 -57.59 -42.52 13.09
CA SER C 232 -58.43 -43.63 12.66
C SER C 232 -58.50 -44.71 13.72
N MET C 233 -57.38 -45.00 14.39
CA MET C 233 -57.43 -45.92 15.54
C MET C 233 -58.14 -45.29 16.73
N LEU C 234 -58.14 -43.95 16.82
CA LEU C 234 -58.91 -43.30 17.85
C LEU C 234 -60.41 -43.29 17.56
N LEU C 235 -60.82 -43.61 16.33
CA LEU C 235 -62.21 -43.94 16.06
C LEU C 235 -62.41 -45.43 15.85
N GLU C 236 -61.42 -46.25 16.18
CA GLU C 236 -61.55 -47.71 16.23
C GLU C 236 -61.42 -48.25 17.64
N THR C 237 -60.95 -47.42 18.57
CA THR C 237 -60.85 -47.79 19.97
C THR C 237 -61.96 -47.10 20.78
N GLY C 238 -62.09 -45.80 20.63
CA GLY C 238 -63.13 -45.05 21.27
C GLY C 238 -62.71 -44.19 22.44
N HIS C 239 -61.44 -43.79 22.50
CA HIS C 239 -61.03 -42.85 23.55
C HIS C 239 -61.59 -41.46 23.26
N ARG C 240 -61.66 -41.08 21.99
CA ARG C 240 -62.38 -39.88 21.60
C ARG C 240 -63.86 -40.20 21.42
N ALA C 241 -64.70 -39.24 21.81
CA ALA C 241 -66.14 -39.42 21.73
C ALA C 241 -66.63 -39.31 20.29
N LEU C 242 -67.55 -40.19 19.93
CA LEU C 242 -68.13 -40.20 18.59
C LEU C 242 -69.13 -39.06 18.43
N MET D 73 -6.30 -63.04 70.44
CA MET D 73 -6.78 -62.43 71.67
C MET D 73 -5.76 -61.42 72.21
N THR D 74 -4.49 -61.80 72.19
CA THR D 74 -3.43 -60.90 72.63
C THR D 74 -3.19 -59.81 71.59
N GLN D 75 -3.29 -60.14 70.31
CA GLN D 75 -3.17 -59.17 69.24
C GLN D 75 -4.52 -58.65 68.76
N ASP D 76 -5.61 -59.00 69.46
CA ASP D 76 -6.93 -58.54 69.05
C ASP D 76 -7.13 -57.06 69.36
N ARG D 77 -6.74 -56.63 70.57
CA ARG D 77 -6.85 -55.23 70.95
C ARG D 77 -6.03 -54.21 70.15
N PRO D 78 -4.68 -54.45 69.71
CA PRO D 78 -3.99 -53.41 68.93
C PRO D 78 -4.58 -52.97 67.60
N LEU D 79 -5.14 -53.89 66.82
CA LEU D 79 -5.68 -53.53 65.51
C LEU D 79 -7.02 -52.82 65.61
N LEU D 80 -7.88 -53.27 66.53
CA LEU D 80 -9.12 -52.54 66.81
C LEU D 80 -8.90 -51.23 67.52
N ALA D 81 -7.74 -50.98 68.15
CA ALA D 81 -7.45 -49.63 68.60
C ALA D 81 -7.18 -48.65 67.45
N VAL D 82 -6.60 -49.11 66.34
CA VAL D 82 -6.38 -48.22 65.21
C VAL D 82 -7.66 -48.03 64.40
N GLN D 83 -8.48 -49.08 64.32
CA GLN D 83 -9.67 -49.04 63.47
C GLN D 83 -10.76 -48.09 64.00
N GLU D 84 -10.95 -48.01 65.33
CA GLU D 84 -11.85 -47.00 65.85
C GLU D 84 -11.29 -45.58 65.77
N ALA D 85 -9.96 -45.43 65.72
CA ALA D 85 -9.39 -44.09 65.48
C ALA D 85 -9.69 -43.61 64.06
N LEU D 86 -9.65 -44.52 63.08
CA LEU D 86 -10.04 -44.16 61.72
C LEU D 86 -11.54 -43.90 61.60
N LYS D 87 -12.35 -44.68 62.34
CA LYS D 87 -13.80 -44.47 62.39
C LYS D 87 -14.18 -43.14 63.04
N LYS D 88 -13.41 -42.69 64.03
CA LYS D 88 -13.62 -41.35 64.57
C LYS D 88 -13.13 -40.27 63.63
N CYS D 89 -12.07 -40.54 62.85
CA CYS D 89 -11.44 -39.50 62.05
C CYS D 89 -12.25 -39.10 60.81
N PHE D 90 -12.84 -40.06 60.11
CA PHE D 90 -13.53 -39.72 58.83
C PHE D 90 -14.77 -38.79 58.80
N PRO D 91 -15.76 -38.85 59.73
CA PRO D 91 -16.89 -37.88 59.65
C PRO D 91 -16.52 -36.44 60.00
N VAL D 92 -15.40 -36.23 60.71
CA VAL D 92 -14.84 -34.91 60.94
C VAL D 92 -14.41 -34.28 59.62
N VAL D 93 -13.79 -35.07 58.74
CA VAL D 93 -13.40 -34.65 57.40
C VAL D 93 -14.61 -34.33 56.54
N GLU D 94 -15.71 -35.10 56.72
CA GLU D 94 -16.97 -34.81 55.99
C GLU D 94 -17.59 -33.46 56.39
N GLU D 95 -17.60 -33.17 57.70
CA GLU D 95 -18.12 -31.91 58.23
C GLU D 95 -17.29 -30.69 57.77
N GLN D 96 -15.96 -30.79 57.85
CA GLN D 96 -15.15 -29.66 57.36
C GLN D 96 -15.10 -29.53 55.84
N GLN D 97 -15.37 -30.60 55.09
CA GLN D 97 -15.50 -30.47 53.64
C GLN D 97 -16.75 -29.69 53.26
N GLY D 98 -17.85 -29.91 54.01
CA GLY D 98 -19.05 -29.09 53.83
C GLY D 98 -18.85 -27.61 54.16
N LEU D 99 -18.06 -27.33 55.23
CA LEU D 99 -17.72 -25.95 55.59
C LEU D 99 -16.86 -25.25 54.53
N TRP D 100 -15.88 -25.98 53.97
CA TRP D 100 -15.00 -25.49 52.92
C TRP D 100 -15.76 -25.16 51.64
N GLN D 101 -16.72 -26.02 51.27
CA GLN D 101 -17.50 -25.76 50.06
C GLN D 101 -18.46 -24.59 50.23
N SER D 102 -19.00 -24.38 51.45
CA SER D 102 -19.85 -23.21 51.70
C SER D 102 -19.07 -21.89 51.61
N ALA D 103 -17.83 -21.87 52.15
CA ALA D 103 -17.00 -20.66 52.06
C ALA D 103 -16.53 -20.36 50.63
N LEU D 104 -16.19 -21.41 49.87
CA LEU D 104 -15.79 -21.21 48.48
C LEU D 104 -16.96 -20.82 47.58
N ARG D 105 -18.18 -21.24 47.91
CA ARG D 105 -19.34 -20.73 47.18
C ARG D 105 -19.66 -19.29 47.54
N ASP D 106 -19.33 -18.86 48.75
CA ASP D 106 -19.58 -17.46 49.10
C ASP D 106 -18.59 -16.49 48.46
N CYS D 107 -17.37 -16.93 48.12
CA CYS D 107 -16.31 -15.98 47.72
C CYS D 107 -16.47 -15.32 46.34
N GLN D 108 -17.30 -15.83 45.42
CA GLN D 108 -17.25 -15.33 44.04
C GLN D 108 -17.93 -14.00 43.65
N PRO D 109 -19.15 -13.63 44.11
CA PRO D 109 -19.68 -12.30 43.73
C PRO D 109 -18.97 -11.13 44.39
N LEU D 110 -18.24 -11.35 45.48
CA LEU D 110 -17.36 -10.32 46.04
C LEU D 110 -16.22 -9.99 45.09
N LEU D 111 -15.66 -11.01 44.43
CA LEU D 111 -14.58 -10.79 43.48
C LEU D 111 -15.08 -10.11 42.21
N SER D 112 -16.31 -10.45 41.78
CA SER D 112 -16.91 -9.77 40.63
C SER D 112 -17.23 -8.30 40.92
N SER D 113 -17.70 -8.01 42.14
CA SER D 113 -17.95 -6.64 42.57
C SER D 113 -16.66 -5.82 42.69
N LEU D 114 -15.57 -6.46 43.14
CA LEU D 114 -14.28 -5.78 43.22
C LEU D 114 -13.71 -5.47 41.83
N SER D 115 -13.96 -6.35 40.85
CA SER D 115 -13.57 -6.05 39.46
C SER D 115 -14.35 -4.87 38.87
N ASN D 116 -15.65 -4.76 39.22
CA ASN D 116 -16.46 -3.61 38.79
C ASN D 116 -15.97 -2.29 39.39
N LEU D 117 -15.58 -2.30 40.68
CA LEU D 117 -15.00 -1.11 41.31
C LEU D 117 -13.63 -0.74 40.73
N ALA D 118 -12.83 -1.75 40.33
CA ALA D 118 -11.54 -1.46 39.70
C ALA D 118 -11.71 -0.83 38.32
N GLU D 119 -12.74 -1.26 37.57
CA GLU D 119 -13.11 -0.62 36.31
C GLU D 119 -13.51 0.84 36.47
N GLN D 120 -14.36 1.12 37.48
CA GLN D 120 -14.80 2.49 37.75
C GLN D 120 -13.65 3.39 38.22
N LEU D 121 -12.73 2.84 39.00
CA LEU D 121 -11.64 3.67 39.53
C LEU D 121 -10.57 3.93 38.47
N GLN D 122 -10.34 2.97 37.55
CA GLN D 122 -9.43 3.22 36.43
C GLN D 122 -10.01 4.22 35.43
N ALA D 123 -11.33 4.16 35.20
CA ALA D 123 -11.99 5.13 34.33
C ALA D 123 -12.01 6.53 34.95
N ALA D 124 -12.07 6.62 36.29
CA ALA D 124 -11.92 7.92 36.92
C ALA D 124 -10.48 8.43 36.91
N GLN D 125 -9.50 7.51 36.96
CA GLN D 125 -8.09 7.92 36.95
C GLN D 125 -7.62 8.36 35.57
N ASN D 126 -8.30 7.95 34.50
CA ASN D 126 -7.88 8.35 33.15
C ASN D 126 -8.16 9.81 32.80
N LEU D 127 -9.01 10.50 33.56
CA LEU D 127 -9.74 11.66 33.06
C LEU D 127 -9.34 12.95 33.79
N ARG D 128 -9.39 14.06 33.07
CA ARG D 128 -9.20 15.39 33.65
C ARG D 128 -10.55 16.04 33.90
N PHE D 129 -10.64 16.79 35.00
CA PHE D 129 -11.94 17.30 35.46
C PHE D 129 -12.05 18.81 35.31
N GLU D 130 -11.20 19.44 34.51
CA GLU D 130 -11.33 20.85 34.19
C GLU D 130 -11.61 21.12 32.73
N ASP D 131 -11.29 20.19 31.83
CA ASP D 131 -11.58 20.38 30.42
C ASP D 131 -13.04 20.11 30.07
N VAL D 132 -13.79 19.42 30.94
CA VAL D 132 -15.22 19.23 30.74
C VAL D 132 -15.89 20.56 31.08
N PRO D 133 -16.66 21.15 30.17
CA PRO D 133 -17.18 22.52 30.41
C PRO D 133 -18.35 22.57 31.36
N ALA D 134 -19.08 21.48 31.55
CA ALA D 134 -20.17 21.49 32.53
C ALA D 134 -19.67 21.39 33.95
N LEU D 135 -18.54 20.73 34.18
CA LEU D 135 -18.05 20.45 35.52
C LEU D 135 -17.03 21.50 35.96
N ARG D 136 -17.49 22.75 36.01
CA ARG D 136 -16.71 23.84 36.59
C ARG D 136 -17.37 24.44 37.83
N ALA D 137 -18.65 24.18 38.06
CA ALA D 137 -19.33 24.67 39.24
C ALA D 137 -19.16 23.76 40.46
N PHE D 138 -18.54 22.59 40.29
CA PHE D 138 -18.25 21.68 41.39
C PHE D 138 -16.76 21.35 41.36
N PRO D 139 -15.91 22.23 41.90
CA PRO D 139 -14.47 21.98 41.79
C PRO D 139 -13.85 21.14 42.90
N ASP D 140 -14.54 20.08 43.37
CA ASP D 140 -13.93 19.14 44.30
C ASP D 140 -14.42 17.70 44.13
N LEU D 141 -14.82 17.29 42.93
CA LEU D 141 -15.59 16.06 42.75
C LEU D 141 -14.74 14.79 42.85
N LYS D 142 -13.44 14.91 42.54
CA LYS D 142 -12.58 13.75 42.31
C LYS D 142 -12.31 12.98 43.60
N GLU D 143 -11.93 13.70 44.66
CA GLU D 143 -11.64 13.01 45.92
C GLU D 143 -12.90 12.55 46.65
N ARG D 144 -14.04 13.20 46.41
CA ARG D 144 -15.31 12.72 47.00
C ARG D 144 -15.78 11.41 46.36
N LEU D 145 -15.74 11.34 45.03
CA LEU D 145 -16.08 10.12 44.30
C LEU D 145 -15.10 8.98 44.60
N ARG D 146 -13.81 9.34 44.70
CA ARG D 146 -12.77 8.37 45.03
C ARG D 146 -12.92 7.84 46.46
N ARG D 147 -13.34 8.71 47.39
CA ARG D 147 -13.55 8.32 48.78
C ARG D 147 -14.70 7.32 48.93
N LYS D 148 -15.81 7.53 48.20
CA LYS D 148 -16.94 6.59 48.29
C LYS D 148 -16.60 5.24 47.64
N GLN D 149 -15.93 5.27 46.53
CA GLN D 149 -15.56 4.07 45.85
C GLN D 149 -14.63 3.24 46.69
N LEU D 150 -13.74 3.89 47.42
CA LEU D 150 -12.79 3.18 48.25
C LEU D 150 -13.39 2.77 49.59
N VAL D 151 -14.51 3.37 49.99
CA VAL D 151 -15.18 2.90 51.19
C VAL D 151 -15.91 1.59 50.87
N ALA D 152 -16.45 1.42 49.68
CA ALA D 152 -17.05 0.16 49.21
C ALA D 152 -16.02 -0.95 49.01
N GLY D 153 -14.80 -0.59 48.56
CA GLY D 153 -13.72 -1.57 48.46
C GLY D 153 -13.25 -2.14 49.80
N ASP D 154 -13.24 -1.30 50.86
CA ASP D 154 -12.87 -1.79 52.19
C ASP D 154 -13.92 -2.73 52.79
N ILE D 155 -15.21 -2.50 52.48
CA ILE D 155 -16.28 -3.42 52.90
C ILE D 155 -16.11 -4.81 52.26
N VAL D 156 -15.80 -4.84 50.99
CA VAL D 156 -15.69 -6.10 50.32
C VAL D 156 -14.48 -6.88 50.80
N LEU D 157 -13.41 -6.20 51.13
CA LEU D 157 -12.19 -6.88 51.55
C LEU D 157 -12.28 -7.39 52.96
N ASP D 158 -13.01 -6.72 53.83
CA ASP D 158 -13.19 -7.22 55.18
C ASP D 158 -14.10 -8.44 55.16
N LYS D 159 -14.98 -8.49 54.19
CA LYS D 159 -15.85 -9.64 54.10
C LYS D 159 -15.04 -10.80 53.60
N LEU D 160 -14.02 -10.49 52.84
CA LEU D 160 -13.19 -11.54 52.28
C LEU D 160 -12.21 -12.08 53.32
N GLY D 161 -11.75 -11.28 54.25
CA GLY D 161 -10.89 -11.75 55.33
C GLY D 161 -11.65 -12.65 56.26
N GLU D 162 -12.95 -12.46 56.41
CA GLU D 162 -13.78 -13.37 57.20
C GLU D 162 -13.84 -14.78 56.60
N ARG D 163 -13.96 -14.87 55.26
CA ARG D 163 -13.93 -16.18 54.58
C ARG D 163 -12.58 -16.89 54.73
N LEU D 164 -11.48 -16.11 54.72
CA LEU D 164 -10.16 -16.69 54.90
C LEU D 164 -9.93 -17.24 56.32
N ALA D 165 -10.54 -16.59 57.32
CA ALA D 165 -10.47 -17.12 58.69
C ALA D 165 -11.22 -18.44 58.85
N ILE D 166 -12.35 -18.60 58.12
CA ILE D 166 -13.10 -19.86 58.10
C ILE D 166 -12.25 -21.00 57.50
N LEU D 167 -11.52 -20.70 56.41
CA LEU D 167 -10.64 -21.71 55.78
C LEU D 167 -9.46 -22.09 56.66
N LEU D 168 -8.95 -21.14 57.47
CA LEU D 168 -7.88 -21.42 58.42
C LEU D 168 -8.30 -22.37 59.54
N LYS D 169 -9.53 -22.19 60.06
CA LYS D 169 -10.04 -23.09 61.12
C LYS D 169 -10.24 -24.52 60.62
N VAL D 170 -10.71 -24.65 59.36
CA VAL D 170 -10.87 -25.96 58.70
C VAL D 170 -9.53 -26.69 58.58
N ARG D 171 -8.49 -25.96 58.13
CA ARG D 171 -7.14 -26.52 57.94
C ARG D 171 -6.52 -27.01 59.24
N ASP D 172 -6.67 -26.21 60.32
CA ASP D 172 -6.06 -26.52 61.62
C ASP D 172 -6.66 -27.75 62.28
N MET D 173 -8.01 -27.89 62.25
CA MET D 173 -8.55 -29.04 62.98
C MET D 173 -8.43 -30.34 62.18
N VAL D 174 -8.39 -30.26 60.83
CA VAL D 174 -8.11 -31.45 60.01
C VAL D 174 -6.69 -31.97 60.25
N SER D 175 -5.71 -31.06 60.33
CA SER D 175 -4.32 -31.47 60.58
C SER D 175 -4.09 -32.04 61.98
N SER D 176 -4.81 -31.51 62.99
CA SER D 176 -4.69 -32.07 64.34
C SER D 176 -5.28 -33.49 64.45
N HIS D 177 -6.40 -33.75 63.76
CA HIS D 177 -6.99 -35.10 63.81
C HIS D 177 -6.13 -36.14 63.08
N VAL D 178 -5.52 -35.74 61.95
CA VAL D 178 -4.65 -36.65 61.19
C VAL D 178 -3.37 -36.97 61.99
N GLU D 179 -2.83 -35.97 62.70
CA GLU D 179 -1.66 -36.19 63.56
C GLU D 179 -1.96 -37.10 64.75
N ARG D 180 -3.20 -37.01 65.29
CA ARG D 180 -3.64 -37.91 66.36
C ARG D 180 -3.71 -39.37 65.90
N VAL D 181 -4.19 -39.58 64.67
CA VAL D 181 -4.29 -40.93 64.10
C VAL D 181 -2.90 -41.55 63.88
N PHE D 182 -1.95 -40.75 63.38
CA PHE D 182 -0.60 -41.28 63.15
C PHE D 182 0.16 -41.50 64.46
N GLN D 183 -0.15 -40.71 65.50
CA GLN D 183 0.43 -40.92 66.83
C GLN D 183 -0.05 -42.23 67.47
N ILE D 184 -1.35 -42.54 67.30
CA ILE D 184 -1.84 -43.79 67.89
C ILE D 184 -1.36 -45.01 67.09
N TYR D 185 -1.10 -44.85 65.79
CA TYR D 185 -0.49 -45.93 65.02
C TYR D 185 0.96 -46.16 65.42
N GLU D 186 1.71 -45.08 65.66
CA GLU D 186 3.10 -45.16 66.10
C GLU D 186 3.23 -45.79 67.48
N GLN D 187 2.25 -45.56 68.35
CA GLN D 187 2.21 -46.24 69.64
C GLN D 187 1.93 -47.73 69.49
N HIS D 188 1.03 -48.12 68.59
CA HIS D 188 0.66 -49.53 68.48
C HIS D 188 1.30 -50.22 67.27
N ALA D 189 2.54 -49.88 66.93
CA ALA D 189 3.11 -50.24 65.62
C ALA D 189 3.73 -51.63 65.59
N ASP D 190 4.68 -51.89 66.49
CA ASP D 190 5.50 -53.10 66.41
C ASP D 190 4.77 -54.38 66.84
N THR D 191 3.62 -54.27 67.51
CA THR D 191 2.90 -55.46 67.94
C THR D 191 2.20 -56.12 66.77
N VAL D 192 1.43 -55.35 66.01
CA VAL D 192 0.86 -55.86 64.77
C VAL D 192 1.95 -55.95 63.71
N GLY D 193 1.83 -56.95 62.84
CA GLY D 193 2.83 -57.14 61.82
C GLY D 193 2.57 -56.26 60.63
N ILE D 194 3.45 -56.40 59.62
CA ILE D 194 3.20 -55.77 58.34
C ILE D 194 2.04 -56.48 57.63
N ASP D 195 1.95 -57.80 57.79
CA ASP D 195 0.94 -58.61 57.11
C ASP D 195 -0.47 -58.38 57.60
N ALA D 196 -0.65 -57.91 58.85
CA ALA D 196 -1.98 -57.52 59.28
C ALA D 196 -2.39 -56.17 58.70
N VAL D 197 -1.44 -55.28 58.45
CA VAL D 197 -1.74 -53.99 57.84
C VAL D 197 -2.04 -54.15 56.36
N LEU D 198 -1.32 -55.05 55.68
CA LEU D 198 -1.45 -55.16 54.23
C LEU D 198 -2.69 -55.92 53.76
N GLN D 199 -3.43 -56.56 54.65
CA GLN D 199 -4.49 -57.46 54.25
C GLN D 199 -5.77 -56.70 53.93
N PRO D 200 -6.33 -56.84 52.72
CA PRO D 200 -7.61 -56.20 52.42
C PRO D 200 -8.79 -57.10 52.74
N SER D 201 -10.01 -56.64 52.48
CA SER D 201 -11.19 -57.43 52.79
C SER D 201 -12.29 -57.11 51.79
N ALA D 202 -13.40 -57.83 51.91
CA ALA D 202 -14.53 -57.67 51.00
C ALA D 202 -15.43 -56.50 51.36
N VAL D 203 -15.28 -55.89 52.53
CA VAL D 203 -16.01 -54.68 52.87
C VAL D 203 -15.12 -53.47 53.07
N SER D 204 -13.84 -53.66 53.38
CA SER D 204 -12.98 -52.55 53.77
C SER D 204 -11.68 -52.59 52.98
N PRO D 205 -11.05 -51.45 52.76
CA PRO D 205 -9.66 -51.44 52.28
C PRO D 205 -8.71 -51.67 53.44
N SER D 206 -7.42 -51.71 53.11
CA SER D 206 -6.41 -51.96 54.12
C SER D 206 -6.14 -50.71 54.94
N VAL D 207 -5.36 -50.89 56.01
CA VAL D 207 -5.01 -49.79 56.92
C VAL D 207 -4.06 -48.82 56.23
N ALA D 208 -3.15 -49.35 55.40
CA ALA D 208 -2.13 -48.54 54.73
C ALA D 208 -2.72 -47.62 53.66
N ASP D 209 -3.75 -48.11 52.95
CA ASP D 209 -4.46 -47.29 51.96
C ASP D 209 -5.20 -46.13 52.61
N MET D 210 -5.85 -46.37 53.76
CA MET D 210 -6.61 -45.33 54.42
C MET D 210 -5.71 -44.29 55.10
N LEU D 211 -4.56 -44.73 55.62
CA LEU D 211 -3.58 -43.79 56.17
C LEU D 211 -2.95 -42.92 55.08
N GLU D 212 -2.68 -43.52 53.91
CA GLU D 212 -2.15 -42.78 52.76
C GLU D 212 -3.16 -41.77 52.21
N TRP D 213 -4.45 -42.14 52.22
CA TRP D 213 -5.50 -41.23 51.77
C TRP D 213 -5.70 -40.05 52.73
N LEU D 214 -5.56 -40.30 54.04
CA LEU D 214 -5.63 -39.24 55.04
C LEU D 214 -4.47 -38.24 54.90
N GLN D 215 -3.28 -38.76 54.60
CA GLN D 215 -2.10 -37.92 54.37
C GLN D 215 -2.25 -37.06 53.10
N ASP D 216 -2.90 -37.62 52.07
CA ASP D 216 -3.22 -36.87 50.84
C ASP D 216 -4.21 -35.72 51.09
N ILE D 217 -5.22 -35.98 51.94
CA ILE D 217 -6.24 -34.98 52.28
C ILE D 217 -5.63 -33.80 53.03
N GLU D 218 -4.72 -34.10 53.97
CA GLU D 218 -4.02 -33.07 54.75
C GLU D 218 -3.12 -32.19 53.88
N ARG D 219 -2.38 -32.80 52.93
CA ARG D 219 -1.48 -32.05 52.05
C ARG D 219 -2.24 -31.16 51.06
N HIS D 220 -3.41 -31.64 50.60
CA HIS D 220 -4.27 -30.86 49.69
C HIS D 220 -4.84 -29.62 50.36
N TYR D 221 -5.25 -29.76 51.64
CA TYR D 221 -5.78 -28.61 52.38
C TYR D 221 -4.71 -27.54 52.67
N ARG D 222 -3.47 -27.98 53.01
CA ARG D 222 -2.36 -27.05 53.26
C ARG D 222 -1.98 -26.24 52.01
N LYS D 223 -1.87 -26.93 50.85
CA LYS D 223 -1.45 -26.28 49.61
C LYS D 223 -2.50 -25.29 49.09
N SER D 224 -3.79 -25.67 49.19
CA SER D 224 -4.85 -24.80 48.69
C SER D 224 -5.02 -23.54 49.55
N TYR D 225 -4.82 -23.68 50.87
CA TYR D 225 -4.89 -22.51 51.75
C TYR D 225 -3.76 -21.51 51.49
N LEU D 226 -2.51 -21.98 51.30
CA LEU D 226 -1.43 -21.00 51.06
C LEU D 226 -1.51 -20.35 49.68
N LYS D 227 -2.01 -21.06 48.66
CA LYS D 227 -2.21 -20.44 47.34
C LYS D 227 -3.28 -19.34 47.38
N ARG D 228 -4.39 -19.60 48.08
CA ARG D 228 -5.44 -18.58 48.22
C ARG D 228 -5.01 -17.40 49.09
N LYS D 229 -4.18 -17.66 50.12
CA LYS D 229 -3.69 -16.60 50.99
C LYS D 229 -2.71 -15.66 50.28
N TYR D 230 -1.83 -16.20 49.42
CA TYR D 230 -0.88 -15.32 48.72
C TYR D 230 -1.57 -14.51 47.62
N LEU D 231 -2.58 -15.11 46.96
CA LEU D 231 -3.40 -14.35 46.02
C LEU D 231 -4.20 -13.24 46.71
N LEU D 232 -4.70 -13.48 47.92
CA LEU D 232 -5.42 -12.43 48.63
C LEU D 232 -4.48 -11.38 49.22
N SER D 233 -3.23 -11.75 49.48
CA SER D 233 -2.27 -10.79 50.01
C SER D 233 -1.63 -9.93 48.94
N SER D 234 -1.81 -10.25 47.65
CA SER D 234 -1.23 -9.38 46.62
C SER D 234 -2.18 -8.30 46.09
N ILE D 235 -3.07 -7.72 46.89
CA ILE D 235 -4.04 -6.73 46.39
C ILE D 235 -3.60 -5.34 46.84
N GLN D 236 -3.38 -4.44 45.86
CA GLN D 236 -2.98 -3.07 46.12
C GLN D 236 -3.82 -2.14 45.26
N TRP D 237 -4.03 -0.92 45.74
CA TRP D 237 -4.86 0.05 45.03
C TRP D 237 -4.04 1.01 44.21
N GLY D 238 -2.82 0.66 43.87
CA GLY D 238 -1.99 1.46 43.00
C GLY D 238 -1.87 0.71 41.67
N ASP D 239 -2.10 -0.59 41.66
CA ASP D 239 -2.09 -1.40 40.43
C ASP D 239 -3.44 -2.00 40.16
N LEU D 240 -4.15 -1.52 39.17
CA LEU D 240 -5.51 -1.99 38.99
C LEU D 240 -5.76 -3.05 37.90
N ALA D 241 -4.79 -3.40 37.08
CA ALA D 241 -4.96 -4.53 36.17
C ALA D 241 -4.98 -5.86 36.92
N ASN D 242 -4.31 -5.88 38.08
CA ASN D 242 -4.28 -7.05 38.96
C ASN D 242 -5.67 -7.36 39.51
N ILE D 243 -6.42 -6.33 39.91
CA ILE D 243 -7.75 -6.49 40.49
C ILE D 243 -8.75 -6.97 39.44
N GLN D 244 -8.54 -6.62 38.19
CA GLN D 244 -9.44 -7.18 37.17
C GLN D 244 -9.03 -8.58 36.66
N ALA D 245 -7.87 -9.06 37.03
CA ALA D 245 -7.46 -10.43 36.67
C ALA D 245 -7.65 -11.39 37.80
N LEU D 246 -7.83 -10.87 39.01
CA LEU D 246 -8.06 -11.73 40.16
C LEU D 246 -9.20 -12.69 39.94
N PRO D 247 -10.26 -12.26 39.28
CA PRO D 247 -11.36 -13.23 39.16
C PRO D 247 -11.01 -14.57 38.51
N LYS D 248 -10.19 -14.59 37.47
CA LYS D 248 -9.81 -15.82 36.76
C LYS D 248 -8.65 -16.57 37.36
N ALA D 249 -7.87 -15.95 38.20
CA ALA D 249 -6.80 -16.68 38.86
C ALA D 249 -7.35 -17.49 40.00
N TRP D 250 -8.48 -17.08 40.55
CA TRP D 250 -9.17 -17.90 41.55
C TRP D 250 -9.76 -19.16 40.94
N ASP D 251 -10.34 -19.05 39.74
CA ASP D 251 -10.83 -20.23 39.03
C ASP D 251 -9.70 -21.11 38.52
N ARG D 252 -8.54 -20.53 38.23
CA ARG D 252 -7.38 -21.31 37.83
C ARG D 252 -6.76 -22.06 39.01
N ILE D 253 -6.88 -21.50 40.22
CA ILE D 253 -6.50 -22.24 41.42
C ILE D 253 -7.43 -23.43 41.63
N SER D 254 -8.74 -23.21 41.45
CA SER D 254 -9.70 -24.30 41.66
C SER D 254 -9.70 -25.34 40.54
N LYS D 255 -9.16 -25.02 39.36
CA LYS D 255 -9.11 -26.00 38.27
C LYS D 255 -7.80 -26.78 38.20
N ASP D 256 -6.83 -26.46 39.03
CA ASP D 256 -5.51 -27.06 38.96
C ASP D 256 -5.40 -28.25 39.92
N GLU D 257 -6.31 -28.37 40.88
CA GLU D 257 -6.23 -29.40 41.91
C GLU D 257 -6.69 -30.75 41.37
N HIS D 258 -6.57 -31.78 42.21
CA HIS D 258 -7.14 -33.07 41.90
C HIS D 258 -8.64 -33.01 42.12
N GLN D 259 -9.41 -33.20 41.06
CA GLN D 259 -10.85 -33.02 41.12
C GLN D 259 -11.53 -34.22 41.76
N ASP D 260 -12.41 -33.93 42.72
CA ASP D 260 -13.20 -34.87 43.53
C ASP D 260 -12.29 -35.84 44.31
N LEU D 261 -11.55 -35.26 45.24
CA LEU D 261 -10.64 -36.08 46.02
C LEU D 261 -11.28 -36.65 47.28
N VAL D 262 -11.98 -35.81 48.05
CA VAL D 262 -12.49 -36.20 49.35
C VAL D 262 -13.71 -37.13 49.21
N GLN D 263 -14.55 -36.88 48.20
CA GLN D 263 -15.79 -37.64 48.01
C GLN D 263 -15.53 -39.07 47.57
N ASP D 264 -14.46 -39.30 46.78
CA ASP D 264 -14.11 -40.65 46.35
C ASP D 264 -13.56 -41.50 47.50
N ILE D 265 -12.76 -40.87 48.39
CA ILE D 265 -12.22 -41.56 49.56
C ILE D 265 -13.33 -41.90 50.54
N LEU D 266 -14.28 -40.99 50.73
CA LEU D 266 -15.41 -41.25 51.63
C LEU D 266 -16.37 -42.30 51.07
N LEU D 267 -16.55 -42.32 49.75
CA LEU D 267 -17.34 -43.37 49.11
C LEU D 267 -16.64 -44.73 49.17
N ASN D 268 -15.31 -44.74 49.18
CA ASN D 268 -14.59 -46.01 49.34
C ASN D 268 -14.66 -46.52 50.77
N VAL D 269 -14.66 -45.63 51.77
CA VAL D 269 -14.63 -46.08 53.16
C VAL D 269 -16.00 -46.14 53.81
N SER D 270 -17.09 -45.82 53.09
CA SER D 270 -18.44 -45.83 53.66
C SER D 270 -18.93 -47.22 54.06
N PHE D 271 -18.53 -48.26 53.33
CA PHE D 271 -18.89 -49.63 53.69
C PHE D 271 -18.16 -50.10 54.95
N PHE D 272 -16.93 -49.65 55.15
CA PHE D 272 -16.21 -49.91 56.38
C PHE D 272 -16.79 -49.11 57.55
N LEU D 273 -17.28 -47.90 57.27
CA LEU D 273 -17.83 -47.05 58.32
C LEU D 273 -19.18 -47.55 58.82
N GLU D 274 -20.04 -47.99 57.92
CA GLU D 274 -21.38 -48.42 58.31
C GLU D 274 -21.41 -49.77 59.00
N GLU D 275 -20.42 -50.61 58.78
CA GLU D 275 -20.42 -51.96 59.33
C GLU D 275 -20.01 -51.97 60.80
N ASP E 76 -86.51 23.74 13.91
CA ASP E 76 -85.09 23.44 13.82
C ASP E 76 -84.82 21.97 13.53
N ARG E 77 -85.78 21.35 12.81
CA ARG E 77 -85.69 19.93 12.47
C ARG E 77 -84.49 19.48 11.62
N PRO E 78 -84.05 20.15 10.52
CA PRO E 78 -82.93 19.56 9.75
C PRO E 78 -81.58 19.64 10.43
N LEU E 79 -81.34 20.64 11.27
CA LEU E 79 -80.10 20.71 12.03
C LEU E 79 -80.04 19.63 13.09
N LEU E 80 -81.18 19.31 13.72
CA LEU E 80 -81.25 18.19 14.64
C LEU E 80 -81.12 16.85 13.94
N ALA E 81 -81.58 16.75 12.68
CA ALA E 81 -81.38 15.54 11.88
C ALA E 81 -79.90 15.29 11.58
N VAL E 82 -79.17 16.35 11.22
CA VAL E 82 -77.74 16.25 10.93
C VAL E 82 -76.95 15.94 12.21
N GLN E 83 -77.35 16.54 13.34
CA GLN E 83 -76.67 16.32 14.61
C GLN E 83 -76.90 14.91 15.15
N GLU E 84 -78.11 14.37 15.02
CA GLU E 84 -78.34 13.01 15.48
C GLU E 84 -77.75 11.96 14.54
N ALA E 85 -77.56 12.29 13.25
CA ALA E 85 -76.81 11.40 12.36
C ALA E 85 -75.34 11.32 12.73
N LEU E 86 -74.74 12.46 13.12
CA LEU E 86 -73.33 12.48 13.55
C LEU E 86 -73.14 11.76 14.88
N LYS E 87 -74.13 11.90 15.78
CA LYS E 87 -74.15 11.16 17.04
C LYS E 87 -74.28 9.66 16.84
N LYS E 88 -75.00 9.23 15.82
CA LYS E 88 -74.98 7.80 15.47
C LYS E 88 -73.64 7.37 14.86
N CYS E 89 -73.01 8.25 14.08
CA CYS E 89 -71.86 7.84 13.27
C CYS E 89 -70.59 7.63 14.07
N PHE E 90 -70.29 8.49 15.06
CA PHE E 90 -69.02 8.34 15.82
C PHE E 90 -68.75 7.07 16.68
N PRO E 91 -69.71 6.49 17.44
CA PRO E 91 -69.39 5.25 18.16
C PRO E 91 -69.29 4.00 17.29
N VAL E 92 -69.69 4.06 16.02
CA VAL E 92 -69.34 2.99 15.08
C VAL E 92 -67.84 2.97 14.84
N VAL E 93 -67.24 4.15 14.65
CA VAL E 93 -65.81 4.33 14.37
C VAL E 93 -64.96 3.91 15.55
N GLU E 94 -65.48 4.06 16.79
CA GLU E 94 -64.77 3.57 17.98
C GLU E 94 -64.59 2.04 18.00
N GLU E 95 -65.66 1.29 17.67
CA GLU E 95 -65.60 -0.17 17.61
C GLU E 95 -64.72 -0.68 16.48
N GLN E 96 -64.81 -0.05 15.30
CA GLN E 96 -63.97 -0.53 14.20
C GLN E 96 -62.50 -0.15 14.36
N GLN E 97 -62.19 0.92 15.10
CA GLN E 97 -60.80 1.22 15.42
C GLN E 97 -60.22 0.18 16.39
N GLY E 98 -61.04 -0.29 17.34
CA GLY E 98 -60.59 -1.38 18.22
C GLY E 98 -60.32 -2.69 17.50
N LEU E 99 -61.18 -3.03 16.51
CA LEU E 99 -60.96 -4.20 15.66
C LEU E 99 -59.69 -4.09 14.82
N TRP E 100 -59.43 -2.89 14.25
CA TRP E 100 -58.24 -2.62 13.45
C TRP E 100 -56.94 -2.77 14.25
N GLN E 101 -56.94 -2.25 15.48
CA GLN E 101 -55.74 -2.34 16.33
C GLN E 101 -55.45 -3.76 16.77
N SER E 102 -56.50 -4.55 17.07
CA SER E 102 -56.32 -5.96 17.40
C SER E 102 -55.79 -6.79 16.23
N ALA E 103 -56.22 -6.46 15.00
CA ALA E 103 -55.73 -7.16 13.81
C ALA E 103 -54.26 -6.88 13.51
N LEU E 104 -53.81 -5.63 13.68
CA LEU E 104 -52.40 -5.30 13.41
C LEU E 104 -51.46 -5.88 14.48
N ARG E 105 -51.93 -5.88 15.74
CA ARG E 105 -51.20 -6.53 16.83
C ARG E 105 -51.10 -8.05 16.64
N ASP E 106 -52.09 -8.68 16.02
CA ASP E 106 -51.91 -10.06 15.61
C ASP E 106 -50.95 -10.20 14.43
N CYS E 107 -50.87 -9.20 13.55
CA CYS E 107 -50.10 -9.34 12.31
C CYS E 107 -48.58 -9.33 12.50
N GLN E 108 -48.07 -8.73 13.58
CA GLN E 108 -46.61 -8.64 13.75
C GLN E 108 -45.80 -9.98 13.92
N PRO E 109 -46.14 -10.92 14.83
CA PRO E 109 -45.22 -12.08 15.01
C PRO E 109 -45.28 -13.15 13.93
N LEU E 110 -46.34 -13.18 13.11
CA LEU E 110 -46.39 -14.07 11.95
C LEU E 110 -45.37 -13.64 10.90
N LEU E 111 -45.14 -12.34 10.76
CA LEU E 111 -44.12 -11.83 9.85
C LEU E 111 -42.72 -12.14 10.37
N SER E 112 -42.54 -12.13 11.70
CA SER E 112 -41.26 -12.62 12.26
C SER E 112 -41.03 -14.11 11.98
N SER E 113 -42.11 -14.91 12.03
CA SER E 113 -42.04 -16.34 11.70
C SER E 113 -41.70 -16.59 10.23
N LEU E 114 -42.27 -15.80 9.31
CA LEU E 114 -41.92 -15.87 7.89
C LEU E 114 -40.46 -15.49 7.62
N SER E 115 -39.94 -14.49 8.35
CA SER E 115 -38.54 -14.09 8.19
C SER E 115 -37.57 -15.20 8.62
N ASN E 116 -37.88 -15.89 9.73
CA ASN E 116 -37.07 -17.04 10.18
C ASN E 116 -37.11 -18.20 9.18
N LEU E 117 -38.29 -18.48 8.63
CA LEU E 117 -38.44 -19.60 7.70
C LEU E 117 -37.78 -19.33 6.34
N ALA E 118 -37.79 -18.07 5.89
CA ALA E 118 -37.07 -17.71 4.66
C ALA E 118 -35.56 -17.77 4.84
N GLU E 119 -35.06 -17.43 6.04
CA GLU E 119 -33.63 -17.59 6.34
C GLU E 119 -33.20 -19.07 6.31
N GLN E 120 -34.04 -19.95 6.88
CA GLN E 120 -33.74 -21.39 6.85
C GLN E 120 -33.80 -21.97 5.43
N LEU E 121 -34.72 -21.48 4.60
CA LEU E 121 -34.82 -21.99 3.24
C LEU E 121 -33.69 -21.51 2.34
N GLN E 122 -33.18 -20.30 2.56
CA GLN E 122 -32.00 -19.84 1.81
C GLN E 122 -30.73 -20.58 2.25
N ALA E 123 -30.64 -20.91 3.56
CA ALA E 123 -29.52 -21.73 4.03
C ALA E 123 -29.59 -23.17 3.50
N ALA E 124 -30.80 -23.69 3.25
CA ALA E 124 -30.92 -25.01 2.64
C ALA E 124 -30.56 -24.98 1.16
N GLN E 125 -30.98 -23.94 0.45
CA GLN E 125 -30.76 -23.89 -1.00
C GLN E 125 -29.33 -23.45 -1.35
N ASN E 126 -28.58 -22.91 -0.38
CA ASN E 126 -27.23 -22.41 -0.61
C ASN E 126 -26.21 -23.51 -0.90
N LEU E 127 -26.30 -24.65 -0.24
CA LEU E 127 -25.23 -25.64 -0.30
C LEU E 127 -25.64 -26.87 -1.10
N ARG E 128 -24.71 -27.81 -1.22
CA ARG E 128 -24.91 -29.05 -1.96
C ARG E 128 -24.87 -30.24 -1.00
N PHE E 129 -25.80 -31.18 -1.21
CA PHE E 129 -25.89 -32.35 -0.36
C PHE E 129 -25.18 -33.56 -0.97
N GLU E 130 -24.48 -33.38 -2.08
CA GLU E 130 -23.81 -34.48 -2.75
C GLU E 130 -22.34 -34.61 -2.36
N ASP E 131 -21.76 -33.59 -1.74
CA ASP E 131 -20.36 -33.62 -1.36
C ASP E 131 -20.12 -33.58 0.13
N VAL E 132 -21.16 -33.40 0.93
CA VAL E 132 -20.97 -33.38 2.38
C VAL E 132 -20.86 -34.81 2.90
N PRO E 133 -19.86 -35.09 3.74
CA PRO E 133 -19.72 -36.44 4.29
C PRO E 133 -20.82 -36.76 5.30
N ALA E 134 -21.07 -38.07 5.44
CA ALA E 134 -22.12 -38.68 6.28
C ALA E 134 -23.51 -38.17 5.96
N LEU E 135 -23.78 -37.87 4.69
CA LEU E 135 -25.13 -37.63 4.23
C LEU E 135 -25.40 -38.33 2.91
N ARG E 136 -24.49 -39.19 2.45
CA ARG E 136 -24.75 -39.97 1.25
C ARG E 136 -25.65 -41.17 1.49
N ALA E 137 -25.87 -41.57 2.74
CA ALA E 137 -26.81 -42.64 3.01
C ALA E 137 -28.27 -42.21 2.87
N PHE E 138 -28.55 -40.91 2.93
CA PHE E 138 -29.89 -40.40 2.71
C PHE E 138 -29.97 -39.77 1.32
N PRO E 139 -30.60 -40.40 0.34
CA PRO E 139 -30.55 -39.89 -1.04
C PRO E 139 -31.71 -39.00 -1.48
N ASP E 140 -32.66 -38.67 -0.62
CA ASP E 140 -33.75 -37.78 -1.02
C ASP E 140 -34.12 -36.82 0.11
N LEU E 141 -33.11 -36.27 0.77
CA LEU E 141 -33.32 -35.46 1.98
C LEU E 141 -33.83 -34.06 1.70
N LYS E 142 -33.35 -33.46 0.59
CA LYS E 142 -33.56 -32.04 0.33
C LYS E 142 -35.02 -31.72 0.00
N GLU E 143 -35.67 -32.63 -0.72
CA GLU E 143 -37.07 -32.44 -1.10
C GLU E 143 -38.00 -32.60 0.09
N ARG E 144 -37.71 -33.54 1.00
CA ARG E 144 -38.54 -33.73 2.19
C ARG E 144 -38.40 -32.55 3.16
N LEU E 145 -37.18 -32.06 3.35
CA LEU E 145 -36.94 -30.88 4.19
C LEU E 145 -37.58 -29.62 3.62
N ARG E 146 -37.50 -29.45 2.28
CA ARG E 146 -38.13 -28.33 1.61
C ARG E 146 -39.65 -28.40 1.65
N ARG E 147 -40.22 -29.62 1.60
CA ARG E 147 -41.67 -29.80 1.69
C ARG E 147 -42.22 -29.40 3.06
N LYS E 148 -41.49 -29.77 4.14
CA LYS E 148 -41.97 -29.40 5.48
C LYS E 148 -41.85 -27.90 5.75
N GLN E 149 -40.77 -27.27 5.24
CA GLN E 149 -40.63 -25.81 5.37
C GLN E 149 -41.69 -25.06 4.57
N LEU E 150 -42.05 -25.59 3.38
CA LEU E 150 -43.04 -24.92 2.54
C LEU E 150 -44.46 -25.06 3.08
N VAL E 151 -44.80 -26.19 3.71
CA VAL E 151 -46.16 -26.30 4.26
C VAL E 151 -46.33 -25.46 5.54
N ALA E 152 -45.24 -25.24 6.32
CA ALA E 152 -45.30 -24.28 7.42
C ALA E 152 -45.49 -22.83 6.92
N GLY E 153 -44.82 -22.49 5.81
CA GLY E 153 -45.03 -21.18 5.19
C GLY E 153 -46.43 -20.94 4.64
N ASP E 154 -47.07 -22.00 4.13
CA ASP E 154 -48.43 -21.86 3.63
C ASP E 154 -49.46 -21.67 4.76
N ILE E 155 -49.21 -22.29 5.92
CA ILE E 155 -50.03 -22.04 7.12
C ILE E 155 -49.95 -20.57 7.59
N VAL E 156 -48.74 -20.01 7.59
CA VAL E 156 -48.55 -18.61 8.03
C VAL E 156 -49.21 -17.62 7.05
N LEU E 157 -49.15 -17.92 5.74
CA LEU E 157 -49.82 -17.07 4.75
C LEU E 157 -51.35 -17.13 4.83
N ASP E 158 -51.92 -18.30 5.21
CA ASP E 158 -53.38 -18.41 5.38
C ASP E 158 -53.87 -17.57 6.57
N LYS E 159 -53.10 -17.56 7.67
CA LYS E 159 -53.44 -16.72 8.82
C LYS E 159 -53.38 -15.22 8.51
N LEU E 160 -52.39 -14.80 7.71
CA LEU E 160 -52.30 -13.40 7.27
C LEU E 160 -53.46 -13.00 6.35
N GLY E 161 -53.96 -13.94 5.52
CA GLY E 161 -55.15 -13.66 4.73
C GLY E 161 -56.42 -13.46 5.54
N GLU E 162 -56.54 -14.19 6.67
CA GLU E 162 -57.68 -13.98 7.58
C GLU E 162 -57.66 -12.60 8.25
N ARG E 163 -56.47 -12.13 8.63
CA ARG E 163 -56.33 -10.77 9.18
C ARG E 163 -56.66 -9.68 8.16
N LEU E 164 -56.30 -9.92 6.88
CA LEU E 164 -56.65 -8.98 5.81
C LEU E 164 -58.16 -8.92 5.55
N ALA E 165 -58.87 -10.05 5.73
CA ALA E 165 -60.32 -10.04 5.60
C ALA E 165 -61.01 -9.21 6.70
N ILE E 166 -60.45 -9.26 7.93
CA ILE E 166 -60.92 -8.41 9.03
C ILE E 166 -60.75 -6.92 8.70
N LEU E 167 -59.59 -6.55 8.11
CA LEU E 167 -59.34 -5.15 7.75
C LEU E 167 -60.26 -4.64 6.62
N LEU E 168 -60.58 -5.51 5.65
CA LEU E 168 -61.47 -5.12 4.55
C LEU E 168 -62.91 -4.91 5.01
N LYS E 169 -63.38 -5.73 5.97
CA LYS E 169 -64.72 -5.56 6.53
C LYS E 169 -64.84 -4.25 7.33
N VAL E 170 -63.77 -3.88 8.05
CA VAL E 170 -63.71 -2.62 8.80
C VAL E 170 -63.81 -1.41 7.86
N ARG E 171 -63.06 -1.45 6.76
CA ARG E 171 -63.02 -0.35 5.78
C ARG E 171 -64.36 -0.14 5.07
N ASP E 172 -65.02 -1.24 4.68
CA ASP E 172 -66.30 -1.13 3.97
C ASP E 172 -67.42 -0.60 4.86
N MET E 173 -67.46 -1.01 6.14
CA MET E 173 -68.55 -0.56 7.00
C MET E 173 -68.39 0.91 7.42
N VAL E 174 -67.15 1.36 7.63
CA VAL E 174 -66.87 2.76 7.97
C VAL E 174 -67.22 3.69 6.79
N SER E 175 -66.89 3.28 5.56
CA SER E 175 -67.19 4.09 4.38
C SER E 175 -68.69 4.19 4.09
N SER E 176 -69.45 3.10 4.33
CA SER E 176 -70.90 3.15 4.13
C SER E 176 -71.61 4.06 5.14
N HIS E 177 -71.14 4.09 6.40
CA HIS E 177 -71.75 5.01 7.37
C HIS E 177 -71.41 6.49 7.09
N VAL E 178 -70.20 6.75 6.57
CA VAL E 178 -69.82 8.12 6.20
C VAL E 178 -70.64 8.64 5.02
N GLU E 179 -70.91 7.78 4.02
CA GLU E 179 -71.77 8.20 2.90
C GLU E 179 -73.23 8.36 3.29
N ARG E 180 -73.68 7.65 4.34
CA ARG E 180 -75.00 7.90 4.92
C ARG E 180 -75.11 9.31 5.51
N VAL E 181 -74.06 9.74 6.23
CA VAL E 181 -74.01 11.08 6.82
C VAL E 181 -74.00 12.18 5.74
N PHE E 182 -73.22 11.97 4.68
CA PHE E 182 -73.17 12.98 3.61
C PHE E 182 -74.45 13.00 2.76
N GLN E 183 -75.14 11.86 2.64
CA GLN E 183 -76.44 11.81 1.96
C GLN E 183 -77.50 12.60 2.71
N ILE E 184 -77.57 12.43 4.03
CA ILE E 184 -78.59 13.14 4.80
C ILE E 184 -78.22 14.62 4.97
N TYR E 185 -76.94 14.98 4.85
CA TYR E 185 -76.59 16.41 4.78
C TYR E 185 -77.00 17.03 3.44
N GLU E 186 -76.76 16.30 2.34
CA GLU E 186 -77.08 16.84 1.01
C GLU E 186 -78.56 16.94 0.74
N GLN E 187 -79.39 16.17 1.45
CA GLN E 187 -80.84 16.30 1.32
C GLN E 187 -81.33 17.62 1.92
N HIS E 188 -80.90 17.96 3.13
CA HIS E 188 -81.45 19.07 3.90
C HIS E 188 -80.61 20.34 3.81
N ALA E 189 -79.74 20.45 2.81
CA ALA E 189 -78.70 21.48 2.84
C ALA E 189 -79.19 22.87 2.48
N ASP E 190 -80.34 23.01 1.84
CA ASP E 190 -80.78 24.33 1.40
C ASP E 190 -81.53 25.09 2.48
N THR E 191 -82.23 24.39 3.36
CA THR E 191 -83.00 25.06 4.42
C THR E 191 -82.10 25.57 5.54
N VAL E 192 -81.02 24.85 5.84
CA VAL E 192 -80.05 25.27 6.84
C VAL E 192 -78.91 25.98 6.14
N GLY E 193 -78.66 27.23 6.49
CA GLY E 193 -77.72 28.05 5.78
C GLY E 193 -76.27 27.76 6.15
N ILE E 194 -75.38 28.55 5.55
CA ILE E 194 -73.95 28.47 5.81
C ILE E 194 -73.63 28.98 7.22
N ASP E 195 -74.41 29.96 7.70
CA ASP E 195 -74.22 30.58 9.00
C ASP E 195 -74.47 29.63 10.16
N ALA E 196 -75.42 28.70 10.02
CA ALA E 196 -75.68 27.75 11.09
C ALA E 196 -74.63 26.66 11.15
N VAL E 197 -74.09 26.25 9.99
CA VAL E 197 -73.03 25.24 9.95
C VAL E 197 -71.72 25.83 10.48
N LEU E 198 -71.47 27.11 10.23
CA LEU E 198 -70.19 27.74 10.54
C LEU E 198 -70.14 28.35 11.94
N GLN E 199 -70.90 27.83 12.90
CA GLN E 199 -71.02 28.46 14.22
C GLN E 199 -70.56 27.53 15.33
N PRO E 200 -69.42 27.78 15.99
CA PRO E 200 -68.99 26.93 17.09
C PRO E 200 -69.65 27.34 18.40
N SER E 201 -69.43 26.53 19.43
CA SER E 201 -70.03 26.78 20.73
C SER E 201 -69.08 26.28 21.82
N ALA E 202 -69.47 26.51 23.07
CA ALA E 202 -68.58 26.26 24.20
C ALA E 202 -68.43 24.78 24.54
N VAL E 203 -69.34 23.93 24.10
CA VAL E 203 -69.19 22.48 24.26
C VAL E 203 -69.02 21.75 22.94
N SER E 204 -69.30 22.39 21.81
CA SER E 204 -69.46 21.70 20.56
C SER E 204 -68.62 22.36 19.47
N PRO E 205 -67.89 21.59 18.67
CA PRO E 205 -67.35 22.12 17.43
C PRO E 205 -68.43 22.22 16.38
N SER E 206 -68.09 22.90 15.28
CA SER E 206 -69.03 23.14 14.21
C SER E 206 -69.26 21.86 13.39
N VAL E 207 -70.31 21.90 12.57
CA VAL E 207 -70.70 20.76 11.74
C VAL E 207 -69.68 20.57 10.61
N ALA E 208 -69.09 21.66 10.13
CA ALA E 208 -68.11 21.64 9.05
C ALA E 208 -66.81 20.94 9.45
N ASP E 209 -66.37 21.19 10.69
CA ASP E 209 -65.18 20.53 11.23
C ASP E 209 -65.38 19.03 11.39
N MET E 210 -66.59 18.62 11.79
CA MET E 210 -66.88 17.20 12.00
C MET E 210 -67.00 16.45 10.67
N LEU E 211 -67.57 17.11 9.65
CA LEU E 211 -67.66 16.49 8.33
C LEU E 211 -66.28 16.36 7.67
N GLU E 212 -65.42 17.37 7.87
CA GLU E 212 -64.03 17.30 7.39
C GLU E 212 -63.23 16.21 8.10
N TRP E 213 -63.46 16.04 9.41
CA TRP E 213 -62.76 15.01 10.18
C TRP E 213 -63.20 13.60 9.79
N LEU E 214 -64.49 13.41 9.49
CA LEU E 214 -64.99 12.11 9.04
C LEU E 214 -64.46 11.73 7.66
N GLN E 215 -64.35 12.73 6.77
CA GLN E 215 -63.76 12.53 5.45
C GLN E 215 -62.28 12.14 5.53
N ASP E 216 -61.55 12.74 6.48
CA ASP E 216 -60.14 12.39 6.72
C ASP E 216 -59.99 10.97 7.27
N ILE E 217 -60.93 10.53 8.12
CA ILE E 217 -60.93 9.17 8.68
C ILE E 217 -61.12 8.12 7.58
N GLU E 218 -62.06 8.39 6.65
CA GLU E 218 -62.33 7.48 5.52
C GLU E 218 -61.13 7.36 4.57
N ARG E 219 -60.46 8.48 4.28
CA ARG E 219 -59.30 8.45 3.38
C ARG E 219 -58.09 7.76 4.01
N HIS E 220 -57.90 7.93 5.35
CA HIS E 220 -56.82 7.27 6.07
C HIS E 220 -56.98 5.75 6.08
N TYR E 221 -58.21 5.27 6.28
CA TYR E 221 -58.49 3.83 6.29
C TYR E 221 -58.29 3.19 4.91
N ARG E 222 -58.73 3.89 3.83
CA ARG E 222 -58.59 3.33 2.48
C ARG E 222 -57.13 3.26 2.02
N LYS E 223 -56.33 4.30 2.32
CA LYS E 223 -54.93 4.33 1.94
C LYS E 223 -54.11 3.27 2.68
N SER E 224 -54.39 3.08 3.99
CA SER E 224 -53.66 2.09 4.78
C SER E 224 -53.97 0.66 4.34
N TYR E 225 -55.24 0.39 4.01
CA TYR E 225 -55.64 -0.94 3.54
C TYR E 225 -55.02 -1.28 2.19
N LEU E 226 -54.95 -0.31 1.26
CA LEU E 226 -54.47 -0.63 -0.07
C LEU E 226 -52.94 -0.81 -0.10
N LYS E 227 -52.23 -0.06 0.77
CA LYS E 227 -50.78 -0.26 0.92
C LYS E 227 -50.44 -1.63 1.53
N ARG E 228 -51.19 -2.05 2.55
CA ARG E 228 -50.95 -3.37 3.15
C ARG E 228 -51.33 -4.52 2.21
N LYS E 229 -52.35 -4.31 1.36
CA LYS E 229 -52.75 -5.32 0.39
C LYS E 229 -51.70 -5.53 -0.70
N TYR E 230 -51.09 -4.43 -1.19
CA TYR E 230 -50.04 -4.59 -2.21
C TYR E 230 -48.77 -5.20 -1.63
N LEU E 231 -48.46 -4.89 -0.37
CA LEU E 231 -47.34 -5.53 0.33
C LEU E 231 -47.56 -7.02 0.53
N LEU E 232 -48.79 -7.43 0.87
CA LEU E 232 -49.03 -8.86 1.02
C LEU E 232 -49.24 -9.58 -0.32
N SER E 233 -49.50 -8.86 -1.40
CA SER E 233 -49.56 -9.49 -2.71
C SER E 233 -48.20 -9.58 -3.40
N SER E 234 -47.16 -8.94 -2.87
CA SER E 234 -45.82 -9.15 -3.45
C SER E 234 -45.01 -10.23 -2.73
N ILE E 235 -45.61 -11.31 -2.23
CA ILE E 235 -44.86 -12.39 -1.57
C ILE E 235 -44.79 -13.59 -2.50
N GLN E 236 -43.57 -14.01 -2.81
CA GLN E 236 -43.33 -15.10 -3.74
C GLN E 236 -42.10 -15.87 -3.28
N TRP E 237 -42.13 -17.19 -3.45
CA TRP E 237 -41.05 -18.02 -2.91
C TRP E 237 -39.81 -18.05 -3.78
N GLY E 238 -39.84 -17.45 -4.97
CA GLY E 238 -38.64 -17.41 -5.80
C GLY E 238 -37.61 -16.41 -5.33
N ASP E 239 -38.03 -15.36 -4.63
CA ASP E 239 -37.13 -14.34 -4.12
C ASP E 239 -37.33 -14.22 -2.61
N LEU E 240 -36.23 -14.25 -1.86
CA LEU E 240 -36.31 -14.36 -0.41
C LEU E 240 -35.81 -13.12 0.33
N ALA E 241 -35.16 -12.18 -0.36
CA ALA E 241 -34.71 -10.95 0.28
C ALA E 241 -35.88 -10.02 0.62
N ASN E 242 -36.92 -9.99 -0.21
CA ASN E 242 -38.08 -9.16 0.13
C ASN E 242 -38.91 -9.80 1.23
N ILE E 243 -38.87 -11.13 1.35
CA ILE E 243 -39.50 -11.81 2.47
C ILE E 243 -38.75 -11.52 3.76
N GLN E 244 -37.42 -11.41 3.70
CA GLN E 244 -36.67 -11.01 4.89
C GLN E 244 -36.81 -9.51 5.19
N ALA E 245 -37.17 -8.68 4.20
CA ALA E 245 -37.35 -7.26 4.43
C ALA E 245 -38.81 -6.82 4.60
N LEU E 246 -39.77 -7.77 4.63
CA LEU E 246 -41.15 -7.44 4.98
C LEU E 246 -41.43 -6.72 6.31
N PRO E 247 -40.87 -7.08 7.49
CA PRO E 247 -41.32 -6.38 8.73
C PRO E 247 -40.84 -4.95 8.87
N LYS E 248 -39.74 -4.57 8.20
CA LYS E 248 -39.34 -3.18 8.17
C LYS E 248 -40.29 -2.33 7.33
N ALA E 249 -40.80 -2.87 6.22
CA ALA E 249 -41.80 -2.17 5.43
C ALA E 249 -43.15 -2.11 6.14
N TRP E 250 -43.50 -3.16 6.89
CA TRP E 250 -44.72 -3.15 7.69
C TRP E 250 -44.65 -2.15 8.85
N ASP E 251 -43.47 -1.97 9.44
CA ASP E 251 -43.33 -0.90 10.43
C ASP E 251 -43.26 0.48 9.78
N ARG E 252 -42.76 0.54 8.54
CA ARG E 252 -42.64 1.80 7.82
C ARG E 252 -44.00 2.37 7.43
N ILE E 253 -44.98 1.50 7.17
CA ILE E 253 -46.34 1.93 6.87
C ILE E 253 -46.97 2.61 8.09
N SER E 254 -46.79 2.03 9.28
CA SER E 254 -47.33 2.62 10.50
C SER E 254 -46.55 3.86 10.94
N LYS E 255 -45.27 3.95 10.60
CA LYS E 255 -44.50 5.14 10.94
C LYS E 255 -44.80 6.30 9.99
N ASP E 256 -45.16 6.00 8.75
CA ASP E 256 -45.29 7.04 7.73
C ASP E 256 -46.56 7.87 7.86
N GLU E 257 -47.64 7.30 8.37
CA GLU E 257 -48.94 7.97 8.34
C GLU E 257 -49.06 8.96 9.51
N HIS E 258 -50.22 9.60 9.61
CA HIS E 258 -50.48 10.53 10.70
C HIS E 258 -50.69 9.73 11.98
N GLN E 259 -50.14 10.24 13.09
CA GLN E 259 -49.83 9.40 14.24
C GLN E 259 -51.06 8.99 15.04
N ASP E 260 -51.75 9.95 15.63
CA ASP E 260 -52.97 9.68 16.38
C ASP E 260 -54.08 10.53 15.77
N LEU E 261 -54.82 9.95 14.83
CA LEU E 261 -55.86 10.69 14.14
C LEU E 261 -57.24 10.44 14.74
N VAL E 262 -57.60 9.18 14.98
CA VAL E 262 -58.96 8.83 15.38
C VAL E 262 -59.20 9.21 16.85
N GLN E 263 -58.16 9.03 17.69
CA GLN E 263 -58.25 9.29 19.13
C GLN E 263 -58.40 10.79 19.43
N ASP E 264 -57.73 11.64 18.67
CA ASP E 264 -57.82 13.08 18.91
C ASP E 264 -59.15 13.66 18.46
N ILE E 265 -59.70 13.14 17.35
CA ILE E 265 -61.02 13.56 16.87
C ILE E 265 -62.11 13.13 17.84
N LEU E 266 -62.01 11.90 18.36
CA LEU E 266 -62.98 11.43 19.36
C LEU E 266 -62.86 12.14 20.70
N LEU E 267 -61.64 12.54 21.08
CA LEU E 267 -61.47 13.34 22.29
C LEU E 267 -61.98 14.76 22.12
N ASN E 268 -61.93 15.30 20.90
CA ASN E 268 -62.56 16.60 20.63
C ASN E 268 -64.08 16.51 20.67
N VAL E 269 -64.67 15.43 20.16
CA VAL E 269 -66.13 15.38 20.03
C VAL E 269 -66.83 14.68 21.19
N SER E 270 -66.08 14.20 22.20
CA SER E 270 -66.70 13.48 23.32
C SER E 270 -67.58 14.36 24.20
N PHE E 271 -67.27 15.66 24.32
CA PHE E 271 -68.13 16.55 25.10
C PHE E 271 -69.42 16.86 24.36
N PHE E 272 -69.41 16.82 23.03
CA PHE E 272 -70.64 16.88 22.26
C PHE E 272 -71.43 15.59 22.38
N LEU E 273 -70.75 14.45 22.48
CA LEU E 273 -71.44 13.16 22.51
C LEU E 273 -72.11 12.89 23.86
N GLU E 274 -71.44 13.18 24.97
CA GLU E 274 -72.04 12.89 26.28
C GLU E 274 -72.98 13.95 26.81
N GLU E 275 -73.26 15.01 26.04
CA GLU E 275 -74.24 15.98 26.45
C GLU E 275 -75.65 15.41 26.28
N PRO F 12 19.86 -60.58 46.21
CA PRO F 12 18.64 -60.47 45.43
C PRO F 12 18.56 -59.13 44.70
N LEU F 13 18.23 -59.16 43.41
CA LEU F 13 18.20 -57.96 42.59
C LEU F 13 16.76 -57.50 42.37
N LEU F 14 16.56 -56.20 42.43
CA LEU F 14 15.26 -55.57 42.24
C LEU F 14 15.34 -54.57 41.09
N LYS F 15 14.29 -54.52 40.28
CA LYS F 15 14.28 -53.63 39.13
C LYS F 15 13.87 -52.22 39.54
N LEU F 16 14.14 -51.26 38.66
CA LEU F 16 13.77 -49.87 38.86
C LEU F 16 12.80 -49.45 37.77
N LEU F 17 11.72 -48.80 38.18
CA LEU F 17 10.63 -48.39 37.30
C LEU F 17 10.37 -46.91 37.49
N PRO F 18 9.85 -46.22 36.47
CA PRO F 18 9.43 -44.83 36.66
C PRO F 18 8.21 -44.70 37.55
N LEU F 19 8.16 -43.58 38.27
CA LEU F 19 7.15 -43.32 39.28
C LEU F 19 5.83 -42.87 38.65
N ASP F 20 4.74 -43.10 39.39
CA ASP F 20 3.40 -42.80 38.92
C ASP F 20 3.09 -41.31 39.11
N ALA F 21 1.91 -40.89 38.68
CA ALA F 21 1.53 -39.49 38.80
C ALA F 21 1.08 -39.12 40.21
N ARG F 22 0.89 -40.09 41.11
CA ARG F 22 0.54 -39.79 42.49
C ARG F 22 1.73 -39.77 43.43
N ASP F 23 2.90 -40.24 42.99
CA ASP F 23 4.11 -40.20 43.79
C ASP F 23 5.03 -39.05 43.44
N ARG F 24 4.63 -38.17 42.52
CA ARG F 24 5.51 -37.12 42.05
C ARG F 24 5.55 -35.99 43.08
N GLY F 25 6.68 -35.86 43.77
CA GLY F 25 6.81 -34.84 44.78
C GLY F 25 6.22 -35.18 46.12
N THR F 26 6.14 -36.47 46.47
CA THR F 26 5.60 -36.89 47.74
C THR F 26 6.61 -37.53 48.68
N GLN F 27 7.83 -37.82 48.19
CA GLN F 27 8.93 -38.52 48.89
C GLN F 27 8.48 -39.90 49.39
N ARG F 28 8.09 -40.76 48.45
CA ARG F 28 7.57 -42.09 48.75
C ARG F 28 8.33 -43.15 47.95
N CYS F 29 8.76 -44.19 48.64
CA CYS F 29 9.43 -45.33 48.01
C CYS F 29 8.51 -46.54 48.08
N ARG F 30 8.26 -47.15 46.93
CA ARG F 30 7.29 -48.24 46.83
C ARG F 30 8.01 -49.57 46.77
N LEU F 31 7.92 -50.34 47.85
CA LEU F 31 8.61 -51.62 47.98
C LEU F 31 7.60 -52.76 48.04
N GLY F 32 8.07 -53.97 47.76
CA GLY F 32 7.29 -55.16 47.94
C GLY F 32 7.32 -55.65 49.38
N PRO F 33 6.51 -56.67 49.67
CA PRO F 33 6.38 -57.14 51.06
C PRO F 33 7.57 -57.94 51.58
N ALA F 34 8.27 -58.66 50.69
CA ALA F 34 9.44 -59.42 51.12
C ALA F 34 10.62 -58.50 51.44
N ALA F 35 10.76 -57.39 50.71
CA ALA F 35 11.78 -56.41 51.03
C ALA F 35 11.46 -55.64 52.30
N LEU F 36 10.17 -55.43 52.59
CA LEU F 36 9.80 -54.82 53.86
C LEU F 36 9.96 -55.78 55.03
N HIS F 37 9.82 -57.08 54.78
CA HIS F 37 10.12 -58.07 55.82
C HIS F 37 11.62 -58.16 56.07
N ALA F 38 12.43 -58.06 55.01
CA ALA F 38 13.88 -58.15 55.18
C ALA F 38 14.47 -56.89 55.79
N LEU F 39 13.90 -55.73 55.49
CA LEU F 39 14.37 -54.49 56.11
C LEU F 39 13.87 -54.35 57.55
N GLY F 40 12.72 -54.93 57.87
CA GLY F 40 12.11 -54.75 59.18
C GLY F 40 11.57 -53.35 59.41
N ALA F 41 10.99 -52.74 58.39
CA ALA F 41 10.54 -51.36 58.45
C ALA F 41 9.03 -51.30 58.62
N ARG F 42 8.57 -50.23 59.26
CA ARG F 42 7.14 -49.96 59.35
C ARG F 42 6.73 -49.08 58.18
N LEU F 43 5.52 -48.55 58.23
CA LEU F 43 5.09 -47.59 57.23
C LEU F 43 5.66 -46.22 57.56
N GLY F 44 6.25 -45.56 56.58
CA GLY F 44 6.76 -44.22 56.78
C GLY F 44 8.13 -44.13 57.40
N SER F 45 8.81 -45.24 57.61
CA SER F 45 10.15 -45.19 58.19
C SER F 45 11.18 -44.82 57.13
N ALA F 46 12.31 -44.31 57.58
CA ALA F 46 13.27 -43.66 56.70
C ALA F 46 14.22 -44.68 56.09
N VAL F 47 14.33 -44.66 54.77
CA VAL F 47 15.17 -45.58 54.02
C VAL F 47 16.18 -44.76 53.24
N LYS F 48 17.46 -45.04 53.47
CA LYS F 48 18.53 -44.38 52.73
C LYS F 48 18.91 -45.26 51.55
N ILE F 49 18.88 -44.68 50.36
CA ILE F 49 19.15 -45.38 49.12
C ILE F 49 20.48 -44.86 48.58
N SER F 50 21.47 -45.73 48.55
CA SER F 50 22.74 -45.43 47.88
C SER F 50 22.57 -45.67 46.40
N LEU F 51 22.64 -44.59 45.62
CA LEU F 51 22.38 -44.65 44.18
C LEU F 51 23.53 -45.35 43.45
N PRO F 52 23.27 -45.94 42.28
CA PRO F 52 24.37 -46.61 41.55
C PRO F 52 25.37 -45.65 40.93
N ASP F 53 24.91 -44.52 40.41
CA ASP F 53 25.83 -43.56 39.80
C ASP F 53 26.25 -42.48 40.79
N GLY F 54 26.69 -42.88 41.97
CA GLY F 54 27.11 -41.94 43.00
C GLY F 54 25.98 -41.25 43.75
N GLY F 55 26.26 -40.80 44.96
CA GLY F 55 25.28 -40.06 45.73
C GLY F 55 24.26 -40.97 46.40
N SER F 56 23.35 -40.32 47.13
CA SER F 56 22.36 -41.05 47.91
C SER F 56 21.13 -40.17 48.09
N CYS F 57 20.03 -40.80 48.49
CA CYS F 57 18.80 -40.07 48.77
C CYS F 57 18.10 -40.70 49.97
N LEU F 58 17.13 -39.97 50.52
CA LEU F 58 16.41 -40.39 51.72
C LEU F 58 14.93 -40.40 51.40
N CYS F 59 14.25 -41.50 51.73
CA CYS F 59 12.86 -41.70 51.32
C CYS F 59 12.07 -42.34 52.46
N THR F 60 10.75 -42.48 52.23
CA THR F 60 9.85 -43.13 53.16
C THR F 60 9.29 -44.41 52.54
N ALA F 61 9.15 -45.46 53.33
CA ALA F 61 8.77 -46.78 52.84
C ALA F 61 7.26 -46.95 52.88
N TRP F 62 6.65 -47.19 51.72
CA TRP F 62 5.23 -47.43 51.58
C TRP F 62 5.03 -48.65 50.67
N PRO F 63 4.00 -49.46 50.90
CA PRO F 63 3.84 -50.69 50.12
C PRO F 63 3.12 -50.48 48.80
N ARG F 64 3.39 -51.41 47.87
CA ARG F 64 2.66 -51.43 46.61
C ARG F 64 1.28 -52.03 46.82
N ARG F 65 0.34 -51.63 45.96
CA ARG F 65 -1.02 -52.15 46.07
C ARG F 65 -1.13 -53.58 45.56
N ASP F 66 -0.23 -53.99 44.66
CA ASP F 66 -0.34 -55.28 43.99
C ASP F 66 0.08 -56.43 44.89
N GLY F 67 1.00 -56.19 45.82
CA GLY F 67 1.53 -57.24 46.65
C GLY F 67 2.65 -58.04 46.01
N ALA F 68 3.09 -57.66 44.82
CA ALA F 68 4.13 -58.39 44.11
C ALA F 68 5.51 -57.84 44.46
N ASP F 69 6.46 -58.74 44.59
CA ASP F 69 7.80 -58.41 45.05
C ASP F 69 8.82 -58.66 43.95
N GLY F 70 9.73 -57.70 43.79
CA GLY F 70 10.72 -57.75 42.73
C GLY F 70 10.89 -56.42 42.02
N PHE F 71 10.21 -55.37 42.51
CA PHE F 71 10.22 -54.07 41.85
C PHE F 71 10.43 -52.97 42.88
N VAL F 72 11.06 -51.86 42.45
CA VAL F 72 11.39 -50.71 43.30
C VAL F 72 11.10 -49.45 42.51
N GLN F 73 10.34 -48.52 43.11
CA GLN F 73 10.19 -47.16 42.60
C GLN F 73 10.65 -46.18 43.67
N LEU F 74 11.15 -45.02 43.25
CA LEU F 74 11.69 -44.05 44.19
C LEU F 74 11.53 -42.63 43.65
N ASP F 75 11.29 -41.68 44.56
CA ASP F 75 11.12 -40.27 44.22
C ASP F 75 12.16 -39.42 44.94
N PRO F 76 13.20 -38.92 44.26
CA PRO F 76 14.26 -38.17 44.95
C PRO F 76 13.88 -36.72 45.18
N LEU F 77 13.62 -36.39 46.43
CA LEU F 77 13.38 -35.01 46.83
C LEU F 77 14.47 -34.46 47.72
N CYS F 78 14.94 -35.26 48.67
CA CYS F 78 16.09 -34.93 49.50
C CYS F 78 17.28 -35.64 48.88
N ALA F 79 18.11 -34.88 48.15
CA ALA F 79 19.14 -35.50 47.33
C ALA F 79 20.50 -34.87 47.58
N SER F 80 21.54 -35.60 47.21
CA SER F 80 22.87 -35.00 47.10
C SER F 80 22.89 -34.07 45.88
N PRO F 81 23.69 -33.00 45.90
CA PRO F 81 23.64 -32.03 44.80
C PRO F 81 24.25 -32.57 43.51
N GLY F 82 23.46 -32.51 42.44
CA GLY F 82 23.82 -33.17 41.20
C GLY F 82 23.77 -34.68 41.30
N ALA F 83 22.76 -35.21 41.99
CA ALA F 83 22.56 -36.65 42.04
C ALA F 83 21.12 -37.01 41.75
N ALA F 84 20.44 -36.20 40.93
CA ALA F 84 19.08 -36.51 40.47
C ALA F 84 19.17 -37.36 39.20
N VAL F 85 19.60 -38.60 39.39
CA VAL F 85 19.88 -39.53 38.30
C VAL F 85 18.89 -40.68 38.35
N GLY F 86 17.71 -40.42 38.91
CA GLY F 86 16.70 -41.45 39.09
C GLY F 86 15.81 -41.71 37.88
N ALA F 87 16.18 -41.17 36.72
CA ALA F 87 15.52 -41.53 35.48
C ALA F 87 15.88 -42.96 35.10
N SER F 88 14.89 -43.70 34.61
CA SER F 88 15.01 -45.15 34.44
C SER F 88 14.68 -45.55 33.00
N ARG F 89 15.32 -44.89 32.04
CA ARG F 89 15.16 -45.25 30.64
C ARG F 89 15.86 -46.57 30.33
N SER F 90 17.08 -46.75 30.82
CA SER F 90 17.87 -47.93 30.54
C SER F 90 17.51 -49.12 31.42
N ARG F 91 16.66 -48.90 32.44
CA ARG F 91 16.16 -49.90 33.40
C ARG F 91 17.30 -50.59 34.14
N ARG F 92 18.02 -49.82 34.94
CA ARG F 92 19.04 -50.42 35.78
C ARG F 92 18.39 -51.15 36.95
N SER F 93 19.13 -52.10 37.48
CA SER F 93 18.66 -52.90 38.60
C SER F 93 19.48 -52.56 39.83
N LEU F 94 18.83 -52.60 40.96
CA LEU F 94 19.49 -52.26 42.17
C LEU F 94 19.51 -53.49 42.97
N SER F 95 20.52 -53.64 43.79
CA SER F 95 20.66 -54.79 44.61
C SER F 95 20.07 -54.42 45.91
N LEU F 96 19.83 -55.37 46.79
CA LEU F 96 19.19 -54.93 48.03
C LEU F 96 20.23 -54.48 49.03
N ASN F 97 21.49 -54.83 48.84
CA ASN F 97 22.45 -54.44 49.83
C ASN F 97 22.64 -52.93 49.91
N ARG F 98 21.97 -52.17 49.05
CA ARG F 98 22.15 -50.73 49.02
C ARG F 98 21.05 -49.92 49.69
N LEU F 99 20.17 -50.55 50.42
CA LEU F 99 19.12 -49.82 51.11
C LEU F 99 19.25 -50.03 52.60
N LEU F 100 19.29 -48.95 53.35
CA LEU F 100 19.38 -49.08 54.79
C LEU F 100 18.30 -48.42 55.61
N LEU F 101 17.99 -49.01 56.74
CA LEU F 101 17.01 -48.53 57.69
C LEU F 101 17.72 -47.64 58.71
N VAL F 102 17.36 -46.36 58.72
CA VAL F 102 18.15 -45.31 59.35
C VAL F 102 17.31 -44.70 60.46
N PRO F 103 17.81 -44.65 61.70
CA PRO F 103 17.01 -44.08 62.80
C PRO F 103 16.99 -42.55 62.76
N CYS F 104 15.81 -41.99 63.01
CA CYS F 104 15.59 -40.56 62.95
C CYS F 104 15.23 -40.02 64.32
N PRO F 105 16.17 -39.42 65.05
CA PRO F 105 15.79 -38.69 66.26
C PRO F 105 15.16 -37.36 65.88
N PRO F 106 14.40 -36.77 66.78
CA PRO F 106 13.84 -35.48 66.44
C PRO F 106 14.86 -34.37 66.60
N LEU F 107 14.65 -33.27 65.92
CA LEU F 107 15.57 -32.19 65.99
C LEU F 107 15.07 -31.03 66.82
N ARG F 108 15.96 -30.12 67.15
CA ARG F 108 15.58 -28.94 67.90
C ARG F 108 15.95 -27.69 67.12
N ARG F 109 17.04 -27.74 66.37
CA ARG F 109 17.40 -26.61 65.53
C ARG F 109 17.94 -26.93 64.14
N VAL F 110 17.42 -26.36 63.07
CA VAL F 110 18.07 -26.64 61.80
C VAL F 110 18.77 -25.39 61.31
N ALA F 111 19.53 -25.54 60.21
CA ALA F 111 20.14 -24.40 59.53
C ALA F 111 20.00 -24.62 58.03
N VAL F 112 19.36 -23.69 57.35
CA VAL F 112 19.07 -23.81 55.93
C VAL F 112 19.63 -22.61 55.18
N TRP F 113 20.01 -22.84 53.93
CA TRP F 113 20.39 -21.78 53.00
C TRP F 113 19.43 -21.84 51.82
N PRO F 114 18.61 -20.80 51.58
CA PRO F 114 17.58 -20.90 50.55
C PRO F 114 18.02 -20.41 49.18
N VAL F 115 17.55 -21.10 48.16
CA VAL F 115 17.64 -20.64 46.78
C VAL F 115 16.24 -20.20 46.39
N LEU F 116 16.10 -18.90 46.14
CA LEU F 116 14.81 -18.27 45.86
C LEU F 116 14.58 -18.17 44.36
N ARG F 117 13.33 -18.00 43.99
CA ARG F 117 12.96 -17.89 42.59
C ARG F 117 13.29 -16.48 42.07
N GLU F 118 13.33 -16.36 40.75
CA GLU F 118 13.64 -15.09 40.12
C GLU F 118 12.45 -14.14 40.13
N ASN F 127 11.17 -10.16 51.68
CA ASN F 127 11.66 -9.97 53.05
C ASN F 127 11.99 -11.27 53.75
N THR F 128 12.50 -11.17 54.98
CA THR F 128 13.01 -12.35 55.68
C THR F 128 11.89 -13.22 56.23
N ALA F 129 10.76 -12.61 56.62
CA ALA F 129 9.68 -13.34 57.27
C ALA F 129 8.92 -14.25 56.31
N ALA F 130 8.75 -13.85 55.05
CA ALA F 130 8.07 -14.70 54.08
C ALA F 130 8.95 -15.88 53.66
N VAL F 131 10.26 -15.65 53.58
CA VAL F 131 11.21 -16.72 53.27
C VAL F 131 11.30 -17.73 54.42
N LEU F 132 11.23 -17.23 55.66
CA LEU F 132 11.21 -18.11 56.84
C LEU F 132 9.89 -18.88 56.94
N GLU F 133 8.77 -18.27 56.57
CA GLU F 133 7.49 -18.96 56.58
C GLU F 133 7.40 -20.02 55.49
N ALA F 134 7.96 -19.75 54.31
CA ALA F 134 7.98 -20.76 53.26
C ALA F 134 8.97 -21.89 53.56
N ALA F 135 10.00 -21.65 54.33
CA ALA F 135 10.88 -22.75 54.74
C ALA F 135 10.22 -23.67 55.77
N GLN F 136 9.46 -23.11 56.68
CA GLN F 136 8.79 -23.91 57.68
C GLN F 136 7.74 -24.71 56.99
N GLU F 137 7.10 -24.12 56.01
CA GLU F 137 6.02 -24.85 55.40
C GLU F 137 6.51 -25.99 54.51
N LEU F 138 7.61 -25.84 53.81
CA LEU F 138 8.14 -26.95 53.03
C LEU F 138 8.67 -28.08 53.89
N LEU F 139 9.43 -27.77 54.90
CA LEU F 139 10.02 -28.77 55.74
C LEU F 139 9.16 -29.03 56.92
N ARG F 140 7.97 -29.52 56.73
CA ARG F 140 7.18 -29.86 57.87
C ARG F 140 6.93 -31.35 57.91
N ASN F 141 7.55 -32.00 58.86
CA ASN F 141 7.39 -33.45 59.06
C ASN F 141 8.10 -34.26 57.96
N ARG F 142 9.41 -34.03 57.83
CA ARG F 142 10.20 -34.72 56.83
C ARG F 142 11.50 -35.24 57.42
N PRO F 143 12.03 -36.35 56.89
CA PRO F 143 13.38 -36.76 57.28
C PRO F 143 14.46 -36.21 56.34
N ILE F 144 15.46 -35.54 56.88
CA ILE F 144 16.50 -34.89 56.10
C ILE F 144 17.87 -35.22 56.67
N SER F 145 18.89 -35.13 55.83
CA SER F 145 20.26 -35.41 56.22
C SER F 145 21.13 -34.20 55.92
N LEU F 146 22.43 -34.33 56.21
CA LEU F 146 23.36 -33.21 56.13
C LEU F 146 24.01 -33.12 54.76
N GLY F 147 24.17 -31.91 54.26
CA GLY F 147 24.68 -31.69 52.92
C GLY F 147 23.70 -32.11 51.85
N HIS F 148 22.41 -31.88 52.07
CA HIS F 148 21.36 -32.34 51.17
C HIS F 148 20.56 -31.15 50.66
N VAL F 149 20.07 -31.31 49.43
CA VAL F 149 19.20 -30.35 48.78
C VAL F 149 17.77 -30.85 48.91
N VAL F 150 16.91 -30.01 49.45
CA VAL F 150 15.47 -30.25 49.47
C VAL F 150 14.86 -29.39 48.37
N VAL F 151 14.22 -30.04 47.42
CA VAL F 151 13.68 -29.40 46.22
C VAL F 151 12.19 -29.23 46.43
N ALA F 152 11.68 -28.04 46.13
CA ALA F 152 10.25 -27.80 46.21
C ALA F 152 9.51 -28.57 45.10
N PRO F 153 8.32 -29.08 45.39
CA PRO F 153 7.51 -29.74 44.34
C PRO F 153 6.99 -28.73 43.34
N PRO F 154 6.66 -29.15 42.11
CA PRO F 154 6.13 -28.20 41.12
C PRO F 154 4.72 -27.75 41.47
N GLY F 155 4.46 -26.47 41.24
CA GLY F 155 3.21 -25.88 41.65
C GLY F 155 3.15 -25.49 43.11
N ALA F 156 4.29 -25.41 43.80
CA ALA F 156 4.29 -25.04 45.20
C ALA F 156 4.05 -23.53 45.34
N PRO F 157 3.30 -23.10 46.35
CA PRO F 157 3.15 -21.66 46.58
C PRO F 157 4.39 -21.06 47.22
N GLY F 158 4.57 -19.77 46.99
CA GLY F 158 5.63 -19.06 47.66
C GLY F 158 6.78 -18.65 46.78
N LEU F 159 7.97 -18.58 47.37
CA LEU F 159 9.13 -18.07 46.65
C LEU F 159 10.40 -18.88 46.85
N VAL F 160 10.40 -19.89 47.72
CA VAL F 160 11.59 -20.72 47.95
C VAL F 160 11.58 -21.86 46.94
N ALA F 161 12.62 -21.94 46.12
CA ALA F 161 12.73 -23.03 45.18
C ALA F 161 13.51 -24.21 45.74
N ALA F 162 14.55 -23.94 46.53
CA ALA F 162 15.32 -25.04 47.09
C ALA F 162 15.88 -24.64 48.45
N LEU F 163 16.25 -25.64 49.23
CA LEU F 163 16.95 -25.44 50.49
C LEU F 163 18.18 -26.32 50.52
N HIS F 164 19.28 -25.78 51.06
CA HIS F 164 20.48 -26.56 51.32
C HIS F 164 20.63 -26.70 52.84
N ILE F 165 20.80 -27.93 53.30
CA ILE F 165 20.89 -28.19 54.74
C ILE F 165 22.34 -28.02 55.18
N VAL F 166 22.57 -27.13 56.16
CA VAL F 166 23.91 -26.79 56.59
C VAL F 166 24.25 -27.43 57.93
N GLY F 167 23.38 -27.31 58.93
CA GLY F 167 23.71 -27.85 60.23
C GLY F 167 22.52 -27.99 61.14
N GLY F 168 22.75 -28.69 62.25
CA GLY F 168 21.74 -28.95 63.25
C GLY F 168 22.33 -29.45 64.54
N THR F 169 21.65 -29.22 65.66
CA THR F 169 22.23 -29.46 66.97
C THR F 169 22.19 -30.93 67.43
N PRO F 170 21.13 -31.76 67.13
CA PRO F 170 21.34 -33.21 67.30
C PRO F 170 21.97 -33.92 66.11
N SER F 171 22.68 -33.18 65.24
CA SER F 171 23.64 -33.63 64.24
C SER F 171 23.10 -34.56 63.16
N PRO F 172 22.40 -34.03 62.07
CA PRO F 172 21.85 -34.89 61.01
C PRO F 172 22.83 -35.57 60.04
N ASP F 173 23.91 -36.12 60.57
CA ASP F 173 24.78 -36.98 59.78
C ASP F 173 24.22 -38.40 59.59
N PRO F 174 23.63 -39.11 60.61
CA PRO F 174 22.74 -40.22 60.25
C PRO F 174 21.28 -39.80 60.20
N ALA F 175 21.02 -38.53 59.86
CA ALA F 175 19.74 -37.92 59.53
C ALA F 175 18.77 -37.80 60.71
N GLY F 176 17.62 -37.18 60.48
CA GLY F 176 16.68 -36.93 61.56
C GLY F 176 15.45 -36.24 61.04
N LEU F 177 14.49 -36.07 61.94
CA LEU F 177 13.13 -35.68 61.59
C LEU F 177 12.82 -34.27 62.08
N VAL F 178 12.35 -33.41 61.19
CA VAL F 178 11.83 -32.12 61.62
C VAL F 178 10.39 -32.30 62.09
N THR F 179 10.05 -31.58 63.07
CA THR F 179 8.85 -31.60 63.88
C THR F 179 8.17 -30.25 63.71
N PRO F 180 6.85 -30.13 63.95
CA PRO F 180 6.23 -28.79 63.98
C PRO F 180 6.76 -27.83 65.04
N ARG F 181 7.40 -28.29 66.11
CA ARG F 181 7.95 -27.39 67.12
C ARG F 181 9.47 -27.24 67.04
N THR F 182 10.10 -27.61 65.93
CA THR F 182 11.53 -27.34 65.78
C THR F 182 11.72 -25.89 65.31
N ARG F 183 12.96 -25.42 65.38
CA ARG F 183 13.31 -24.05 65.00
C ARG F 183 14.04 -24.03 63.67
N VAL F 184 13.74 -23.04 62.85
CA VAL F 184 14.36 -22.90 61.53
C VAL F 184 15.16 -21.60 61.52
N SER F 185 16.45 -21.71 61.28
CA SER F 185 17.34 -20.56 61.22
C SER F 185 18.01 -20.51 59.85
N LEU F 186 18.43 -19.31 59.45
CA LEU F 186 18.99 -19.08 58.12
C LEU F 186 20.47 -18.75 58.22
N GLY F 187 21.32 -19.69 57.83
CA GLY F 187 22.72 -19.43 57.58
C GLY F 187 23.04 -19.59 56.10
N GLY F 188 24.29 -19.33 55.75
CA GLY F 188 24.66 -19.52 54.35
C GLY F 188 26.12 -19.68 54.02
N GLU F 189 26.46 -20.80 53.35
CA GLU F 189 27.80 -21.07 52.85
C GLU F 189 27.60 -22.08 51.73
N PRO F 190 27.63 -21.66 50.47
CA PRO F 190 27.66 -22.60 49.33
C PRO F 190 29.08 -22.89 48.84
N PRO F 191 29.77 -23.94 49.34
CA PRO F 191 31.12 -24.24 48.85
C PRO F 191 31.15 -24.76 47.41
N GLU F 199 35.82 -23.68 26.23
CA GLU F 199 35.25 -22.56 25.49
C GLU F 199 36.38 -21.90 24.70
N VAL F 200 36.08 -21.46 23.49
CA VAL F 200 37.08 -20.91 22.57
C VAL F 200 37.44 -19.49 23.01
N PRO F 201 38.73 -19.20 23.25
CA PRO F 201 39.10 -17.84 23.68
C PRO F 201 39.05 -16.81 22.58
N LEU F 202 39.18 -17.26 21.31
CA LEU F 202 39.21 -16.39 20.10
C LEU F 202 40.19 -15.21 20.14
N GLY F 203 41.33 -15.36 19.51
CA GLY F 203 42.32 -14.29 19.48
C GLY F 203 42.14 -13.55 18.19
N GLY F 204 42.67 -12.36 18.11
CA GLY F 204 42.56 -11.57 16.91
C GLY F 204 41.67 -10.39 17.13
N LEU F 205 40.84 -10.47 18.15
CA LEU F 205 39.97 -9.36 18.47
C LEU F 205 40.47 -8.67 19.73
N SER F 206 41.63 -9.08 20.22
CA SER F 206 42.23 -8.41 21.37
C SER F 206 42.22 -6.87 21.30
N GLU F 207 42.64 -6.30 20.19
CA GLU F 207 42.61 -4.85 20.05
C GLU F 207 41.22 -4.30 20.24
N ALA F 208 40.18 -4.99 19.80
CA ALA F 208 38.85 -4.37 19.94
C ALA F 208 38.12 -4.85 21.15
N ALA F 209 38.58 -5.93 21.72
CA ALA F 209 37.96 -6.37 22.95
C ALA F 209 38.18 -5.41 24.10
N ASP F 210 39.34 -4.83 24.22
CA ASP F 210 39.48 -3.86 25.29
C ASP F 210 38.95 -2.48 24.93
N SER F 211 38.78 -2.15 23.66
CA SER F 211 38.10 -0.90 23.33
C SER F 211 36.67 -0.97 23.84
N LEU F 212 36.05 -2.14 23.82
CA LEU F 212 34.70 -2.31 24.36
C LEU F 212 34.65 -2.06 25.85
N ARG F 213 35.67 -2.52 26.56
CA ARG F 213 35.63 -2.34 27.99
C ARG F 213 35.93 -0.93 28.37
N GLU F 214 36.80 -0.24 27.65
CA GLU F 214 36.93 1.13 28.13
C GLU F 214 35.62 1.91 28.09
N LEU F 215 34.62 1.42 27.36
CA LEU F 215 33.28 2.00 27.43
C LEU F 215 32.46 1.31 28.51
N LEU F 216 32.28 0.00 28.41
CA LEU F 216 31.19 -0.66 29.12
C LEU F 216 31.52 -1.03 30.56
N ARG F 217 32.75 -0.83 31.04
CA ARG F 217 33.08 -1.15 32.43
C ARG F 217 32.45 -0.17 33.40
N LEU F 218 32.36 1.10 33.00
CA LEU F 218 31.79 2.14 33.86
C LEU F 218 30.27 2.02 34.06
N PRO F 219 29.40 1.53 33.07
CA PRO F 219 28.07 1.05 33.44
C PRO F 219 28.00 -0.44 33.81
N LEU F 220 28.96 -0.89 34.63
CA LEU F 220 28.87 -2.19 35.29
C LEU F 220 29.27 -2.11 36.76
N ARG F 221 29.79 -0.98 37.21
CA ARG F 221 30.22 -0.78 38.58
C ARG F 221 29.35 0.31 39.21
N TYR F 222 28.04 0.19 38.97
CA TYR F 222 27.07 1.25 39.24
C TYR F 222 26.00 0.76 40.23
N PRO F 223 26.23 0.92 41.58
CA PRO F 223 25.15 0.80 42.56
C PRO F 223 24.53 2.15 42.88
N ARG F 224 24.00 2.82 41.86
CA ARG F 224 23.51 4.20 41.84
C ARG F 224 24.57 5.21 42.27
N ALA F 225 25.85 4.94 41.97
CA ALA F 225 26.91 5.87 42.30
C ALA F 225 27.01 6.99 41.26
N LEU F 226 26.71 6.68 39.99
CA LEU F 226 26.73 7.72 38.97
C LEU F 226 25.43 8.52 38.96
N THR F 227 24.52 8.13 39.83
CA THR F 227 23.34 8.92 39.98
C THR F 227 23.85 10.03 40.84
N ALA F 228 24.59 9.67 41.88
CA ALA F 228 25.07 10.65 42.82
C ALA F 228 26.08 11.65 42.26
N LEU F 229 27.01 11.20 41.45
CA LEU F 229 28.02 12.08 40.95
C LEU F 229 28.32 11.86 39.50
N GLY F 230 27.57 12.47 38.62
CA GLY F 230 27.92 12.35 37.22
C GLY F 230 26.75 12.27 36.31
N LEU F 231 26.97 11.68 35.14
CA LEU F 231 25.92 11.59 34.16
C LEU F 231 25.79 10.17 33.71
N ALA F 232 25.97 9.93 32.43
CA ALA F 232 25.92 8.60 31.93
C ALA F 232 26.67 8.60 30.67
N VAL F 233 27.80 7.94 30.65
CA VAL F 233 28.51 7.80 29.43
C VAL F 233 27.50 7.19 28.51
N PRO F 234 27.83 7.09 27.24
CA PRO F 234 26.76 6.60 26.41
C PRO F 234 26.27 5.22 26.82
N ARG F 235 25.10 4.85 26.33
CA ARG F 235 24.52 3.58 26.59
C ARG F 235 23.85 3.39 25.25
N GLY F 236 24.57 2.83 24.29
CA GLY F 236 24.04 2.60 22.93
C GLY F 236 25.02 2.15 21.84
N VAL F 237 26.00 1.32 22.17
CA VAL F 237 27.05 0.91 21.23
C VAL F 237 26.67 0.10 19.98
N LEU F 238 27.47 0.16 18.93
CA LEU F 238 27.18 -0.51 17.67
C LEU F 238 28.43 -1.25 17.20
N LEU F 239 28.27 -2.52 16.85
CA LEU F 239 29.35 -3.33 16.31
C LEU F 239 29.11 -3.58 14.84
N ALA F 240 30.16 -3.46 14.03
CA ALA F 240 30.07 -3.69 12.61
C ALA F 240 31.27 -4.50 12.14
N GLY F 241 31.08 -5.24 11.06
CA GLY F 241 32.16 -6.02 10.50
C GLY F 241 31.70 -6.95 9.39
N PRO F 242 32.63 -7.64 8.74
CA PRO F 242 32.26 -8.61 7.68
C PRO F 242 31.59 -9.84 8.28
N PRO F 243 30.77 -10.57 7.49
CA PRO F 243 30.03 -11.71 8.07
C PRO F 243 30.87 -12.95 8.32
N GLY F 244 31.48 -13.03 9.49
CA GLY F 244 32.33 -14.16 9.79
C GLY F 244 33.50 -13.86 10.70
N VAL F 245 33.60 -12.63 11.20
CA VAL F 245 34.67 -12.27 12.11
C VAL F 245 34.34 -12.60 13.56
N GLY F 246 33.20 -13.22 13.84
CA GLY F 246 32.85 -13.65 15.18
C GLY F 246 32.34 -12.54 16.06
N LYS F 247 31.34 -11.80 15.59
CA LYS F 247 30.81 -10.68 16.36
C LYS F 247 29.93 -11.13 17.51
N THR F 248 29.15 -12.20 17.33
CA THR F 248 28.24 -12.65 18.36
C THR F 248 29.00 -13.31 19.51
N GLN F 249 30.10 -13.99 19.21
CA GLN F 249 30.91 -14.64 20.23
C GLN F 249 31.74 -13.66 21.04
N LEU F 250 31.94 -12.43 20.54
CA LEU F 250 32.68 -11.43 21.29
C LEU F 250 31.89 -10.92 22.48
N VAL F 251 30.58 -10.72 22.32
CA VAL F 251 29.73 -10.21 23.38
C VAL F 251 29.48 -11.28 24.45
N ARG F 252 29.50 -12.56 24.10
CA ARG F 252 29.51 -13.62 25.10
C ARG F 252 30.82 -13.69 25.86
N ALA F 253 31.87 -13.19 25.26
CA ALA F 253 33.09 -13.16 25.98
C ALA F 253 33.13 -11.96 26.89
N VAL F 254 32.59 -10.84 26.47
CA VAL F 254 32.54 -9.69 27.37
C VAL F 254 31.40 -9.90 28.34
N ALA F 255 30.59 -10.89 28.05
CA ALA F 255 29.52 -11.19 28.94
C ALA F 255 30.10 -11.81 30.13
N ARG F 256 30.42 -13.07 30.00
CA ARG F 256 30.93 -13.76 31.13
C ARG F 256 31.93 -12.87 31.82
N GLU F 257 32.68 -12.09 31.07
CA GLU F 257 33.72 -11.29 31.70
C GLU F 257 33.17 -10.43 32.83
N ALA F 258 31.94 -9.95 32.69
CA ALA F 258 31.35 -9.19 33.77
C ALA F 258 29.87 -9.52 33.98
N GLY F 259 29.60 -10.72 34.42
CA GLY F 259 28.24 -11.11 34.66
C GLY F 259 27.33 -10.80 33.52
N ALA F 260 26.03 -10.68 33.78
CA ALA F 260 25.04 -10.27 32.77
C ALA F 260 24.26 -11.38 32.16
N GLU F 261 22.97 -11.14 31.98
CA GLU F 261 22.13 -12.09 31.30
C GLU F 261 21.87 -11.38 30.03
N LEU F 262 22.22 -12.00 28.93
CA LEU F 262 22.12 -11.31 27.69
C LEU F 262 20.89 -11.72 26.94
N LEU F 263 19.79 -11.04 27.17
CA LEU F 263 18.61 -11.29 26.39
C LEU F 263 19.00 -11.05 24.95
N ALA F 264 19.53 -12.07 24.31
CA ALA F 264 19.96 -11.92 22.93
C ALA F 264 18.74 -12.05 22.04
N VAL F 265 17.98 -10.96 21.93
CA VAL F 265 16.86 -10.95 20.99
C VAL F 265 17.43 -10.72 19.59
N SER F 266 17.26 -11.73 18.74
CA SER F 266 17.76 -11.62 17.38
C SER F 266 16.71 -10.96 16.49
N ALA F 267 15.57 -11.64 16.35
CA ALA F 267 14.36 -11.29 15.60
C ALA F 267 14.63 -10.90 14.15
N PRO F 268 14.92 -11.84 13.25
CA PRO F 268 15.03 -11.44 11.83
C PRO F 268 13.68 -11.15 11.19
N ALA F 269 12.62 -11.86 11.59
CA ALA F 269 11.25 -11.58 11.16
C ALA F 269 10.34 -11.80 12.37
N LEU F 270 10.13 -10.74 13.15
CA LEU F 270 9.25 -10.79 14.30
C LEU F 270 7.93 -10.09 14.03
N GLN F 271 7.76 -9.52 12.84
CA GLN F 271 6.58 -8.75 12.50
C GLN F 271 5.54 -9.65 11.84
N GLY F 272 4.51 -9.05 11.25
CA GLY F 272 3.49 -9.81 10.56
C GLY F 272 2.66 -8.96 9.63
N SER F 273 1.37 -9.27 9.53
CA SER F 273 0.45 -8.50 8.69
C SER F 273 -0.23 -7.36 9.41
N ARG F 274 -0.35 -7.44 10.74
CA ARG F 274 -0.94 -6.36 11.51
C ARG F 274 0.03 -5.20 11.63
N PRO F 275 -0.47 -3.95 11.70
CA PRO F 275 0.44 -2.81 11.90
C PRO F 275 0.95 -2.71 13.33
N GLY F 276 2.21 -3.09 13.53
CA GLY F 276 2.87 -2.96 14.82
C GLY F 276 2.34 -3.83 15.94
N GLU F 277 2.09 -5.11 15.66
CA GLU F 277 1.59 -6.00 16.70
C GLU F 277 2.70 -6.50 17.62
N THR F 278 3.96 -6.36 17.23
CA THR F 278 5.08 -6.76 18.07
C THR F 278 5.68 -5.59 18.83
N GLU F 279 5.12 -4.38 18.69
CA GLU F 279 5.52 -3.28 19.55
C GLU F 279 4.97 -3.46 20.96
N GLU F 280 3.85 -4.17 21.09
CA GLU F 280 3.42 -4.66 22.39
C GLU F 280 4.36 -5.76 22.88
N ASN F 281 4.91 -6.55 21.96
CA ASN F 281 5.78 -7.66 22.35
C ASN F 281 7.17 -7.18 22.76
N VAL F 282 7.72 -6.17 22.07
CA VAL F 282 9.07 -5.72 22.36
C VAL F 282 9.09 -4.84 23.61
N ARG F 283 7.94 -4.30 24.03
CA ARG F 283 7.89 -3.58 25.29
C ARG F 283 7.81 -4.52 26.49
N ARG F 284 7.45 -5.78 26.30
CA ARG F 284 7.60 -6.81 27.33
C ARG F 284 8.99 -7.42 27.34
N VAL F 285 9.66 -7.43 26.18
CA VAL F 285 11.09 -7.71 26.09
C VAL F 285 11.87 -6.66 26.88
N PHE F 286 11.50 -5.40 26.72
CA PHE F 286 12.14 -4.29 27.40
C PHE F 286 11.63 -4.11 28.83
N GLN F 287 10.53 -4.78 29.20
CA GLN F 287 10.02 -4.73 30.58
C GLN F 287 10.89 -5.53 31.53
N ARG F 288 11.33 -6.71 31.10
CA ARG F 288 12.19 -7.55 31.93
C ARG F 288 13.66 -7.17 31.87
N ALA F 289 14.02 -6.17 31.08
CA ALA F 289 15.31 -5.52 31.24
C ALA F 289 15.42 -4.78 32.57
N ARG F 290 14.30 -4.17 32.99
CA ARG F 290 14.19 -3.58 34.31
C ARG F 290 14.00 -4.65 35.36
N GLU F 291 13.13 -5.63 35.10
CA GLU F 291 12.90 -6.63 36.13
C GLU F 291 14.19 -7.36 36.49
N LEU F 292 15.00 -7.69 35.49
CA LEU F 292 16.33 -8.24 35.73
C LEU F 292 17.39 -7.13 35.67
N ALA F 293 17.16 -6.07 36.45
CA ALA F 293 18.14 -5.02 36.67
C ALA F 293 18.47 -4.83 38.14
N SER F 294 17.72 -5.46 39.04
CA SER F 294 17.95 -5.33 40.48
C SER F 294 19.16 -6.17 40.83
N ARG F 295 20.15 -5.53 41.48
CA ARG F 295 21.46 -6.00 41.94
C ARG F 295 22.28 -6.84 40.94
N GLY F 296 22.05 -6.63 39.64
CA GLY F 296 22.66 -7.45 38.63
C GLY F 296 22.71 -6.72 37.29
N PRO F 297 23.78 -6.97 36.53
CA PRO F 297 23.88 -6.35 35.20
C PRO F 297 22.92 -6.96 34.20
N SER F 298 22.62 -6.17 33.17
CA SER F 298 21.77 -6.62 32.07
C SER F 298 22.24 -5.95 30.79
N LEU F 299 21.95 -6.58 29.66
CA LEU F 299 22.35 -6.04 28.37
C LEU F 299 21.35 -6.51 27.33
N LEU F 300 20.80 -5.57 26.57
CA LEU F 300 19.94 -5.89 25.45
C LEU F 300 20.81 -6.04 24.20
N PHE F 301 20.75 -7.20 23.57
CA PHE F 301 21.68 -7.60 22.52
C PHE F 301 20.89 -7.77 21.23
N LEU F 302 20.68 -6.69 20.50
CA LEU F 302 19.96 -6.72 19.24
C LEU F 302 20.90 -7.20 18.14
N ASP F 303 20.53 -8.24 17.43
CA ASP F 303 21.40 -8.86 16.44
C ASP F 303 20.75 -8.87 15.06
N GLU F 304 21.63 -8.89 14.09
CA GLU F 304 21.18 -8.93 12.76
C GLU F 304 20.24 -7.82 12.57
N MET F 305 20.65 -6.62 12.91
CA MET F 305 19.81 -5.47 12.68
C MET F 305 19.87 -5.32 11.21
N ASP F 306 20.29 -6.36 10.55
CA ASP F 306 20.43 -6.29 9.14
C ASP F 306 19.09 -5.95 8.65
N ALA F 307 18.18 -6.89 8.75
CA ALA F 307 16.86 -6.68 8.22
C ALA F 307 16.97 -6.36 6.75
N LEU F 308 16.83 -7.38 5.92
CA LEU F 308 16.92 -7.20 4.45
C LEU F 308 16.19 -5.99 3.83
N CYS F 309 16.42 -5.74 2.54
CA CYS F 309 15.82 -4.62 1.84
C CYS F 309 14.68 -5.10 0.94
N PRO F 310 13.44 -4.87 1.38
CA PRO F 310 12.28 -5.28 0.57
C PRO F 310 12.27 -4.56 -0.77
N GLN F 311 11.81 -5.23 -1.82
CA GLN F 311 11.73 -4.60 -3.12
C GLN F 311 10.88 -3.35 -3.02
N ARG F 312 9.79 -3.44 -2.27
CA ARG F 312 8.93 -2.28 -2.07
C ARG F 312 9.25 -1.63 -0.73
N GLY F 313 8.52 -0.57 -0.39
CA GLY F 313 8.76 0.10 0.87
C GLY F 313 8.63 -0.87 2.02
N SER F 314 9.58 -0.84 2.95
CA SER F 314 9.56 -1.75 4.08
C SER F 314 8.29 -1.56 4.90
N ARG F 315 7.79 -2.64 5.49
CA ARG F 315 6.57 -2.57 6.28
C ARG F 315 6.76 -1.56 7.41
N ALA F 316 5.72 -0.78 7.69
CA ALA F 316 5.81 0.23 8.73
C ALA F 316 6.29 -0.39 10.05
N PRO F 317 5.64 -1.46 10.52
CA PRO F 317 6.04 -2.02 11.81
C PRO F 317 7.51 -2.41 11.82
N GLU F 318 8.04 -2.92 10.71
CA GLU F 318 9.46 -3.24 10.65
C GLU F 318 10.33 -2.25 11.43
N SER F 319 10.48 -1.01 10.97
CA SER F 319 11.41 -0.10 11.66
C SER F 319 10.73 0.96 12.51
N ARG F 320 9.41 0.99 12.50
CA ARG F 320 8.70 1.93 13.35
C ARG F 320 8.95 1.48 14.76
N VAL F 321 8.76 0.19 15.00
CA VAL F 321 9.05 -0.32 16.31
C VAL F 321 10.53 -0.08 16.51
N VAL F 322 11.30 -0.15 15.44
CA VAL F 322 12.69 0.17 15.59
C VAL F 322 12.62 1.52 16.22
N ALA F 323 11.92 2.43 15.54
CA ALA F 323 11.80 3.77 16.05
C ALA F 323 11.25 3.72 17.43
N GLN F 324 10.41 2.74 17.70
CA GLN F 324 9.88 2.59 19.03
C GLN F 324 11.03 2.16 19.86
N VAL F 325 11.79 1.20 19.36
CA VAL F 325 12.96 0.75 20.07
C VAL F 325 13.83 1.98 20.22
N LEU F 326 13.83 2.81 19.19
CA LEU F 326 14.57 4.03 19.27
C LEU F 326 14.00 4.83 20.39
N THR F 327 12.75 5.22 20.22
CA THR F 327 12.18 6.09 21.22
C THR F 327 12.27 5.41 22.56
N LEU F 328 11.90 4.14 22.60
CA LEU F 328 11.93 3.44 23.85
C LEU F 328 13.31 3.58 24.39
N LEU F 329 14.31 3.43 23.54
CA LEU F 329 15.67 3.47 24.01
C LEU F 329 15.96 4.82 24.58
N ASP F 330 15.59 5.86 23.85
CA ASP F 330 15.92 7.18 24.31
C ASP F 330 15.18 7.38 25.58
N GLY F 331 14.11 6.63 25.77
CA GLY F 331 13.39 6.71 27.02
C GLY F 331 14.23 6.19 28.14
N ALA F 332 14.93 5.08 27.93
CA ALA F 332 15.72 4.45 28.99
C ALA F 332 16.60 5.44 29.71
N SER F 333 16.59 6.67 29.26
CA SER F 333 17.43 7.71 29.84
C SER F 333 16.73 8.43 30.98
N GLY F 334 15.41 8.56 30.93
CA GLY F 334 14.64 9.11 32.02
C GLY F 334 14.30 8.13 33.13
N ASP F 335 14.67 6.87 32.97
CA ASP F 335 14.43 5.81 33.95
C ASP F 335 15.75 5.11 34.23
N ARG F 336 15.67 3.90 34.81
CA ARG F 336 16.84 3.05 34.99
C ARG F 336 17.47 2.67 33.66
N GLU F 337 18.79 2.79 33.59
CA GLU F 337 19.50 2.86 32.32
C GLU F 337 20.14 1.51 31.99
N VAL F 338 19.70 0.91 30.89
CA VAL F 338 20.12 -0.42 30.48
C VAL F 338 20.95 -0.28 29.20
N VAL F 339 22.15 -0.88 29.21
CA VAL F 339 23.05 -0.79 28.06
C VAL F 339 22.55 -1.66 26.93
N VAL F 340 22.71 -1.18 25.70
CA VAL F 340 22.30 -1.87 24.50
C VAL F 340 23.52 -1.98 23.59
N VAL F 341 23.88 -3.20 23.22
CA VAL F 341 24.95 -3.44 22.25
C VAL F 341 24.29 -4.07 21.03
N GLY F 342 24.36 -3.38 19.90
CA GLY F 342 23.80 -3.86 18.66
C GLY F 342 24.88 -4.28 17.69
N ALA F 343 24.62 -5.35 16.95
CA ALA F 343 25.56 -5.84 15.95
C ALA F 343 24.84 -5.90 14.62
N THR F 344 25.39 -5.20 13.63
CA THR F 344 24.89 -5.28 12.27
C THR F 344 26.00 -5.75 11.34
N ASN F 345 25.60 -6.26 10.18
CA ASN F 345 26.59 -6.76 9.23
C ASN F 345 27.08 -5.66 8.32
N ARG F 346 26.18 -5.05 7.56
CA ARG F 346 26.56 -3.94 6.72
C ARG F 346 26.21 -2.63 7.41
N PRO F 347 27.21 -1.78 7.68
CA PRO F 347 27.04 -0.72 8.67
C PRO F 347 26.26 0.48 8.17
N ASP F 348 26.27 0.68 6.86
CA ASP F 348 25.59 1.80 6.26
C ASP F 348 24.12 1.45 6.02
N ALA F 349 23.39 2.44 5.47
CA ALA F 349 21.94 2.42 5.18
C ALA F 349 21.11 2.09 6.43
N LEU F 350 21.50 2.67 7.55
CA LEU F 350 20.70 2.62 8.76
C LEU F 350 19.81 3.86 8.82
N ASP F 351 19.10 4.04 9.92
CA ASP F 351 18.32 5.26 10.11
C ASP F 351 19.26 6.39 10.52
N PRO F 352 19.22 7.54 9.84
CA PRO F 352 20.07 8.68 10.26
C PRO F 352 19.62 9.36 11.55
N ALA F 353 18.43 9.07 12.06
CA ALA F 353 18.01 9.51 13.38
C ALA F 353 18.53 8.61 14.50
N LEU F 354 19.23 7.52 14.17
CA LEU F 354 19.98 6.77 15.18
C LEU F 354 21.30 7.44 15.53
N ARG F 355 21.97 7.97 14.52
CA ARG F 355 23.41 8.17 14.58
C ARG F 355 23.78 9.36 15.45
N ARG F 356 22.87 10.32 15.50
CA ARG F 356 23.03 11.51 16.34
C ARG F 356 23.24 11.12 17.79
N PRO F 357 23.93 12.00 18.55
CA PRO F 357 24.16 11.80 19.98
C PRO F 357 22.94 11.17 20.66
N GLY F 358 23.12 9.97 21.19
CA GLY F 358 22.05 9.28 21.88
C GLY F 358 22.01 7.79 21.62
N ARG F 359 20.83 7.30 21.22
CA ARG F 359 20.57 5.87 21.15
C ARG F 359 21.73 5.08 20.56
N PHE F 360 22.40 5.63 19.55
CA PHE F 360 23.50 4.89 18.92
C PHE F 360 24.53 5.90 18.41
N ASP F 361 25.60 6.13 19.18
CA ASP F 361 26.62 7.04 18.71
C ASP F 361 28.05 6.57 18.94
N ARG F 362 28.28 5.43 19.56
CA ARG F 362 29.63 4.94 19.76
C ARG F 362 29.79 3.64 19.00
N GLU F 363 30.76 3.60 18.09
CA GLU F 363 30.93 2.50 17.16
C GLU F 363 32.28 1.84 17.38
N VAL F 364 32.30 0.51 17.32
CA VAL F 364 33.51 -0.28 17.33
C VAL F 364 33.54 -1.05 16.02
N VAL F 365 34.62 -0.90 15.26
CA VAL F 365 34.72 -1.50 13.94
C VAL F 365 35.69 -2.67 14.00
N ILE F 366 35.21 -3.84 13.63
CA ILE F 366 36.04 -5.04 13.52
C ILE F 366 36.33 -5.25 12.04
N GLY F 367 37.59 -5.14 11.65
CA GLY F 367 37.96 -5.23 10.26
C GLY F 367 38.25 -6.64 9.80
N THR F 368 38.60 -6.76 8.53
CA THR F 368 39.16 -8.00 8.01
C THR F 368 40.54 -8.21 8.64
N PRO F 369 40.91 -9.45 8.95
CA PRO F 369 42.14 -9.66 9.74
C PRO F 369 43.41 -9.45 8.91
N THR F 370 44.47 -9.05 9.61
CA THR F 370 45.74 -8.74 8.98
C THR F 370 46.54 -10.02 8.83
N LEU F 371 47.81 -9.91 8.44
CA LEU F 371 48.66 -11.09 8.35
C LEU F 371 49.13 -11.53 9.74
N LYS F 372 49.14 -10.63 10.71
CA LYS F 372 49.76 -10.88 12.00
C LYS F 372 48.92 -11.79 12.87
N GLN F 373 47.71 -11.35 13.25
CA GLN F 373 46.91 -12.15 14.18
C GLN F 373 46.17 -13.28 13.49
N ARG F 374 46.21 -13.36 12.16
CA ARG F 374 45.73 -14.54 11.45
C ARG F 374 46.60 -15.77 11.75
N LYS F 375 47.90 -15.54 11.99
CA LYS F 375 48.74 -16.59 12.58
C LYS F 375 48.29 -16.92 14.00
N GLU F 376 47.96 -15.91 14.82
CA GLU F 376 47.45 -16.21 16.15
C GLU F 376 45.98 -16.60 16.16
N ILE F 377 45.24 -16.38 15.06
CA ILE F 377 43.95 -17.03 14.91
C ILE F 377 44.16 -18.53 14.74
N LEU F 378 45.16 -18.90 13.95
CA LEU F 378 45.43 -20.30 13.65
C LEU F 378 46.00 -21.05 14.84
N GLN F 379 46.84 -20.38 15.65
CA GLN F 379 47.48 -21.02 16.81
C GLN F 379 46.50 -21.33 17.93
N VAL F 380 45.37 -20.63 18.01
CA VAL F 380 44.33 -21.00 18.97
C VAL F 380 43.64 -22.30 18.55
N ILE F 381 43.31 -22.43 17.26
CA ILE F 381 42.63 -23.62 16.76
C ILE F 381 43.58 -24.83 16.68
N THR F 382 44.87 -24.58 16.41
CA THR F 382 45.88 -25.63 16.33
C THR F 382 46.18 -26.24 17.71
N SER F 383 45.94 -25.47 18.78
CA SER F 383 46.27 -25.90 20.14
C SER F 383 45.38 -27.04 20.63
N LYS F 384 44.11 -27.07 20.20
CA LYS F 384 43.23 -28.14 20.66
C LYS F 384 43.48 -29.45 19.91
N MET F 385 43.69 -29.37 18.60
CA MET F 385 43.91 -30.55 17.78
C MET F 385 45.33 -31.07 17.95
N PRO F 386 45.55 -32.38 17.81
CA PRO F 386 46.95 -32.88 17.79
C PRO F 386 47.58 -32.84 16.40
N ILE F 387 48.13 -31.68 16.05
CA ILE F 387 48.86 -31.50 14.80
C ILE F 387 50.35 -31.54 15.12
N SER F 388 51.12 -32.25 14.30
CA SER F 388 52.55 -32.44 14.50
C SER F 388 53.31 -31.13 14.22
N SER F 389 54.56 -31.10 14.67
CA SER F 389 55.36 -29.88 14.68
C SER F 389 55.94 -29.50 13.33
N HIS F 390 55.80 -30.35 12.31
CA HIS F 390 56.32 -30.04 10.97
C HIS F 390 55.28 -29.37 10.09
N VAL F 391 54.68 -28.27 10.59
CA VAL F 391 53.68 -27.52 9.80
C VAL F 391 53.91 -26.02 9.85
N ASP F 392 53.98 -25.38 8.69
CA ASP F 392 54.28 -23.97 8.65
C ASP F 392 53.13 -23.19 9.16
N LEU F 393 53.36 -21.91 9.41
CA LEU F 393 52.27 -21.07 9.82
C LEU F 393 52.32 -19.89 8.92
N GLY F 394 53.52 -19.34 8.71
CA GLY F 394 53.58 -18.14 7.89
C GLY F 394 53.14 -18.38 6.46
N LEU F 395 53.46 -19.55 5.90
CA LEU F 395 52.97 -19.91 4.58
C LEU F 395 51.48 -20.21 4.60
N LEU F 396 50.99 -20.78 5.71
CA LEU F 396 49.56 -20.97 5.86
C LEU F 396 48.83 -19.65 6.11
N ALA F 397 49.51 -18.64 6.66
CA ALA F 397 48.90 -17.34 6.77
C ALA F 397 48.89 -16.61 5.43
N GLU F 398 49.97 -16.73 4.66
CA GLU F 398 50.14 -15.96 3.43
C GLU F 398 49.29 -16.49 2.30
N MET F 399 49.09 -17.81 2.25
CA MET F 399 48.33 -18.41 1.15
C MET F 399 46.83 -18.17 1.33
N THR F 400 46.42 -17.91 2.57
CA THR F 400 45.03 -17.73 2.98
C THR F 400 44.59 -16.27 2.99
N VAL F 401 45.04 -15.48 2.03
CA VAL F 401 44.61 -14.09 1.90
C VAL F 401 43.26 -14.05 1.19
N GLY F 402 42.28 -13.43 1.83
CA GLY F 402 40.92 -13.38 1.33
C GLY F 402 39.91 -14.10 2.20
N TYR F 403 40.35 -14.78 3.26
CA TYR F 403 39.46 -15.49 4.13
C TYR F 403 39.08 -14.64 5.35
N VAL F 404 38.14 -15.15 6.13
CA VAL F 404 37.76 -14.56 7.40
C VAL F 404 37.94 -15.62 8.47
N GLY F 405 37.57 -15.31 9.71
CA GLY F 405 37.81 -16.22 10.82
C GLY F 405 36.90 -17.44 10.86
N ALA F 406 35.79 -17.41 10.12
CA ALA F 406 34.95 -18.59 10.01
C ALA F 406 35.55 -19.61 9.04
N ASP F 407 36.16 -19.14 7.96
CA ASP F 407 36.75 -20.04 6.98
C ASP F 407 38.05 -20.66 7.44
N LEU F 408 38.74 -20.05 8.40
CA LEU F 408 39.95 -20.64 8.93
C LEU F 408 39.66 -21.78 9.90
N THR F 409 38.50 -21.75 10.56
CA THR F 409 38.08 -22.89 11.37
C THR F 409 37.70 -24.07 10.49
N ALA F 410 36.97 -23.81 9.40
CA ALA F 410 36.57 -24.86 8.47
C ALA F 410 37.74 -25.40 7.66
N LEU F 411 38.79 -24.61 7.46
CA LEU F 411 40.02 -25.13 6.87
C LEU F 411 40.72 -26.08 7.83
N CYS F 412 40.71 -25.75 9.11
CA CYS F 412 41.26 -26.63 10.13
C CYS F 412 40.29 -27.72 10.55
N ARG F 413 39.01 -27.58 10.21
CA ARG F 413 38.09 -28.71 10.34
C ARG F 413 38.30 -29.71 9.21
N GLU F 414 38.49 -29.24 7.98
CA GLU F 414 38.59 -30.13 6.82
C GLU F 414 39.93 -30.83 6.77
N ALA F 415 40.98 -30.21 7.29
CA ALA F 415 42.28 -30.87 7.36
C ALA F 415 42.35 -31.90 8.48
N ALA F 416 41.45 -31.83 9.45
CA ALA F 416 41.29 -32.93 10.40
C ALA F 416 40.52 -34.09 9.78
N MET F 417 39.62 -33.81 8.84
CA MET F 417 38.80 -34.87 8.25
C MET F 417 39.59 -35.70 7.24
N HIS F 418 40.43 -35.08 6.45
CA HIS F 418 41.16 -35.84 5.48
C HIS F 418 42.35 -36.51 6.17
N ALA F 419 42.48 -36.37 7.47
CA ALA F 419 43.53 -37.05 8.19
C ALA F 419 42.88 -38.02 9.12
N LEU F 420 41.61 -38.24 8.93
CA LEU F 420 40.91 -39.22 9.68
C LEU F 420 40.28 -39.98 8.59
N LEU F 421 39.93 -39.29 7.53
CA LEU F 421 39.41 -39.98 6.39
C LEU F 421 40.50 -40.89 5.97
N HIS F 422 41.47 -40.42 5.23
CA HIS F 422 42.51 -41.36 4.91
C HIS F 422 43.36 -41.55 6.13
N SER F 423 43.86 -42.76 6.34
CA SER F 423 44.61 -43.03 7.57
C SER F 423 45.37 -44.35 7.59
N GLU F 424 45.86 -44.79 8.76
CA GLU F 424 46.51 -46.08 8.86
C GLU F 424 45.72 -46.96 9.84
N LYS F 425 46.28 -48.13 10.16
CA LYS F 425 45.62 -49.09 11.05
C LYS F 425 46.09 -48.99 12.49
N ASN F 426 47.02 -48.09 12.81
CA ASN F 426 47.59 -48.05 14.15
C ASN F 426 46.77 -47.22 15.13
N GLN F 427 46.32 -46.03 14.69
CA GLN F 427 45.44 -45.09 15.42
C GLN F 427 46.00 -44.65 16.76
N ASP F 428 47.31 -44.45 16.82
CA ASP F 428 47.96 -43.95 18.03
C ASP F 428 48.67 -42.62 17.84
N ASN F 429 49.17 -42.34 16.64
CA ASN F 429 49.84 -41.09 16.34
C ASN F 429 48.97 -40.26 15.40
N PRO F 430 48.27 -39.23 15.87
CA PRO F 430 47.48 -38.37 14.97
C PRO F 430 48.38 -37.42 14.18
N VAL F 431 48.89 -37.91 13.06
CA VAL F 431 49.82 -37.13 12.24
C VAL F 431 49.02 -36.40 11.17
N ILE F 432 48.90 -35.09 11.32
CA ILE F 432 48.36 -34.21 10.29
C ILE F 432 49.50 -33.38 9.75
N ASP F 433 49.69 -33.41 8.44
CA ASP F 433 50.88 -32.85 7.81
C ASP F 433 50.49 -31.76 6.81
N GLU F 434 51.45 -31.32 6.02
CA GLU F 434 51.21 -30.26 5.05
C GLU F 434 50.59 -30.78 3.75
N ILE F 435 50.47 -32.10 3.59
CA ILE F 435 49.84 -32.64 2.39
C ILE F 435 48.34 -32.39 2.41
N ASP F 436 47.69 -32.60 3.55
CA ASP F 436 46.25 -32.43 3.58
C ASP F 436 45.76 -31.06 4.06
N PHE F 437 46.64 -30.18 4.54
CA PHE F 437 46.27 -28.77 4.59
C PHE F 437 46.20 -28.16 3.19
N LEU F 438 47.14 -28.53 2.32
CA LEU F 438 47.07 -28.06 0.94
C LEU F 438 46.00 -28.78 0.14
N GLU F 439 45.60 -29.99 0.55
CA GLU F 439 44.47 -30.64 -0.09
C GLU F 439 43.16 -29.98 0.32
N ALA F 440 43.01 -29.63 1.60
CA ALA F 440 41.80 -28.98 2.08
C ALA F 440 41.71 -27.51 1.70
N PHE F 441 42.82 -26.92 1.26
CA PHE F 441 42.79 -25.58 0.71
C PHE F 441 42.09 -25.53 -0.64
N LYS F 442 42.08 -26.66 -1.36
CA LYS F 442 41.63 -26.68 -2.75
C LYS F 442 40.12 -26.56 -2.87
N ASN F 443 39.37 -27.28 -2.04
CA ASN F 443 37.92 -27.31 -2.18
C ASN F 443 37.19 -26.52 -1.09
N ILE F 444 37.74 -25.38 -0.67
CA ILE F 444 37.04 -24.44 0.20
C ILE F 444 37.03 -23.09 -0.52
N GLN F 445 35.85 -22.64 -0.88
CA GLN F 445 35.62 -21.39 -1.59
C GLN F 445 35.79 -20.20 -0.65
N PRO F 446 36.34 -19.08 -1.13
CA PRO F 446 36.55 -17.93 -0.25
C PRO F 446 35.33 -17.04 -0.10
N SER F 447 35.25 -16.41 1.06
CA SER F 447 34.12 -15.55 1.38
C SER F 447 34.21 -14.23 0.65
N SER F 448 33.05 -13.68 0.30
CA SER F 448 32.94 -12.40 -0.36
C SER F 448 32.84 -11.28 0.68
N PHE F 449 32.44 -10.09 0.22
CA PHE F 449 32.27 -8.84 1.00
C PHE F 449 33.56 -8.42 1.71
N ARG F 450 34.70 -8.65 1.07
CA ARG F 450 35.97 -8.25 1.66
C ARG F 450 36.61 -7.16 0.81
N SER F 451 36.64 -7.38 -0.50
CA SER F 451 37.28 -6.41 -1.39
C SER F 451 36.48 -5.13 -1.53
N VAL F 452 36.48 -4.30 -0.49
CA VAL F 452 35.69 -3.07 -0.52
C VAL F 452 36.13 -2.01 0.49
N ILE F 453 35.36 -0.94 0.60
CA ILE F 453 35.65 0.08 1.59
C ILE F 453 37.11 0.37 1.59
N GLY F 454 37.66 0.69 2.76
CA GLY F 454 39.05 1.04 2.67
C GLY F 454 40.04 0.24 3.40
N LEU F 455 41.14 -0.06 2.72
CA LEU F 455 42.16 -0.90 3.29
C LEU F 455 43.40 -0.22 3.85
N MET F 456 43.62 -0.36 5.14
CA MET F 456 44.81 0.18 5.75
C MET F 456 45.96 -0.73 5.43
N ASP F 457 46.92 -0.83 6.35
CA ASP F 457 48.08 -1.74 6.16
C ASP F 457 48.34 -2.48 4.84
N ILE F 458 49.41 -2.10 4.15
CA ILE F 458 49.81 -2.78 2.94
C ILE F 458 51.28 -3.06 3.16
N LYS F 459 52.10 -3.04 2.14
CA LYS F 459 53.51 -3.38 2.31
C LYS F 459 54.41 -2.16 2.49
N PRO F 460 55.49 -2.26 3.27
CA PRO F 460 56.37 -1.10 3.48
C PRO F 460 57.23 -0.80 2.25
N VAL F 461 57.09 0.42 1.75
CA VAL F 461 57.90 0.91 0.64
C VAL F 461 58.77 2.04 1.17
N ASP F 462 60.07 1.95 0.92
CA ASP F 462 60.99 2.98 1.38
C ASP F 462 61.08 4.11 0.35
N TRP F 463 61.75 5.20 0.75
CA TRP F 463 61.94 6.32 -0.16
C TRP F 463 62.93 6.03 -1.27
N GLU F 464 63.87 5.10 -1.05
CA GLU F 464 64.93 4.84 -2.01
C GLU F 464 64.49 3.95 -3.17
N GLU F 465 63.29 3.38 -3.13
CA GLU F 465 62.84 2.55 -4.24
C GLU F 465 62.42 3.40 -5.44
N ILE F 466 62.00 4.63 -5.20
CA ILE F 466 61.54 5.51 -6.28
C ILE F 466 62.76 6.25 -6.81
N GLY F 467 63.24 5.84 -7.98
CA GLY F 467 64.45 6.43 -8.52
C GLY F 467 64.18 7.79 -9.13
N GLY F 468 65.10 8.72 -8.90
CA GLY F 468 64.89 10.08 -9.31
C GLY F 468 63.86 10.74 -8.42
N LEU F 469 63.27 11.83 -8.95
CA LEU F 469 62.17 12.60 -8.37
C LEU F 469 62.52 13.19 -7.00
N GLU F 470 63.70 13.81 -6.92
CA GLU F 470 64.19 14.36 -5.65
C GLU F 470 63.44 15.62 -5.26
N ASP F 471 63.04 16.43 -6.25
CA ASP F 471 62.32 17.66 -5.95
C ASP F 471 60.85 17.43 -5.59
N VAL F 472 60.24 16.36 -6.11
CA VAL F 472 58.85 16.07 -5.77
C VAL F 472 58.77 15.42 -4.38
N LYS F 473 59.83 14.71 -3.99
CA LYS F 473 59.94 14.19 -2.61
C LYS F 473 60.12 15.30 -1.59
N LEU F 474 60.77 16.39 -1.99
CA LEU F 474 60.96 17.53 -1.09
C LEU F 474 59.65 18.28 -0.87
N LYS F 475 58.84 18.42 -1.92
CA LYS F 475 57.57 19.13 -1.83
C LYS F 475 56.51 18.33 -1.09
N LEU F 476 56.55 16.99 -1.19
CA LEU F 476 55.59 16.17 -0.46
C LEU F 476 55.92 16.11 1.02
N LYS F 477 57.20 16.24 1.37
CA LYS F 477 57.61 16.24 2.77
C LYS F 477 57.21 17.54 3.48
N GLN F 478 57.28 18.66 2.77
CA GLN F 478 57.07 19.96 3.38
C GLN F 478 55.60 20.35 3.51
N SER F 479 54.70 19.51 3.05
CA SER F 479 53.31 19.84 3.11
C SER F 479 52.42 18.79 3.77
N ILE F 480 52.87 17.55 3.89
CA ILE F 480 52.09 16.56 4.62
C ILE F 480 52.81 15.85 5.81
N GLU F 481 54.08 15.50 5.71
CA GLU F 481 54.78 14.90 6.85
C GLU F 481 55.27 15.88 7.91
N TRP F 482 55.74 17.05 7.56
CA TRP F 482 56.11 18.01 8.60
C TRP F 482 54.89 18.61 9.34
N PRO F 483 53.71 18.68 8.71
CA PRO F 483 52.49 19.13 9.41
C PRO F 483 51.78 18.05 10.25
N LEU F 484 52.15 16.80 10.18
CA LEU F 484 51.60 15.68 10.94
C LEU F 484 52.60 15.07 11.92
N LYS F 485 53.89 15.40 11.82
CA LYS F 485 54.89 14.85 12.72
C LYS F 485 55.48 15.89 13.66
N PHE F 486 55.68 17.13 13.21
CA PHE F 486 56.21 18.21 14.04
C PHE F 486 55.25 19.39 14.01
N PRO F 487 54.14 19.32 14.76
CA PRO F 487 53.09 20.34 14.58
C PRO F 487 53.33 21.65 15.30
N TRP F 488 54.16 21.69 16.35
CA TRP F 488 54.41 22.96 17.03
C TRP F 488 55.38 23.84 16.24
N GLU F 489 56.38 23.25 15.60
CA GLU F 489 57.31 24.05 14.81
C GLU F 489 56.74 24.49 13.47
N PHE F 490 55.65 23.88 13.00
CA PHE F 490 55.01 24.38 11.79
C PHE F 490 54.19 25.63 12.05
N VAL F 491 53.50 25.69 13.19
CA VAL F 491 52.59 26.81 13.45
C VAL F 491 53.34 28.00 14.05
N ARG F 492 54.43 27.74 14.78
CA ARG F 492 55.27 28.83 15.33
C ARG F 492 56.01 29.58 14.24
N MET F 493 56.35 28.92 13.14
CA MET F 493 57.05 29.62 12.06
C MET F 493 56.10 30.36 11.13
N GLY F 494 54.79 30.20 11.30
CA GLY F 494 53.83 30.99 10.55
C GLY F 494 53.60 30.49 9.15
N LEU F 495 53.42 29.17 9.02
CA LEU F 495 53.15 28.56 7.72
C LEU F 495 51.80 27.88 7.77
N THR F 496 51.05 27.97 6.68
CA THR F 496 49.72 27.38 6.64
C THR F 496 49.80 25.93 6.18
N GLN F 497 48.83 25.15 6.63
CA GLN F 497 48.70 23.77 6.19
C GLN F 497 47.83 23.71 4.94
N PRO F 498 48.32 23.17 3.82
CA PRO F 498 47.46 23.04 2.64
C PRO F 498 46.43 21.95 2.83
N LYS F 499 45.17 22.30 2.57
CA LYS F 499 44.02 21.47 2.94
C LYS F 499 43.56 20.51 1.82
N GLY F 500 44.53 19.81 1.26
CA GLY F 500 44.24 18.77 0.29
C GLY F 500 44.95 18.93 -1.04
N VAL F 501 45.88 18.03 -1.34
CA VAL F 501 46.74 18.17 -2.51
C VAL F 501 46.26 17.24 -3.61
N LEU F 502 46.63 17.58 -4.85
CA LEU F 502 46.24 16.81 -6.02
C LEU F 502 47.47 16.54 -6.87
N LEU F 503 47.66 15.28 -7.25
CA LEU F 503 48.80 14.84 -8.03
C LEU F 503 48.29 14.35 -9.38
N TYR F 504 48.82 14.90 -10.46
CA TYR F 504 48.34 14.55 -11.78
C TYR F 504 49.52 14.27 -12.71
N GLY F 505 49.31 13.37 -13.66
CA GLY F 505 50.34 12.99 -14.57
C GLY F 505 49.92 11.88 -15.51
N PRO F 506 50.82 11.43 -16.38
CA PRO F 506 50.51 10.34 -17.31
C PRO F 506 50.51 9.01 -16.59
N PRO F 507 49.85 7.97 -17.12
CA PRO F 507 49.84 6.68 -16.43
C PRO F 507 51.17 5.96 -16.55
N GLY F 508 51.82 5.75 -15.41
CA GLY F 508 53.08 5.04 -15.39
C GLY F 508 54.25 5.82 -14.83
N CYS F 509 53.99 6.76 -13.91
CA CYS F 509 55.06 7.57 -13.35
C CYS F 509 55.01 7.63 -11.83
N ALA F 510 54.49 6.57 -11.19
CA ALA F 510 54.54 6.27 -9.76
C ALA F 510 53.85 7.33 -8.88
N LYS F 511 52.53 7.42 -9.03
CA LYS F 511 51.77 8.25 -8.10
C LYS F 511 51.33 7.45 -6.87
N THR F 512 50.92 6.19 -7.07
CA THR F 512 50.46 5.38 -5.95
C THR F 512 51.64 4.90 -5.09
N THR F 513 52.82 4.77 -5.70
CA THR F 513 54.03 4.44 -4.96
C THR F 513 54.49 5.60 -4.08
N LEU F 514 54.31 6.84 -4.54
CA LEU F 514 54.72 8.00 -3.75
C LEU F 514 53.80 8.27 -2.58
N VAL F 515 52.51 7.95 -2.72
CA VAL F 515 51.59 8.06 -1.60
C VAL F 515 51.87 6.96 -0.56
N ARG F 516 52.16 5.74 -1.03
CA ARG F 516 52.43 4.64 -0.12
C ARG F 516 53.81 4.74 0.54
N ALA F 517 54.75 5.44 -0.08
CA ALA F 517 56.00 5.74 0.62
C ALA F 517 55.80 6.82 1.67
N LEU F 518 54.81 7.70 1.47
CA LEU F 518 54.55 8.77 2.41
C LEU F 518 53.87 8.26 3.67
N ALA F 519 53.04 7.22 3.55
CA ALA F 519 52.35 6.68 4.72
C ALA F 519 53.28 5.86 5.61
N THR F 520 54.36 5.30 5.03
CA THR F 520 55.29 4.52 5.84
C THR F 520 56.16 5.41 6.71
N SER F 521 56.59 6.55 6.19
CA SER F 521 57.41 7.46 6.98
C SER F 521 56.61 8.34 7.92
N CYS F 522 55.28 8.40 7.77
CA CYS F 522 54.44 9.20 8.66
C CYS F 522 53.98 8.45 9.90
N HIS F 523 53.97 7.10 9.85
CA HIS F 523 53.52 6.18 10.91
C HIS F 523 52.09 6.47 11.37
N CYS F 524 51.20 6.66 10.41
CA CYS F 524 49.82 7.01 10.71
C CYS F 524 48.87 6.04 10.03
N SER F 525 47.57 6.25 10.22
CA SER F 525 46.55 5.45 9.55
C SER F 525 46.47 5.83 8.08
N PHE F 526 45.91 4.92 7.29
CA PHE F 526 45.93 5.06 5.84
C PHE F 526 44.64 4.47 5.26
N VAL F 527 43.65 5.32 5.05
CA VAL F 527 42.37 4.91 4.47
C VAL F 527 42.43 5.23 2.98
N SER F 528 42.41 4.20 2.14
CA SER F 528 42.59 4.37 0.71
C SER F 528 41.38 3.82 -0.04
N VAL F 529 40.81 4.64 -0.92
CA VAL F 529 39.69 4.28 -1.77
C VAL F 529 40.14 4.43 -3.21
N SER F 530 39.95 3.38 -4.00
CA SER F 530 40.27 3.43 -5.42
C SER F 530 38.99 3.36 -6.24
N GLY F 531 39.14 3.60 -7.54
CA GLY F 531 37.99 3.54 -8.43
C GLY F 531 37.61 2.13 -8.81
N ALA F 532 38.57 1.21 -8.84
CA ALA F 532 38.29 -0.19 -9.16
C ALA F 532 37.61 -0.92 -8.01
N ASP F 533 37.70 -0.38 -6.80
CA ASP F 533 36.88 -0.85 -5.68
C ASP F 533 35.41 -0.55 -5.93
N LEU F 534 35.12 0.56 -6.61
CA LEU F 534 33.76 1.07 -6.71
C LEU F 534 32.93 0.31 -7.75
N PHE F 535 33.57 -0.44 -8.65
CA PHE F 535 32.86 -1.14 -9.73
C PHE F 535 32.16 -2.41 -9.29
N SER F 536 32.33 -2.85 -8.03
CA SER F 536 31.67 -4.06 -7.57
C SER F 536 30.18 -3.79 -7.34
N PRO F 537 29.30 -4.76 -7.66
CA PRO F 537 27.86 -4.54 -7.45
C PRO F 537 27.41 -4.72 -6.01
N PHE F 538 28.29 -5.18 -5.11
CA PHE F 538 27.90 -5.35 -3.71
C PHE F 538 27.91 -4.03 -2.95
N VAL F 539 28.51 -2.99 -3.52
CA VAL F 539 28.52 -1.66 -2.94
C VAL F 539 27.13 -1.04 -3.11
N GLY F 540 26.51 -0.63 -2.01
CA GLY F 540 25.20 -0.01 -2.10
C GLY F 540 25.26 1.48 -2.30
N ASP F 541 25.19 1.90 -3.58
CA ASP F 541 25.00 3.22 -4.20
C ASP F 541 26.05 4.30 -3.89
N SER F 542 27.00 4.04 -2.99
CA SER F 542 28.28 4.71 -2.80
C SER F 542 28.23 6.19 -2.37
N GLU F 543 27.08 6.77 -2.08
CA GLU F 543 27.13 8.03 -1.35
C GLU F 543 27.47 7.79 0.12
N LYS F 544 26.92 6.74 0.68
CA LYS F 544 27.10 6.39 2.08
C LYS F 544 28.28 5.45 2.31
N VAL F 545 28.84 4.87 1.26
CA VAL F 545 30.19 4.33 1.35
C VAL F 545 31.20 5.46 1.45
N LEU F 546 30.95 6.56 0.74
CA LEU F 546 31.82 7.72 0.80
C LEU F 546 31.69 8.48 2.12
N SER F 547 30.53 8.41 2.76
CA SER F 547 30.39 8.93 4.12
C SER F 547 30.96 7.98 5.16
N GLN F 548 31.01 6.68 4.88
CA GLN F 548 31.60 5.72 5.81
C GLN F 548 33.11 5.85 5.87
N ILE F 549 33.73 6.25 4.76
CA ILE F 549 35.17 6.42 4.69
C ILE F 549 35.61 7.64 5.49
N PHE F 550 34.83 8.72 5.40
CA PHE F 550 35.15 9.94 6.13
C PHE F 550 34.92 9.81 7.62
N ARG F 551 34.02 8.96 8.06
CA ARG F 551 33.78 8.81 9.48
C ARG F 551 34.78 7.87 10.13
N GLN F 552 35.25 6.88 9.39
CA GLN F 552 36.24 5.99 9.94
C GLN F 552 37.55 6.73 10.01
N ALA F 553 37.75 7.67 9.10
CA ALA F 553 38.94 8.48 9.17
C ALA F 553 38.93 9.40 10.37
N ARG F 554 37.84 10.09 10.64
CA ARG F 554 37.84 11.06 11.74
C ARG F 554 37.84 10.34 13.04
N ALA F 555 37.77 9.03 12.97
CA ALA F 555 37.81 8.26 14.17
C ALA F 555 39.20 7.81 14.50
N SER F 556 40.00 7.53 13.52
CA SER F 556 41.30 6.99 13.82
C SER F 556 42.39 7.96 14.02
N THR F 557 42.12 9.25 14.14
CA THR F 557 43.15 10.20 14.49
C THR F 557 44.14 10.65 13.39
N PRO F 558 45.32 11.21 13.74
CA PRO F 558 46.25 11.54 12.66
C PRO F 558 46.06 10.67 11.43
N ALA F 559 45.47 11.16 10.36
CA ALA F 559 45.19 10.26 9.23
C ALA F 559 45.28 10.77 7.80
N ILE F 560 45.61 9.87 6.90
CA ILE F 560 45.74 10.25 5.50
C ILE F 560 44.67 9.55 4.72
N LEU F 561 43.85 10.31 4.08
CA LEU F 561 42.76 9.77 3.27
C LEU F 561 43.15 9.91 1.80
N PHE F 562 43.31 8.77 1.13
CA PHE F 562 43.79 8.74 -0.24
C PHE F 562 42.64 8.35 -1.15
N LEU F 563 42.31 9.22 -2.10
CA LEU F 563 41.26 8.96 -3.07
C LEU F 563 41.93 8.81 -4.42
N ASP F 564 42.37 7.60 -4.72
CA ASP F 564 42.97 7.34 -6.02
C ASP F 564 41.87 7.15 -7.05
N GLU F 565 42.11 7.73 -8.24
CA GLU F 565 41.19 7.77 -9.40
C GLU F 565 39.84 8.39 -9.04
N ILE F 566 39.89 9.70 -8.79
CA ILE F 566 38.68 10.45 -8.49
C ILE F 566 37.79 10.64 -9.71
N ASP F 567 38.32 10.50 -10.92
CA ASP F 567 37.47 10.58 -12.11
C ASP F 567 36.58 9.34 -12.24
N SER F 568 37.03 8.19 -11.75
CA SER F 568 36.14 7.03 -11.67
C SER F 568 35.19 7.10 -10.49
N ILE F 569 35.57 7.77 -9.40
CA ILE F 569 34.67 7.97 -8.26
C ILE F 569 33.56 8.94 -8.61
N LEU F 570 33.89 10.03 -9.29
CA LEU F 570 32.91 11.05 -9.61
C LEU F 570 32.11 10.76 -10.87
N GLY F 571 32.32 9.62 -11.52
CA GLY F 571 31.51 9.25 -12.65
C GLY F 571 31.85 9.96 -13.95
N ALA F 572 33.02 9.66 -14.50
CA ALA F 572 33.41 10.18 -15.82
C ALA F 572 32.55 9.58 -16.93
N ASP F 581 21.11 12.51 -10.52
CA ASP F 581 21.77 11.34 -11.03
C ASP F 581 22.57 10.87 -9.89
N VAL F 582 23.62 10.13 -10.16
CA VAL F 582 24.49 9.76 -9.08
C VAL F 582 25.73 10.59 -9.24
N GLN F 583 25.86 11.26 -10.36
CA GLN F 583 26.98 12.17 -10.52
C GLN F 583 26.86 13.34 -9.60
N GLU F 584 25.74 14.04 -9.65
CA GLU F 584 25.61 15.24 -8.85
C GLU F 584 25.47 14.95 -7.38
N ARG F 585 24.81 13.87 -7.02
CA ARG F 585 24.77 13.57 -5.63
C ARG F 585 26.17 13.22 -5.11
N VAL F 586 27.03 12.54 -5.85
CA VAL F 586 28.34 12.25 -5.27
C VAL F 586 29.17 13.52 -5.09
N LEU F 587 29.11 14.41 -6.05
CA LEU F 587 29.91 15.59 -5.92
C LEU F 587 29.53 16.27 -4.66
N SER F 588 28.26 16.25 -4.33
CA SER F 588 27.79 16.97 -3.16
C SER F 588 28.22 16.35 -1.85
N VAL F 589 28.18 15.04 -1.69
CA VAL F 589 28.60 14.53 -0.39
C VAL F 589 30.05 14.82 -0.19
N LEU F 590 30.78 14.93 -1.27
CA LEU F 590 32.20 15.15 -1.19
C LEU F 590 32.46 16.59 -0.92
N LEU F 591 31.77 17.47 -1.61
CA LEU F 591 32.09 18.88 -1.40
C LEU F 591 31.72 19.34 0.01
N ASN F 592 30.67 18.76 0.59
CA ASN F 592 30.23 19.19 1.92
C ASN F 592 31.17 18.67 3.01
N GLU F 593 31.80 17.53 2.78
CA GLU F 593 32.75 17.01 3.76
C GLU F 593 34.12 17.61 3.64
N LEU F 594 34.44 18.12 2.48
CA LEU F 594 35.73 18.76 2.26
C LEU F 594 35.76 20.09 2.93
N ASP F 595 34.64 20.59 3.32
CA ASP F 595 34.62 21.90 3.90
C ASP F 595 34.38 21.84 5.37
N GLY F 596 33.55 20.94 5.84
CA GLY F 596 33.19 20.98 7.24
C GLY F 596 34.32 20.63 8.19
N VAL F 597 35.40 20.05 7.68
CA VAL F 597 36.56 19.74 8.51
C VAL F 597 37.35 21.01 8.81
N PHE F 618 48.52 16.55 21.10
CA PHE F 618 47.75 17.56 20.40
C PHE F 618 48.08 17.53 18.90
N ASN F 619 47.45 16.61 18.19
CA ASN F 619 47.61 16.51 16.74
C ASN F 619 46.32 15.97 16.15
N ARG F 620 45.86 16.61 15.09
CA ARG F 620 44.57 16.28 14.47
C ARG F 620 44.65 16.47 12.97
N SER F 621 43.46 16.60 12.36
CA SER F 621 43.12 16.89 10.96
C SER F 621 43.40 15.73 10.02
N VAL F 622 42.59 15.64 8.96
CA VAL F 622 42.67 14.57 7.97
C VAL F 622 43.16 15.17 6.67
N MET F 623 44.28 14.65 6.17
CA MET F 623 44.80 15.09 4.89
C MET F 623 44.14 14.31 3.76
N ILE F 624 43.81 14.99 2.69
CA ILE F 624 43.14 14.38 1.55
C ILE F 624 44.08 14.43 0.36
N ILE F 625 44.44 13.27 -0.18
CA ILE F 625 45.30 13.19 -1.35
C ILE F 625 44.48 12.53 -2.46
N ALA F 626 44.41 13.21 -3.60
CA ALA F 626 43.69 12.69 -4.75
C ALA F 626 44.62 12.62 -5.95
N ALA F 627 44.54 11.52 -6.69
CA ALA F 627 45.39 11.32 -7.85
C ALA F 627 44.54 10.95 -9.05
N THR F 628 44.85 11.53 -10.20
CA THR F 628 44.12 11.22 -11.42
C THR F 628 45.06 11.33 -12.61
N ASN F 629 44.69 10.67 -13.70
CA ASN F 629 45.44 10.68 -14.94
C ASN F 629 44.74 11.41 -16.07
N ARG F 630 43.44 11.69 -15.94
CA ARG F 630 42.68 12.46 -16.92
C ARG F 630 42.05 13.64 -16.17
N PRO F 631 42.78 14.73 -16.00
CA PRO F 631 42.23 15.87 -15.24
C PRO F 631 41.43 16.86 -16.09
N ASP F 632 41.16 16.57 -17.36
CA ASP F 632 40.26 17.41 -18.13
C ASP F 632 38.81 17.19 -17.74
N VAL F 633 38.49 16.02 -17.21
CA VAL F 633 37.10 15.68 -16.90
C VAL F 633 36.69 16.30 -15.57
N LEU F 634 37.67 16.67 -14.73
CA LEU F 634 37.46 17.10 -13.36
C LEU F 634 36.72 18.44 -13.24
N ASP F 635 35.96 18.56 -12.17
CA ASP F 635 35.09 19.71 -11.97
C ASP F 635 35.91 20.92 -11.52
N THR F 636 35.47 22.10 -12.01
CA THR F 636 36.16 23.34 -11.69
C THR F 636 35.91 23.77 -10.25
N ALA F 637 34.73 23.44 -9.70
CA ALA F 637 34.41 23.78 -8.32
C ALA F 637 35.19 22.94 -7.31
N LEU F 638 35.69 21.78 -7.72
CA LEU F 638 36.57 21.00 -6.87
C LEU F 638 37.96 21.62 -6.79
N LEU F 639 38.38 22.29 -7.86
CA LEU F 639 39.68 22.96 -7.91
C LEU F 639 39.48 24.45 -7.65
N ARG F 640 39.33 24.79 -6.38
CA ARG F 640 39.11 26.17 -5.96
C ARG F 640 39.96 26.44 -4.74
N PRO F 641 40.28 27.71 -4.45
CA PRO F 641 40.87 28.05 -3.15
C PRO F 641 39.89 27.77 -2.02
N GLY F 642 40.28 26.83 -1.15
CA GLY F 642 39.43 26.33 -0.10
C GLY F 642 39.12 24.86 -0.23
N ARG F 643 39.05 24.33 -1.46
CA ARG F 643 38.79 22.92 -1.63
C ARG F 643 40.05 22.09 -1.86
N LEU F 644 40.74 22.31 -2.97
CA LEU F 644 41.91 21.52 -3.33
C LEU F 644 42.94 22.45 -3.95
N ASP F 645 44.04 22.68 -3.25
CA ASP F 645 45.13 23.52 -3.76
C ASP F 645 46.46 22.78 -3.56
N LYS F 646 47.54 23.43 -4.00
CA LYS F 646 48.86 22.83 -4.24
C LYS F 646 48.74 21.62 -5.18
N ILE F 647 48.48 21.95 -6.44
CA ILE F 647 48.52 20.97 -7.50
C ILE F 647 49.99 20.68 -7.84
N ILE F 648 50.35 19.40 -7.90
CA ILE F 648 51.72 18.97 -8.20
C ILE F 648 51.70 18.13 -9.48
N TYR F 649 52.68 18.27 -10.36
CA TYR F 649 52.76 17.53 -11.62
C TYR F 649 53.77 16.42 -11.55
N ILE F 650 53.40 15.22 -11.96
CA ILE F 650 54.29 14.06 -11.86
C ILE F 650 54.91 13.86 -13.22
N PRO F 651 56.11 14.37 -13.41
CA PRO F 651 56.71 14.38 -14.73
C PRO F 651 56.94 13.06 -15.39
N PRO F 652 56.59 12.95 -16.67
CA PRO F 652 56.93 11.72 -17.38
C PRO F 652 58.44 11.80 -17.35
N PRO F 653 59.15 10.70 -17.27
CA PRO F 653 60.62 10.76 -17.08
C PRO F 653 61.52 11.41 -18.13
N ASP F 654 62.78 11.71 -17.80
CA ASP F 654 63.77 12.24 -18.75
C ASP F 654 65.04 11.39 -18.74
N HIS F 655 66.07 11.73 -19.50
CA HIS F 655 67.28 10.87 -19.61
C HIS F 655 68.05 10.67 -18.31
N LYS F 656 68.38 11.72 -17.61
CA LYS F 656 68.96 11.56 -16.29
C LYS F 656 68.03 10.84 -15.34
N GLY F 657 66.72 11.00 -15.50
CA GLY F 657 65.78 10.28 -14.67
C GLY F 657 65.65 8.83 -15.00
N ARG F 658 65.78 8.47 -16.29
CA ARG F 658 65.65 7.07 -16.69
C ARG F 658 66.87 6.25 -16.35
N LEU F 659 68.02 6.88 -16.15
CA LEU F 659 69.20 6.16 -15.69
C LEU F 659 69.06 5.73 -14.23
N SER F 660 68.33 6.50 -13.42
CA SER F 660 68.15 6.16 -12.02
C SER F 660 67.13 5.04 -11.81
N ILE F 661 66.15 4.92 -12.70
CA ILE F 661 65.18 3.83 -12.64
C ILE F 661 65.85 2.50 -12.98
N LEU F 662 66.80 2.52 -13.92
CA LEU F 662 67.50 1.31 -14.32
C LEU F 662 68.51 0.85 -13.27
N LYS F 663 68.98 1.74 -12.40
CA LYS F 663 69.86 1.29 -11.33
C LYS F 663 69.10 0.64 -10.19
N VAL F 664 67.84 1.02 -10.00
CA VAL F 664 67.00 0.38 -8.98
C VAL F 664 66.63 -1.03 -9.40
N CYS F 665 66.29 -1.23 -10.68
CA CYS F 665 65.88 -2.54 -11.16
C CYS F 665 67.05 -3.51 -11.31
N THR F 666 68.22 -3.03 -11.72
CA THR F 666 69.38 -3.90 -11.93
C THR F 666 70.26 -4.00 -10.68
N LYS F 667 69.73 -3.69 -9.51
CA LYS F 667 70.48 -3.81 -8.27
C LYS F 667 70.64 -5.27 -7.87
N THR F 668 69.59 -6.06 -7.96
CA THR F 668 69.63 -7.46 -7.55
C THR F 668 70.12 -8.36 -8.69
N MET F 669 69.89 -7.96 -9.93
CA MET F 669 70.20 -8.78 -11.10
C MET F 669 71.70 -8.86 -11.34
N PRO F 670 72.24 -10.07 -11.59
CA PRO F 670 73.65 -10.17 -11.98
C PRO F 670 73.89 -9.64 -13.39
N ILE F 671 74.60 -8.53 -13.47
CA ILE F 671 74.85 -7.83 -14.73
C ILE F 671 76.32 -8.06 -15.10
N GLY F 672 76.55 -8.50 -16.33
CA GLY F 672 77.90 -8.65 -16.84
C GLY F 672 78.55 -7.31 -17.12
N PRO F 673 79.87 -7.34 -17.27
CA PRO F 673 80.60 -6.11 -17.49
C PRO F 673 80.77 -5.85 -18.95
N ASP F 674 79.69 -5.70 -19.66
CA ASP F 674 79.77 -5.32 -21.02
C ASP F 674 78.61 -4.41 -21.14
N VAL F 675 77.66 -4.60 -20.24
CA VAL F 675 76.45 -3.80 -20.28
C VAL F 675 76.73 -2.38 -19.79
N SER F 676 76.34 -1.40 -20.60
CA SER F 676 76.38 0.00 -20.21
C SER F 676 74.95 0.51 -20.16
N LEU F 677 74.56 1.05 -19.00
CA LEU F 677 73.18 1.49 -18.82
C LEU F 677 72.91 2.85 -19.43
N GLU F 678 73.94 3.64 -19.73
CA GLU F 678 73.73 4.95 -20.34
C GLU F 678 73.35 4.85 -21.80
N ASN F 679 73.86 3.83 -22.50
CA ASN F 679 73.53 3.65 -23.91
C ASN F 679 72.13 3.12 -24.10
N LEU F 680 71.61 2.36 -23.12
CA LEU F 680 70.24 1.89 -23.20
C LEU F 680 69.25 3.03 -22.94
N ALA F 681 69.60 3.95 -22.06
CA ALA F 681 68.73 5.06 -21.73
C ALA F 681 68.67 6.11 -22.83
N ALA F 682 69.69 6.18 -23.69
CA ALA F 682 69.64 7.09 -24.83
C ALA F 682 68.68 6.59 -25.90
N GLU F 683 68.68 5.29 -26.15
CA GLU F 683 67.78 4.70 -27.14
C GLU F 683 66.34 4.63 -26.65
N THR F 684 66.15 4.62 -25.34
CA THR F 684 64.82 4.54 -24.75
C THR F 684 64.16 5.91 -24.81
N CYS F 685 62.99 6.00 -25.44
CA CYS F 685 62.24 7.24 -25.49
C CYS F 685 60.75 6.92 -25.45
N PHE F 686 59.98 7.82 -24.83
CA PHE F 686 58.55 7.65 -24.50
C PHE F 686 58.25 6.39 -23.70
N PHE F 687 59.14 6.02 -22.78
CA PHE F 687 58.83 4.93 -21.87
C PHE F 687 58.24 5.48 -20.59
N SER F 688 57.34 4.73 -20.01
CA SER F 688 56.85 5.02 -18.67
C SER F 688 57.77 4.34 -17.66
N GLY F 689 57.43 4.41 -16.37
CA GLY F 689 58.22 3.72 -15.37
C GLY F 689 58.00 2.22 -15.37
N ALA F 690 56.78 1.79 -15.69
CA ALA F 690 56.45 0.37 -15.68
C ALA F 690 57.04 -0.36 -16.88
N ASP F 691 57.23 0.33 -18.01
CA ASP F 691 57.82 -0.30 -19.18
C ASP F 691 59.32 -0.50 -19.05
N LEU F 692 59.98 0.28 -18.19
CA LEU F 692 61.38 0.01 -17.89
C LEU F 692 61.53 -1.22 -17.02
N ARG F 693 60.53 -1.51 -16.18
CA ARG F 693 60.55 -2.74 -15.39
C ARG F 693 60.26 -3.96 -16.25
N ASN F 694 59.44 -3.83 -17.28
CA ASN F 694 59.17 -4.94 -18.19
C ASN F 694 60.37 -5.26 -19.09
N LEU F 695 61.19 -4.25 -19.39
CA LEU F 695 62.37 -4.47 -20.22
C LEU F 695 63.43 -5.25 -19.46
N CYS F 696 63.63 -4.96 -18.18
CA CYS F 696 64.60 -5.69 -17.38
C CYS F 696 64.11 -7.07 -17.01
N THR F 697 62.79 -7.26 -16.93
CA THR F 697 62.23 -8.58 -16.65
C THR F 697 62.38 -9.51 -17.85
N GLU F 698 62.05 -9.03 -19.05
CA GLU F 698 62.07 -9.89 -20.22
C GLU F 698 63.48 -10.13 -20.76
N ALA F 699 64.41 -9.21 -20.54
CA ALA F 699 65.79 -9.46 -20.94
C ALA F 699 66.46 -10.47 -20.00
N ALA F 700 66.01 -10.54 -18.75
CA ALA F 700 66.50 -11.55 -17.83
C ALA F 700 65.94 -12.94 -18.16
N LEU F 701 64.71 -13.01 -18.65
CA LEU F 701 64.13 -14.30 -19.01
C LEU F 701 64.73 -14.85 -20.30
N LEU F 702 65.18 -13.97 -21.19
CA LEU F 702 65.81 -14.42 -22.43
C LEU F 702 67.21 -14.98 -22.19
N ALA F 703 67.89 -14.56 -21.12
CA ALA F 703 69.18 -15.14 -20.79
C ALA F 703 69.04 -16.55 -20.23
N LEU F 704 67.94 -16.84 -19.55
CA LEU F 704 67.69 -18.20 -19.08
C LEU F 704 67.30 -19.12 -20.23
N GLN F 705 66.64 -18.58 -21.25
CA GLN F 705 66.22 -19.40 -22.39
C GLN F 705 67.39 -19.76 -23.29
N GLU F 706 68.26 -18.80 -23.59
CA GLU F 706 69.33 -19.01 -24.55
C GLU F 706 70.63 -19.49 -23.93
N ASN F 707 70.73 -19.55 -22.60
CA ASN F 707 71.93 -20.07 -21.96
C ASN F 707 71.61 -21.05 -20.85
N GLY F 708 70.47 -21.73 -20.91
CA GLY F 708 70.20 -22.82 -20.01
C GLY F 708 69.70 -22.37 -18.65
N LEU F 709 69.31 -23.36 -17.86
CA LEU F 709 68.68 -23.10 -16.57
C LEU F 709 69.69 -22.63 -15.52
N ASP F 710 70.96 -22.99 -15.68
CA ASP F 710 72.02 -22.57 -14.77
C ASP F 710 72.92 -21.59 -15.50
N ALA F 711 72.73 -20.30 -15.24
CA ALA F 711 73.52 -19.26 -15.88
C ALA F 711 73.60 -18.04 -14.99
N THR F 712 74.79 -17.41 -14.93
CA THR F 712 74.98 -16.13 -14.26
C THR F 712 75.55 -15.16 -15.28
N THR F 713 74.69 -14.63 -16.15
CA THR F 713 75.09 -13.71 -17.22
C THR F 713 73.83 -13.05 -17.77
N VAL F 714 73.77 -11.73 -17.74
CA VAL F 714 72.88 -10.97 -18.60
C VAL F 714 73.75 -10.02 -19.40
N LYS F 715 73.79 -10.20 -20.71
CA LYS F 715 74.69 -9.44 -21.56
C LYS F 715 73.97 -8.25 -22.17
N GLN F 716 74.74 -7.44 -22.92
CA GLN F 716 74.22 -6.22 -23.53
C GLN F 716 73.28 -6.54 -24.69
N GLU F 717 73.57 -7.61 -25.44
CA GLU F 717 72.77 -7.99 -26.59
C GLU F 717 71.39 -8.52 -26.22
N HIS F 718 71.21 -9.00 -24.98
CA HIS F 718 69.89 -9.42 -24.52
C HIS F 718 68.98 -8.22 -24.31
N PHE F 719 69.54 -7.07 -23.94
CA PHE F 719 68.74 -5.86 -23.76
C PHE F 719 68.29 -5.29 -25.10
N LEU F 720 69.16 -5.33 -26.11
CA LEU F 720 68.79 -4.85 -27.43
C LEU F 720 67.84 -5.79 -28.15
N LYS F 721 67.90 -7.08 -27.84
CA LYS F 721 66.98 -8.04 -28.42
C LYS F 721 65.59 -7.92 -27.79
N SER F 722 65.53 -7.42 -26.55
CA SER F 722 64.26 -7.20 -25.87
C SER F 722 63.63 -5.85 -26.18
N LEU F 723 64.31 -4.98 -26.93
CA LEU F 723 63.68 -3.76 -27.40
C LEU F 723 62.76 -4.00 -28.59
N LYS F 724 62.87 -5.15 -29.25
CA LYS F 724 61.95 -5.49 -30.32
C LYS F 724 60.62 -6.04 -29.84
N THR F 725 60.51 -6.43 -28.57
CA THR F 725 59.27 -6.97 -28.07
C THR F 725 58.66 -6.19 -26.91
N VAL F 726 59.25 -5.07 -26.52
CA VAL F 726 58.64 -4.12 -25.59
C VAL F 726 58.53 -2.79 -26.31
N LYS F 727 57.30 -2.30 -26.45
CA LYS F 727 57.01 -1.09 -27.21
C LYS F 727 56.69 0.07 -26.26
N PRO F 728 56.98 1.32 -26.66
CA PRO F 728 56.61 2.47 -25.83
C PRO F 728 55.10 2.67 -25.72
N SER F 729 54.68 3.15 -24.56
CA SER F 729 53.27 3.35 -24.27
C SER F 729 52.90 4.82 -24.10
N LEU F 730 53.72 5.73 -24.63
CA LEU F 730 53.42 7.15 -24.60
C LEU F 730 53.60 7.74 -25.99
N SER F 731 53.01 8.91 -26.19
CA SER F 731 53.10 9.60 -27.47
C SER F 731 53.01 11.10 -27.22
N CYS F 732 53.18 11.88 -28.29
CA CYS F 732 53.06 13.33 -28.20
C CYS F 732 51.60 13.80 -28.10
N LYS F 733 50.64 12.94 -28.43
CA LYS F 733 49.24 13.29 -28.26
C LYS F 733 48.85 13.36 -26.79
N ASP F 734 49.28 12.38 -26.00
CA ASP F 734 49.00 12.41 -24.57
C ASP F 734 49.88 13.39 -23.83
N LEU F 735 51.13 13.56 -24.26
CA LEU F 735 52.08 14.39 -23.52
C LEU F 735 51.79 15.88 -23.66
N ALA F 736 51.34 16.30 -24.84
CA ALA F 736 50.98 17.71 -25.02
C ALA F 736 49.60 18.06 -24.47
N LEU F 737 48.82 17.08 -24.02
CA LEU F 737 47.58 17.37 -23.31
C LEU F 737 47.84 17.98 -21.94
N TYR F 738 48.79 17.39 -21.25
CA TYR F 738 49.06 17.83 -19.92
C TYR F 738 49.78 19.15 -19.88
N GLU F 739 50.65 19.38 -20.82
CA GLU F 739 51.36 20.64 -20.85
C GLU F 739 50.53 21.75 -21.48
N ASN F 740 49.30 21.48 -21.84
CA ASN F 740 48.41 22.52 -22.31
C ASN F 740 47.52 22.91 -21.15
N LEU F 741 47.04 21.95 -20.40
CA LEU F 741 46.25 22.24 -19.22
C LEU F 741 47.21 22.88 -18.35
N PHE F 742 48.41 22.36 -18.38
CA PHE F 742 49.45 22.98 -17.63
C PHE F 742 49.28 24.45 -17.81
N LYS F 743 49.13 24.87 -19.05
CA LYS F 743 48.98 26.27 -19.33
C LYS F 743 47.59 26.68 -19.08
N LYS F 744 47.33 27.01 -17.84
CA LYS F 744 46.03 27.52 -17.57
C LYS F 744 45.02 26.64 -18.19
N GLU F 745 44.10 27.23 -18.93
CA GLU F 745 43.05 26.44 -19.47
C GLU F 745 42.45 25.84 -18.23
N GLY F 746 42.87 24.63 -17.90
CA GLY F 746 42.42 24.00 -16.66
C GLY F 746 43.56 23.25 -15.98
N PHE F 747 43.33 22.72 -14.79
CA PHE F 747 44.34 21.93 -14.13
C PHE F 747 43.65 21.14 -13.08
N GLY G 44 -21.20 10.41 87.88
CA GLY G 44 -20.29 10.23 86.76
C GLY G 44 -19.06 9.42 87.13
N THR G 45 -19.09 8.79 88.29
CA THR G 45 -17.99 7.98 88.80
C THR G 45 -18.36 6.50 88.83
N LEU G 46 -19.06 6.04 87.79
CA LEU G 46 -19.46 4.65 87.70
C LEU G 46 -18.28 3.76 87.31
N THR G 47 -18.33 2.50 87.73
CA THR G 47 -17.24 1.59 87.47
C THR G 47 -17.29 1.05 86.04
N VAL G 48 -16.17 0.53 85.59
CA VAL G 48 -15.99 0.11 84.20
C VAL G 48 -16.28 -1.38 84.08
N THR G 49 -17.21 -1.72 83.19
CA THR G 49 -17.46 -3.10 82.81
C THR G 49 -17.19 -3.26 81.32
N ASN G 50 -17.25 -4.50 80.86
CA ASN G 50 -17.03 -4.79 79.45
C ASN G 50 -18.29 -4.48 78.64
N LEU G 51 -18.13 -4.48 77.33
CA LEU G 51 -19.26 -4.27 76.43
C LEU G 51 -20.16 -5.50 76.40
N LEU G 52 -21.41 -5.28 75.98
CA LEU G 52 -22.42 -6.32 76.02
C LEU G 52 -22.21 -7.35 74.92
N GLU G 53 -22.50 -8.62 75.24
CA GLU G 53 -22.44 -9.68 74.24
C GLU G 53 -23.61 -9.58 73.28
N LYS G 54 -24.77 -9.10 73.74
CA LYS G 54 -25.90 -8.84 72.87
C LYS G 54 -25.64 -7.59 72.05
N VAL G 55 -25.08 -7.77 70.86
CA VAL G 55 -24.72 -6.66 69.98
C VAL G 55 -25.78 -6.54 68.91
N ASP G 56 -26.42 -5.38 68.83
CA ASP G 56 -27.41 -5.12 67.81
C ASP G 56 -26.73 -4.70 66.50
N ASP G 57 -27.53 -4.43 65.48
CA ASP G 57 -27.00 -4.02 64.19
C ASP G 57 -26.54 -2.57 64.20
N LYS G 58 -25.22 -2.37 64.16
CA LYS G 58 -24.67 -1.02 64.00
C LYS G 58 -24.89 -0.59 62.55
N ILE G 59 -25.64 0.49 62.38
CA ILE G 59 -26.22 0.85 61.08
C ILE G 59 -25.14 1.44 60.16
N PRO G 60 -24.17 2.26 60.60
CA PRO G 60 -22.94 2.36 59.81
C PRO G 60 -21.91 1.30 60.18
N LYS G 61 -21.12 0.93 59.19
CA LYS G 61 -19.93 0.12 59.43
C LYS G 61 -18.81 1.02 59.92
N THR G 62 -17.81 0.39 60.55
CA THR G 62 -16.62 0.91 61.27
C THR G 62 -16.87 2.08 62.23
N PHE G 63 -18.07 2.19 62.76
CA PHE G 63 -18.38 3.08 63.87
C PHE G 63 -18.67 2.29 65.13
N GLN G 64 -18.43 0.97 65.10
CA GLN G 64 -18.55 0.14 66.29
C GLN G 64 -17.40 0.37 67.26
N ASN G 65 -16.26 0.88 66.77
CA ASN G 65 -15.10 1.09 67.62
C ASN G 65 -15.28 2.30 68.53
N SER G 66 -15.83 3.38 68.01
CA SER G 66 -15.96 4.62 68.78
C SER G 66 -17.38 4.78 69.34
N LEU G 67 -17.80 3.85 70.19
CA LEU G 67 -19.13 3.91 70.80
C LEU G 67 -19.10 3.32 72.21
N ILE G 68 -19.79 3.98 73.14
CA ILE G 68 -19.96 3.50 74.50
C ILE G 68 -21.45 3.30 74.76
N HIS G 69 -21.81 2.16 75.37
CA HIS G 69 -23.20 1.88 75.73
C HIS G 69 -23.44 2.20 77.20
N LEU G 70 -24.53 2.90 77.48
CA LEU G 70 -24.86 3.35 78.82
C LEU G 70 -26.31 3.02 79.15
N GLY G 71 -26.63 3.08 80.46
CA GLY G 71 -28.00 3.01 80.90
C GLY G 71 -28.64 4.39 81.01
N LEU G 72 -29.95 4.43 80.82
CA LEU G 72 -30.66 5.67 80.48
C LEU G 72 -30.74 6.65 81.65
N ASN G 73 -31.03 6.14 82.85
CA ASN G 73 -31.19 7.01 84.03
C ASN G 73 -29.84 7.59 84.48
N THR G 74 -28.78 6.80 84.37
CA THR G 74 -27.44 7.31 84.65
C THR G 74 -26.96 8.27 83.56
N MET G 75 -27.47 8.09 82.34
CA MET G 75 -27.10 8.97 81.23
C MET G 75 -27.79 10.32 81.39
N LYS G 76 -29.04 10.31 81.88
CA LYS G 76 -29.72 11.54 82.26
C LYS G 76 -29.07 12.19 83.49
N SER G 77 -28.60 11.36 84.43
CA SER G 77 -28.06 11.88 85.68
C SER G 77 -26.68 12.50 85.53
N ALA G 78 -25.97 12.20 84.45
CA ALA G 78 -24.64 12.74 84.22
C ALA G 78 -24.64 14.03 83.41
N ASN G 79 -25.85 14.56 83.11
CA ASN G 79 -26.19 15.75 82.30
C ASN G 79 -25.36 15.89 81.01
N ILE G 80 -25.26 14.79 80.28
CA ILE G 80 -24.56 14.77 79.00
C ILE G 80 -25.58 14.91 77.89
N CYS G 81 -25.26 15.70 76.87
CA CYS G 81 -26.02 15.65 75.63
C CYS G 81 -25.73 14.34 74.91
N ILE G 82 -26.76 13.76 74.32
CA ILE G 82 -26.68 12.43 73.73
C ILE G 82 -26.23 12.54 72.27
N GLY G 83 -25.28 11.68 71.89
CA GLY G 83 -24.71 11.71 70.57
C GLY G 83 -23.48 12.58 70.43
N ARG G 84 -23.29 13.52 71.33
CA ARG G 84 -22.11 14.37 71.41
C ARG G 84 -20.95 13.59 72.03
N PRO G 85 -19.70 13.98 71.76
CA PRO G 85 -18.57 13.28 72.36
C PRO G 85 -18.42 13.47 73.87
N VAL G 86 -17.87 12.45 74.50
CA VAL G 86 -17.61 12.40 75.94
C VAL G 86 -16.11 12.26 76.16
N LEU G 87 -15.66 12.74 77.32
CA LEU G 87 -14.27 12.69 77.74
C LEU G 87 -14.15 11.76 78.94
N LEU G 88 -13.26 10.78 78.83
CA LEU G 88 -13.00 9.82 79.90
C LEU G 88 -11.71 10.24 80.57
N THR G 89 -11.79 10.51 81.88
CA THR G 89 -10.65 10.79 82.72
C THR G 89 -10.41 9.58 83.62
N SER G 90 -9.23 8.97 83.49
CA SER G 90 -8.91 7.75 84.21
C SER G 90 -8.10 8.07 85.46
N LEU G 91 -7.91 7.05 86.29
CA LEU G 91 -7.09 7.19 87.50
C LEU G 91 -5.60 7.23 87.20
N ASN G 92 -5.18 6.72 86.05
CA ASN G 92 -3.79 6.79 85.62
C ASN G 92 -3.46 8.08 84.88
N GLY G 93 -4.44 8.95 84.65
CA GLY G 93 -4.21 10.21 83.98
C GLY G 93 -4.37 10.17 82.47
N LYS G 94 -4.85 9.07 81.91
CA LYS G 94 -5.00 8.92 80.46
C LYS G 94 -6.44 9.25 80.09
N GLN G 95 -6.62 10.34 79.37
CA GLN G 95 -7.94 10.79 78.96
C GLN G 95 -8.19 10.37 77.51
N GLU G 96 -9.47 10.16 77.19
CA GLU G 96 -9.83 9.69 75.85
C GLU G 96 -11.23 10.16 75.48
N VAL G 97 -11.42 10.58 74.23
CA VAL G 97 -12.69 11.14 73.78
C VAL G 97 -13.40 10.15 72.87
N TYR G 98 -14.60 9.70 73.29
CA TYR G 98 -15.48 8.86 72.47
C TYR G 98 -16.87 9.43 72.24
N THR G 99 -17.76 8.58 71.74
CA THR G 99 -19.15 8.91 71.45
C THR G 99 -20.06 8.00 72.29
N ALA G 100 -21.14 8.56 72.83
CA ALA G 100 -22.08 7.81 73.64
C ALA G 100 -23.20 7.23 72.79
N TRP G 101 -23.70 6.07 73.21
CA TRP G 101 -24.83 5.40 72.53
C TRP G 101 -25.62 4.60 73.56
N PRO G 102 -26.49 5.27 74.32
CA PRO G 102 -27.16 4.57 75.43
C PRO G 102 -28.39 3.77 75.02
N MET G 103 -28.21 2.53 74.59
CA MET G 103 -29.35 1.65 74.42
C MET G 103 -29.62 0.90 75.72
N ALA G 104 -30.80 0.29 75.79
CA ALA G 104 -31.23 -0.39 77.02
C ALA G 104 -30.67 -1.81 77.06
N GLY G 105 -31.16 -2.60 78.00
CA GLY G 105 -30.57 -3.90 78.29
C GLY G 105 -29.19 -3.79 78.90
N PHE G 106 -28.98 -2.77 79.74
CA PHE G 106 -27.69 -2.47 80.31
C PHE G 106 -27.83 -2.28 81.82
N PRO G 107 -26.92 -2.81 82.63
CA PRO G 107 -27.01 -2.64 84.08
C PRO G 107 -26.61 -1.24 84.52
N GLY G 108 -27.42 -0.64 85.39
CA GLY G 108 -27.12 0.68 85.89
C GLY G 108 -25.99 0.67 86.91
N GLY G 109 -25.40 1.85 87.10
CA GLY G 109 -24.26 1.97 87.97
C GLY G 109 -22.93 1.61 87.34
N LYS G 110 -22.92 1.28 86.05
CA LYS G 110 -21.71 0.90 85.34
C LYS G 110 -21.66 1.66 84.02
N VAL G 111 -20.44 1.76 83.47
CA VAL G 111 -20.23 2.23 82.11
C VAL G 111 -19.51 1.13 81.33
N GLY G 112 -19.97 0.86 80.12
CA GLY G 112 -19.49 -0.29 79.39
C GLY G 112 -18.48 0.03 78.29
N LEU G 113 -17.21 -0.20 78.56
CA LEU G 113 -16.15 0.08 77.61
C LEU G 113 -15.79 -1.20 76.84
N SER G 114 -15.29 -1.01 75.64
CA SER G 114 -14.88 -2.13 74.80
C SER G 114 -13.51 -2.64 75.22
N GLU G 115 -13.10 -3.75 74.61
CA GLU G 115 -11.76 -4.31 74.85
C GLU G 115 -10.69 -3.44 74.21
N MET G 116 -11.00 -2.76 73.13
CA MET G 116 -10.00 -1.85 72.61
C MET G 116 -9.95 -0.67 73.56
N ALA G 117 -11.12 -0.19 73.97
CA ALA G 117 -11.13 0.88 74.95
C ALA G 117 -10.42 0.48 76.24
N GLN G 118 -10.48 -0.79 76.61
CA GLN G 118 -9.79 -1.27 77.79
C GLN G 118 -8.28 -1.30 77.57
N LYS G 119 -7.86 -1.59 76.33
CA LYS G 119 -6.45 -1.51 75.99
C LYS G 119 -5.98 -0.07 75.82
N ASN G 120 -6.88 0.84 75.44
CA ASN G 120 -6.52 2.26 75.38
C ASN G 120 -6.35 2.87 76.77
N VAL G 121 -7.29 2.59 77.68
CA VAL G 121 -7.21 3.19 79.01
C VAL G 121 -6.19 2.46 79.87
N GLY G 122 -6.33 1.14 79.98
CA GLY G 122 -5.35 0.35 80.70
C GLY G 122 -5.66 0.16 82.17
N VAL G 123 -6.90 -0.21 82.47
CA VAL G 123 -7.30 -0.47 83.85
C VAL G 123 -7.87 -1.88 83.94
N ARG G 124 -8.32 -2.26 85.13
CA ARG G 124 -8.93 -3.55 85.38
C ARG G 124 -10.45 -3.41 85.44
N PRO G 125 -11.20 -4.49 85.13
CA PRO G 125 -12.67 -4.43 85.31
C PRO G 125 -13.07 -4.39 86.78
N GLY G 126 -13.53 -3.22 87.23
CA GLY G 126 -13.82 -3.00 88.63
C GLY G 126 -13.27 -1.66 89.09
N ASP G 127 -12.42 -1.05 88.26
CA ASP G 127 -11.87 0.26 88.54
C ASP G 127 -12.87 1.34 88.16
N ALA G 128 -12.59 2.56 88.61
CA ALA G 128 -13.47 3.71 88.39
C ALA G 128 -12.90 4.65 87.35
N ILE G 129 -13.80 5.33 86.64
CA ILE G 129 -13.43 6.29 85.62
C ILE G 129 -14.40 7.47 85.78
N GLN G 130 -14.03 8.62 85.21
CA GLN G 130 -14.89 9.79 85.23
C GLN G 130 -15.31 10.12 83.80
N VAL G 131 -16.60 10.22 83.58
CA VAL G 131 -17.14 10.63 82.28
C VAL G 131 -17.57 12.09 82.37
N GLN G 132 -17.28 12.85 81.32
CA GLN G 132 -17.62 14.27 81.29
C GLN G 132 -18.12 14.62 79.89
N PRO G 133 -19.01 15.60 79.78
CA PRO G 133 -19.30 16.16 78.46
C PRO G 133 -18.31 17.26 78.10
N LEU G 134 -18.14 17.45 76.80
CA LEU G 134 -17.24 18.48 76.29
C LEU G 134 -18.00 19.80 76.19
N VAL G 135 -17.79 20.70 77.14
CA VAL G 135 -18.45 21.99 77.11
C VAL G 135 -17.68 22.99 76.24
N GLY G 136 -16.37 22.79 76.06
CA GLY G 136 -15.57 23.66 75.24
C GLY G 136 -15.79 23.43 73.75
N ALA G 137 -15.21 24.33 72.97
CA ALA G 137 -15.41 24.31 71.52
C ALA G 137 -14.57 23.22 70.86
N VAL G 138 -15.07 22.76 69.71
CA VAL G 138 -14.36 21.82 68.86
C VAL G 138 -14.19 22.46 67.49
N LEU G 139 -13.05 22.15 66.86
CA LEU G 139 -12.71 22.74 65.57
C LEU G 139 -11.75 21.78 64.85
N GLN G 140 -11.37 22.15 63.63
CA GLN G 140 -10.58 21.27 62.79
C GLN G 140 -9.10 21.33 63.13
N ALA G 141 -8.45 20.16 63.15
CA ALA G 141 -7.00 20.10 63.23
C ALA G 141 -6.39 20.41 61.86
N GLU G 142 -5.16 20.92 61.88
CA GLU G 142 -4.48 21.32 60.65
C GLU G 142 -3.26 20.47 60.35
N GLU G 143 -2.28 20.41 61.26
CA GLU G 143 -1.11 19.56 61.08
C GLU G 143 -1.09 18.51 62.17
N MET G 144 -0.67 17.31 61.81
CA MET G 144 -0.52 16.29 62.84
C MET G 144 0.71 15.45 62.55
N ASP G 145 1.60 15.40 63.54
CA ASP G 145 2.82 14.61 63.47
C ASP G 145 2.59 13.32 64.25
N VAL G 146 2.97 12.19 63.65
CA VAL G 146 2.53 10.86 64.08
C VAL G 146 3.75 9.96 64.19
N ALA G 147 3.94 9.34 65.34
CA ALA G 147 5.05 8.41 65.56
C ALA G 147 4.70 6.98 65.15
N LEU G 148 5.66 6.34 64.48
CA LEU G 148 5.54 4.95 64.07
C LEU G 148 6.86 4.24 64.36
N SER G 149 6.76 2.95 64.69
CA SER G 149 7.93 2.12 64.93
C SER G 149 8.65 1.81 63.61
N ASP G 150 9.86 1.24 63.76
CA ASP G 150 10.74 1.03 62.61
C ASP G 150 10.31 -0.17 61.76
N LYS G 151 9.64 -1.15 62.38
CA LYS G 151 9.35 -2.45 61.75
C LYS G 151 8.32 -2.38 60.62
N ASP G 152 7.61 -1.26 60.48
CA ASP G 152 6.76 -1.00 59.33
C ASP G 152 7.18 0.29 58.62
N MET G 153 8.49 0.48 58.39
CA MET G 153 8.89 1.54 57.47
C MET G 153 8.85 1.13 56.00
N GLU G 154 8.49 -0.12 55.69
CA GLU G 154 8.44 -0.57 54.30
C GLU G 154 7.18 -0.13 53.57
N ILE G 155 6.20 0.41 54.25
CA ILE G 155 4.93 0.81 53.66
C ILE G 155 5.05 2.22 53.11
N ASN G 156 4.47 2.44 51.92
CA ASN G 156 4.48 3.74 51.28
C ASN G 156 3.59 4.74 52.04
N GLU G 157 3.95 6.01 51.93
CA GLU G 157 3.38 7.03 52.82
C GLU G 157 1.99 7.48 52.40
N GLU G 158 1.67 7.50 51.10
CA GLU G 158 0.45 8.16 50.64
C GLU G 158 -0.77 7.29 50.87
N GLU G 159 -0.65 5.98 50.70
CA GLU G 159 -1.75 5.07 50.96
C GLU G 159 -2.06 4.96 52.44
N LEU G 160 -1.03 5.01 53.29
CA LEU G 160 -1.24 5.04 54.73
C LEU G 160 -1.87 6.36 55.18
N THR G 161 -1.50 7.47 54.53
CA THR G 161 -2.11 8.77 54.82
C THR G 161 -3.59 8.79 54.44
N GLY G 162 -3.92 8.23 53.28
CA GLY G 162 -5.31 8.12 52.86
C GLY G 162 -6.12 7.17 53.72
N CYS G 163 -5.50 6.09 54.20
CA CYS G 163 -6.21 5.15 55.07
C CYS G 163 -6.44 5.72 56.47
N ILE G 164 -5.48 6.52 56.96
CA ILE G 164 -5.64 7.25 58.23
C ILE G 164 -6.76 8.27 58.12
N LEU G 165 -6.80 9.03 57.02
CA LEU G 165 -7.85 10.04 56.88
C LEU G 165 -9.20 9.44 56.51
N ARG G 166 -9.25 8.23 55.98
CA ARG G 166 -10.54 7.62 55.66
C ARG G 166 -11.14 6.87 56.84
N LYS G 167 -10.36 6.00 57.48
CA LYS G 167 -10.94 5.17 58.54
C LYS G 167 -11.09 5.94 59.84
N LEU G 168 -10.14 6.82 60.16
CA LEU G 168 -10.24 7.64 61.37
C LEU G 168 -10.73 9.02 60.96
N ASP G 169 -12.03 9.12 60.78
CA ASP G 169 -12.67 10.36 60.42
C ASP G 169 -13.51 10.84 61.60
N GLY G 170 -13.31 12.10 61.98
CA GLY G 170 -14.10 12.66 63.06
C GLY G 170 -13.70 12.18 64.43
N LYS G 171 -12.47 11.71 64.60
CA LYS G 171 -11.99 11.26 65.90
C LYS G 171 -11.21 12.37 66.57
N ILE G 172 -11.57 12.67 67.81
CA ILE G 172 -10.95 13.76 68.55
C ILE G 172 -9.66 13.23 69.16
N VAL G 173 -8.54 13.86 68.81
CA VAL G 173 -7.22 13.33 69.17
C VAL G 173 -6.81 13.83 70.55
N LEU G 174 -6.17 12.94 71.29
CA LEU G 174 -5.42 13.22 72.50
C LEU G 174 -4.10 12.48 72.41
N PRO G 175 -2.96 13.16 72.60
CA PRO G 175 -1.66 12.52 72.38
C PRO G 175 -1.31 11.55 73.49
N GLY G 176 -1.07 10.30 73.11
CA GLY G 176 -0.77 9.26 74.07
C GLY G 176 -1.72 8.07 74.02
N ASN G 177 -2.30 7.78 72.86
CA ASN G 177 -3.11 6.59 72.69
C ASN G 177 -2.68 5.82 71.45
N PHE G 178 -3.29 4.67 71.25
CA PHE G 178 -3.00 3.81 70.11
C PHE G 178 -4.25 3.66 69.24
N LEU G 179 -4.05 3.77 67.93
CA LEU G 179 -5.15 3.84 66.97
C LEU G 179 -5.11 2.59 66.10
N TYR G 180 -6.24 1.91 65.99
CA TYR G 180 -6.33 0.72 65.15
C TYR G 180 -6.99 1.07 63.82
N CYS G 181 -6.32 0.72 62.73
CA CYS G 181 -6.88 0.83 61.40
C CYS G 181 -6.56 -0.44 60.62
N THR G 182 -7.59 -1.01 59.99
CA THR G 182 -7.46 -2.29 59.30
C THR G 182 -6.90 -2.03 57.90
N PHE G 183 -5.58 -1.88 57.84
CA PHE G 183 -4.89 -1.61 56.59
C PHE G 183 -4.79 -2.91 55.80
N TYR G 184 -5.61 -3.00 54.73
CA TYR G 184 -5.80 -4.17 53.85
C TYR G 184 -6.20 -5.42 54.64
N GLY G 185 -7.10 -5.26 55.60
CA GLY G 185 -7.63 -6.38 56.34
C GLY G 185 -6.77 -6.85 57.50
N ARG G 186 -5.67 -6.16 57.80
CA ARG G 186 -4.80 -6.57 58.89
C ARG G 186 -4.51 -5.34 59.75
N PRO G 187 -4.46 -5.48 61.08
CA PRO G 187 -4.45 -4.30 61.97
C PRO G 187 -3.11 -3.58 62.02
N TYR G 188 -3.10 -2.50 62.79
CA TYR G 188 -1.98 -1.56 62.78
C TYR G 188 -1.98 -0.78 64.09
N LYS G 189 -0.80 -0.63 64.68
CA LYS G 189 -0.64 0.16 65.89
C LYS G 189 0.19 1.40 65.57
N LEU G 190 -0.17 2.52 66.19
CA LEU G 190 0.27 3.81 65.65
C LEU G 190 0.08 4.85 66.76
N GLN G 191 1.13 5.62 67.06
CA GLN G 191 1.06 6.52 68.21
C GLN G 191 1.04 7.96 67.70
N VAL G 192 0.46 8.85 68.48
CA VAL G 192 0.43 10.24 68.10
C VAL G 192 1.66 10.96 68.62
N LEU G 193 2.22 11.87 67.83
CA LEU G 193 3.34 12.67 68.31
C LEU G 193 2.84 13.86 69.09
N ARG G 194 2.23 14.81 68.42
CA ARG G 194 1.69 15.99 69.07
C ARG G 194 0.81 16.58 68.02
N VAL G 195 0.19 17.72 68.27
CA VAL G 195 -0.73 18.19 67.25
C VAL G 195 -0.59 19.71 67.15
N LYS G 196 -0.70 20.23 65.93
CA LYS G 196 -0.63 21.65 65.69
C LYS G 196 -2.04 22.19 65.45
N GLY G 197 -2.31 23.36 66.02
CA GLY G 197 -3.63 23.95 65.94
C GLY G 197 -3.84 24.81 64.70
N ALA G 198 -5.05 24.74 64.17
CA ALA G 198 -5.43 25.56 63.03
C ALA G 198 -5.62 27.02 63.43
N ASP G 199 -6.22 27.25 64.60
CA ASP G 199 -6.49 28.62 65.05
C ASP G 199 -5.23 29.33 65.54
N GLY G 200 -4.28 28.59 66.09
CA GLY G 200 -3.07 29.20 66.61
C GLY G 200 -2.63 28.64 67.94
N MET G 201 -3.57 28.16 68.73
CA MET G 201 -3.24 27.50 69.99
C MET G 201 -2.78 26.08 69.71
N ILE G 202 -1.62 25.72 70.25
CA ILE G 202 -0.96 24.46 69.93
C ILE G 202 -1.00 23.58 71.17
N LEU G 203 -1.54 22.37 71.02
CA LEU G 203 -1.66 21.44 72.14
C LEU G 203 -0.47 20.49 72.13
N GLY G 204 0.12 20.28 73.30
CA GLY G 204 1.24 19.37 73.45
C GLY G 204 0.83 17.91 73.35
N GLY G 315 -1.74 18.65 80.45
CA GLY G 315 -2.20 20.00 80.69
C GLY G 315 -3.67 20.20 80.40
N ALA G 316 -4.10 19.78 79.21
CA ALA G 316 -5.49 19.92 78.79
C ALA G 316 -6.28 18.75 79.37
N LYS G 317 -6.71 18.92 80.62
CA LYS G 317 -7.46 17.89 81.33
C LYS G 317 -8.87 18.32 81.72
N CYS G 318 -9.26 19.57 81.47
CA CYS G 318 -10.56 20.06 81.89
C CYS G 318 -11.62 19.77 80.82
N ASN G 319 -12.75 20.46 80.93
CA ASN G 319 -13.81 20.33 79.94
C ASN G 319 -13.98 21.57 79.07
N THR G 320 -13.45 22.72 79.51
CA THR G 320 -13.54 23.95 78.74
C THR G 320 -12.40 24.12 77.75
N ASP G 321 -11.47 23.18 77.70
CA ASP G 321 -10.32 23.28 76.81
C ASP G 321 -10.72 23.01 75.37
N THR G 322 -9.99 23.61 74.44
CA THR G 322 -10.28 23.44 73.03
C THR G 322 -9.75 22.10 72.53
N PHE G 323 -10.53 21.44 71.70
CA PHE G 323 -10.22 20.13 71.18
C PHE G 323 -10.27 20.14 69.66
N TYR G 324 -9.61 19.17 69.05
CA TYR G 324 -9.50 19.11 67.61
C TYR G 324 -9.80 17.70 67.13
N PHE G 325 -10.43 17.60 65.95
CA PHE G 325 -10.80 16.33 65.36
C PHE G 325 -10.23 16.21 63.95
N ILE G 326 -9.97 14.96 63.54
CA ILE G 326 -9.42 14.68 62.22
C ILE G 326 -10.51 14.85 61.17
N SER G 327 -10.19 15.55 60.09
CA SER G 327 -11.10 15.58 58.96
C SER G 327 -10.35 15.24 57.69
N SER G 328 -11.02 15.32 56.55
CA SER G 328 -10.31 15.29 55.28
C SER G 328 -9.57 16.61 55.07
N THR G 329 -8.55 16.55 54.20
CA THR G 329 -7.61 17.64 53.85
C THR G 329 -6.90 18.22 55.08
N THR G 330 -6.37 17.35 55.93
CA THR G 330 -5.41 17.74 56.95
C THR G 330 -4.08 17.06 56.66
N ARG G 331 -2.98 17.80 56.86
CA ARG G 331 -1.65 17.29 56.54
C ARG G 331 -1.05 16.54 57.72
N VAL G 332 -0.60 15.32 57.44
CA VAL G 332 -0.11 14.37 58.43
C VAL G 332 1.33 14.04 58.07
N ASN G 333 2.25 14.26 59.00
CA ASN G 333 3.64 13.86 58.83
C ASN G 333 3.96 12.69 59.75
N PHE G 334 4.88 11.84 59.33
CA PHE G 334 5.31 10.67 60.11
C PHE G 334 6.74 10.83 60.58
N THR G 335 6.99 10.43 61.82
CA THR G 335 8.33 10.34 62.39
C THR G 335 8.54 8.94 62.95
N GLU G 336 9.81 8.58 63.12
CA GLU G 336 10.20 7.29 63.66
C GLU G 336 9.94 7.21 65.16
N GLN G 347 15.04 19.77 38.75
CA GLN G 347 14.96 18.55 37.95
C GLN G 347 13.85 18.65 36.91
N PHE G 348 12.63 18.91 37.38
CA PHE G 348 11.47 19.03 36.51
C PHE G 348 11.13 20.48 36.20
N LYS G 349 10.97 21.32 37.22
CA LYS G 349 10.68 22.74 37.03
C LYS G 349 11.98 23.50 36.88
N VAL G 350 12.15 24.15 35.73
CA VAL G 350 13.35 24.93 35.43
C VAL G 350 13.02 26.39 35.71
N THR G 351 13.55 26.91 36.81
CA THR G 351 13.25 28.27 37.24
C THR G 351 14.09 29.27 36.45
N TYR G 352 13.72 30.54 36.59
CA TYR G 352 14.47 31.62 35.95
C TYR G 352 15.58 32.14 36.84
N ASP G 353 15.70 31.64 38.06
CA ASP G 353 16.84 31.99 38.90
C ASP G 353 18.11 31.29 38.41
N MET G 354 18.00 30.01 38.04
CA MET G 354 19.14 29.21 37.60
C MET G 354 19.32 29.22 36.09
N ILE G 355 19.27 30.42 35.51
CA ILE G 355 19.71 30.64 34.14
C ILE G 355 21.22 30.87 34.26
N GLY G 356 22.00 30.40 33.27
CA GLY G 356 23.44 30.55 33.27
C GLY G 356 23.91 32.00 33.13
N GLY G 357 25.24 32.16 33.23
CA GLY G 357 25.79 33.46 33.57
C GLY G 357 26.07 34.36 32.37
N LEU G 358 25.44 34.05 31.23
CA LEU G 358 25.43 35.01 30.12
C LEU G 358 24.59 36.22 30.47
N SER G 359 23.30 35.99 30.81
CA SER G 359 22.25 36.96 31.15
C SER G 359 22.11 38.07 30.12
N SER G 360 21.60 39.23 30.56
CA SER G 360 21.77 40.56 29.94
C SER G 360 21.11 40.80 28.58
N GLN G 361 20.55 39.77 27.95
CA GLN G 361 19.60 40.01 26.86
C GLN G 361 18.23 39.48 27.22
N LEU G 362 18.10 38.98 28.44
CA LEU G 362 16.80 38.56 28.93
C LEU G 362 16.16 39.79 29.55
N LYS G 363 16.96 40.78 29.89
CA LYS G 363 16.40 42.03 30.40
C LYS G 363 15.40 42.62 29.42
N ALA G 364 15.66 42.45 28.11
CA ALA G 364 14.68 42.82 27.10
C ALA G 364 13.52 41.85 27.07
N ILE G 365 13.74 40.60 27.48
CA ILE G 365 12.65 39.64 27.61
C ILE G 365 11.95 39.81 28.95
N ARG G 366 12.54 40.57 29.88
CA ARG G 366 11.88 40.84 31.15
C ARG G 366 10.71 41.82 31.02
N GLU G 367 10.64 42.59 29.94
CA GLU G 367 9.43 43.33 29.62
C GLU G 367 8.52 42.57 28.67
N ILE G 368 9.05 41.56 27.98
CA ILE G 368 8.24 40.73 27.09
C ILE G 368 7.33 39.82 27.89
N ILE G 369 7.90 39.15 28.91
CA ILE G 369 7.15 38.15 29.67
C ILE G 369 6.34 38.76 30.80
N GLU G 370 6.43 40.06 31.03
CA GLU G 370 5.75 40.69 32.15
C GLU G 370 4.66 41.66 31.73
N LEU G 371 4.99 42.64 30.87
CA LEU G 371 4.09 43.76 30.62
C LEU G 371 2.90 43.44 29.69
N PRO G 372 3.00 42.57 28.61
CA PRO G 372 1.74 42.07 28.04
C PRO G 372 1.29 40.73 28.61
N LEU G 373 2.19 39.97 29.23
CA LEU G 373 1.93 38.57 29.56
C LEU G 373 1.52 38.33 31.00
N LYS G 374 2.32 38.79 31.97
CA LYS G 374 2.00 38.57 33.38
C LYS G 374 0.86 39.47 33.84
N GLN G 375 0.86 40.73 33.41
CA GLN G 375 -0.24 41.65 33.67
C GLN G 375 -0.85 42.04 32.34
N PRO G 376 -1.94 41.40 31.90
CA PRO G 376 -2.46 41.64 30.55
C PRO G 376 -3.23 42.93 30.37
N GLU G 377 -3.55 43.65 31.44
CA GLU G 377 -4.28 44.89 31.34
C GLU G 377 -3.38 46.11 31.22
N LEU G 378 -2.06 45.91 31.16
CA LEU G 378 -1.14 47.05 31.13
C LEU G 378 -0.97 47.57 29.70
N PHE G 379 -0.74 46.68 28.74
CA PHE G 379 -0.71 47.03 27.33
C PHE G 379 -2.07 46.96 26.66
N LYS G 380 -3.13 46.64 27.41
CA LYS G 380 -4.47 46.60 26.83
C LYS G 380 -5.02 48.01 26.61
N SER G 381 -4.74 48.92 27.53
CA SER G 381 -5.27 50.28 27.48
C SER G 381 -4.28 51.28 26.91
N TYR G 382 -3.16 50.83 26.36
CA TYR G 382 -2.16 51.71 25.78
C TYR G 382 -2.34 51.78 24.26
N GLY G 383 -2.19 52.99 23.72
CA GLY G 383 -2.37 53.20 22.29
C GLY G 383 -1.19 52.77 21.44
N ILE G 384 -0.03 52.53 22.03
CA ILE G 384 1.15 52.09 21.30
C ILE G 384 0.98 50.62 20.92
N PRO G 385 1.48 50.18 19.77
CA PRO G 385 1.35 48.76 19.40
C PRO G 385 2.37 47.90 20.12
N ALA G 386 1.89 46.75 20.61
CA ALA G 386 2.75 45.77 21.24
C ALA G 386 3.56 45.01 20.19
N PRO G 387 4.78 44.57 20.52
CA PRO G 387 5.50 43.66 19.62
C PRO G 387 4.84 42.30 19.55
N ARG G 388 4.85 41.71 18.35
CA ARG G 388 4.13 40.46 18.10
C ARG G 388 5.07 39.30 17.78
N GLY G 389 6.34 39.40 18.15
CA GLY G 389 7.25 38.31 17.90
C GLY G 389 8.67 38.67 18.31
N VAL G 390 9.49 37.61 18.43
CA VAL G 390 10.88 37.73 18.83
C VAL G 390 11.75 37.16 17.71
N LEU G 391 13.04 37.44 17.78
CA LEU G 391 13.95 36.93 16.80
C LEU G 391 15.16 36.56 17.56
N LEU G 392 15.00 35.66 18.50
CA LEU G 392 16.12 35.32 19.34
C LEU G 392 17.17 34.67 18.46
N TYR G 393 18.44 34.95 18.73
CA TYR G 393 19.51 34.40 17.91
C TYR G 393 20.32 33.29 18.60
N GLY G 394 20.58 32.17 17.91
CA GLY G 394 21.38 31.09 18.49
C GLY G 394 21.36 29.72 17.86
N PRO G 395 22.02 28.71 18.49
CA PRO G 395 22.01 27.33 18.01
C PRO G 395 21.98 26.35 19.15
N PRO G 396 22.27 25.07 18.86
CA PRO G 396 22.34 24.21 20.04
C PRO G 396 23.60 24.51 20.85
N GLY G 397 23.45 24.53 22.17
CA GLY G 397 24.40 25.24 22.98
C GLY G 397 23.73 26.11 24.03
N THR G 398 23.82 27.44 23.85
CA THR G 398 23.48 28.37 24.92
C THR G 398 21.97 28.50 25.13
N GLY G 399 21.26 28.99 24.12
CA GLY G 399 19.89 29.40 24.38
C GLY G 399 18.85 29.14 23.31
N LYS G 400 18.94 28.02 22.58
CA LYS G 400 17.92 27.75 21.59
C LYS G 400 16.64 27.21 22.24
N THR G 401 16.77 26.42 23.30
CA THR G 401 15.64 25.96 24.10
C THR G 401 15.84 26.06 25.60
N MET G 402 17.06 26.29 26.03
CA MET G 402 17.29 26.44 27.42
C MET G 402 16.35 27.51 27.84
N ILE G 403 16.66 28.72 27.43
CA ILE G 403 15.84 29.85 27.84
C ILE G 403 14.35 29.51 27.69
N ALA G 404 14.03 28.78 26.63
CA ALA G 404 12.64 28.56 26.23
C ALA G 404 11.94 27.53 27.12
N ARG G 405 12.69 26.52 27.57
CA ARG G 405 12.10 25.57 28.53
C ARG G 405 12.13 26.12 29.94
N ALA G 406 12.93 27.16 30.19
CA ALA G 406 12.90 27.84 31.48
C ALA G 406 11.66 28.71 31.58
N VAL G 407 11.29 29.37 30.48
CA VAL G 407 10.16 30.30 30.49
C VAL G 407 8.86 29.53 30.26
N ALA G 408 8.96 28.25 29.87
CA ALA G 408 7.80 27.40 29.68
C ALA G 408 7.10 27.07 31.00
N ASN G 409 7.89 26.95 32.07
CA ASN G 409 7.34 26.74 33.40
C ASN G 409 7.71 27.86 34.37
N GLU G 410 7.85 29.08 33.85
CA GLU G 410 8.10 30.25 34.70
C GLU G 410 6.85 31.04 34.99
N VAL G 411 6.03 31.33 33.98
CA VAL G 411 4.75 32.00 34.20
C VAL G 411 3.75 30.98 34.71
N GLY G 412 3.60 29.88 33.97
CA GLY G 412 2.69 28.83 34.38
C GLY G 412 1.33 28.93 33.72
N ALA G 413 1.07 30.07 33.09
CA ALA G 413 -0.23 30.35 32.48
C ALA G 413 -0.16 29.95 31.00
N TYR G 414 -0.10 28.62 30.77
CA TYR G 414 -0.26 27.95 29.48
C TYR G 414 0.73 28.38 28.40
N VAL G 415 2.00 28.06 28.58
CA VAL G 415 2.98 28.18 27.50
C VAL G 415 2.78 26.98 26.59
N SER G 416 2.15 27.22 25.44
CA SER G 416 1.81 26.15 24.50
C SER G 416 3.06 25.71 23.75
N VAL G 417 3.28 24.40 23.70
CA VAL G 417 4.50 23.83 23.12
C VAL G 417 4.23 23.49 21.66
N ILE G 418 4.89 24.20 20.76
CA ILE G 418 4.81 23.95 19.33
C ILE G 418 6.23 23.75 18.84
N ASN G 419 6.49 22.62 18.18
CA ASN G 419 7.81 22.36 17.64
C ASN G 419 7.68 22.01 16.17
N GLY G 420 8.79 22.14 15.45
CA GLY G 420 8.84 21.87 14.03
C GLY G 420 8.68 20.43 13.59
N PRO G 421 9.67 19.55 13.84
CA PRO G 421 9.68 18.26 13.14
C PRO G 421 8.78 17.17 13.69
N GLU G 422 8.18 17.30 14.87
CA GLU G 422 7.36 16.20 15.38
C GLU G 422 5.99 16.16 14.71
N ILE G 423 5.41 17.31 14.40
CA ILE G 423 4.15 17.36 13.67
C ILE G 423 4.50 17.39 12.18
N ILE G 424 4.61 16.18 11.61
CA ILE G 424 4.76 15.94 10.18
C ILE G 424 4.25 14.53 9.90
N SER G 425 3.75 14.31 8.68
CA SER G 425 3.33 13.01 8.20
C SER G 425 3.35 13.02 6.68
N LYS G 426 3.15 11.83 6.10
CA LYS G 426 2.88 11.69 4.67
C LYS G 426 1.39 11.57 4.38
N PHE G 427 0.55 11.77 5.39
CA PHE G 427 -0.90 11.67 5.29
C PHE G 427 -1.55 13.04 5.23
N TYR G 428 -0.97 13.95 4.43
CA TYR G 428 -1.30 15.37 4.42
C TYR G 428 -2.72 15.61 3.90
N GLY G 429 -3.31 16.72 4.35
CA GLY G 429 -4.74 16.92 4.33
C GLY G 429 -5.36 16.90 5.71
N GLU G 430 -4.65 16.34 6.70
CA GLU G 430 -5.04 16.41 8.10
C GLU G 430 -3.93 16.81 9.05
N THR G 431 -2.65 16.63 8.67
CA THR G 431 -1.56 17.04 9.55
C THR G 431 -1.37 18.54 9.60
N GLU G 432 -1.78 19.25 8.56
CA GLU G 432 -1.88 20.70 8.61
C GLU G 432 -3.22 21.14 9.18
N ALA G 433 -4.21 20.26 9.19
CA ALA G 433 -5.48 20.60 9.81
C ALA G 433 -5.38 20.55 11.33
N LYS G 434 -4.50 19.71 11.89
CA LYS G 434 -4.26 19.83 13.32
C LYS G 434 -3.35 21.01 13.64
N LEU G 435 -2.63 21.53 12.65
CA LEU G 435 -1.96 22.82 12.83
C LEU G 435 -2.95 23.98 12.76
N ARG G 436 -4.14 23.76 12.19
CA ARG G 436 -5.18 24.79 12.25
C ARG G 436 -5.81 24.88 13.63
N GLN G 437 -6.04 23.74 14.30
CA GLN G 437 -6.80 23.72 15.54
C GLN G 437 -5.94 23.93 16.78
N ILE G 438 -4.69 24.38 16.64
CA ILE G 438 -3.93 24.80 17.82
C ILE G 438 -4.42 26.16 18.30
N PHE G 439 -5.05 26.94 17.41
CA PHE G 439 -5.71 28.17 17.81
C PHE G 439 -7.12 27.95 18.31
N ALA G 440 -7.65 26.72 18.21
CA ALA G 440 -8.98 26.42 18.74
C ALA G 440 -8.97 26.40 20.26
N GLU G 441 -7.87 25.96 20.87
CA GLU G 441 -7.72 26.10 22.30
C GLU G 441 -7.19 27.47 22.70
N ALA G 442 -6.77 28.29 21.73
CA ALA G 442 -6.41 29.67 22.01
C ALA G 442 -7.65 30.57 22.01
N THR G 443 -8.80 30.04 21.58
CA THR G 443 -10.06 30.79 21.62
C THR G 443 -11.05 30.18 22.61
N LEU G 444 -10.58 29.34 23.54
CA LEU G 444 -11.47 28.77 24.55
C LEU G 444 -11.56 29.70 25.75
N ARG G 445 -10.42 29.97 26.38
CA ARG G 445 -10.32 30.91 27.48
C ARG G 445 -9.11 31.82 27.35
N HIS G 446 -8.46 31.80 26.17
CA HIS G 446 -7.20 32.41 25.70
C HIS G 446 -6.08 32.58 26.74
N PRO G 447 -5.50 31.49 27.31
CA PRO G 447 -4.26 31.68 28.08
C PRO G 447 -3.01 31.45 27.26
N SER G 448 -3.13 31.43 25.93
CA SER G 448 -2.14 30.84 25.04
C SER G 448 -0.87 31.67 24.88
N ILE G 449 0.19 31.27 25.58
CA ILE G 449 1.51 31.78 25.28
C ILE G 449 2.14 30.90 24.20
N ILE G 450 2.27 31.44 23.00
CA ILE G 450 2.64 30.66 21.83
C ILE G 450 4.15 30.69 21.67
N PHE G 451 4.79 29.54 21.80
CA PHE G 451 6.19 29.38 21.49
C PHE G 451 6.34 28.36 20.38
N ILE G 452 7.05 28.71 19.32
CA ILE G 452 7.26 27.78 18.21
C ILE G 452 8.72 27.39 18.10
N ASP G 453 9.01 26.11 18.27
CA ASP G 453 10.39 25.64 18.19
C ASP G 453 10.75 25.31 16.74
N GLN G 454 12.04 25.10 16.50
CA GLN G 454 12.52 24.70 15.18
C GLN G 454 12.04 25.67 14.13
N LEU G 455 12.16 26.96 14.43
CA LEU G 455 11.81 28.03 13.50
C LEU G 455 12.31 27.71 12.10
N ASP G 456 13.57 27.36 11.97
CA ASP G 456 14.15 27.05 10.66
C ASP G 456 13.52 25.80 10.06
N ALA G 457 13.01 24.90 10.91
CA ALA G 457 12.49 23.62 10.41
C ALA G 457 11.03 23.69 10.01
N LEU G 458 10.39 24.87 10.12
CA LEU G 458 9.06 25.03 9.55
C LEU G 458 9.12 25.02 8.02
N CYS G 459 9.80 26.01 7.45
CA CYS G 459 10.14 26.08 6.03
C CYS G 459 11.40 26.93 5.84
N PRO G 460 12.52 26.32 5.42
CA PRO G 460 13.71 27.13 5.15
C PRO G 460 13.62 27.82 3.80
N LYS G 461 13.25 29.11 3.83
CA LYS G 461 12.93 29.95 2.66
C LYS G 461 11.94 29.28 1.71
N ARG G 462 10.88 28.71 2.31
CA ARG G 462 9.75 27.98 1.73
C ARG G 462 10.14 26.68 1.01
N GLU G 463 11.37 26.19 1.21
CA GLU G 463 11.95 24.94 0.67
C GLU G 463 11.89 24.94 -0.85
N GLY G 464 11.27 23.94 -1.49
CA GLY G 464 11.10 23.94 -2.93
C GLY G 464 9.66 24.16 -3.34
N ALA G 465 8.74 23.58 -2.54
CA ALA G 465 7.28 23.68 -2.69
C ALA G 465 6.78 23.19 -4.06
N GLN G 466 7.26 22.01 -4.46
CA GLN G 466 6.87 21.43 -5.73
C GLN G 466 5.48 20.78 -5.64
N ASN G 467 5.30 19.89 -4.67
CA ASN G 467 4.01 19.22 -4.45
C ASN G 467 3.66 19.19 -2.97
N GLU G 468 4.02 20.23 -2.23
CA GLU G 468 3.90 20.21 -0.78
C GLU G 468 3.53 21.63 -0.33
N VAL G 469 2.87 21.73 0.82
CA VAL G 469 2.00 22.86 1.14
C VAL G 469 2.56 23.81 2.19
N GLU G 470 3.90 23.94 2.25
CA GLU G 470 4.51 24.87 3.22
C GLU G 470 4.26 26.32 2.86
N LYS G 471 4.05 26.63 1.58
CA LYS G 471 3.71 28.00 1.21
C LYS G 471 2.26 28.34 1.55
N ARG G 472 1.38 27.34 1.53
CA ARG G 472 -0.04 27.57 1.76
C ARG G 472 -0.44 27.53 3.23
N VAL G 473 0.49 27.19 4.13
CA VAL G 473 0.20 27.22 5.56
C VAL G 473 0.83 28.42 6.24
N VAL G 474 1.38 29.36 5.48
CA VAL G 474 1.86 30.63 6.01
C VAL G 474 0.80 31.71 5.89
N ALA G 475 0.22 31.86 4.69
CA ALA G 475 -0.80 32.87 4.46
C ALA G 475 -2.12 32.53 5.13
N SER G 476 -2.41 31.24 5.33
CA SER G 476 -3.54 30.85 6.15
C SER G 476 -3.27 31.10 7.63
N LEU G 477 -2.00 30.97 8.06
CA LEU G 477 -1.63 31.34 9.41
C LEU G 477 -1.52 32.86 9.56
N LEU G 478 -1.33 33.58 8.45
CA LEU G 478 -1.24 35.04 8.47
C LEU G 478 -2.59 35.70 8.74
N THR G 479 -3.69 35.00 8.47
CA THR G 479 -5.00 35.47 8.91
C THR G 479 -5.10 35.39 10.44
N LEU G 480 -4.50 34.36 11.03
CA LEU G 480 -4.61 34.11 12.47
C LEU G 480 -3.72 35.01 13.32
N MET G 481 -2.82 35.75 12.69
CA MET G 481 -1.88 36.57 13.44
C MET G 481 -2.02 38.01 13.06
N ASP G 482 -1.78 38.32 11.79
CA ASP G 482 -1.97 39.68 11.34
C ASP G 482 -3.41 40.03 11.60
N GLY G 483 -4.29 39.05 11.48
CA GLY G 483 -5.71 39.28 11.72
C GLY G 483 -6.19 38.79 13.08
N ILE G 484 -5.85 37.56 13.43
CA ILE G 484 -6.34 37.00 14.68
C ILE G 484 -5.29 37.12 15.78
N GLY G 485 -4.03 37.19 15.38
CA GLY G 485 -2.96 37.27 16.37
C GLY G 485 -2.78 38.67 16.92
N SER G 486 -3.35 39.66 16.24
CA SER G 486 -3.19 41.04 16.68
C SER G 486 -4.51 41.75 16.91
N GLU G 487 -5.37 41.76 15.89
CA GLU G 487 -6.63 42.48 16.00
C GLU G 487 -7.47 41.99 17.18
N VAL G 488 -7.42 40.68 17.42
CA VAL G 488 -8.19 40.11 18.52
C VAL G 488 -7.30 39.37 19.50
N SER G 489 -6.62 40.11 20.37
CA SER G 489 -5.71 39.49 21.33
C SER G 489 -5.44 40.41 22.51
N GLU G 490 -5.48 41.72 22.29
CA GLU G 490 -5.15 42.69 23.34
C GLU G 490 -4.16 42.13 24.37
N GLY G 491 -3.12 41.45 23.88
CA GLY G 491 -2.02 41.03 24.71
C GLY G 491 -1.97 39.56 25.09
N GLN G 492 -2.99 38.77 24.76
CA GLN G 492 -3.00 37.35 25.07
C GLN G 492 -2.37 36.49 23.98
N VAL G 493 -1.96 37.08 22.86
CA VAL G 493 -1.34 36.34 21.77
C VAL G 493 0.05 36.93 21.53
N LEU G 494 1.08 36.10 21.67
CA LEU G 494 2.45 36.49 21.39
C LEU G 494 3.20 35.25 20.93
N VAL G 495 3.92 35.38 19.82
CA VAL G 495 4.59 34.25 19.17
C VAL G 495 6.06 34.29 19.51
N LEU G 496 6.59 33.18 20.03
CA LEU G 496 8.00 33.07 20.39
C LEU G 496 8.67 32.04 19.48
N GLY G 497 9.88 32.36 19.05
CA GLY G 497 10.63 31.47 18.19
C GLY G 497 12.09 31.85 18.03
N ALA G 498 12.97 30.88 18.21
CA ALA G 498 14.40 31.10 18.06
C ALA G 498 14.90 30.37 16.82
N THR G 499 15.88 30.96 16.17
CA THR G 499 16.41 30.42 14.93
C THR G 499 17.79 29.80 15.14
N ASN G 500 18.03 28.67 14.47
CA ASN G 500 19.34 28.03 14.51
C ASN G 500 20.24 28.65 13.45
N ARG G 501 19.87 28.50 12.19
CA ARG G 501 20.65 29.08 11.11
C ARG G 501 20.21 30.52 10.90
N PRO G 502 21.13 31.50 10.98
CA PRO G 502 20.74 32.89 10.72
C PRO G 502 20.47 33.19 9.25
N HIS G 503 20.96 32.36 8.34
CA HIS G 503 20.84 32.61 6.91
C HIS G 503 20.01 31.53 6.22
N ALA G 504 18.95 31.08 6.90
CA ALA G 504 18.01 30.14 6.29
C ALA G 504 16.54 30.49 6.56
N LEU G 505 16.25 31.50 7.39
CA LEU G 505 14.88 31.92 7.63
C LEU G 505 14.32 32.66 6.42
N ASP G 506 12.99 32.63 6.30
CA ASP G 506 12.32 33.30 5.20
C ASP G 506 12.34 34.82 5.40
N ALA G 507 12.63 35.53 4.31
CA ALA G 507 12.75 36.98 4.36
C ALA G 507 11.41 37.70 4.47
N ALA G 508 10.31 37.01 4.14
CA ALA G 508 8.98 37.61 4.27
C ALA G 508 8.49 37.63 5.71
N LEU G 509 9.10 36.86 6.60
CA LEU G 509 8.72 36.87 8.01
C LEU G 509 9.36 38.00 8.79
N ARG G 510 10.28 38.75 8.18
CA ARG G 510 10.93 39.88 8.84
C ARG G 510 10.22 41.20 8.58
N ARG G 511 8.97 41.16 8.12
CA ARG G 511 8.22 42.38 7.88
C ARG G 511 7.80 43.01 9.21
N PRO G 512 7.72 44.34 9.28
CA PRO G 512 7.34 44.99 10.54
C PRO G 512 5.87 44.79 10.90
N GLY G 513 5.62 44.71 12.21
CA GLY G 513 4.31 44.41 12.75
C GLY G 513 4.08 42.94 13.03
N ARG G 514 4.97 42.06 12.56
CA ARG G 514 4.78 40.62 12.74
C ARG G 514 5.92 39.99 13.54
N PHE G 515 7.16 40.16 13.08
CA PHE G 515 8.36 39.74 13.82
C PHE G 515 9.41 40.84 13.73
N ASP G 516 8.99 42.06 14.07
CA ASP G 516 9.73 43.28 13.76
C ASP G 516 11.03 43.42 14.56
N LYS G 517 11.02 43.01 15.83
CA LYS G 517 12.17 43.23 16.67
C LYS G 517 13.05 41.98 16.73
N GLU G 518 14.24 42.17 17.29
CA GLU G 518 15.28 41.15 17.25
C GLU G 518 16.24 41.37 18.41
N ILE G 519 16.46 40.33 19.20
CA ILE G 519 17.39 40.36 20.34
C ILE G 519 18.50 39.36 20.05
N GLU G 520 19.74 39.86 19.95
CA GLU G 520 20.86 39.03 19.53
C GLU G 520 21.51 38.36 20.72
N ILE G 521 21.60 37.03 20.67
CA ILE G 521 22.33 36.23 21.64
C ILE G 521 23.40 35.46 20.88
N GLY G 522 24.66 35.65 21.26
CA GLY G 522 25.75 35.03 20.53
C GLY G 522 26.93 34.59 21.38
N VAL G 523 28.14 34.84 20.89
CA VAL G 523 29.37 34.45 21.56
C VAL G 523 29.60 35.33 22.79
N PRO G 524 30.23 34.82 23.85
CA PRO G 524 30.50 35.67 25.01
C PRO G 524 31.87 36.33 24.95
N ASN G 525 32.00 37.41 25.73
CA ASN G 525 33.27 38.02 26.05
C ASN G 525 33.95 37.25 27.20
N ALA G 526 35.14 37.72 27.58
CA ALA G 526 35.92 37.06 28.62
C ALA G 526 35.31 37.25 30.01
N GLN G 527 34.78 38.44 30.30
CA GLN G 527 34.01 38.65 31.52
C GLN G 527 32.65 37.98 31.45
N ASP G 528 32.11 37.80 30.25
CA ASP G 528 30.77 37.26 30.05
C ASP G 528 30.77 35.75 30.28
N ARG G 529 31.88 35.08 29.96
CA ARG G 529 32.01 33.66 30.25
C ARG G 529 32.65 33.38 31.59
N LEU G 530 32.96 34.40 32.38
CA LEU G 530 33.52 34.18 33.71
C LEU G 530 32.45 33.67 34.67
N ASP G 531 31.27 34.29 34.66
CA ASP G 531 30.23 33.97 35.62
C ASP G 531 29.29 32.85 35.16
N ILE G 532 29.69 32.10 34.12
CA ILE G 532 29.01 30.85 33.79
C ILE G 532 29.15 29.84 34.92
N LEU G 533 30.39 29.63 35.40
CA LEU G 533 30.65 28.63 36.43
C LEU G 533 30.15 29.05 37.81
N GLN G 534 29.73 30.30 37.85
CA GLN G 534 29.10 30.76 39.04
C GLN G 534 27.84 29.95 38.93
N LYS G 535 27.12 30.13 37.82
CA LYS G 535 25.95 29.30 37.59
C LYS G 535 26.41 28.02 36.97
N LEU G 536 27.66 27.65 37.22
CA LEU G 536 28.16 26.39 36.74
C LEU G 536 27.04 25.43 36.97
N LEU G 537 26.79 25.12 38.24
CA LEU G 537 25.70 24.26 38.57
C LEU G 537 25.32 24.54 39.99
N ARG G 538 26.30 24.94 40.78
CA ARG G 538 26.02 25.14 42.18
C ARG G 538 25.50 23.84 42.76
N ARG G 539 26.35 22.84 42.85
CA ARG G 539 25.98 21.53 43.38
C ARG G 539 27.23 20.74 43.11
N VAL G 540 27.25 19.42 43.24
CA VAL G 540 28.53 18.74 42.92
C VAL G 540 29.70 19.30 43.73
N PRO G 541 29.88 18.87 45.00
CA PRO G 541 30.73 19.60 45.95
C PRO G 541 32.23 19.58 45.71
N HIS G 542 32.98 20.10 46.69
CA HIS G 542 34.40 20.46 46.65
C HIS G 542 34.66 21.43 45.50
N LEU G 543 34.92 20.91 44.31
CA LEU G 543 35.29 21.59 43.05
C LEU G 543 36.58 22.38 43.30
N LEU G 544 36.74 23.49 42.59
CA LEU G 544 37.75 24.48 43.00
C LEU G 544 37.16 25.40 44.08
N THR G 545 36.17 26.22 43.67
CA THR G 545 35.51 27.27 44.46
C THR G 545 36.51 28.21 45.16
N GLU G 546 37.42 28.78 44.38
CA GLU G 546 38.30 29.84 44.86
C GLU G 546 38.33 30.94 43.80
N ALA G 547 39.24 31.90 43.97
CA ALA G 547 39.38 33.02 43.06
C ALA G 547 40.17 32.68 41.80
N GLU G 548 40.73 31.47 41.71
CA GLU G 548 41.43 30.99 40.53
C GLU G 548 40.51 30.32 39.51
N LEU G 549 39.21 30.65 39.52
CA LEU G 549 38.33 30.43 38.38
C LEU G 549 38.44 31.56 37.35
N LEU G 550 39.15 32.64 37.67
CA LEU G 550 39.38 33.71 36.70
C LEU G 550 40.32 33.28 35.60
N GLN G 551 41.34 32.47 35.92
CA GLN G 551 42.34 32.09 34.94
C GLN G 551 41.82 31.08 33.94
N LEU G 552 40.86 30.23 34.34
CA LEU G 552 40.24 29.32 33.39
C LEU G 552 39.26 30.06 32.48
N ALA G 553 38.67 31.16 32.97
CA ALA G 553 37.88 32.02 32.09
C ALA G 553 38.76 32.78 31.12
N ASN G 554 39.89 33.23 31.61
CA ASN G 554 40.80 33.87 30.72
C ASN G 554 40.98 32.74 29.77
N SER G 555 41.24 31.58 30.33
CA SER G 555 41.48 30.46 29.49
C SER G 555 40.27 30.37 28.61
N ALA G 556 39.09 30.60 29.17
CA ALA G 556 37.89 30.41 28.39
C ALA G 556 37.97 31.24 27.13
N HIS G 557 37.92 30.59 25.97
CA HIS G 557 37.98 31.30 24.69
C HIS G 557 37.41 30.48 23.53
N GLY G 558 36.91 29.29 23.80
CA GLY G 558 36.39 28.43 22.73
C GLY G 558 34.91 28.55 22.46
N TYR G 559 34.15 27.50 22.75
CA TYR G 559 32.69 27.54 22.55
C TYR G 559 31.94 27.39 23.88
N VAL G 560 30.62 27.21 23.85
CA VAL G 560 29.85 27.20 25.10
C VAL G 560 28.67 26.29 25.20
N GLY G 561 27.77 26.62 26.11
CA GLY G 561 26.55 25.87 26.27
C GLY G 561 26.62 24.39 26.22
N ALA G 562 26.78 23.85 25.01
CA ALA G 562 26.71 22.40 24.95
C ALA G 562 28.06 21.73 25.15
N ASP G 563 29.15 22.50 25.05
CA ASP G 563 30.46 21.93 25.34
C ASP G 563 30.76 21.97 26.83
N LEU G 564 30.41 23.08 27.50
CA LEU G 564 30.63 23.22 28.94
C LEU G 564 29.87 22.24 29.81
N LYS G 565 28.65 21.90 29.42
CA LYS G 565 27.93 20.86 30.13
C LYS G 565 28.78 19.64 30.09
N VAL G 566 29.24 19.25 28.91
CA VAL G 566 30.00 18.00 28.86
C VAL G 566 31.34 18.14 29.58
N LEU G 567 31.76 19.38 29.89
CA LEU G 567 32.79 19.61 30.91
C LEU G 567 32.36 19.11 32.29
N CYS G 568 31.07 19.16 32.61
CA CYS G 568 30.58 18.52 33.83
C CYS G 568 30.59 16.99 33.70
N ASN G 569 30.46 16.47 32.48
CA ASN G 569 30.61 15.04 32.26
C ASN G 569 32.09 14.68 32.35
N GLU G 570 32.96 15.58 31.89
CA GLU G 570 34.41 15.39 31.98
C GLU G 570 34.99 15.85 33.31
N ALA G 571 34.16 16.21 34.28
CA ALA G 571 34.61 16.39 35.66
C ALA G 571 33.80 15.61 36.66
N GLY G 572 32.59 15.16 36.32
CA GLY G 572 31.79 14.38 37.25
C GLY G 572 32.24 12.94 37.30
N LEU G 573 32.13 12.24 36.18
CA LEU G 573 32.54 10.85 36.10
C LEU G 573 34.02 10.68 35.78
N CYS G 574 34.72 11.75 35.44
CA CYS G 574 36.15 11.68 35.20
C CYS G 574 36.97 11.99 36.45
N ALA G 575 36.31 12.20 37.59
CA ALA G 575 37.03 12.46 38.83
C ALA G 575 37.21 11.21 39.67
N LEU G 576 36.66 10.14 39.14
CA LEU G 576 36.82 8.89 39.82
C LEU G 576 38.11 8.41 39.22
N ARG G 577 38.07 7.27 38.56
CA ARG G 577 39.26 6.80 37.89
C ARG G 577 40.39 6.60 38.87
N ARG G 578 41.00 7.70 39.30
CA ARG G 578 42.16 7.60 40.18
C ARG G 578 41.80 7.09 41.56
N ILE G 579 40.52 7.12 41.93
CA ILE G 579 40.10 6.57 43.21
C ILE G 579 40.13 5.04 43.17
N LEU G 580 39.71 4.46 42.04
CA LEU G 580 39.61 3.01 41.93
C LEU G 580 40.94 2.30 41.66
N LYS G 581 42.03 3.04 41.45
CA LYS G 581 43.32 2.38 41.27
C LYS G 581 44.16 2.34 42.54
N LYS G 582 44.01 3.31 43.45
CA LYS G 582 44.78 3.29 44.68
C LYS G 582 44.24 2.29 45.69
N GLN G 583 42.94 2.05 45.68
CA GLN G 583 42.36 0.97 46.44
C GLN G 583 41.89 -0.15 45.51
N PRO G 584 42.02 -1.42 45.91
CA PRO G 584 41.62 -2.52 45.01
C PRO G 584 40.11 -2.66 44.80
N ASN G 585 39.34 -2.75 45.87
CA ASN G 585 37.90 -3.02 45.75
C ASN G 585 37.18 -2.48 46.96
N LEU G 586 36.00 -1.92 46.72
CA LEU G 586 35.18 -1.31 47.75
C LEU G 586 33.75 -1.28 47.25
N PRO G 587 32.76 -1.26 48.14
CA PRO G 587 31.41 -0.85 47.72
C PRO G 587 31.41 0.60 47.29
N ASP G 588 30.75 0.87 46.16
CA ASP G 588 30.83 2.18 45.53
C ASP G 588 29.84 3.19 46.11
N VAL G 589 29.04 2.80 47.09
CA VAL G 589 28.25 3.77 47.83
C VAL G 589 29.12 4.51 48.85
N LYS G 590 30.28 3.94 49.22
CA LYS G 590 31.26 4.62 50.05
C LYS G 590 32.26 5.43 49.23
N VAL G 591 32.49 5.03 47.98
CA VAL G 591 33.35 5.79 47.08
C VAL G 591 32.67 7.11 46.67
N ALA G 592 31.34 7.06 46.47
CA ALA G 592 30.57 8.27 46.21
C ALA G 592 30.46 9.16 47.44
N GLY G 593 30.53 8.59 48.65
CA GLY G 593 30.59 9.41 49.84
C GLY G 593 31.96 10.02 50.09
N LEU G 594 33.01 9.47 49.48
CA LEU G 594 34.37 9.97 49.62
C LEU G 594 34.92 10.44 48.28
N VAL G 595 34.09 11.15 47.52
CA VAL G 595 34.47 11.63 46.20
C VAL G 595 35.32 12.90 46.35
N LYS G 596 36.36 13.01 45.53
CA LYS G 596 37.23 14.17 45.54
C LYS G 596 37.26 14.76 44.14
N ILE G 597 36.98 16.06 44.03
CA ILE G 597 37.00 16.78 42.76
C ILE G 597 38.28 17.61 42.68
N THR G 598 39.07 17.38 41.64
CA THR G 598 40.42 17.92 41.55
C THR G 598 40.54 19.01 40.50
N LEU G 599 41.67 19.72 40.57
CA LEU G 599 41.98 20.75 39.57
C LEU G 599 42.50 20.12 38.28
N LYS G 600 43.21 18.99 38.39
CA LYS G 600 43.97 18.40 37.30
C LYS G 600 43.11 17.77 36.21
N ASP G 601 41.83 17.52 36.48
CA ASP G 601 40.95 17.00 35.44
C ASP G 601 40.49 18.07 34.48
N PHE G 602 40.63 19.36 34.83
CA PHE G 602 40.16 20.43 33.96
C PHE G 602 41.10 20.69 32.79
N LEU G 603 42.41 20.51 32.99
CA LEU G 603 43.36 20.75 31.91
C LEU G 603 43.32 19.65 30.86
N GLN G 604 43.10 18.40 31.28
CA GLN G 604 42.92 17.32 30.33
C GLN G 604 41.55 17.34 29.66
N ALA G 605 40.55 17.97 30.30
CA ALA G 605 39.26 18.14 29.66
C ALA G 605 39.28 19.21 28.57
N MET G 606 40.24 20.15 28.64
CA MET G 606 40.51 21.02 27.51
C MET G 606 41.04 20.25 26.31
N ASN G 607 41.88 19.23 26.55
CA ASN G 607 42.44 18.45 25.48
C ASN G 607 41.43 17.48 24.89
N ASP G 608 40.43 17.07 25.67
CA ASP G 608 39.46 16.10 25.20
C ASP G 608 38.23 16.76 24.57
N ILE G 609 37.89 17.98 24.98
CA ILE G 609 36.73 18.68 24.47
C ILE G 609 37.21 19.91 23.73
N ARG G 610 36.89 20.00 22.44
CA ARG G 610 37.28 21.12 21.61
C ARG G 610 36.05 21.91 21.22
N PRO G 611 35.76 23.05 21.87
CA PRO G 611 34.55 23.81 21.53
C PRO G 611 34.76 24.69 20.31
N SER G 612 34.10 24.32 19.21
CA SER G 612 34.13 24.96 17.87
C SER G 612 35.53 25.14 17.29
N PRO G 622 42.82 46.44 13.47
CA PRO G 622 43.73 47.57 13.68
C PRO G 622 43.44 48.73 12.74
N ASN G 623 44.39 49.65 12.61
CA ASN G 623 44.21 50.82 11.75
C ASN G 623 45.53 51.25 11.13
N VAL G 624 45.47 51.67 9.86
CA VAL G 624 46.61 52.17 9.12
C VAL G 624 46.27 53.59 8.68
N SER G 625 47.15 54.54 9.00
CA SER G 625 46.92 55.92 8.58
C SER G 625 47.63 56.17 7.24
N TRP G 626 47.46 57.39 6.70
CA TRP G 626 48.02 57.72 5.41
C TRP G 626 49.52 57.98 5.46
N SER G 627 50.07 58.33 6.63
CA SER G 627 51.50 58.51 6.72
C SER G 627 52.26 57.21 6.95
N ASP G 628 51.55 56.11 7.23
CA ASP G 628 52.20 54.81 7.24
C ASP G 628 52.50 54.34 5.82
N ILE G 629 51.61 54.65 4.89
CA ILE G 629 51.76 54.21 3.51
C ILE G 629 52.46 55.31 2.74
N GLY G 630 53.69 55.06 2.32
CA GLY G 630 54.46 56.08 1.63
C GLY G 630 54.03 56.21 0.19
N GLY G 631 53.96 57.45 -0.28
CA GLY G 631 53.38 57.68 -1.58
C GLY G 631 51.86 57.57 -1.48
N LEU G 632 51.26 57.40 -2.67
CA LEU G 632 49.81 57.21 -2.88
C LEU G 632 48.98 58.37 -2.32
N GLU G 633 49.48 59.58 -2.49
CA GLU G 633 48.74 60.77 -2.07
C GLU G 633 47.82 61.31 -3.14
N SER G 634 48.08 61.01 -4.41
CA SER G 634 47.15 61.41 -5.46
C SER G 634 45.96 60.46 -5.59
N ILE G 635 46.07 59.25 -5.03
CA ILE G 635 44.92 58.35 -4.98
C ILE G 635 43.95 58.78 -3.87
N LYS G 636 44.45 59.53 -2.88
CA LYS G 636 43.62 60.08 -1.80
C LYS G 636 42.64 61.13 -2.31
N LEU G 637 43.10 62.02 -3.19
CA LEU G 637 42.23 63.07 -3.72
C LEU G 637 41.22 62.52 -4.72
N LYS G 638 41.57 61.45 -5.42
CA LYS G 638 40.62 60.80 -6.32
C LYS G 638 39.59 59.99 -5.54
N LEU G 639 39.98 59.42 -4.41
CA LEU G 639 39.03 58.72 -3.57
C LEU G 639 38.14 59.67 -2.77
N GLU G 640 38.59 60.89 -2.53
CA GLU G 640 37.79 61.88 -1.84
C GLU G 640 36.69 62.47 -2.70
N GLN G 641 36.79 62.34 -4.02
CA GLN G 641 35.79 62.90 -4.92
C GLN G 641 34.51 62.06 -4.99
N ALA G 642 34.53 60.84 -4.47
CA ALA G 642 33.34 59.99 -4.42
C ALA G 642 32.74 59.87 -3.03
N VAL G 643 33.44 60.32 -1.99
CA VAL G 643 33.02 60.13 -0.61
C VAL G 643 32.69 61.46 0.06
N GLU G 644 33.66 62.37 0.13
CA GLU G 644 33.52 63.60 0.90
C GLU G 644 33.01 64.76 0.06
N TRP G 645 33.47 64.86 -1.18
CA TRP G 645 33.10 65.95 -2.09
C TRP G 645 31.66 66.07 -2.59
N PRO G 646 30.81 65.01 -2.66
CA PRO G 646 29.37 65.28 -2.84
C PRO G 646 28.70 66.07 -1.74
N LEU G 647 29.12 65.93 -0.49
CA LEU G 647 28.46 66.63 0.60
C LEU G 647 29.14 67.93 1.00
N LYS G 648 30.43 68.08 0.74
CA LYS G 648 31.15 69.27 1.16
C LYS G 648 31.26 70.33 0.08
N HIS G 649 31.50 69.95 -1.17
CA HIS G 649 31.50 70.89 -2.29
C HIS G 649 30.53 70.41 -3.37
N PRO G 650 29.23 70.65 -3.21
CA PRO G 650 28.28 70.18 -4.22
C PRO G 650 28.18 71.09 -5.44
N GLU G 651 28.57 72.35 -5.34
CA GLU G 651 28.38 73.32 -6.40
C GLU G 651 29.40 73.19 -7.53
N SER G 652 30.46 72.43 -7.35
CA SER G 652 31.45 72.25 -8.41
C SER G 652 30.95 71.31 -9.50
N PHE G 653 30.12 70.32 -9.14
CA PHE G 653 29.62 69.36 -10.12
C PHE G 653 28.54 69.97 -11.00
N ILE G 654 27.74 70.88 -10.46
CA ILE G 654 26.66 71.47 -11.25
C ILE G 654 27.21 72.61 -12.13
N ARG G 655 28.40 73.12 -11.80
CA ARG G 655 29.07 74.07 -12.69
C ARG G 655 29.58 73.37 -13.95
N MET G 656 30.18 72.18 -13.80
CA MET G 656 30.62 71.44 -14.97
C MET G 656 29.48 70.68 -15.64
N GLY G 657 28.54 70.16 -14.86
CA GLY G 657 27.43 69.43 -15.43
C GLY G 657 27.59 67.93 -15.34
N ILE G 658 28.16 67.46 -14.24
CA ILE G 658 28.45 66.04 -14.05
C ILE G 658 27.63 65.58 -12.86
N GLN G 659 26.98 64.43 -13.00
CA GLN G 659 26.43 63.76 -11.83
C GLN G 659 27.58 63.22 -10.97
N PRO G 660 27.48 63.29 -9.65
CA PRO G 660 28.60 62.89 -8.78
C PRO G 660 28.81 61.39 -8.78
N PRO G 661 30.07 60.94 -8.76
CA PRO G 661 30.34 59.53 -9.04
C PRO G 661 30.03 58.61 -7.88
N LYS G 662 29.68 57.38 -8.22
CA LYS G 662 29.45 56.30 -7.28
C LYS G 662 30.76 55.56 -7.03
N GLY G 663 30.68 54.32 -6.56
CA GLY G 663 31.83 53.62 -6.03
C GLY G 663 32.87 53.23 -7.07
N VAL G 664 34.03 52.86 -6.54
CA VAL G 664 35.30 52.90 -7.25
C VAL G 664 35.80 51.47 -7.43
N LEU G 665 36.23 51.14 -8.65
CA LEU G 665 36.96 49.90 -8.92
C LEU G 665 38.45 50.16 -8.82
N LEU G 666 39.16 49.30 -8.09
CA LEU G 666 40.61 49.37 -7.95
C LEU G 666 41.22 48.15 -8.63
N TYR G 667 42.16 48.37 -9.54
CA TYR G 667 42.79 47.29 -10.29
C TYR G 667 44.29 47.48 -10.35
N GLY G 668 45.01 46.37 -10.40
CA GLY G 668 46.45 46.40 -10.48
C GLY G 668 47.11 45.06 -10.25
N PRO G 669 48.37 45.08 -9.81
CA PRO G 669 49.05 43.82 -9.49
C PRO G 669 48.52 43.24 -8.19
N PRO G 670 48.63 41.92 -7.99
CA PRO G 670 48.11 41.31 -6.75
C PRO G 670 48.95 41.62 -5.53
N GLY G 671 48.28 41.80 -4.40
CA GLY G 671 48.96 42.13 -3.17
C GLY G 671 47.98 42.58 -2.11
N CYS G 672 48.54 43.00 -0.98
CA CYS G 672 47.78 43.46 0.16
C CYS G 672 47.70 44.98 0.20
N SER G 673 48.16 45.65 -0.87
CA SER G 673 48.21 47.11 -0.88
C SER G 673 46.81 47.72 -1.01
N LYS G 674 45.88 47.03 -1.65
CA LYS G 674 44.55 47.57 -1.86
C LYS G 674 43.69 47.51 -0.60
N THR G 675 43.95 46.55 0.30
CA THR G 675 43.21 46.50 1.55
C THR G 675 43.64 47.61 2.51
N MET G 676 44.93 47.96 2.51
CA MET G 676 45.43 49.04 3.34
C MET G 676 45.02 50.42 2.85
N ILE G 677 44.74 50.57 1.54
CA ILE G 677 44.24 51.84 1.02
C ILE G 677 42.82 52.10 1.49
N ALA G 678 41.96 51.09 1.41
CA ALA G 678 40.56 51.27 1.80
C ALA G 678 40.38 51.35 3.31
N LYS G 679 41.26 50.71 4.07
CA LYS G 679 41.23 50.90 5.51
C LYS G 679 41.82 52.23 5.94
N ALA G 680 42.65 52.86 5.10
CA ALA G 680 43.07 54.22 5.37
C ALA G 680 41.97 55.22 5.09
N LEU G 681 41.08 54.91 4.16
CA LEU G 681 39.93 55.77 3.91
C LEU G 681 38.90 55.67 5.02
N ALA G 682 38.72 54.48 5.59
CA ALA G 682 37.80 54.29 6.69
C ALA G 682 38.32 54.81 8.02
N ASN G 683 39.60 55.14 8.11
CA ASN G 683 40.21 55.62 9.34
C ASN G 683 40.39 57.13 9.37
N GLU G 684 40.54 57.77 8.21
CA GLU G 684 40.86 59.19 8.19
C GLU G 684 39.62 60.05 8.35
N SER G 685 38.68 59.97 7.41
CA SER G 685 37.52 60.84 7.43
C SER G 685 36.48 60.39 8.44
N GLY G 686 36.44 59.10 8.75
CA GLY G 686 35.53 58.61 9.76
C GLY G 686 34.31 57.97 9.12
N LEU G 687 34.35 56.65 9.00
CA LEU G 687 33.36 55.86 8.28
C LEU G 687 33.38 54.45 8.84
N ASN G 688 32.33 53.70 8.59
CA ASN G 688 32.29 52.29 8.96
C ASN G 688 32.86 51.42 7.86
N PHE G 689 33.51 50.34 8.26
CA PHE G 689 34.14 49.41 7.33
C PHE G 689 33.42 48.08 7.39
N LEU G 690 32.98 47.59 6.22
CA LEU G 690 32.38 46.28 6.09
C LEU G 690 33.04 45.56 4.93
N ALA G 691 33.14 44.24 5.02
CA ALA G 691 33.89 43.46 4.05
C ALA G 691 33.08 42.28 3.56
N ILE G 692 33.07 42.08 2.24
CA ILE G 692 32.52 40.88 1.62
C ILE G 692 33.63 40.27 0.78
N LYS G 693 33.91 38.98 0.99
CA LYS G 693 35.01 38.34 0.30
C LYS G 693 34.49 37.44 -0.81
N GLY G 694 35.10 37.59 -1.98
CA GLY G 694 34.72 36.95 -3.22
C GLY G 694 34.62 35.43 -3.29
N PRO G 695 35.70 34.69 -3.00
CA PRO G 695 35.60 33.22 -3.03
C PRO G 695 34.77 32.60 -1.92
N GLU G 696 34.50 33.32 -0.84
CA GLU G 696 33.71 32.75 0.25
C GLU G 696 32.21 32.80 -0.04
N LEU G 697 31.75 33.74 -0.87
CA LEU G 697 30.35 33.68 -1.29
C LEU G 697 30.10 32.60 -2.32
N MET G 698 31.14 32.17 -3.04
CA MET G 698 30.96 31.23 -4.13
C MET G 698 30.73 29.80 -3.62
N ASN G 699 31.51 29.37 -2.63
CA ASN G 699 31.40 27.98 -2.17
C ASN G 699 30.45 27.84 -0.98
N LYS G 700 29.23 28.35 -1.13
CA LYS G 700 28.19 28.15 -0.14
C LYS G 700 26.91 27.72 -0.84
N TYR G 701 25.83 27.56 -0.08
CA TYR G 701 24.55 27.19 -0.64
C TYR G 701 23.92 28.41 -1.33
N VAL G 702 22.93 28.16 -2.19
CA VAL G 702 22.38 29.17 -3.08
C VAL G 702 21.57 30.21 -2.31
N GLY G 703 20.65 29.75 -1.46
CA GLY G 703 19.90 30.67 -0.61
C GLY G 703 20.70 31.22 0.54
N GLU G 704 21.76 30.51 0.93
CA GLU G 704 22.71 31.03 1.91
C GLU G 704 23.49 32.21 1.36
N SER G 705 23.99 32.11 0.12
CA SER G 705 24.77 33.17 -0.49
C SER G 705 23.94 34.36 -0.91
N GLU G 706 22.64 34.17 -1.13
CA GLU G 706 21.83 35.19 -1.77
C GLU G 706 21.48 36.33 -0.82
N ARG G 707 21.33 35.94 0.46
CA ARG G 707 20.96 36.84 1.55
C ARG G 707 22.09 37.35 2.40
N ALA G 708 23.25 36.76 2.26
CA ALA G 708 24.43 37.33 2.93
C ALA G 708 24.78 38.70 2.35
N VAL G 709 24.48 38.91 1.06
CA VAL G 709 24.60 40.23 0.44
C VAL G 709 23.56 41.18 1.00
N ARG G 710 22.33 40.69 1.19
CA ARG G 710 21.22 41.53 1.64
C ARG G 710 21.37 41.93 3.11
N GLU G 711 21.88 41.02 3.94
CA GLU G 711 22.15 41.35 5.34
C GLU G 711 23.30 42.32 5.49
N THR G 712 24.28 42.27 4.59
CA THR G 712 25.42 43.18 4.67
C THR G 712 25.01 44.58 4.22
N PHE G 713 24.17 44.67 3.19
CA PHE G 713 23.67 45.96 2.75
C PHE G 713 22.66 46.55 3.72
N ARG G 714 21.94 45.72 4.47
CA ARG G 714 21.01 46.22 5.48
C ARG G 714 21.75 46.75 6.71
N LYS G 715 22.82 46.08 7.11
CA LYS G 715 23.61 46.55 8.25
C LYS G 715 24.40 47.80 7.89
N ALA G 716 24.93 47.86 6.67
CA ALA G 716 25.70 49.03 6.25
C ALA G 716 24.84 50.23 5.93
N ARG G 717 23.52 50.05 5.79
CA ARG G 717 22.60 51.16 5.70
C ARG G 717 22.03 51.57 7.05
N ALA G 718 22.03 50.66 8.04
CA ALA G 718 21.49 50.98 9.36
C ALA G 718 22.44 51.90 10.13
N VAL G 719 23.72 51.61 10.11
CA VAL G 719 24.71 52.62 10.50
C VAL G 719 24.96 53.52 9.29
N ALA G 720 24.95 54.83 9.51
CA ALA G 720 24.68 55.69 8.35
C ALA G 720 25.89 56.02 7.47
N PRO G 721 27.11 56.47 7.96
CA PRO G 721 28.22 56.58 7.01
C PRO G 721 29.07 55.31 6.91
N SER G 722 29.14 54.68 5.73
CA SER G 722 29.80 53.39 5.66
C SER G 722 30.45 53.16 4.30
N ILE G 723 31.49 52.33 4.31
CA ILE G 723 32.18 51.84 3.12
C ILE G 723 31.97 50.33 3.07
N ILE G 724 31.49 49.83 1.93
CA ILE G 724 31.45 48.40 1.67
C ILE G 724 32.61 48.05 0.76
N PHE G 725 33.46 47.12 1.15
CA PHE G 725 34.59 46.69 0.32
C PHE G 725 34.33 45.27 -0.15
N PHE G 726 34.00 45.09 -1.40
CA PHE G 726 33.72 43.80 -1.97
C PHE G 726 35.02 43.39 -2.53
N ASP G 727 35.61 42.33 -2.03
CA ASP G 727 36.94 42.01 -2.51
C ASP G 727 36.91 40.90 -3.52
N GLN G 728 37.61 41.08 -4.60
CA GLN G 728 37.68 40.09 -5.68
C GLN G 728 36.35 39.93 -6.34
N LEU G 729 36.03 40.81 -7.27
CA LEU G 729 34.77 40.74 -7.95
C LEU G 729 34.91 39.76 -9.08
N ASP G 730 36.11 39.46 -9.47
CA ASP G 730 36.33 38.57 -10.58
C ASP G 730 35.92 37.14 -10.28
N ALA G 731 35.48 36.87 -9.08
CA ALA G 731 35.02 35.53 -8.74
C ALA G 731 33.58 35.28 -9.12
N LEU G 732 32.84 36.31 -9.54
CA LEU G 732 31.46 36.17 -10.01
C LEU G 732 31.40 35.96 -11.51
N ALA G 733 32.21 35.06 -12.05
CA ALA G 733 32.26 34.83 -13.50
C ALA G 733 32.71 33.38 -13.72
N VAL G 734 31.77 32.49 -13.92
CA VAL G 734 32.09 31.10 -14.12
C VAL G 734 32.24 30.76 -15.57
N GLU G 735 33.35 30.16 -15.93
CA GLU G 735 33.51 29.73 -17.29
C GLU G 735 32.37 28.82 -17.50
N ARG G 736 31.99 28.61 -18.74
CA ARG G 736 30.79 27.83 -18.99
C ARG G 736 30.92 26.34 -18.74
N GLY G 737 32.13 25.84 -18.54
CA GLY G 737 32.28 24.45 -18.19
C GLY G 737 31.88 24.37 -16.75
N SER G 738 32.18 23.27 -16.10
CA SER G 738 31.84 23.13 -14.70
C SER G 738 30.63 23.92 -14.40
N SER G 739 29.47 23.42 -14.76
CA SER G 739 28.27 24.20 -14.59
C SER G 739 27.26 23.40 -13.88
N LEU G 740 27.74 22.48 -13.08
CA LEU G 740 26.84 21.72 -12.29
C LEU G 740 26.42 22.55 -11.12
N GLY G 741 25.83 23.70 -11.35
CA GLY G 741 25.31 24.45 -10.24
C GLY G 741 26.05 25.74 -10.03
N ALA G 742 27.30 25.77 -10.41
CA ALA G 742 28.12 26.94 -10.20
C ALA G 742 27.68 28.09 -11.07
N GLY G 743 27.09 27.79 -12.19
CA GLY G 743 26.55 28.83 -13.01
C GLY G 743 25.42 29.51 -12.30
N ASN G 744 24.49 28.74 -11.78
CA ASN G 744 23.35 29.38 -11.20
C ASN G 744 23.76 30.23 -10.02
N VAL G 745 24.73 29.80 -9.24
CA VAL G 745 25.03 30.61 -8.07
C VAL G 745 25.44 32.01 -8.48
N ALA G 746 26.27 32.12 -9.53
CA ALA G 746 26.77 33.40 -10.03
C ALA G 746 25.70 34.26 -10.68
N ASP G 747 24.62 33.67 -11.19
CA ASP G 747 23.55 34.48 -11.75
C ASP G 747 22.69 35.12 -10.66
N ARG G 748 22.42 34.39 -9.58
CA ARG G 748 21.52 34.90 -8.55
C ARG G 748 22.22 35.83 -7.58
N VAL G 749 23.54 35.69 -7.43
CA VAL G 749 24.31 36.63 -6.62
C VAL G 749 24.41 37.98 -7.33
N LEU G 750 24.62 37.94 -8.65
CA LEU G 750 24.76 39.16 -9.46
C LEU G 750 23.44 39.93 -9.56
N ALA G 751 22.31 39.22 -9.63
CA ALA G 751 21.03 39.89 -9.71
C ALA G 751 20.61 40.49 -8.38
N GLN G 752 21.04 39.90 -7.27
CA GLN G 752 20.76 40.50 -5.96
C GLN G 752 21.64 41.72 -5.73
N LEU G 753 22.89 41.65 -6.17
CA LEU G 753 23.84 42.77 -6.03
C LEU G 753 23.44 43.96 -6.89
N LEU G 754 22.86 43.70 -8.06
CA LEU G 754 22.40 44.78 -8.92
C LEU G 754 21.15 45.45 -8.38
N THR G 755 20.34 44.72 -7.60
CA THR G 755 19.15 45.31 -7.01
C THR G 755 19.51 46.22 -5.84
N GLU G 756 20.54 45.85 -5.06
CA GLU G 756 20.97 46.67 -3.94
C GLU G 756 21.75 47.90 -4.37
N MET G 757 22.46 47.84 -5.50
CA MET G 757 23.19 49.00 -6.01
C MET G 757 22.25 50.06 -6.53
N ASP G 758 21.08 49.66 -7.06
CA ASP G 758 20.05 50.59 -7.46
C ASP G 758 19.41 51.28 -6.27
N GLY G 759 19.32 50.56 -5.13
CA GLY G 759 18.67 51.11 -3.97
C GLY G 759 19.44 52.18 -3.24
N ILE G 760 20.77 52.11 -3.26
CA ILE G 760 21.61 53.05 -2.52
C ILE G 760 22.12 54.18 -3.42
N GLU G 761 21.43 54.44 -4.52
CA GLU G 761 21.89 55.41 -5.52
C GLU G 761 21.71 56.85 -5.02
N GLN G 762 20.59 57.16 -4.39
CA GLN G 762 20.30 58.54 -3.99
C GLN G 762 20.62 58.82 -2.53
N LEU G 763 21.15 57.87 -1.78
CA LEU G 763 21.34 58.10 -0.34
C LEU G 763 22.58 58.94 -0.03
N LYS G 764 23.58 58.90 -0.92
CA LYS G 764 24.76 59.80 -0.94
C LYS G 764 25.65 59.59 0.30
N ASP G 765 25.60 58.40 0.89
CA ASP G 765 26.30 58.13 2.13
C ASP G 765 26.90 56.74 2.21
N VAL G 766 26.67 55.89 1.21
CA VAL G 766 27.22 54.53 1.14
C VAL G 766 28.03 54.43 -0.15
N THR G 767 29.28 53.97 -0.03
CA THR G 767 30.18 53.81 -1.17
C THR G 767 30.62 52.36 -1.26
N ILE G 768 30.70 51.82 -2.47
CA ILE G 768 31.14 50.45 -2.71
C ILE G 768 32.50 50.48 -3.38
N LEU G 769 33.55 50.16 -2.64
CA LEU G 769 34.86 49.96 -3.24
C LEU G 769 35.02 48.50 -3.61
N ALA G 770 35.52 48.25 -4.82
CA ALA G 770 35.74 46.90 -5.29
C ALA G 770 37.17 46.76 -5.77
N ALA G 771 37.77 45.62 -5.50
CA ALA G 771 39.15 45.35 -5.88
C ALA G 771 39.22 44.08 -6.72
N THR G 772 40.05 44.11 -7.75
CA THR G 772 40.20 42.95 -8.62
C THR G 772 41.61 42.93 -9.20
N ASN G 773 41.97 41.78 -9.74
CA ASN G 773 43.23 41.59 -10.44
C ASN G 773 43.08 41.50 -11.95
N ARG G 774 41.93 41.00 -12.40
CA ARG G 774 41.60 40.85 -13.82
C ARG G 774 40.44 41.79 -14.15
N PRO G 775 40.68 42.90 -14.85
CA PRO G 775 39.60 43.88 -15.07
C PRO G 775 38.62 43.51 -16.17
N ASP G 776 38.91 42.53 -17.02
CA ASP G 776 38.05 42.25 -18.16
C ASP G 776 37.08 41.10 -17.92
N ARG G 777 37.19 40.38 -16.80
CA ARG G 777 36.24 39.32 -16.49
C ARG G 777 35.07 39.81 -15.66
N ILE G 778 35.03 41.10 -15.31
CA ILE G 778 33.90 41.70 -14.63
C ILE G 778 32.76 41.82 -15.63
N ASP G 779 31.52 41.59 -15.17
CA ASP G 779 30.35 41.66 -16.01
C ASP G 779 30.08 43.08 -16.50
N LYS G 780 29.52 43.18 -17.70
CA LYS G 780 29.31 44.45 -18.36
C LYS G 780 28.16 45.25 -17.76
N ALA G 781 27.26 44.61 -17.03
CA ALA G 781 26.12 45.30 -16.43
C ALA G 781 26.51 46.13 -15.22
N LEU G 782 27.65 45.83 -14.60
CA LEU G 782 28.06 46.58 -13.41
C LEU G 782 28.69 47.93 -13.74
N MET G 783 29.02 48.19 -15.00
CA MET G 783 29.74 49.39 -15.37
C MET G 783 28.86 50.40 -16.12
N ARG G 784 27.55 50.37 -15.91
CA ARG G 784 26.71 51.46 -16.37
C ARG G 784 26.96 52.69 -15.50
N PRO G 785 26.78 53.91 -16.04
CA PRO G 785 26.92 55.11 -15.21
C PRO G 785 25.82 55.25 -14.16
N GLY G 786 26.21 55.05 -12.90
CA GLY G 786 25.27 54.99 -11.80
C GLY G 786 25.58 53.86 -10.84
N ARG G 787 26.25 52.82 -11.34
CA ARG G 787 26.62 51.69 -10.49
C ARG G 787 28.09 51.73 -10.07
N ILE G 788 29.02 51.66 -11.02
CA ILE G 788 30.45 51.81 -10.75
C ILE G 788 31.02 52.71 -11.85
N ASP G 789 31.64 53.83 -11.45
CA ASP G 789 32.05 54.84 -12.41
C ASP G 789 33.56 54.98 -12.53
N ARG G 790 34.26 55.23 -11.43
CA ARG G 790 35.71 55.46 -11.50
C ARG G 790 36.47 54.14 -11.58
N ILE G 791 37.55 54.15 -12.37
CA ILE G 791 38.52 53.06 -12.40
C ILE G 791 39.88 53.67 -12.05
N ILE G 792 40.53 53.13 -11.02
CA ILE G 792 41.76 53.70 -10.48
C ILE G 792 42.85 52.63 -10.48
N TYR G 793 44.01 52.97 -11.05
CA TYR G 793 45.14 52.06 -11.11
C TYR G 793 46.05 52.25 -9.90
N VAL G 794 46.31 51.16 -9.18
CA VAL G 794 47.28 51.20 -8.08
C VAL G 794 48.63 50.72 -8.60
N PRO G 795 49.74 51.30 -8.16
CA PRO G 795 51.03 50.91 -8.74
C PRO G 795 51.68 49.72 -8.06
N LEU G 796 52.84 49.32 -8.55
CA LEU G 796 53.69 48.39 -7.83
C LEU G 796 54.27 49.10 -6.61
N PRO G 797 54.52 48.37 -5.50
CA PRO G 797 54.86 49.04 -4.24
C PRO G 797 56.26 49.65 -4.23
N ASP G 798 56.34 50.86 -3.67
CA ASP G 798 57.58 51.61 -3.53
C ASP G 798 58.21 51.29 -2.18
N ALA G 799 59.15 52.13 -1.73
CA ALA G 799 60.05 51.76 -0.63
C ALA G 799 59.36 51.76 0.72
N ALA G 800 58.57 52.79 1.04
CA ALA G 800 57.94 52.84 2.34
C ALA G 800 56.71 51.95 2.45
N THR G 801 56.09 51.60 1.32
CA THR G 801 55.01 50.63 1.36
C THR G 801 55.56 49.23 1.60
N ARG G 802 56.74 48.93 1.07
CA ARG G 802 57.39 47.63 1.25
C ARG G 802 57.88 47.42 2.68
N ARG G 803 58.12 48.51 3.42
CA ARG G 803 58.42 48.41 4.84
C ARG G 803 57.22 47.88 5.64
N GLU G 804 56.02 48.33 5.27
CA GLU G 804 54.84 47.94 6.01
C GLU G 804 54.39 46.52 5.72
N ILE G 805 54.73 45.97 4.56
CA ILE G 805 54.40 44.58 4.29
C ILE G 805 55.33 43.64 5.06
N PHE G 806 56.62 43.98 5.19
CA PHE G 806 57.50 43.18 6.03
C PHE G 806 57.21 43.36 7.52
N LYS G 807 56.73 44.54 7.93
CA LYS G 807 56.46 44.75 9.34
C LYS G 807 55.22 44.00 9.81
N LEU G 808 54.26 43.79 8.92
CA LEU G 808 53.09 43.00 9.27
C LEU G 808 53.42 41.51 9.27
N GLN G 809 54.29 41.06 8.37
CA GLN G 809 54.64 39.65 8.29
C GLN G 809 55.70 39.23 9.30
N PHE G 810 56.34 40.17 9.97
CA PHE G 810 57.31 39.83 11.00
C PHE G 810 56.67 39.66 12.37
N HIS G 811 55.36 39.88 12.48
CA HIS G 811 54.64 39.68 13.73
C HIS G 811 54.39 38.21 14.04
N SER G 812 54.44 37.34 13.05
CA SER G 812 54.10 35.95 13.26
C SER G 812 55.28 34.99 13.26
N MET G 813 56.45 35.44 12.85
CA MET G 813 57.58 34.52 12.78
C MET G 813 58.79 35.09 13.52
N PRO G 814 59.62 34.24 14.12
CA PRO G 814 60.83 34.73 14.78
C PRO G 814 61.90 35.12 13.78
N VAL G 815 62.26 36.40 13.78
CA VAL G 815 63.32 36.95 12.95
C VAL G 815 64.41 37.44 13.90
N SER G 816 65.67 37.19 13.56
CA SER G 816 66.81 37.63 14.35
C SER G 816 66.95 39.14 14.37
N ASN G 817 67.72 39.62 15.33
CA ASN G 817 68.07 41.04 15.44
C ASN G 817 69.31 41.40 14.64
N GLU G 818 69.77 40.48 13.79
CA GLU G 818 70.92 40.74 12.95
C GLU G 818 70.48 40.99 11.55
N VAL G 819 69.35 40.43 11.17
CA VAL G 819 68.78 40.69 9.86
C VAL G 819 68.23 42.12 9.83
N ASP G 820 68.75 42.95 8.92
CA ASP G 820 68.37 44.34 8.89
C ASP G 820 67.42 44.62 7.72
N LEU G 821 66.39 45.41 7.99
CA LEU G 821 65.31 45.67 7.04
C LEU G 821 65.71 46.58 5.90
N ASP G 822 66.81 47.33 6.02
CA ASP G 822 67.17 48.31 5.01
C ASP G 822 67.74 47.66 3.76
N GLU G 823 68.53 46.60 3.91
CA GLU G 823 68.99 45.90 2.72
C GLU G 823 68.00 44.86 2.22
N LEU G 824 67.00 44.51 3.02
CA LEU G 824 65.88 43.75 2.48
C LEU G 824 64.95 44.62 1.65
N ILE G 825 64.80 45.89 2.02
CA ILE G 825 64.01 46.84 1.23
C ILE G 825 64.72 47.15 -0.08
N LEU G 826 66.05 47.24 -0.04
CA LEU G 826 66.84 47.57 -1.22
C LEU G 826 66.92 46.41 -2.21
N GLN G 827 66.89 45.17 -1.73
CA GLN G 827 67.05 44.03 -2.62
C GLN G 827 65.75 43.50 -3.19
N THR G 828 64.60 44.10 -2.85
CA THR G 828 63.36 43.69 -3.50
C THR G 828 63.28 44.23 -4.92
N ASP G 829 63.26 45.56 -5.05
CA ASP G 829 63.36 46.35 -6.30
C ASP G 829 62.21 46.02 -7.27
N ALA G 830 61.02 46.43 -6.82
CA ALA G 830 59.72 46.24 -7.48
C ALA G 830 59.40 44.77 -7.73
N TYR G 831 59.26 44.04 -6.62
CA TYR G 831 58.44 42.84 -6.60
C TYR G 831 56.98 43.19 -6.40
N SER G 832 56.12 42.20 -6.59
CA SER G 832 54.71 42.35 -6.32
C SER G 832 54.42 42.14 -4.84
N GLY G 833 53.19 42.47 -4.44
CA GLY G 833 52.79 42.30 -3.07
C GLY G 833 52.51 40.87 -2.66
N ALA G 834 52.33 39.97 -3.63
CA ALA G 834 52.18 38.56 -3.31
C ALA G 834 53.49 37.80 -3.36
N GLU G 835 54.45 38.26 -4.16
CA GLU G 835 55.75 37.61 -4.18
C GLU G 835 56.63 38.04 -3.01
N ILE G 836 56.28 39.13 -2.33
CA ILE G 836 57.00 39.50 -1.12
C ILE G 836 56.53 38.67 0.07
N VAL G 837 55.31 38.14 0.03
CA VAL G 837 54.84 37.16 1.01
C VAL G 837 55.50 35.81 0.77
N ALA G 838 55.74 35.45 -0.50
CA ALA G 838 56.34 34.16 -0.84
C ALA G 838 57.82 34.08 -0.51
N VAL G 839 58.52 35.21 -0.41
CA VAL G 839 59.91 35.22 0.07
C VAL G 839 59.96 34.86 1.54
N CYS G 840 59.06 35.43 2.35
CA CYS G 840 59.00 35.14 3.78
C CYS G 840 58.45 33.74 4.06
N ARG G 841 57.66 33.18 3.15
CA ARG G 841 57.25 31.79 3.29
C ARG G 841 58.39 30.84 2.98
N GLU G 842 59.17 31.14 1.94
CA GLU G 842 60.25 30.25 1.49
C GLU G 842 61.46 30.29 2.42
N ALA G 843 61.72 31.43 3.05
CA ALA G 843 62.87 31.54 3.96
C ALA G 843 62.61 30.83 5.27
N ALA G 844 61.34 30.71 5.67
CA ALA G 844 61.01 29.95 6.87
C ALA G 844 61.14 28.45 6.62
N LEU G 845 60.80 27.99 5.42
CA LEU G 845 60.91 26.57 5.11
C LEU G 845 62.34 26.13 4.90
N LEU G 846 63.21 27.05 4.48
CA LEU G 846 64.63 26.73 4.36
C LEU G 846 65.33 26.73 5.71
N ALA G 847 64.85 27.52 6.67
CA ALA G 847 65.40 27.52 8.01
C ALA G 847 64.88 26.37 8.86
N LEU G 848 63.78 25.72 8.45
CA LEU G 848 63.31 24.50 9.10
C LEU G 848 63.91 23.24 8.49
N GLU G 849 64.35 23.32 7.24
CA GLU G 849 64.93 22.16 6.56
C GLU G 849 66.30 21.82 7.13
N GLU G 850 67.07 22.83 7.51
CA GLU G 850 68.30 22.65 8.24
C GLU G 850 68.03 22.95 9.71
N ASP G 851 68.26 21.94 10.57
CA ASP G 851 68.15 22.00 12.04
C ASP G 851 66.73 22.39 12.48
N ILE G 852 65.83 21.42 12.34
CA ILE G 852 64.38 21.58 12.49
C ILE G 852 63.98 22.09 13.88
N GLN G 853 64.71 21.71 14.93
CA GLN G 853 64.57 22.36 16.23
C GLN G 853 65.28 23.71 16.16
N ALA G 854 64.56 24.70 15.66
CA ALA G 854 65.14 25.99 15.30
C ALA G 854 64.62 27.08 16.23
N ASN G 855 65.26 28.25 16.15
CA ASN G 855 64.88 29.37 17.00
C ASN G 855 64.67 30.66 16.20
N LEU G 856 65.38 30.81 15.09
CA LEU G 856 65.53 32.12 14.48
C LEU G 856 65.98 31.97 13.03
N ILE G 857 65.72 33.02 12.23
CA ILE G 857 66.09 33.08 10.82
C ILE G 857 67.19 34.13 10.65
N MET G 858 68.26 33.79 9.94
CA MET G 858 69.37 34.70 9.73
C MET G 858 69.41 35.19 8.29
N LYS G 859 70.48 35.93 7.92
CA LYS G 859 70.60 36.45 6.56
C LYS G 859 70.89 35.37 5.53
N ARG G 860 71.49 34.26 5.94
CA ARG G 860 71.83 33.21 4.97
C ARG G 860 70.61 32.46 4.49
N HIS G 861 69.53 32.44 5.27
CA HIS G 861 68.27 31.92 4.76
C HIS G 861 67.59 32.93 3.85
N PHE G 862 67.69 34.22 4.19
CA PHE G 862 66.99 35.25 3.43
C PHE G 862 67.65 35.56 2.10
N THR G 863 68.99 35.52 2.03
CA THR G 863 69.70 35.77 0.78
C THR G 863 69.50 34.62 -0.20
N GLN G 864 69.40 33.39 0.30
CA GLN G 864 69.18 32.25 -0.58
C GLN G 864 67.72 32.18 -1.03
N ALA G 865 66.79 32.66 -0.21
CA ALA G 865 65.39 32.69 -0.60
C ALA G 865 65.09 33.78 -1.62
N LEU G 866 65.85 34.87 -1.62
CA LEU G 866 65.68 35.90 -2.65
C LEU G 866 66.18 35.43 -4.00
N SER G 867 67.16 34.51 -4.03
CA SER G 867 67.63 33.98 -5.29
C SER G 867 66.68 32.97 -5.91
N THR G 868 65.85 32.30 -5.09
CA THR G 868 64.97 31.26 -5.60
C THR G 868 63.69 31.84 -6.19
N VAL G 869 63.08 32.83 -5.53
CA VAL G 869 61.90 33.50 -6.06
C VAL G 869 62.36 34.69 -6.90
N THR G 870 62.20 34.58 -8.22
CA THR G 870 62.88 35.47 -9.16
C THR G 870 62.28 36.85 -9.40
N PRO G 871 61.02 37.01 -9.87
CA PRO G 871 60.78 38.24 -10.65
C PRO G 871 60.40 39.46 -9.84
N SER H 43 -66.31 41.62 33.93
CA SER H 43 -66.48 40.42 33.11
C SER H 43 -65.27 40.20 32.21
N GLY H 44 -64.37 39.31 32.66
CA GLY H 44 -63.19 39.02 31.88
C GLY H 44 -61.94 38.90 32.73
N THR H 45 -62.07 39.19 34.02
CA THR H 45 -60.96 39.08 34.95
C THR H 45 -61.12 37.81 35.78
N LEU H 46 -60.15 36.92 35.68
CA LEU H 46 -60.19 35.64 36.37
C LEU H 46 -58.94 35.44 37.21
N THR H 47 -58.97 34.42 38.06
CA THR H 47 -57.91 34.14 39.02
C THR H 47 -57.07 32.97 38.55
N VAL H 48 -55.76 33.13 38.57
CA VAL H 48 -54.86 32.09 38.08
C VAL H 48 -54.62 31.03 39.15
N THR H 49 -54.37 29.81 38.70
CA THR H 49 -54.04 28.71 39.58
C THR H 49 -53.10 27.76 38.84
N ASN H 50 -52.53 26.83 39.57
CA ASN H 50 -51.67 25.83 38.96
C ASN H 50 -52.53 24.79 38.24
N LEU H 51 -51.99 24.27 37.15
CA LEU H 51 -52.76 23.39 36.28
C LEU H 51 -52.81 21.99 36.88
N LEU H 52 -53.89 21.27 36.55
CA LEU H 52 -54.13 19.94 37.09
C LEU H 52 -53.25 18.92 36.39
N GLU H 53 -52.48 18.23 37.20
CA GLU H 53 -51.69 17.17 36.69
C GLU H 53 -52.63 16.01 36.73
N LYS H 54 -52.11 14.80 36.87
CA LYS H 54 -52.93 13.62 36.89
C LYS H 54 -53.41 13.25 35.51
N VAL H 55 -54.18 14.11 34.87
CA VAL H 55 -54.76 13.81 33.58
C VAL H 55 -53.83 13.90 32.42
N ASP H 56 -53.83 12.90 31.57
CA ASP H 56 -53.03 12.95 30.39
C ASP H 56 -53.65 12.03 29.41
N ASP H 57 -54.90 11.69 29.64
CA ASP H 57 -55.60 10.89 28.67
C ASP H 57 -56.62 11.72 27.94
N LYS H 58 -57.22 12.71 28.59
CA LYS H 58 -58.23 13.50 27.94
C LYS H 58 -57.70 14.69 27.11
N ILE H 59 -56.41 14.97 27.12
CA ILE H 59 -55.78 16.02 26.34
C ILE H 59 -55.18 15.39 25.08
N PRO H 60 -55.53 15.88 23.88
CA PRO H 60 -54.87 15.40 22.66
C PRO H 60 -53.44 15.92 22.55
N LYS H 61 -52.65 15.27 21.70
CA LYS H 61 -51.22 15.55 21.63
C LYS H 61 -50.88 16.82 20.88
N THR H 62 -51.78 17.39 20.09
CA THR H 62 -51.47 18.64 19.43
C THR H 62 -51.60 19.86 20.34
N PHE H 63 -52.20 19.70 21.52
CA PHE H 63 -52.44 20.80 22.45
C PHE H 63 -51.64 20.64 23.73
N GLN H 64 -50.50 19.94 23.67
CA GLN H 64 -49.75 19.61 24.88
C GLN H 64 -48.98 20.83 25.41
N ASN H 65 -48.17 21.45 24.56
CA ASN H 65 -47.49 22.68 24.96
C ASN H 65 -48.25 23.92 24.53
N SER H 66 -49.57 23.97 24.76
CA SER H 66 -50.34 25.15 24.39
C SER H 66 -51.51 25.45 25.32
N LEU H 67 -51.65 24.75 26.44
CA LEU H 67 -52.95 24.52 27.04
C LEU H 67 -53.25 25.42 28.22
N ILE H 68 -54.51 25.84 28.34
CA ILE H 68 -55.05 26.35 29.59
C ILE H 68 -56.31 25.54 29.92
N HIS H 69 -56.68 25.59 31.19
CA HIS H 69 -57.76 24.79 31.74
C HIS H 69 -58.86 25.73 32.23
N LEU H 70 -60.10 25.44 31.85
CA LEU H 70 -61.21 26.33 32.18
C LEU H 70 -62.45 25.51 32.46
N GLY H 71 -63.40 26.12 33.17
CA GLY H 71 -64.68 25.49 33.43
C GLY H 71 -65.68 25.74 32.32
N LEU H 72 -66.75 24.96 32.33
CA LEU H 72 -67.76 25.04 31.28
C LEU H 72 -68.64 26.28 31.40
N ASN H 73 -69.07 26.62 32.62
CA ASN H 73 -69.89 27.82 32.80
C ASN H 73 -69.06 29.09 32.68
N THR H 74 -67.76 28.99 32.96
CA THR H 74 -66.85 30.11 32.76
C THR H 74 -66.68 30.43 31.28
N MET H 75 -66.53 29.39 30.45
CA MET H 75 -66.46 29.62 29.02
C MET H 75 -67.81 29.91 28.39
N LYS H 76 -68.91 29.54 29.04
CA LYS H 76 -70.20 30.01 28.58
C LYS H 76 -70.40 31.47 28.90
N SER H 77 -69.82 31.95 30.00
CA SER H 77 -69.94 33.36 30.36
C SER H 77 -69.06 34.26 29.50
N ALA H 78 -68.00 33.73 28.89
CA ALA H 78 -67.06 34.55 28.12
C ALA H 78 -67.06 34.23 26.64
N ASN H 79 -68.01 33.41 26.18
CA ASN H 79 -68.16 32.79 24.83
C ASN H 79 -66.84 32.33 24.20
N ILE H 80 -66.17 31.40 24.88
CA ILE H 80 -64.93 30.81 24.41
C ILE H 80 -65.21 29.36 24.03
N CYS H 81 -64.86 28.98 22.81
CA CYS H 81 -65.14 27.64 22.30
C CYS H 81 -63.96 26.69 22.55
N ILE H 82 -64.19 25.41 22.30
CA ILE H 82 -63.17 24.38 22.53
C ILE H 82 -62.16 24.41 21.39
N GLY H 83 -60.88 24.59 21.74
CA GLY H 83 -59.81 24.58 20.77
C GLY H 83 -59.51 25.91 20.13
N ARG H 84 -60.34 26.92 20.35
CA ARG H 84 -60.05 28.24 19.82
C ARG H 84 -59.03 28.95 20.71
N PRO H 85 -58.18 29.79 20.14
CA PRO H 85 -57.17 30.47 20.95
C PRO H 85 -57.75 31.62 21.77
N VAL H 86 -57.12 31.85 22.92
CA VAL H 86 -57.43 32.94 23.81
C VAL H 86 -56.20 33.81 24.01
N LEU H 87 -56.46 35.06 24.36
CA LEU H 87 -55.47 36.10 24.57
C LEU H 87 -55.46 36.45 26.05
N LEU H 88 -54.29 36.36 26.68
CA LEU H 88 -54.10 36.64 28.09
C LEU H 88 -53.30 37.93 28.20
N THR H 89 -53.87 38.91 28.91
CA THR H 89 -53.25 40.21 29.14
C THR H 89 -53.13 40.44 30.64
N SER H 90 -51.94 40.82 31.09
CA SER H 90 -51.71 41.09 32.50
C SER H 90 -52.01 42.56 32.79
N LEU H 91 -51.67 43.00 34.00
CA LEU H 91 -51.77 44.40 34.35
C LEU H 91 -50.53 45.21 33.97
N ASN H 92 -49.43 44.54 33.62
CA ASN H 92 -48.22 45.21 33.20
C ASN H 92 -48.10 45.38 31.69
N GLY H 93 -48.94 44.70 30.92
CA GLY H 93 -48.90 44.82 29.47
C GLY H 93 -48.18 43.71 28.73
N LYS H 94 -47.88 42.59 29.38
CA LYS H 94 -47.31 41.43 28.71
C LYS H 94 -48.41 40.47 28.31
N GLN H 95 -48.36 39.97 27.08
CA GLN H 95 -49.48 39.25 26.49
C GLN H 95 -49.05 37.88 25.99
N GLU H 96 -50.03 36.99 25.85
CA GLU H 96 -49.76 35.61 25.47
C GLU H 96 -51.00 35.02 24.79
N VAL H 97 -50.81 34.10 23.84
CA VAL H 97 -51.94 33.45 23.15
C VAL H 97 -51.83 31.94 23.32
N TYR H 98 -52.82 31.35 24.00
CA TYR H 98 -52.95 29.90 24.28
C TYR H 98 -54.26 29.31 23.78
N THR H 99 -54.50 28.05 24.14
CA THR H 99 -55.60 27.24 23.62
C THR H 99 -56.47 26.74 24.76
N ALA H 100 -57.76 26.56 24.52
CA ALA H 100 -58.69 26.19 25.60
C ALA H 100 -59.27 24.77 25.66
N TRP H 101 -59.23 24.09 26.79
CA TRP H 101 -59.82 22.75 26.92
C TRP H 101 -60.86 22.64 28.03
N PRO H 102 -62.07 22.19 27.72
CA PRO H 102 -63.00 22.13 28.85
C PRO H 102 -62.42 21.25 29.95
N MET H 103 -62.17 21.77 31.15
CA MET H 103 -61.70 20.91 32.22
C MET H 103 -62.87 20.38 32.99
N ALA H 104 -62.85 19.12 33.39
CA ALA H 104 -64.02 18.59 34.05
C ALA H 104 -63.99 18.87 35.55
N GLY H 105 -64.27 20.11 35.94
CA GLY H 105 -64.31 20.44 37.36
C GLY H 105 -63.33 21.48 37.86
N PHE H 106 -62.50 22.03 36.98
CA PHE H 106 -61.57 23.07 37.39
C PHE H 106 -62.31 24.05 38.26
N PRO H 107 -61.70 24.52 39.36
CA PRO H 107 -62.46 25.39 40.26
C PRO H 107 -63.33 26.36 39.48
N GLY H 108 -64.56 26.61 39.89
CA GLY H 108 -65.44 27.44 39.07
C GLY H 108 -65.12 28.93 39.02
N GLY H 109 -64.08 29.33 38.29
CA GLY H 109 -63.70 30.72 38.25
C GLY H 109 -62.20 30.87 38.13
N LYS H 110 -61.51 29.81 37.74
CA LYS H 110 -60.05 29.88 37.72
C LYS H 110 -59.35 29.44 36.45
N VAL H 111 -58.37 30.22 36.00
CA VAL H 111 -57.62 29.83 34.80
C VAL H 111 -56.35 29.09 35.18
N GLY H 112 -56.10 27.96 34.55
CA GLY H 112 -54.94 27.21 34.91
C GLY H 112 -53.81 27.36 33.97
N LEU H 113 -52.70 27.85 34.47
CA LEU H 113 -51.57 28.06 33.62
C LEU H 113 -50.39 27.22 34.04
N SER H 114 -49.40 27.11 33.20
CA SER H 114 -48.21 26.32 33.47
C SER H 114 -47.12 27.19 34.10
N GLU H 115 -45.88 26.69 34.14
CA GLU H 115 -44.80 27.43 34.78
C GLU H 115 -44.25 28.55 33.89
N MET H 116 -44.09 28.29 32.59
CA MET H 116 -43.50 29.31 31.74
C MET H 116 -44.60 30.24 31.22
N ALA H 117 -45.87 29.85 31.41
CA ALA H 117 -46.97 30.80 31.34
C ALA H 117 -46.84 31.87 32.43
N GLN H 118 -46.55 31.42 33.64
CA GLN H 118 -46.32 32.29 34.77
C GLN H 118 -44.99 33.04 34.71
N LYS H 119 -44.06 32.65 33.84
CA LYS H 119 -42.89 33.47 33.62
C LYS H 119 -43.00 34.40 32.41
N ASN H 120 -43.70 33.99 31.34
CA ASN H 120 -43.85 34.82 30.15
C ASN H 120 -44.80 35.97 30.40
N VAL H 121 -45.96 35.68 31.01
CA VAL H 121 -46.86 36.76 31.37
C VAL H 121 -46.35 37.46 32.62
N GLY H 122 -46.10 36.70 33.66
CA GLY H 122 -45.52 37.15 34.90
C GLY H 122 -46.62 37.38 35.90
N VAL H 123 -46.96 36.32 36.65
CA VAL H 123 -47.95 36.34 37.72
C VAL H 123 -47.47 35.41 38.82
N ARG H 124 -48.23 35.37 39.89
CA ARG H 124 -48.20 34.48 41.03
C ARG H 124 -49.59 33.87 41.14
N PRO H 125 -49.73 32.61 41.62
CA PRO H 125 -51.07 32.03 41.80
C PRO H 125 -51.92 32.72 42.85
N GLY H 126 -52.96 33.40 42.37
CA GLY H 126 -53.79 34.25 43.20
C GLY H 126 -53.82 35.69 42.70
N ASP H 127 -53.62 35.89 41.41
CA ASP H 127 -53.55 37.23 40.81
C ASP H 127 -54.69 37.43 39.82
N ALA H 128 -54.66 38.55 39.12
CA ALA H 128 -55.70 38.93 38.18
C ALA H 128 -55.14 39.00 36.77
N ILE H 129 -55.81 38.33 35.83
CA ILE H 129 -55.38 38.30 34.43
C ILE H 129 -56.65 38.46 33.59
N GLN H 130 -56.47 38.89 32.34
CA GLN H 130 -57.59 39.13 31.44
C GLN H 130 -57.58 38.11 30.31
N VAL H 131 -58.72 37.44 30.11
CA VAL H 131 -58.91 36.42 29.10
C VAL H 131 -59.86 36.95 28.04
N GLN H 132 -59.44 36.88 26.78
CA GLN H 132 -60.28 37.32 25.68
C GLN H 132 -60.26 36.29 24.57
N PRO H 133 -61.33 36.17 23.79
CA PRO H 133 -61.29 35.32 22.60
C PRO H 133 -60.73 36.10 21.41
N LEU H 134 -60.28 35.33 20.41
CA LEU H 134 -59.71 35.91 19.20
C LEU H 134 -60.75 35.88 18.09
N VAL H 135 -61.08 37.04 17.55
CA VAL H 135 -62.00 37.15 16.43
C VAL H 135 -61.29 37.61 15.17
N GLY H 136 -59.98 37.46 15.10
CA GLY H 136 -59.18 37.87 13.98
C GLY H 136 -58.76 36.72 13.10
N ALA H 137 -57.64 36.89 12.43
CA ALA H 137 -57.11 35.90 11.50
C ALA H 137 -55.74 35.44 11.95
N VAL H 138 -55.49 34.14 11.86
CA VAL H 138 -54.17 33.58 12.10
C VAL H 138 -53.57 33.14 10.77
N LEU H 139 -52.30 33.46 10.59
CA LEU H 139 -51.59 33.27 9.34
C LEU H 139 -50.27 32.56 9.60
N GLN H 140 -49.80 31.86 8.57
CA GLN H 140 -48.56 31.12 8.65
C GLN H 140 -47.38 32.08 8.53
N ALA H 141 -46.44 31.98 9.46
CA ALA H 141 -45.22 32.76 9.34
C ALA H 141 -44.27 32.08 8.36
N GLU H 142 -43.25 32.82 7.92
CA GLU H 142 -42.11 32.11 7.35
C GLU H 142 -40.77 32.68 7.78
N GLU H 143 -40.71 33.82 8.47
CA GLU H 143 -39.44 34.26 9.04
C GLU H 143 -39.58 34.47 10.54
N MET H 144 -38.69 33.84 11.29
CA MET H 144 -38.63 34.05 12.74
C MET H 144 -37.17 34.21 13.12
N ASP H 145 -36.78 35.43 13.46
CA ASP H 145 -35.45 35.70 13.96
C ASP H 145 -35.50 35.62 15.48
N VAL H 146 -34.78 34.64 16.03
CA VAL H 146 -34.74 34.40 17.47
C VAL H 146 -33.32 34.54 17.96
N ALA H 147 -33.20 34.94 19.22
CA ALA H 147 -31.92 35.12 19.90
C ALA H 147 -31.82 34.08 21.00
N LEU H 148 -30.76 33.29 21.03
CA LEU H 148 -30.62 32.21 22.00
C LEU H 148 -30.00 32.66 23.28
N SER H 149 -30.72 32.63 24.38
CA SER H 149 -30.09 33.00 25.62
C SER H 149 -29.11 31.92 25.91
N ASP H 150 -28.28 32.08 26.92
CA ASP H 150 -27.23 31.11 27.18
C ASP H 150 -26.21 31.22 26.06
N LYS H 151 -25.18 30.39 26.07
CA LYS H 151 -24.22 30.40 24.99
C LYS H 151 -23.61 29.04 24.84
N ASP H 152 -24.46 28.04 24.80
CA ASP H 152 -23.98 26.71 24.64
C ASP H 152 -23.15 26.66 23.40
N MET H 153 -23.70 27.17 22.32
CA MET H 153 -22.94 27.25 21.09
C MET H 153 -22.76 25.94 20.34
N GLU H 154 -22.22 24.91 20.96
CA GLU H 154 -21.95 23.68 20.24
C GLU H 154 -23.18 23.27 19.49
N ILE H 155 -24.23 24.07 19.57
CA ILE H 155 -25.51 23.80 18.94
C ILE H 155 -25.27 23.24 17.54
N ASN H 156 -26.10 22.29 17.17
CA ASN H 156 -26.25 21.91 15.77
C ASN H 156 -27.55 22.53 15.30
N GLU H 157 -27.45 23.43 14.31
CA GLU H 157 -28.57 24.33 14.00
C GLU H 157 -29.69 23.62 13.25
N GLU H 158 -29.37 22.62 12.44
CA GLU H 158 -30.40 21.90 11.72
C GLU H 158 -31.18 20.97 12.62
N GLU H 159 -30.50 20.31 13.56
CA GLU H 159 -31.19 19.46 14.52
C GLU H 159 -31.96 20.26 15.55
N LEU H 160 -31.46 21.45 15.91
CA LEU H 160 -32.21 22.34 16.80
C LEU H 160 -33.45 22.90 16.11
N THR H 161 -33.35 23.22 14.81
CA THR H 161 -34.50 23.66 14.02
C THR H 161 -35.52 22.55 13.85
N GLY H 162 -35.04 21.30 13.70
CA GLY H 162 -35.94 20.17 13.64
C GLY H 162 -36.67 19.90 14.95
N CYS H 163 -35.98 20.08 16.08
CA CYS H 163 -36.63 19.92 17.37
C CYS H 163 -37.59 21.06 17.70
N ILE H 164 -37.30 22.29 17.23
CA ILE H 164 -38.20 23.42 17.38
C ILE H 164 -39.49 23.19 16.58
N LEU H 165 -39.36 22.76 15.32
CA LEU H 165 -40.55 22.57 14.51
C LEU H 165 -41.28 21.26 14.82
N ARG H 166 -40.65 20.33 15.52
CA ARG H 166 -41.36 19.12 15.94
C ARG H 166 -42.08 19.29 17.28
N LYS H 167 -41.44 19.93 18.26
CA LYS H 167 -42.08 20.04 19.57
C LYS H 167 -43.04 21.22 19.65
N LEU H 168 -42.73 22.31 18.96
CA LEU H 168 -43.63 23.46 18.88
C LEU H 168 -44.28 23.45 17.50
N ASP H 169 -45.61 23.42 17.47
CA ASP H 169 -46.34 23.42 16.22
C ASP H 169 -47.70 24.04 16.47
N GLY H 170 -48.08 25.00 15.65
CA GLY H 170 -49.34 25.66 15.84
C GLY H 170 -49.38 26.64 16.99
N LYS H 171 -48.21 27.13 17.43
CA LYS H 171 -48.12 28.08 18.52
C LYS H 171 -48.01 29.49 17.96
N ILE H 172 -48.82 30.39 18.52
CA ILE H 172 -48.91 31.77 18.03
C ILE H 172 -47.87 32.62 18.75
N VAL H 173 -46.98 33.23 17.98
CA VAL H 173 -45.79 33.89 18.51
C VAL H 173 -45.98 35.40 18.50
N LEU H 174 -45.29 36.05 19.43
CA LEU H 174 -45.31 37.49 19.65
C LEU H 174 -43.88 37.94 19.92
N PRO H 175 -43.54 39.21 19.66
CA PRO H 175 -42.22 39.71 20.06
C PRO H 175 -42.11 39.84 21.58
N GLY H 176 -41.04 39.29 22.13
CA GLY H 176 -40.79 39.35 23.56
C GLY H 176 -41.16 38.11 24.34
N ASN H 177 -41.60 37.05 23.68
CA ASN H 177 -41.94 35.81 24.37
C ASN H 177 -40.75 34.86 24.38
N PHE H 178 -40.76 33.95 25.35
CA PHE H 178 -39.71 32.96 25.50
C PHE H 178 -40.22 31.58 25.13
N LEU H 179 -39.40 30.81 24.42
CA LEU H 179 -39.75 29.46 23.97
C LEU H 179 -38.82 28.45 24.63
N TYR H 180 -39.42 27.35 25.09
CA TYR H 180 -38.70 26.24 25.72
C TYR H 180 -38.73 25.05 24.78
N CYS H 181 -37.61 24.33 24.70
CA CYS H 181 -37.62 22.99 24.13
C CYS H 181 -36.60 22.14 24.86
N THR H 182 -36.79 20.81 24.79
CA THR H 182 -35.85 19.87 25.36
C THR H 182 -35.25 19.04 24.24
N PHE H 183 -34.01 19.35 23.86
CA PHE H 183 -33.30 18.61 22.83
C PHE H 183 -32.51 17.50 23.52
N TYR H 184 -33.09 16.29 23.51
CA TYR H 184 -32.52 15.02 24.01
C TYR H 184 -32.11 15.12 25.48
N GLY H 185 -32.94 15.81 26.25
CA GLY H 185 -32.64 16.02 27.65
C GLY H 185 -32.11 17.39 27.96
N ARG H 186 -31.50 18.05 26.98
CA ARG H 186 -30.89 19.34 27.27
C ARG H 186 -31.91 20.46 27.12
N PRO H 187 -32.12 21.29 28.14
CA PRO H 187 -33.09 22.39 28.01
C PRO H 187 -32.53 23.56 27.20
N TYR H 188 -33.39 24.16 26.39
CA TYR H 188 -33.04 25.28 25.53
C TYR H 188 -34.11 26.36 25.64
N LYS H 189 -33.67 27.60 25.84
CA LYS H 189 -34.56 28.75 25.95
C LYS H 189 -34.21 29.79 24.89
N LEU H 190 -35.22 30.25 24.16
CA LEU H 190 -35.05 31.16 23.04
C LEU H 190 -35.94 32.37 23.22
N GLN H 191 -35.50 33.51 22.69
CA GLN H 191 -36.26 34.76 22.77
C GLN H 191 -36.58 35.25 21.36
N VAL H 192 -37.85 35.56 21.12
CA VAL H 192 -38.33 35.90 19.79
C VAL H 192 -38.13 37.40 19.57
N LEU H 193 -37.38 37.76 18.54
CA LEU H 193 -37.14 39.15 18.18
C LEU H 193 -37.96 39.61 16.98
N ARG H 194 -37.95 38.87 15.88
CA ARG H 194 -38.65 39.33 14.68
C ARG H 194 -39.50 38.23 14.06
N VAL H 195 -40.71 38.59 13.63
CA VAL H 195 -41.65 37.66 13.01
C VAL H 195 -42.16 38.29 11.73
N LYS H 196 -42.01 37.59 10.61
CA LYS H 196 -42.55 38.02 9.33
C LYS H 196 -43.45 36.93 8.76
N GLY H 197 -44.69 37.29 8.45
CA GLY H 197 -45.71 36.36 8.04
C GLY H 197 -46.11 36.51 6.58
N ALA H 198 -47.08 35.68 6.18
CA ALA H 198 -47.34 35.46 4.75
C ALA H 198 -48.19 36.54 4.10
N ASP H 199 -48.77 37.46 4.87
CA ASP H 199 -49.39 38.62 4.23
C ASP H 199 -48.40 39.75 4.00
N GLY H 200 -47.18 39.64 4.51
CA GLY H 200 -46.16 40.62 4.27
C GLY H 200 -46.06 41.74 5.27
N MET H 201 -46.33 41.49 6.54
CA MET H 201 -46.16 42.48 7.59
C MET H 201 -45.01 42.07 8.48
N ILE H 202 -44.07 42.98 8.69
CA ILE H 202 -42.93 42.76 9.55
C ILE H 202 -43.14 43.56 10.82
N LEU H 203 -43.12 42.87 11.95
CA LEU H 203 -43.13 43.50 13.26
C LEU H 203 -41.70 43.87 13.69
N GLY H 204 -41.54 44.27 14.94
CA GLY H 204 -40.31 44.87 15.42
C GLY H 204 -39.15 43.91 15.62
N ALA H 316 -49.21 42.08 18.23
CA ALA H 316 -50.47 42.81 18.29
C ALA H 316 -50.93 42.96 19.74
N LYS H 317 -51.90 43.81 19.96
CA LYS H 317 -52.38 44.05 21.32
C LYS H 317 -53.89 43.94 21.46
N CYS H 318 -54.66 44.40 20.47
CA CYS H 318 -56.10 44.20 20.50
C CYS H 318 -56.46 42.96 19.70
N ASN H 319 -57.61 42.36 20.03
CA ASN H 319 -57.90 41.04 19.50
C ASN H 319 -58.50 41.06 18.09
N THR H 320 -58.78 42.23 17.53
CA THR H 320 -59.18 42.29 16.12
C THR H 320 -57.99 42.58 15.20
N ASP H 321 -56.90 41.85 15.38
CA ASP H 321 -55.72 41.98 14.53
C ASP H 321 -55.29 40.62 14.01
N THR H 322 -54.14 40.59 13.34
CA THR H 322 -53.65 39.42 12.66
C THR H 322 -52.52 38.79 13.46
N PHE H 323 -52.63 37.50 13.73
CA PHE H 323 -51.62 36.77 14.48
C PHE H 323 -50.98 35.71 13.60
N TYR H 324 -49.80 35.24 14.00
CA TYR H 324 -48.97 34.38 13.16
C TYR H 324 -48.52 33.16 13.95
N PHE H 325 -48.52 32.00 13.30
CA PHE H 325 -48.23 30.75 14.00
C PHE H 325 -47.13 29.94 13.31
N ILE H 326 -46.51 29.06 14.10
CA ILE H 326 -45.38 28.24 13.67
C ILE H 326 -45.90 26.96 13.03
N SER H 327 -45.44 26.68 11.82
CA SER H 327 -45.70 25.41 11.17
C SER H 327 -44.38 24.92 10.58
N SER H 328 -44.45 23.93 9.70
CA SER H 328 -43.32 23.64 8.85
C SER H 328 -43.21 24.72 7.78
N THR H 329 -42.03 24.78 7.14
CA THR H 329 -41.55 25.85 6.24
C THR H 329 -41.67 27.24 6.88
N THR H 330 -41.20 27.36 8.10
CA THR H 330 -40.86 28.65 8.71
C THR H 330 -39.34 28.70 8.90
N ARG H 331 -38.72 29.76 8.38
CA ARG H 331 -37.27 29.87 8.46
C ARG H 331 -36.87 30.47 9.80
N VAL H 332 -36.06 29.74 10.56
CA VAL H 332 -35.58 30.17 11.86
C VAL H 332 -34.17 30.73 11.70
N ASN H 333 -34.00 32.01 12.03
CA ASN H 333 -32.70 32.65 11.96
C ASN H 333 -32.19 32.85 13.38
N PHE H 334 -31.07 32.20 13.70
CA PHE H 334 -30.48 32.30 15.03
C PHE H 334 -29.58 33.53 15.08
N THR H 335 -30.20 34.68 15.28
CA THR H 335 -29.43 35.91 15.23
C THR H 335 -28.78 36.17 16.60
N GLU H 336 -27.84 37.11 16.59
CA GLU H 336 -27.11 37.47 17.79
C GLU H 336 -27.99 38.36 18.66
N ILE H 337 -27.84 38.26 19.97
CA ILE H 337 -28.68 39.05 20.88
C ILE H 337 -28.18 40.49 20.92
N ASP H 338 -29.09 41.42 20.64
CA ASP H 338 -28.75 42.84 20.60
C ASP H 338 -29.65 43.64 21.53
N VAL H 350 -15.44 52.48 -1.57
CA VAL H 350 -14.52 52.73 -2.68
C VAL H 350 -15.21 53.49 -3.79
N THR H 351 -16.41 53.02 -4.17
CA THR H 351 -17.07 53.23 -5.45
C THR H 351 -16.09 52.98 -6.58
N TYR H 352 -15.38 54.03 -6.99
CA TYR H 352 -14.32 53.94 -7.97
C TYR H 352 -13.18 54.83 -7.50
N ASP H 353 -13.35 55.46 -6.34
CA ASP H 353 -12.37 56.44 -5.88
C ASP H 353 -11.14 55.76 -5.29
N MET H 354 -11.35 54.81 -4.38
CA MET H 354 -10.21 54.13 -3.75
C MET H 354 -9.89 52.82 -4.46
N ILE H 355 -9.65 52.94 -5.77
CA ILE H 355 -8.93 51.94 -6.55
C ILE H 355 -7.85 52.72 -7.30
N GLY H 356 -6.60 52.39 -7.04
CA GLY H 356 -5.52 53.04 -7.75
C GLY H 356 -5.18 52.30 -9.02
N GLY H 357 -5.22 52.99 -10.15
CA GLY H 357 -5.07 52.32 -11.41
C GLY H 357 -6.35 51.56 -11.75
N LEU H 358 -6.17 50.56 -12.62
CA LEU H 358 -7.19 49.57 -13.03
C LEU H 358 -8.43 50.21 -13.64
N SER H 359 -8.24 51.32 -14.37
CA SER H 359 -9.39 52.09 -14.84
C SER H 359 -10.09 51.41 -16.02
N SER H 360 -9.34 50.74 -16.89
CA SER H 360 -9.95 50.04 -18.01
C SER H 360 -10.62 48.75 -17.58
N GLN H 361 -10.14 48.12 -16.51
CA GLN H 361 -10.70 46.87 -16.04
C GLN H 361 -11.86 47.05 -15.07
N LEU H 362 -11.90 48.16 -14.35
CA LEU H 362 -13.04 48.42 -13.47
C LEU H 362 -14.28 48.85 -14.27
N LYS H 363 -14.07 49.44 -15.44
CA LYS H 363 -15.17 49.84 -16.32
C LYS H 363 -15.85 48.62 -16.94
N ALA H 364 -15.08 47.55 -17.17
CA ALA H 364 -15.63 46.29 -17.67
C ALA H 364 -16.53 45.62 -16.63
N ILE H 365 -16.06 45.54 -15.38
CA ILE H 365 -16.83 44.85 -14.35
C ILE H 365 -17.99 45.71 -13.87
N ARG H 366 -17.94 47.03 -14.09
CA ARG H 366 -19.10 47.88 -13.82
C ARG H 366 -20.22 47.68 -14.83
N GLU H 367 -19.92 47.14 -16.00
CA GLU H 367 -20.90 46.94 -17.07
C GLU H 367 -21.49 45.54 -17.11
N ILE H 368 -20.67 44.51 -16.89
CA ILE H 368 -21.19 43.13 -16.87
C ILE H 368 -21.97 42.85 -15.59
N ILE H 369 -21.78 43.64 -14.53
CA ILE H 369 -22.73 43.57 -13.43
C ILE H 369 -24.03 44.27 -13.83
N GLU H 370 -23.94 45.46 -14.41
CA GLU H 370 -25.11 46.31 -14.56
C GLU H 370 -25.96 45.93 -15.77
N LEU H 371 -25.35 45.86 -16.95
CA LEU H 371 -26.08 45.73 -18.21
C LEU H 371 -26.73 44.36 -18.45
N PRO H 372 -26.19 43.20 -17.98
CA PRO H 372 -27.07 42.03 -17.84
C PRO H 372 -28.21 42.20 -16.86
N LEU H 373 -27.99 42.89 -15.76
CA LEU H 373 -29.03 43.00 -14.73
C LEU H 373 -30.11 44.00 -15.14
N LYS H 374 -29.74 45.08 -15.81
CA LYS H 374 -30.70 46.13 -16.12
C LYS H 374 -31.59 45.75 -17.29
N GLN H 375 -30.92 45.55 -18.42
CA GLN H 375 -31.63 45.18 -19.61
C GLN H 375 -31.14 43.88 -20.14
N PRO H 376 -31.79 42.80 -19.76
CA PRO H 376 -31.39 41.55 -20.38
C PRO H 376 -31.98 41.44 -21.77
N GLU H 377 -32.58 42.51 -22.26
CA GLU H 377 -33.21 42.51 -23.58
C GLU H 377 -32.25 42.85 -24.69
N LEU H 378 -31.13 43.48 -24.36
CA LEU H 378 -30.15 43.77 -25.36
C LEU H 378 -29.52 42.47 -25.77
N PHE H 379 -29.14 41.65 -24.81
CA PHE H 379 -28.42 40.42 -25.12
C PHE H 379 -29.16 39.57 -26.13
N LYS H 380 -30.47 39.74 -26.22
CA LYS H 380 -31.22 39.00 -27.20
C LYS H 380 -31.08 39.58 -28.56
N SER H 381 -31.54 40.79 -28.73
CA SER H 381 -31.52 41.48 -30.01
C SER H 381 -30.24 41.21 -30.79
N TYR H 382 -29.20 40.69 -30.13
CA TYR H 382 -27.95 40.35 -30.78
C TYR H 382 -27.82 38.87 -31.07
N GLY H 383 -28.36 38.02 -30.22
CA GLY H 383 -28.13 36.60 -30.36
C GLY H 383 -26.99 36.12 -29.50
N ILE H 384 -26.86 36.68 -28.31
CA ILE H 384 -25.84 36.31 -27.34
C ILE H 384 -26.55 35.94 -26.04
N PRO H 385 -26.33 34.76 -25.48
CA PRO H 385 -26.85 34.48 -24.13
C PRO H 385 -26.07 35.23 -23.06
N ALA H 386 -26.74 35.45 -21.93
CA ALA H 386 -26.22 36.33 -20.89
C ALA H 386 -25.07 35.66 -20.13
N PRO H 387 -24.05 36.42 -19.73
CA PRO H 387 -22.95 35.82 -18.97
C PRO H 387 -23.33 35.55 -17.52
N ARG H 388 -22.93 34.37 -17.05
CA ARG H 388 -23.10 33.99 -15.67
C ARG H 388 -21.78 33.71 -14.96
N GLY H 389 -20.66 33.71 -15.67
CA GLY H 389 -19.39 33.51 -15.00
C GLY H 389 -18.34 34.53 -15.34
N VAL H 390 -17.90 35.30 -14.35
CA VAL H 390 -16.81 36.26 -14.51
C VAL H 390 -15.69 35.82 -13.58
N LEU H 391 -14.54 35.48 -14.15
CA LEU H 391 -13.41 35.00 -13.36
C LEU H 391 -12.32 36.07 -13.36
N LEU H 392 -11.94 36.52 -12.17
CA LEU H 392 -10.85 37.47 -11.99
C LEU H 392 -9.60 36.72 -11.59
N TYR H 393 -8.48 37.05 -12.23
CA TYR H 393 -7.24 36.35 -11.97
C TYR H 393 -6.06 37.31 -12.04
N GLY H 394 -5.06 37.06 -11.22
CA GLY H 394 -3.87 37.88 -11.20
C GLY H 394 -2.87 37.44 -10.14
N PRO H 395 -1.77 38.17 -10.03
CA PRO H 395 -0.78 37.88 -8.98
C PRO H 395 -1.31 38.28 -7.61
N PRO H 396 -0.76 37.72 -6.52
CA PRO H 396 -1.25 38.10 -5.19
C PRO H 396 -0.83 39.50 -4.78
N GLY H 397 -1.74 40.21 -4.15
CA GLY H 397 -1.52 41.56 -3.72
C GLY H 397 -1.98 42.64 -4.68
N THR H 398 -2.80 42.33 -5.67
CA THR H 398 -3.17 43.32 -6.67
C THR H 398 -4.52 43.98 -6.42
N GLY H 399 -5.42 43.35 -5.67
CA GLY H 399 -6.70 43.97 -5.40
C GLY H 399 -7.94 43.18 -5.78
N LYS H 400 -7.84 41.85 -5.76
CA LYS H 400 -8.94 41.02 -6.25
C LYS H 400 -10.05 40.87 -5.21
N THR H 401 -9.72 40.68 -3.94
CA THR H 401 -10.73 40.65 -2.89
C THR H 401 -11.23 42.06 -2.60
N MET H 402 -10.39 43.07 -2.83
CA MET H 402 -10.73 44.47 -2.66
C MET H 402 -11.81 44.93 -3.65
N ILE H 403 -11.73 44.48 -4.89
CA ILE H 403 -12.65 44.97 -5.93
C ILE H 403 -14.02 44.30 -5.79
N ALA H 404 -14.08 43.13 -5.13
CA ALA H 404 -15.34 42.43 -4.99
C ALA H 404 -16.22 43.02 -3.91
N ARG H 405 -15.62 43.48 -2.81
CA ARG H 405 -16.39 44.12 -1.76
C ARG H 405 -16.83 45.53 -2.14
N ALA H 406 -16.19 46.14 -3.13
CA ALA H 406 -16.64 47.43 -3.65
C ALA H 406 -17.85 47.30 -4.57
N VAL H 407 -18.05 46.14 -5.20
CA VAL H 407 -19.22 45.90 -6.03
C VAL H 407 -20.47 45.73 -5.16
N ALA H 408 -20.28 45.26 -3.92
CA ALA H 408 -21.38 44.85 -3.04
C ALA H 408 -22.23 46.02 -2.56
N ASN H 409 -21.59 47.05 -1.99
CA ASN H 409 -22.37 48.22 -1.58
C ASN H 409 -22.35 49.33 -2.64
N GLU H 410 -22.64 48.98 -3.89
CA GLU H 410 -22.65 50.04 -4.89
C GLU H 410 -23.89 50.05 -5.77
N VAL H 411 -24.40 48.88 -6.15
CA VAL H 411 -25.47 48.81 -7.14
C VAL H 411 -26.83 48.44 -6.54
N GLY H 412 -26.86 47.67 -5.46
CA GLY H 412 -28.11 47.24 -4.89
C GLY H 412 -28.46 45.86 -5.39
N ALA H 413 -28.13 44.84 -4.60
CA ALA H 413 -28.15 43.46 -5.07
C ALA H 413 -28.12 42.55 -3.86
N TYR H 414 -28.37 41.27 -4.09
CA TYR H 414 -28.04 40.26 -3.10
C TYR H 414 -26.64 39.78 -3.39
N VAL H 415 -25.69 40.18 -2.55
CA VAL H 415 -24.31 39.76 -2.65
C VAL H 415 -24.03 38.81 -1.50
N SER H 416 -23.87 37.54 -1.80
CA SER H 416 -23.58 36.52 -0.80
C SER H 416 -22.09 36.18 -0.91
N VAL H 417 -21.29 36.77 -0.03
CA VAL H 417 -19.83 36.59 -0.03
C VAL H 417 -19.54 35.23 0.56
N ILE H 418 -19.15 34.28 -0.28
CA ILE H 418 -18.77 32.94 0.16
C ILE H 418 -17.27 32.79 0.00
N ASN H 419 -16.59 32.40 1.07
CA ASN H 419 -15.15 32.34 1.01
C ASN H 419 -14.66 30.98 1.48
N GLY H 420 -13.37 30.88 1.75
CA GLY H 420 -12.88 29.82 2.59
C GLY H 420 -12.03 28.79 1.88
N PRO H 421 -10.82 28.60 2.40
CA PRO H 421 -10.13 27.30 2.28
C PRO H 421 -10.48 26.33 3.38
N GLU H 422 -11.44 26.68 4.24
CA GLU H 422 -11.83 25.81 5.36
C GLU H 422 -12.63 24.61 4.87
N ILE H 423 -13.56 24.82 3.95
CA ILE H 423 -14.41 23.74 3.46
C ILE H 423 -13.62 22.93 2.42
N ILE H 424 -13.11 21.78 2.86
CA ILE H 424 -12.37 20.87 2.00
C ILE H 424 -13.09 19.53 1.97
N SER H 425 -13.11 18.84 3.13
CA SER H 425 -13.69 17.51 3.24
C SER H 425 -14.79 17.43 4.28
N LYS H 426 -14.54 17.97 5.48
CA LYS H 426 -15.33 17.83 6.72
C LYS H 426 -15.62 16.37 7.05
N PHE H 427 -16.81 16.08 7.57
CA PHE H 427 -17.19 14.70 7.86
C PHE H 427 -17.73 14.00 6.62
N TYR H 428 -18.83 14.51 6.07
CA TYR H 428 -19.53 13.91 4.94
C TYR H 428 -19.83 14.99 3.90
N GLY H 429 -20.64 14.68 2.90
CA GLY H 429 -20.88 15.63 1.82
C GLY H 429 -21.82 16.78 2.17
N GLU H 430 -21.74 17.26 3.40
CA GLU H 430 -22.64 18.32 3.85
C GLU H 430 -22.52 19.56 2.99
N THR H 431 -21.34 19.79 2.45
CA THR H 431 -21.13 20.98 1.65
C THR H 431 -22.25 21.09 0.67
N GLU H 432 -22.52 20.01 -0.04
CA GLU H 432 -23.55 20.03 -1.06
C GLU H 432 -24.83 20.67 -0.56
N ALA H 433 -25.27 20.26 0.61
CA ALA H 433 -26.51 20.78 1.15
C ALA H 433 -26.42 22.27 1.38
N LYS H 434 -25.41 22.69 2.10
CA LYS H 434 -25.24 24.10 2.39
C LYS H 434 -25.32 24.90 1.10
N LEU H 435 -24.72 24.37 0.06
CA LEU H 435 -24.72 25.06 -1.21
C LEU H 435 -26.11 25.41 -1.65
N ARG H 436 -27.03 24.45 -1.61
CA ARG H 436 -28.40 24.68 -2.08
C ARG H 436 -29.11 25.78 -1.35
N GLN H 437 -28.87 25.89 -0.06
CA GLN H 437 -29.53 26.90 0.72
C GLN H 437 -29.26 28.25 0.12
N ILE H 438 -27.99 28.56 -0.07
CA ILE H 438 -27.63 29.80 -0.70
C ILE H 438 -27.99 29.69 -2.14
N PHE H 439 -27.71 28.54 -2.72
CA PHE H 439 -27.96 28.34 -4.13
C PHE H 439 -29.32 28.81 -4.50
N ALA H 440 -30.25 28.76 -3.57
CA ALA H 440 -31.60 29.14 -3.88
C ALA H 440 -31.72 30.60 -4.31
N GLU H 441 -30.61 31.36 -4.32
CA GLU H 441 -30.67 32.77 -4.62
C GLU H 441 -31.49 33.33 -3.52
N ALA H 442 -31.18 32.93 -2.29
CA ALA H 442 -32.01 33.33 -1.19
C ALA H 442 -33.37 32.86 -1.62
N THR H 443 -33.44 31.63 -2.11
CA THR H 443 -34.70 31.09 -2.57
C THR H 443 -35.42 32.07 -3.46
N LEU H 444 -36.58 32.52 -3.02
CA LEU H 444 -37.39 33.42 -3.83
C LEU H 444 -36.59 34.58 -4.42
N ARG H 445 -35.61 35.08 -3.68
CA ARG H 445 -34.89 36.23 -4.17
C ARG H 445 -34.51 35.93 -5.61
N HIS H 446 -34.73 36.90 -6.47
CA HIS H 446 -34.42 36.70 -7.88
C HIS H 446 -33.09 37.35 -8.23
N PRO H 447 -32.93 38.63 -7.90
CA PRO H 447 -31.61 39.19 -8.15
C PRO H 447 -30.66 38.89 -7.01
N SER H 448 -29.57 38.17 -7.27
CA SER H 448 -28.60 37.87 -6.23
C SER H 448 -27.25 37.48 -6.79
N ILE H 449 -26.24 37.39 -5.94
CA ILE H 449 -24.89 37.08 -6.38
C ILE H 449 -24.16 36.24 -5.35
N ILE H 450 -23.52 35.18 -5.79
CA ILE H 450 -22.73 34.35 -4.89
C ILE H 450 -21.26 34.46 -5.23
N PHE H 451 -20.47 34.87 -4.26
CA PHE H 451 -19.07 35.19 -4.51
C PHE H 451 -18.20 34.01 -4.12
N ILE H 452 -17.19 33.66 -4.90
CA ILE H 452 -16.41 32.54 -4.38
C ILE H 452 -14.95 32.95 -4.44
N ASP H 453 -14.26 32.90 -3.31
CA ASP H 453 -12.87 33.32 -3.23
C ASP H 453 -12.05 32.13 -2.77
N GLN H 454 -10.79 32.08 -3.23
CA GLN H 454 -9.93 30.90 -3.28
C GLN H 454 -10.66 29.74 -3.96
N LEU H 455 -10.86 29.93 -5.28
CA LEU H 455 -11.48 28.89 -6.10
C LEU H 455 -10.59 27.66 -6.23
N ASP H 456 -9.27 27.83 -6.11
CA ASP H 456 -8.36 26.69 -6.12
C ASP H 456 -8.46 25.90 -4.82
N ALA H 457 -8.86 26.54 -3.72
CA ALA H 457 -9.08 25.79 -2.49
C ALA H 457 -10.41 25.05 -2.50
N LEU H 458 -11.44 25.62 -3.14
CA LEU H 458 -12.71 24.92 -3.26
C LEU H 458 -12.63 23.77 -4.26
N CYS H 459 -12.07 24.02 -5.44
CA CYS H 459 -11.97 23.00 -6.48
C CYS H 459 -10.55 22.99 -7.05
N PRO H 460 -9.67 22.13 -6.53
CA PRO H 460 -8.30 22.11 -7.02
C PRO H 460 -8.12 21.29 -8.29
N LYS H 461 -6.85 21.08 -8.66
CA LYS H 461 -6.49 20.24 -9.79
C LYS H 461 -6.81 18.79 -9.48
N ARG H 462 -7.07 18.01 -10.54
CA ARG H 462 -7.49 16.61 -10.40
C ARG H 462 -6.33 15.72 -9.96
N GLU H 463 -5.09 16.08 -10.31
CA GLU H 463 -3.93 15.28 -9.92
C GLU H 463 -3.61 15.40 -8.44
N GLY H 464 -3.88 16.56 -7.84
CA GLY H 464 -3.69 16.77 -6.42
C GLY H 464 -4.90 16.48 -5.57
N ALA H 465 -6.00 16.01 -6.15
CA ALA H 465 -7.25 15.74 -5.45
C ALA H 465 -7.80 14.38 -5.85
N GLN H 466 -6.96 13.35 -5.78
CA GLN H 466 -7.33 12.00 -6.19
C GLN H 466 -8.29 11.29 -5.24
N ASN H 467 -8.51 11.83 -4.04
CA ASN H 467 -9.47 11.25 -3.10
C ASN H 467 -10.90 11.50 -3.58
N GLU H 468 -11.82 10.68 -3.06
CA GLU H 468 -13.21 10.68 -3.52
C GLU H 468 -14.01 11.86 -2.96
N VAL H 469 -13.51 12.52 -1.92
CA VAL H 469 -14.26 13.59 -1.26
C VAL H 469 -14.22 14.88 -2.08
N GLU H 470 -13.27 15.03 -3.00
CA GLU H 470 -13.24 16.18 -3.89
C GLU H 470 -14.00 15.94 -5.18
N LYS H 471 -14.54 14.74 -5.38
CA LYS H 471 -15.30 14.46 -6.59
C LYS H 471 -16.68 15.11 -6.55
N ARG H 472 -17.27 15.23 -5.36
CA ARG H 472 -18.61 15.79 -5.24
C ARG H 472 -18.62 17.30 -5.37
N VAL H 473 -17.55 17.99 -4.95
CA VAL H 473 -17.55 19.45 -5.04
C VAL H 473 -17.28 19.93 -6.45
N VAL H 474 -16.59 19.13 -7.28
CA VAL H 474 -16.45 19.48 -8.68
C VAL H 474 -17.75 19.23 -9.43
N ALA H 475 -18.34 18.05 -9.20
CA ALA H 475 -19.50 17.62 -9.98
C ALA H 475 -20.77 18.37 -9.62
N SER H 476 -20.89 18.86 -8.38
CA SER H 476 -22.04 19.70 -8.05
C SER H 476 -21.86 21.12 -8.60
N LEU H 477 -20.62 21.61 -8.66
CA LEU H 477 -20.39 22.95 -9.19
C LEU H 477 -20.47 22.98 -10.70
N LEU H 478 -20.08 21.90 -11.39
CA LEU H 478 -20.22 21.85 -12.84
C LEU H 478 -21.68 21.69 -13.26
N THR H 479 -22.33 20.62 -12.81
CA THR H 479 -23.58 20.14 -13.41
C THR H 479 -24.78 21.02 -13.02
N LEU H 480 -24.86 21.44 -11.76
CA LEU H 480 -25.99 22.24 -11.31
C LEU H 480 -25.93 23.67 -11.81
N MET H 481 -24.74 24.27 -11.86
CA MET H 481 -24.58 25.62 -12.37
C MET H 481 -24.57 25.67 -13.90
N ASP H 482 -24.31 24.54 -14.58
CA ASP H 482 -24.61 24.48 -16.01
C ASP H 482 -26.12 24.41 -16.24
N GLY H 483 -26.82 23.64 -15.42
CA GLY H 483 -28.22 23.41 -15.65
C GLY H 483 -29.11 24.36 -14.88
N ILE H 484 -28.55 25.45 -14.37
CA ILE H 484 -29.34 26.45 -13.66
C ILE H 484 -30.07 27.37 -14.63
N GLY H 485 -29.65 27.37 -15.91
CA GLY H 485 -30.11 28.33 -16.89
C GLY H 485 -31.52 28.10 -17.42
N SER H 486 -32.12 26.94 -17.13
CA SER H 486 -33.42 26.60 -17.67
C SER H 486 -34.51 26.43 -16.61
N GLU H 487 -34.18 26.52 -15.33
CA GLU H 487 -35.18 26.25 -14.31
C GLU H 487 -36.08 27.45 -14.04
N VAL H 488 -35.51 28.50 -13.44
CA VAL H 488 -36.24 29.70 -13.02
C VAL H 488 -35.21 30.80 -12.77
N SER H 489 -35.63 32.05 -13.03
CA SER H 489 -34.99 33.31 -12.61
C SER H 489 -33.58 33.52 -13.17
N GLU H 490 -33.41 33.51 -14.49
CA GLU H 490 -32.07 33.61 -15.05
C GLU H 490 -31.89 34.91 -15.84
N GLY H 491 -30.64 35.23 -16.07
CA GLY H 491 -30.23 36.58 -16.44
C GLY H 491 -29.81 37.42 -15.26
N GLN H 492 -29.99 36.91 -14.04
CA GLN H 492 -29.68 37.64 -12.82
C GLN H 492 -29.01 36.77 -11.76
N VAL H 493 -28.35 35.69 -12.19
CA VAL H 493 -27.47 34.91 -11.34
C VAL H 493 -26.08 34.99 -11.96
N LEU H 494 -25.09 35.41 -11.17
CA LEU H 494 -23.76 35.65 -11.70
C LEU H 494 -22.73 35.05 -10.76
N VAL H 495 -21.99 34.07 -11.23
CA VAL H 495 -20.96 33.39 -10.44
C VAL H 495 -19.66 34.14 -10.66
N LEU H 496 -19.29 34.98 -9.69
CA LEU H 496 -18.15 35.87 -9.86
C LEU H 496 -17.00 35.27 -9.07
N GLY H 497 -15.98 34.78 -9.76
CA GLY H 497 -14.93 34.05 -9.10
C GLY H 497 -13.63 34.83 -8.99
N ALA H 498 -12.83 34.50 -7.99
CA ALA H 498 -11.51 35.09 -7.85
C ALA H 498 -10.51 33.98 -7.57
N THR H 499 -9.31 34.12 -8.11
CA THR H 499 -8.28 33.12 -7.92
C THR H 499 -6.91 33.77 -8.00
N ASN H 500 -5.91 33.08 -7.47
CA ASN H 500 -4.52 33.54 -7.49
C ASN H 500 -3.69 32.81 -8.52
N ARG H 501 -3.83 31.49 -8.61
CA ARG H 501 -3.07 30.69 -9.55
C ARG H 501 -4.02 30.13 -10.60
N PRO H 502 -3.99 30.65 -11.83
CA PRO H 502 -4.79 30.02 -12.89
C PRO H 502 -4.11 28.82 -13.53
N HIS H 503 -2.87 28.52 -13.15
CA HIS H 503 -2.22 27.29 -13.59
C HIS H 503 -2.93 26.06 -13.01
N ALA H 504 -3.26 26.11 -11.72
CA ALA H 504 -3.87 24.97 -11.04
C ALA H 504 -5.39 25.09 -11.11
N LEU H 505 -5.90 24.87 -12.32
CA LEU H 505 -7.33 24.85 -12.56
C LEU H 505 -7.59 23.83 -13.65
N ASP H 506 -8.81 23.29 -13.68
CA ASP H 506 -9.13 22.13 -14.50
C ASP H 506 -9.24 22.48 -15.98
N ALA H 507 -9.31 21.44 -16.81
CA ALA H 507 -9.48 21.63 -18.25
C ALA H 507 -10.89 22.09 -18.60
N ALA H 508 -11.87 21.76 -17.77
CA ALA H 508 -13.21 22.31 -17.89
C ALA H 508 -13.25 23.67 -17.18
N LEU H 509 -14.43 24.30 -17.20
CA LEU H 509 -14.81 25.65 -16.74
C LEU H 509 -14.21 26.79 -17.59
N ARG H 510 -13.37 26.48 -18.58
CA ARG H 510 -13.03 27.40 -19.65
C ARG H 510 -13.79 27.03 -20.93
N ARG H 511 -15.11 27.03 -20.79
CA ARG H 511 -16.01 26.61 -21.85
C ARG H 511 -17.14 27.62 -21.93
N PRO H 512 -17.75 27.79 -23.12
CA PRO H 512 -18.99 28.58 -23.21
C PRO H 512 -20.13 27.99 -22.41
N GLY H 513 -20.55 28.72 -21.38
CA GLY H 513 -21.59 28.26 -20.49
C GLY H 513 -21.23 28.48 -19.04
N ARG H 514 -19.96 28.32 -18.70
CA ARG H 514 -19.50 28.52 -17.34
C ARG H 514 -18.14 29.22 -17.38
N PHE H 515 -18.05 30.40 -16.73
CA PHE H 515 -16.87 31.25 -16.60
C PHE H 515 -16.30 31.66 -17.97
N ASP H 516 -17.08 32.46 -18.69
CA ASP H 516 -16.70 32.84 -20.05
C ASP H 516 -15.98 34.18 -20.15
N LYS H 517 -15.88 34.94 -19.07
CA LYS H 517 -15.19 36.21 -19.09
C LYS H 517 -13.95 36.16 -18.20
N GLU H 518 -12.80 36.43 -18.78
CA GLU H 518 -11.55 36.52 -18.04
C GLU H 518 -11.14 37.98 -17.97
N ILE H 519 -10.96 38.48 -16.76
CA ILE H 519 -10.47 39.83 -16.54
C ILE H 519 -9.15 39.69 -15.77
N GLU H 520 -8.08 40.23 -16.34
CA GLU H 520 -6.75 40.10 -15.75
C GLU H 520 -6.40 41.37 -14.98
N ILE H 521 -6.05 41.21 -13.71
CA ILE H 521 -5.62 42.31 -12.86
C ILE H 521 -4.15 42.09 -12.54
N GLY H 522 -3.29 42.95 -13.08
CA GLY H 522 -1.86 42.69 -13.12
C GLY H 522 -1.05 43.59 -12.20
N VAL H 523 0.26 43.41 -12.28
CA VAL H 523 1.24 44.17 -11.50
C VAL H 523 1.29 45.61 -12.02
N PRO H 524 1.25 46.63 -11.15
CA PRO H 524 1.22 48.01 -11.63
C PRO H 524 2.51 48.49 -12.28
N ASN H 525 2.37 49.42 -13.22
CA ASN H 525 3.46 50.08 -13.90
C ASN H 525 3.89 51.31 -13.11
N ALA H 526 4.69 52.17 -13.73
CA ALA H 526 5.13 53.38 -13.07
C ALA H 526 4.01 54.42 -12.97
N GLN H 527 3.18 54.52 -14.02
CA GLN H 527 2.08 55.47 -13.98
C GLN H 527 0.94 54.97 -13.10
N ASP H 528 0.81 53.64 -12.95
CA ASP H 528 -0.21 53.10 -12.08
C ASP H 528 0.18 53.24 -10.61
N ARG H 529 1.47 53.12 -10.29
CA ARG H 529 1.92 53.23 -8.91
C ARG H 529 1.87 54.67 -8.41
N LEU H 530 1.98 55.64 -9.32
CA LEU H 530 1.76 57.03 -8.97
C LEU H 530 0.30 57.30 -8.62
N ASP H 531 -0.63 56.59 -9.28
CA ASP H 531 -2.03 56.74 -8.96
C ASP H 531 -2.40 56.06 -7.65
N ILE H 532 -1.70 54.97 -7.30
CA ILE H 532 -1.93 54.31 -6.03
C ILE H 532 -1.42 55.16 -4.88
N LEU H 533 -0.22 55.73 -5.03
CA LEU H 533 0.41 56.49 -3.96
C LEU H 533 -0.24 57.85 -3.74
N GLN H 534 -0.84 58.43 -4.80
CA GLN H 534 -1.55 59.69 -4.62
C GLN H 534 -2.89 59.49 -3.92
N LYS H 535 -3.52 58.32 -4.10
CA LYS H 535 -4.78 58.02 -3.43
C LYS H 535 -4.59 57.38 -2.07
N LEU H 536 -3.44 56.76 -1.82
CA LEU H 536 -3.11 56.29 -0.49
C LEU H 536 -2.63 57.40 0.43
N LEU H 537 -2.26 58.56 -0.12
CA LEU H 537 -1.86 59.72 0.67
C LEU H 537 -2.93 60.79 0.70
N ARG H 538 -4.20 60.41 0.60
CA ARG H 538 -5.29 61.38 0.63
C ARG H 538 -5.61 61.88 2.03
N ARG H 539 -5.13 61.20 3.07
CA ARG H 539 -5.42 61.60 4.44
C ARG H 539 -4.19 62.03 5.21
N VAL H 540 -3.07 61.34 5.02
CA VAL H 540 -1.84 61.60 5.78
C VAL H 540 -1.19 62.87 5.25
N PRO H 541 -0.79 63.81 6.11
CA PRO H 541 -0.04 64.98 5.63
C PRO H 541 1.37 64.61 5.23
N HIS H 542 1.87 65.30 4.20
CA HIS H 542 3.19 65.02 3.69
C HIS H 542 3.79 66.29 3.10
N LEU H 543 5.09 66.25 2.85
CA LEU H 543 5.81 67.34 2.19
C LEU H 543 6.58 66.64 1.06
N LEU H 544 5.90 66.44 -0.05
CA LEU H 544 6.52 65.88 -1.25
C LEU H 544 5.97 66.64 -2.45
N THR H 545 6.79 66.75 -3.48
CA THR H 545 6.43 67.51 -4.67
C THR H 545 6.08 66.57 -5.81
N GLU H 546 5.88 67.15 -6.99
CA GLU H 546 5.48 66.36 -8.16
C GLU H 546 6.62 65.52 -8.69
N ALA H 547 7.82 66.11 -8.80
CA ALA H 547 8.98 65.35 -9.26
C ALA H 547 9.54 64.43 -8.20
N GLU H 548 9.18 64.65 -6.93
CA GLU H 548 9.61 63.77 -5.86
C GLU H 548 8.81 62.48 -5.87
N LEU H 549 7.52 62.56 -6.18
CA LEU H 549 6.68 61.37 -6.29
C LEU H 549 6.99 60.54 -7.52
N LEU H 550 7.35 61.18 -8.64
CA LEU H 550 7.69 60.44 -9.84
C LEU H 550 9.03 59.74 -9.71
N GLN H 551 9.93 60.31 -8.91
CA GLN H 551 11.17 59.64 -8.56
C GLN H 551 10.93 58.43 -7.67
N LEU H 552 9.95 58.51 -6.78
CA LEU H 552 9.60 57.39 -5.92
C LEU H 552 8.81 56.32 -6.68
N ALA H 553 7.98 56.74 -7.63
CA ALA H 553 7.21 55.77 -8.42
C ALA H 553 8.10 55.04 -9.43
N ASN H 554 9.14 55.70 -9.95
CA ASN H 554 10.04 55.03 -10.89
C ASN H 554 10.99 54.09 -10.16
N SER H 555 11.43 54.46 -8.97
CA SER H 555 12.38 53.62 -8.24
C SER H 555 11.72 52.40 -7.59
N ALA H 556 10.43 52.49 -7.28
CA ALA H 556 9.71 51.36 -6.71
C ALA H 556 9.45 50.35 -7.81
N HIS H 557 9.95 49.12 -7.63
CA HIS H 557 9.88 48.12 -8.67
C HIS H 557 9.54 46.77 -8.07
N GLY H 558 8.50 46.14 -8.59
CA GLY H 558 8.00 44.91 -8.03
C GLY H 558 7.07 45.06 -6.86
N TYR H 559 6.72 46.29 -6.49
CA TYR H 559 5.82 46.54 -5.39
C TYR H 559 4.39 46.46 -5.88
N VAL H 560 3.63 45.51 -5.35
CA VAL H 560 2.20 45.44 -5.60
C VAL H 560 1.50 46.40 -4.65
N GLY H 561 0.20 46.61 -4.84
CA GLY H 561 -0.54 47.60 -4.08
C GLY H 561 -0.75 47.25 -2.62
N ALA H 562 -0.67 45.97 -2.26
CA ALA H 562 -0.75 45.60 -0.85
C ALA H 562 0.52 45.94 -0.10
N ASP H 563 1.67 45.93 -0.78
CA ASP H 563 2.92 46.30 -0.13
C ASP H 563 3.02 47.79 0.10
N LEU H 564 2.38 48.59 -0.75
CA LEU H 564 2.45 50.04 -0.64
C LEU H 564 1.61 50.58 0.51
N LYS H 565 0.64 49.81 1.03
CA LYS H 565 -0.04 50.21 2.25
C LYS H 565 0.83 49.94 3.48
N VAL H 566 1.59 48.83 3.45
CA VAL H 566 2.53 48.51 4.53
C VAL H 566 3.68 49.51 4.55
N LEU H 567 4.10 49.96 3.36
CA LEU H 567 5.15 50.95 3.24
C LEU H 567 4.66 52.33 3.67
N CYS H 568 3.39 52.63 3.47
CA CYS H 568 2.85 53.91 3.93
C CYS H 568 2.53 53.92 5.42
N ASN H 569 2.36 52.74 6.03
CA ASN H 569 2.31 52.68 7.50
C ASN H 569 3.67 52.95 8.10
N GLU H 570 4.73 52.43 7.47
CA GLU H 570 6.07 52.55 8.01
C GLU H 570 6.67 53.93 7.83
N ALA H 571 6.18 54.72 6.87
CA ALA H 571 6.66 56.07 6.70
C ALA H 571 6.14 56.99 7.80
N GLY H 572 4.91 56.76 8.27
CA GLY H 572 4.39 57.52 9.38
C GLY H 572 4.97 57.12 10.71
N LEU H 573 5.40 55.86 10.84
CA LEU H 573 6.06 55.43 12.07
C LEU H 573 7.47 55.98 12.17
N CYS H 574 8.21 55.96 11.06
CA CYS H 574 9.62 56.34 11.08
C CYS H 574 9.79 57.86 11.17
N ALA H 575 8.80 58.62 10.69
CA ALA H 575 8.81 60.06 10.92
C ALA H 575 8.48 60.41 12.36
N LEU H 576 7.68 59.56 13.03
CA LEU H 576 7.40 59.77 14.44
C LEU H 576 8.63 59.46 15.30
N ARG H 577 9.45 58.51 14.87
CA ARG H 577 10.68 58.23 15.59
C ARG H 577 11.73 59.31 15.35
N ARG H 578 11.66 59.99 14.21
CA ARG H 578 12.61 61.06 13.93
C ARG H 578 12.28 62.32 14.72
N ILE H 579 10.99 62.59 14.92
CA ILE H 579 10.60 63.85 15.57
C ILE H 579 10.67 63.74 17.09
N LEU H 580 10.65 62.52 17.64
CA LEU H 580 10.90 62.35 19.06
C LEU H 580 12.38 62.28 19.40
N LYS H 581 13.22 61.77 18.49
CA LYS H 581 14.67 61.76 18.69
C LYS H 581 15.26 63.15 18.55
N LYS H 582 14.62 64.03 17.76
CA LYS H 582 15.03 65.41 17.56
C LYS H 582 14.86 66.22 18.85
N GLN H 583 15.68 67.27 18.97
CA GLN H 583 15.86 68.15 20.13
C GLN H 583 14.59 68.77 20.74
N PRO H 584 13.45 68.97 20.03
CA PRO H 584 12.18 69.10 20.76
C PRO H 584 11.81 67.82 21.49
N ASN H 585 11.86 67.85 22.82
CA ASN H 585 11.52 66.71 23.66
C ASN H 585 10.29 67.01 24.53
N LEU H 586 9.39 67.83 24.02
CA LEU H 586 8.14 68.16 24.69
C LEU H 586 7.16 66.99 24.64
N PRO H 587 6.16 66.96 25.52
CA PRO H 587 5.09 65.96 25.42
C PRO H 587 4.25 66.09 24.15
N ASP H 588 3.50 65.04 23.86
CA ASP H 588 2.96 64.75 22.53
C ASP H 588 1.57 65.33 22.31
N VAL H 589 1.28 66.50 22.88
CA VAL H 589 0.04 67.22 22.56
C VAL H 589 0.09 67.73 21.12
N LYS H 590 1.22 68.31 20.73
CA LYS H 590 1.39 68.82 19.36
C LYS H 590 2.62 68.27 18.67
N VAL H 591 3.25 67.21 19.21
CA VAL H 591 4.31 66.52 18.47
C VAL H 591 3.72 65.75 17.30
N ALA H 592 2.62 65.03 17.54
CA ALA H 592 1.92 64.32 16.49
C ALA H 592 0.99 65.20 15.67
N GLY H 593 0.85 66.47 16.05
CA GLY H 593 0.08 67.40 15.23
C GLY H 593 0.78 67.73 13.92
N LEU H 594 2.11 67.59 13.95
CA LEU H 594 2.90 67.81 12.74
C LEU H 594 4.06 66.80 12.57
N VAL H 595 3.82 65.70 11.89
CA VAL H 595 4.90 64.78 11.60
C VAL H 595 4.78 64.60 10.12
N LYS H 596 5.20 65.61 9.38
CA LYS H 596 5.15 65.57 7.95
C LYS H 596 6.17 64.60 7.40
N ILE H 597 5.99 64.13 6.18
CA ILE H 597 6.90 63.12 5.65
C ILE H 597 7.81 63.67 4.57
N THR H 598 8.97 63.08 4.36
CA THR H 598 9.88 63.52 3.31
C THR H 598 10.21 62.34 2.40
N LEU H 599 11.16 62.53 1.49
CA LEU H 599 11.67 61.39 0.73
C LEU H 599 12.67 60.57 1.52
N LYS H 600 13.23 61.13 2.59
CA LYS H 600 14.27 60.45 3.35
C LYS H 600 13.70 59.30 4.18
N ASP H 601 12.48 59.45 4.68
CA ASP H 601 11.87 58.39 5.44
C ASP H 601 10.97 57.46 4.62
N PHE H 602 10.77 57.70 3.32
CA PHE H 602 10.38 56.57 2.47
C PHE H 602 11.58 55.69 2.16
N LEU H 603 12.74 56.31 1.92
CA LEU H 603 13.93 55.53 1.56
C LEU H 603 14.49 54.78 2.75
N GLN H 604 14.25 55.27 3.97
CA GLN H 604 14.52 54.47 5.16
C GLN H 604 13.50 53.35 5.31
N ALA H 605 12.25 53.58 4.93
CA ALA H 605 11.20 52.58 5.09
C ALA H 605 11.28 51.46 4.08
N MET H 606 11.97 51.68 2.95
CA MET H 606 12.17 50.61 1.97
C MET H 606 13.24 49.61 2.37
N ASN H 607 13.99 49.89 3.44
CA ASN H 607 15.00 48.95 3.92
C ASN H 607 14.37 47.72 4.55
N ASP H 608 13.37 47.92 5.40
CA ASP H 608 12.75 46.79 6.09
C ASP H 608 11.62 46.15 5.30
N ILE H 609 10.88 46.96 4.51
CA ILE H 609 9.68 46.48 3.78
C ILE H 609 9.98 46.22 2.34
N ARG H 610 10.31 45.01 1.99
CA ARG H 610 10.79 44.77 0.63
C ARG H 610 9.90 44.15 -0.43
N PRO H 611 10.20 44.39 -1.70
CA PRO H 611 9.45 43.88 -2.84
C PRO H 611 8.84 42.52 -2.72
N SER H 612 7.68 42.35 -3.30
CA SER H 612 7.00 41.07 -3.23
C SER H 612 6.90 40.36 -4.55
N ALA H 613 7.24 40.98 -5.67
CA ALA H 613 7.06 40.29 -6.90
C ALA H 613 7.99 40.78 -7.97
N MET H 614 9.17 40.20 -8.02
CA MET H 614 10.16 40.64 -8.97
C MET H 614 10.60 39.43 -9.69
N ARG H 615 9.66 38.73 -10.25
CA ARG H 615 9.98 37.62 -11.05
C ARG H 615 8.87 37.66 -12.05
N GLU H 616 7.81 38.37 -11.72
CA GLU H 616 6.67 38.43 -12.62
C GLU H 616 6.97 39.36 -13.79
N ILE H 617 6.46 39.01 -14.96
CA ILE H 617 6.75 39.75 -16.18
C ILE H 617 5.87 41.00 -16.23
N ALA H 618 6.50 42.15 -16.44
CA ALA H 618 5.77 43.40 -16.59
C ALA H 618 6.24 44.09 -17.86
N ILE H 619 5.31 44.83 -18.46
CA ILE H 619 5.58 45.56 -19.69
C ILE H 619 5.96 46.99 -19.33
N ASP H 620 6.59 47.67 -20.29
CA ASP H 620 7.04 49.04 -20.13
C ASP H 620 7.15 49.72 -21.49
N VAL H 621 7.12 51.05 -21.47
CA VAL H 621 7.41 51.86 -22.64
C VAL H 621 8.71 52.61 -22.37
N PRO H 622 9.85 52.19 -22.92
CA PRO H 622 11.14 52.71 -22.46
C PRO H 622 11.48 54.05 -23.08
N ASN H 623 12.25 54.84 -22.34
CA ASN H 623 12.64 56.19 -22.75
C ASN H 623 14.10 56.21 -23.18
N VAL H 624 14.34 55.82 -24.44
CA VAL H 624 15.60 56.03 -25.14
C VAL H 624 15.24 56.51 -26.54
N SER H 625 15.73 57.69 -26.93
CA SER H 625 15.49 58.20 -28.27
C SER H 625 16.69 57.97 -29.16
N TRP H 626 16.51 58.20 -30.47
CA TRP H 626 17.59 57.96 -31.43
C TRP H 626 18.66 59.03 -31.36
N SER H 627 18.34 60.22 -30.86
CA SER H 627 19.33 61.27 -30.77
C SER H 627 20.32 61.06 -29.63
N ASP H 628 19.96 60.23 -28.63
CA ASP H 628 20.89 59.92 -27.56
C ASP H 628 21.97 58.95 -27.97
N ILE H 629 21.67 58.01 -28.88
CA ILE H 629 22.66 57.01 -29.27
C ILE H 629 23.67 57.60 -30.26
N GLY H 630 23.22 58.52 -31.11
CA GLY H 630 24.14 59.23 -31.97
C GLY H 630 23.59 59.50 -33.34
N GLY H 631 22.47 58.85 -33.65
CA GLY H 631 21.90 58.99 -34.96
C GLY H 631 22.45 57.89 -35.85
N LEU H 632 21.67 56.84 -36.04
CA LEU H 632 22.07 55.68 -36.82
C LEU H 632 21.05 55.59 -37.94
N GLU H 633 21.33 56.25 -39.07
CA GLU H 633 20.32 56.40 -40.11
C GLU H 633 20.08 55.12 -40.90
N SER H 634 21.14 54.42 -41.28
CA SER H 634 20.99 53.23 -42.11
C SER H 634 20.52 52.01 -41.33
N ILE H 635 20.87 51.91 -40.05
CA ILE H 635 20.42 50.80 -39.21
C ILE H 635 18.93 50.97 -38.87
N LYS H 636 18.47 52.21 -38.75
CA LYS H 636 17.06 52.50 -38.46
C LYS H 636 16.14 52.08 -39.61
N LEU H 637 16.56 52.33 -40.85
CA LEU H 637 15.73 52.03 -42.01
C LEU H 637 15.64 50.55 -42.29
N LYS H 638 16.66 49.78 -41.91
CA LYS H 638 16.59 48.33 -42.05
C LYS H 638 15.69 47.71 -41.01
N LEU H 639 15.67 48.26 -39.78
CA LEU H 639 14.73 47.80 -38.77
C LEU H 639 13.32 48.28 -39.06
N GLU H 640 13.17 49.44 -39.70
CA GLU H 640 11.87 49.97 -40.09
C GLU H 640 11.23 49.16 -41.22
N GLN H 641 12.03 48.47 -42.02
CA GLN H 641 11.51 47.63 -43.09
C GLN H 641 10.84 46.36 -42.59
N ALA H 642 11.10 45.94 -41.36
CA ALA H 642 10.52 44.73 -40.82
C ALA H 642 9.45 44.96 -39.76
N VAL H 643 9.37 46.14 -39.16
CA VAL H 643 8.42 46.38 -38.09
C VAL H 643 7.30 47.36 -38.48
N GLU H 644 7.44 48.12 -39.55
CA GLU H 644 6.42 49.08 -39.96
C GLU H 644 5.90 48.84 -41.36
N TRP H 645 6.79 48.56 -42.30
CA TRP H 645 6.49 48.40 -43.71
C TRP H 645 5.64 47.18 -44.13
N PRO H 646 5.57 46.06 -43.40
CA PRO H 646 4.47 45.11 -43.65
C PRO H 646 3.05 45.62 -43.43
N LEU H 647 2.84 46.66 -42.63
CA LEU H 647 1.50 47.18 -42.41
C LEU H 647 1.22 48.47 -43.17
N LYS H 648 2.16 49.41 -43.14
CA LYS H 648 1.87 50.74 -43.67
C LYS H 648 1.98 50.82 -45.18
N HIS H 649 2.99 50.16 -45.77
CA HIS H 649 3.16 50.13 -47.22
C HIS H 649 3.23 48.70 -47.71
N PRO H 650 2.07 48.02 -47.86
CA PRO H 650 2.12 46.61 -48.28
C PRO H 650 2.20 46.40 -49.78
N GLU H 651 1.99 47.43 -50.60
CA GLU H 651 2.04 47.26 -52.05
C GLU H 651 3.46 47.18 -52.59
N SER H 652 4.46 47.60 -51.81
CA SER H 652 5.83 47.62 -52.31
C SER H 652 6.47 46.25 -52.36
N PHE H 653 6.12 45.35 -51.43
CA PHE H 653 6.66 43.99 -51.46
C PHE H 653 6.03 43.14 -52.56
N ILE H 654 4.78 43.42 -52.93
CA ILE H 654 4.06 42.61 -53.92
C ILE H 654 4.59 42.89 -55.33
N ARG H 655 4.87 44.15 -55.64
CA ARG H 655 5.42 44.48 -56.95
C ARG H 655 6.89 44.10 -57.10
N MET H 656 7.61 43.89 -56.01
CA MET H 656 8.98 43.45 -56.08
C MET H 656 9.14 41.94 -55.94
N GLY H 657 8.06 41.22 -55.66
CA GLY H 657 8.10 39.77 -55.60
C GLY H 657 8.87 39.15 -54.45
N ILE H 658 8.79 39.72 -53.26
CA ILE H 658 9.40 39.14 -52.08
C ILE H 658 8.35 39.07 -50.98
N GLN H 659 8.46 38.07 -50.15
CA GLN H 659 7.60 37.96 -49.00
C GLN H 659 8.04 38.96 -47.93
N PRO H 660 7.10 39.52 -47.16
CA PRO H 660 7.46 40.48 -46.10
C PRO H 660 8.17 39.78 -44.95
N PRO H 661 9.30 40.31 -44.50
CA PRO H 661 10.14 39.55 -43.57
C PRO H 661 9.69 39.66 -42.13
N LYS H 662 9.88 38.56 -41.41
CA LYS H 662 9.66 38.45 -39.98
C LYS H 662 10.95 38.77 -39.24
N GLY H 663 11.07 38.31 -38.00
CA GLY H 663 12.11 38.62 -37.02
C GLY H 663 13.58 38.71 -37.40
N VAL H 664 14.30 39.59 -36.69
CA VAL H 664 15.58 40.13 -37.13
C VAL H 664 16.65 39.68 -36.15
N LEU H 665 17.76 39.16 -36.67
CA LEU H 665 18.93 38.84 -35.86
C LEU H 665 19.95 39.96 -35.96
N LEU H 666 20.44 40.41 -34.81
CA LEU H 666 21.44 41.46 -34.73
C LEU H 666 22.75 40.85 -34.26
N TYR H 667 23.83 41.06 -34.99
CA TYR H 667 25.12 40.52 -34.60
C TYR H 667 26.18 41.60 -34.66
N GLY H 668 27.14 41.52 -33.74
CA GLY H 668 28.18 42.50 -33.66
C GLY H 668 29.19 42.23 -32.55
N PRO H 669 30.11 43.17 -32.32
CA PRO H 669 31.08 43.05 -31.21
C PRO H 669 30.38 43.25 -29.88
N PRO H 670 30.93 42.72 -28.78
CA PRO H 670 30.21 42.77 -27.49
C PRO H 670 30.14 44.17 -26.88
N GLY H 671 29.05 44.40 -26.17
CA GLY H 671 28.76 45.70 -25.61
C GLY H 671 27.30 45.76 -25.23
N CYS H 672 26.91 46.94 -24.77
CA CYS H 672 25.53 47.21 -24.40
C CYS H 672 24.81 47.99 -25.50
N SER H 673 25.44 48.16 -26.66
CA SER H 673 24.88 48.99 -27.73
C SER H 673 23.74 48.31 -28.46
N LYS H 674 23.64 46.98 -28.40
CA LYS H 674 22.60 46.27 -29.13
C LYS H 674 21.25 46.40 -28.45
N THR H 675 21.21 46.37 -27.12
CA THR H 675 19.94 46.50 -26.42
C THR H 675 19.43 47.95 -26.38
N MET H 676 20.31 48.93 -26.59
CA MET H 676 19.85 50.31 -26.68
C MET H 676 19.22 50.61 -28.03
N ILE H 677 19.61 49.89 -29.07
CA ILE H 677 18.98 50.04 -30.38
C ILE H 677 17.56 49.46 -30.36
N ALA H 678 17.39 48.33 -29.67
CA ALA H 678 16.07 47.73 -29.53
C ALA H 678 15.16 48.53 -28.61
N LYS H 679 15.73 49.21 -27.61
CA LYS H 679 14.91 50.09 -26.77
C LYS H 679 14.53 51.37 -27.49
N ALA H 680 15.37 51.85 -28.39
CA ALA H 680 15.06 53.07 -29.14
C ALA H 680 14.03 52.84 -30.23
N LEU H 681 13.97 51.63 -30.78
CA LEU H 681 12.92 51.28 -31.74
C LEU H 681 11.58 51.16 -31.03
N ALA H 682 11.58 50.77 -29.76
CA ALA H 682 10.38 50.63 -28.96
C ALA H 682 9.86 51.95 -28.39
N ASN H 683 10.49 53.09 -28.69
CA ASN H 683 10.05 54.37 -28.18
C ASN H 683 9.44 55.28 -29.24
N GLU H 684 9.88 55.18 -30.49
CA GLU H 684 9.52 56.17 -31.50
C GLU H 684 8.10 56.00 -32.00
N SER H 685 7.61 54.77 -32.10
CA SER H 685 6.25 54.58 -32.59
C SER H 685 5.66 53.35 -31.92
N GLY H 686 5.01 53.56 -30.77
CA GLY H 686 4.29 52.48 -30.08
C GLY H 686 5.23 51.40 -29.56
N LEU H 687 4.83 50.15 -29.78
CA LEU H 687 5.65 48.93 -29.67
C LEU H 687 6.20 48.72 -28.24
N ASN H 688 5.29 48.36 -27.35
CA ASN H 688 5.62 48.06 -25.96
C ASN H 688 6.51 46.82 -25.82
N PHE H 689 7.31 46.80 -24.76
CA PHE H 689 8.58 46.08 -24.70
C PHE H 689 8.53 44.93 -23.71
N LEU H 690 9.05 43.76 -24.13
CA LEU H 690 9.23 42.61 -23.26
C LEU H 690 10.58 41.96 -23.55
N ALA H 691 11.20 41.38 -22.52
CA ALA H 691 12.59 40.91 -22.64
C ALA H 691 12.78 39.54 -22.01
N ILE H 692 13.55 38.68 -22.70
CA ILE H 692 13.94 37.36 -22.22
C ILE H 692 15.47 37.28 -22.31
N LYS H 693 16.12 36.85 -21.24
CA LYS H 693 17.57 36.71 -21.25
C LYS H 693 17.98 35.27 -21.53
N GLY H 694 19.11 35.14 -22.25
CA GLY H 694 19.55 33.88 -22.81
C GLY H 694 20.06 32.82 -21.84
N PRO H 695 21.21 33.05 -21.22
CA PRO H 695 21.75 32.06 -20.27
C PRO H 695 21.05 32.02 -18.92
N GLU H 696 20.17 32.93 -18.61
CA GLU H 696 19.42 32.79 -17.38
C GLU H 696 18.51 31.62 -17.57
N LEU H 697 17.76 31.61 -18.67
CA LEU H 697 16.83 30.53 -18.94
C LEU H 697 17.48 29.16 -19.06
N MET H 698 18.62 29.06 -19.70
CA MET H 698 19.18 27.73 -19.83
C MET H 698 19.65 27.11 -18.52
N ASN H 699 20.23 27.87 -17.63
CA ASN H 699 20.78 27.24 -16.42
C ASN H 699 19.77 27.08 -15.32
N LYS H 700 18.56 27.53 -15.52
CA LYS H 700 17.54 27.32 -14.50
C LYS H 700 17.20 25.84 -14.48
N TYR H 701 16.09 25.46 -13.86
CA TYR H 701 15.75 24.04 -13.73
C TYR H 701 14.89 23.50 -14.88
N VAL H 702 14.10 22.45 -14.64
CA VAL H 702 13.37 21.88 -15.76
C VAL H 702 12.04 22.57 -15.97
N GLY H 703 11.25 22.68 -14.92
CA GLY H 703 9.87 23.14 -15.05
C GLY H 703 9.68 24.62 -15.24
N GLU H 704 10.45 25.44 -14.53
CA GLU H 704 10.24 26.89 -14.51
C GLU H 704 10.65 27.58 -15.79
N SER H 705 11.51 26.97 -16.61
CA SER H 705 11.85 27.53 -17.90
C SER H 705 10.76 27.32 -18.94
N GLU H 706 9.81 26.41 -18.69
CA GLU H 706 8.81 26.05 -19.68
C GLU H 706 7.72 27.11 -19.79
N ARG H 707 7.00 27.36 -18.70
CA ARG H 707 5.87 28.29 -18.80
C ARG H 707 6.30 29.75 -18.69
N ALA H 708 7.58 30.04 -18.42
CA ALA H 708 8.09 31.39 -18.54
C ALA H 708 8.14 31.84 -20.00
N VAL H 709 8.37 30.91 -20.92
CA VAL H 709 8.30 31.22 -22.35
C VAL H 709 6.85 31.43 -22.78
N ARG H 710 5.93 30.59 -22.28
CA ARG H 710 4.53 30.67 -22.69
C ARG H 710 3.83 31.90 -22.11
N GLU H 711 4.24 32.33 -20.92
CA GLU H 711 3.65 33.53 -20.34
C GLU H 711 4.13 34.81 -21.01
N THR H 712 5.32 34.78 -21.63
CA THR H 712 5.83 35.96 -22.32
C THR H 712 5.08 36.21 -23.62
N PHE H 713 4.80 35.15 -24.38
CA PHE H 713 4.08 35.29 -25.64
C PHE H 713 2.60 35.54 -25.42
N ARG H 714 2.04 35.15 -24.27
CA ARG H 714 0.64 35.41 -23.99
C ARG H 714 0.39 36.88 -23.70
N LYS H 715 1.28 37.50 -22.90
CA LYS H 715 1.13 38.91 -22.59
C LYS H 715 1.51 39.79 -23.77
N ALA H 716 2.34 39.27 -24.68
CA ALA H 716 2.72 40.05 -25.85
C ALA H 716 1.61 40.07 -26.90
N ARG H 717 0.66 39.15 -26.80
CA ARG H 717 -0.46 39.17 -27.73
C ARG H 717 -1.65 39.92 -27.17
N ALA H 718 -1.71 40.08 -25.83
CA ALA H 718 -2.75 40.89 -25.24
C ALA H 718 -2.46 42.38 -25.47
N VAL H 719 -1.20 42.76 -25.42
CA VAL H 719 -0.76 44.12 -25.69
C VAL H 719 -0.51 44.26 -27.19
N ALA H 720 -1.04 45.33 -27.80
CA ALA H 720 -1.34 45.23 -29.23
C ALA H 720 -0.15 45.42 -30.19
N PRO H 721 0.76 46.40 -30.06
CA PRO H 721 2.08 46.18 -30.68
C PRO H 721 3.10 45.70 -29.66
N SER H 722 3.96 44.76 -30.06
CA SER H 722 4.88 44.17 -29.10
C SER H 722 6.20 43.81 -29.77
N ILE H 723 7.28 44.10 -29.07
CA ILE H 723 8.63 43.65 -29.44
C ILE H 723 9.10 42.72 -28.34
N ILE H 724 9.49 41.51 -28.73
CA ILE H 724 10.06 40.54 -27.80
C ILE H 724 11.55 40.52 -28.05
N PHE H 725 12.31 41.12 -27.14
CA PHE H 725 13.75 41.20 -27.28
C PHE H 725 14.37 39.97 -26.64
N PHE H 726 14.95 39.11 -27.46
CA PHE H 726 15.64 37.94 -26.96
C PHE H 726 17.12 38.29 -26.90
N ASP H 727 17.80 37.80 -25.89
CA ASP H 727 19.22 38.12 -25.68
C ASP H 727 20.06 37.07 -26.40
N GLN H 728 21.30 36.85 -25.94
CA GLN H 728 22.28 35.97 -26.59
C GLN H 728 21.80 34.53 -26.67
N LEU H 729 21.33 34.15 -27.86
CA LEU H 729 20.70 32.85 -28.08
C LEU H 729 21.66 31.86 -28.70
N ASP H 730 22.95 32.19 -28.75
CA ASP H 730 23.96 31.21 -29.09
C ASP H 730 24.32 30.29 -27.93
N ALA H 731 23.80 30.58 -26.73
CA ALA H 731 23.84 29.61 -25.64
C ALA H 731 23.00 28.38 -25.96
N LEU H 732 21.87 28.57 -26.63
CA LEU H 732 21.03 27.46 -27.07
C LEU H 732 21.67 26.72 -28.25
N ASN H 744 17.49 16.95 -22.36
CA ASN H 744 17.98 17.71 -21.21
C ASN H 744 17.48 19.16 -21.22
N VAL H 745 18.38 20.12 -21.17
CA VAL H 745 18.00 21.52 -21.22
C VAL H 745 18.20 22.07 -22.65
N ALA H 746 19.03 21.40 -23.46
CA ALA H 746 19.27 21.84 -24.84
C ALA H 746 18.06 21.57 -25.73
N ASP H 747 17.41 20.44 -25.55
CA ASP H 747 16.08 20.24 -26.12
C ASP H 747 15.06 20.77 -25.12
N ARG H 748 13.77 20.67 -25.48
CA ARG H 748 12.53 21.07 -24.76
C ARG H 748 12.45 22.51 -24.25
N VAL H 749 13.39 23.39 -24.61
CA VAL H 749 13.25 24.81 -24.48
C VAL H 749 13.25 25.48 -25.85
N LEU H 750 14.12 24.98 -26.73
CA LEU H 750 14.07 25.30 -28.14
C LEU H 750 12.79 24.78 -28.78
N ALA H 751 12.34 23.59 -28.37
CA ALA H 751 11.12 23.00 -28.92
C ALA H 751 9.88 23.71 -28.39
N GLN H 752 9.94 24.25 -27.17
CA GLN H 752 8.87 25.08 -26.66
C GLN H 752 8.83 26.43 -27.37
N LEU H 753 10.00 26.98 -27.69
CA LEU H 753 10.06 28.28 -28.34
C LEU H 753 9.66 28.18 -29.82
N LEU H 754 9.85 27.01 -30.43
CA LEU H 754 9.54 26.88 -31.85
C LEU H 754 8.05 26.79 -32.11
N THR H 755 7.30 26.13 -31.22
CA THR H 755 5.87 25.99 -31.44
C THR H 755 5.08 27.25 -31.09
N GLU H 756 5.65 28.18 -30.32
CA GLU H 756 4.96 29.42 -30.05
C GLU H 756 5.30 30.50 -31.06
N MET H 757 6.50 30.45 -31.63
CA MET H 757 6.88 31.41 -32.66
C MET H 757 6.23 31.08 -34.01
N ASP H 758 5.81 29.83 -34.20
CA ASP H 758 4.93 29.50 -35.32
C ASP H 758 3.51 30.00 -35.10
N GLY H 759 3.10 30.27 -33.86
CA GLY H 759 1.78 30.79 -33.59
C GLY H 759 1.59 32.24 -33.99
N ILE H 760 2.67 33.01 -34.03
CA ILE H 760 2.60 34.43 -34.39
C ILE H 760 3.14 34.61 -35.79
N GLU H 761 3.01 33.56 -36.61
CA GLU H 761 3.33 33.62 -38.03
C GLU H 761 2.38 34.56 -38.76
N GLN H 762 1.08 34.38 -38.57
CA GLN H 762 0.09 35.14 -39.32
C GLN H 762 -0.20 36.49 -38.68
N LEU H 763 -0.05 36.59 -37.36
CA LEU H 763 -0.24 37.86 -36.67
C LEU H 763 0.98 38.74 -36.88
N LYS H 764 0.80 39.88 -37.54
CA LYS H 764 1.90 40.74 -37.94
C LYS H 764 2.06 41.97 -37.06
N ASP H 765 1.40 42.00 -35.89
CA ASP H 765 1.63 43.07 -34.93
C ASP H 765 2.63 42.70 -33.84
N VAL H 766 3.12 41.46 -33.83
CA VAL H 766 4.09 41.01 -32.84
C VAL H 766 5.37 40.62 -33.59
N THR H 767 6.49 41.23 -33.22
CA THR H 767 7.77 41.02 -33.89
C THR H 767 8.81 40.58 -32.87
N ILE H 768 9.51 39.48 -33.17
CA ILE H 768 10.58 38.99 -32.32
C ILE H 768 11.89 39.63 -32.78
N LEU H 769 12.76 39.96 -31.83
CA LEU H 769 14.05 40.56 -32.14
C LEU H 769 15.11 39.89 -31.27
N ALA H 770 16.26 39.58 -31.85
CA ALA H 770 17.27 38.81 -31.15
C ALA H 770 18.66 39.39 -31.40
N ALA H 771 19.52 39.28 -30.41
CA ALA H 771 20.85 39.83 -30.46
C ALA H 771 21.86 38.76 -30.09
N THR H 772 23.03 38.79 -30.73
CA THR H 772 24.05 37.79 -30.48
C THR H 772 25.42 38.40 -30.72
N ASN H 773 26.44 37.75 -30.15
CA ASN H 773 27.81 38.13 -30.39
C ASN H 773 28.52 37.19 -31.34
N ARG H 774 27.97 36.00 -31.58
CA ARG H 774 28.55 34.99 -32.45
C ARG H 774 27.51 34.60 -33.48
N PRO H 775 27.74 34.85 -34.77
CA PRO H 775 26.79 34.41 -35.80
C PRO H 775 26.93 32.94 -36.18
N ASP H 776 27.90 32.22 -35.63
CA ASP H 776 28.14 30.84 -36.05
C ASP H 776 27.17 29.88 -35.39
N ARG H 777 27.14 29.82 -34.07
CA ARG H 777 26.37 28.78 -33.39
C ARG H 777 24.94 29.20 -33.04
N ILE H 778 24.23 29.69 -34.04
CA ILE H 778 22.76 29.68 -34.04
C ILE H 778 22.33 28.49 -34.87
N ASP H 779 21.51 27.62 -34.30
CA ASP H 779 21.11 26.42 -35.03
C ASP H 779 20.09 26.76 -36.11
N LYS H 780 20.02 25.88 -37.11
CA LYS H 780 19.29 26.18 -38.33
C LYS H 780 17.81 25.85 -38.25
N ALA H 781 17.32 25.37 -37.10
CA ALA H 781 15.88 25.35 -36.88
C ALA H 781 15.34 26.76 -36.74
N LEU H 782 16.08 27.64 -36.07
CA LEU H 782 15.62 29.02 -35.90
C LEU H 782 15.85 29.85 -37.16
N MET H 783 16.96 29.61 -37.86
CA MET H 783 17.30 30.40 -39.05
C MET H 783 16.64 29.80 -40.28
N ARG H 784 15.33 30.00 -40.37
CA ARG H 784 14.49 29.49 -41.44
C ARG H 784 13.66 30.63 -42.00
N PRO H 785 13.38 30.65 -43.32
CA PRO H 785 12.44 31.63 -43.87
C PRO H 785 11.01 31.42 -43.39
N GLY H 786 10.55 32.33 -42.55
CA GLY H 786 9.32 32.16 -41.82
C GLY H 786 9.49 32.55 -40.37
N ARG H 787 10.66 32.31 -39.80
CA ARG H 787 10.92 32.63 -38.40
C ARG H 787 11.91 33.76 -38.22
N ILE H 788 13.15 33.60 -38.68
CA ILE H 788 14.16 34.65 -38.62
C ILE H 788 14.76 34.78 -40.02
N ASP H 789 14.59 35.95 -40.63
CA ASP H 789 15.07 36.19 -41.99
C ASP H 789 16.20 37.22 -42.00
N ARG H 790 15.95 38.40 -41.45
CA ARG H 790 16.81 39.55 -41.67
C ARG H 790 18.00 39.52 -40.71
N ILE H 791 19.17 39.87 -41.23
CA ILE H 791 20.40 39.95 -40.45
C ILE H 791 21.01 41.33 -40.67
N ILE H 792 21.19 42.09 -39.59
CA ILE H 792 21.81 43.42 -39.64
C ILE H 792 23.09 43.41 -38.81
N TYR H 793 24.13 44.05 -39.32
CA TYR H 793 25.41 44.16 -38.64
C TYR H 793 25.51 45.50 -37.92
N VAL H 794 25.79 45.47 -36.62
CA VAL H 794 25.96 46.67 -35.81
C VAL H 794 27.45 46.82 -35.50
N PRO H 795 28.15 47.79 -36.11
CA PRO H 795 29.60 47.85 -35.94
C PRO H 795 30.03 48.69 -34.75
N LEU H 796 31.34 48.79 -34.56
CA LEU H 796 31.91 49.82 -33.71
C LEU H 796 31.73 51.18 -34.39
N PRO H 797 31.59 52.28 -33.62
CA PRO H 797 31.25 53.57 -34.24
C PRO H 797 32.34 54.18 -35.10
N ASP H 798 31.92 54.68 -36.26
CA ASP H 798 32.80 55.25 -37.27
C ASP H 798 33.01 56.73 -37.00
N ALA H 799 33.53 57.44 -38.00
CA ALA H 799 34.01 58.82 -37.84
C ALA H 799 32.88 59.82 -37.68
N ALA H 800 31.78 59.66 -38.40
CA ALA H 800 30.66 60.58 -38.28
C ALA H 800 29.84 60.34 -37.02
N THR H 801 29.75 59.08 -36.58
CA THR H 801 28.97 58.74 -35.40
C THR H 801 29.69 59.20 -34.12
N ARG H 802 31.02 59.13 -34.11
CA ARG H 802 31.78 59.54 -32.93
C ARG H 802 31.79 61.05 -32.75
N ARG H 803 31.61 61.81 -33.82
CA ARG H 803 31.47 63.26 -33.71
C ARG H 803 30.15 63.65 -33.08
N GLU H 804 29.08 62.89 -33.34
CA GLU H 804 27.76 63.23 -32.79
C GLU H 804 27.65 62.89 -31.31
N ILE H 805 28.36 61.86 -30.83
CA ILE H 805 28.41 61.60 -29.40
C ILE H 805 29.23 62.67 -28.68
N PHE H 806 30.30 63.14 -29.32
CA PHE H 806 31.14 64.19 -28.73
C PHE H 806 30.43 65.54 -28.72
N LYS H 807 29.66 65.85 -29.77
CA LYS H 807 29.03 67.16 -29.89
C LYS H 807 27.84 67.30 -28.94
N LEU H 808 27.16 66.21 -28.65
CA LEU H 808 26.11 66.23 -27.63
C LEU H 808 26.71 66.36 -26.24
N GLN H 809 27.87 65.76 -26.00
CA GLN H 809 28.50 65.84 -24.70
C GLN H 809 29.21 67.16 -24.46
N PHE H 810 29.68 67.84 -25.51
CA PHE H 810 30.31 69.14 -25.32
C PHE H 810 29.30 70.26 -25.11
N HIS H 811 28.01 70.03 -25.36
CA HIS H 811 27.00 71.03 -25.07
C HIS H 811 26.78 71.20 -23.57
N SER H 812 26.78 70.09 -22.83
CA SER H 812 26.46 70.14 -21.41
C SER H 812 27.67 70.46 -20.53
N MET H 813 28.87 70.54 -21.09
CA MET H 813 30.06 70.83 -20.29
C MET H 813 30.81 72.02 -20.85
N PRO H 814 31.39 72.88 -20.00
CA PRO H 814 32.22 73.99 -20.50
C PRO H 814 33.57 73.51 -20.98
N VAL H 815 33.74 73.48 -22.30
CA VAL H 815 34.99 73.05 -22.95
C VAL H 815 35.64 74.28 -23.57
N SER H 816 36.96 74.39 -23.44
CA SER H 816 37.71 75.51 -23.99
C SER H 816 37.77 75.45 -25.51
N ASN H 817 38.14 76.58 -26.09
CA ASN H 817 38.23 76.72 -27.54
C ASN H 817 39.61 76.41 -28.08
N GLU H 818 40.48 75.80 -27.28
CA GLU H 818 41.82 75.48 -27.70
C GLU H 818 41.97 74.05 -28.16
N VAL H 819 41.10 73.15 -27.70
CA VAL H 819 41.11 71.77 -28.20
C VAL H 819 40.51 71.71 -29.59
N ASP H 820 40.80 70.63 -30.30
CA ASP H 820 40.27 70.40 -31.63
C ASP H 820 39.68 69.01 -31.70
N LEU H 821 38.53 68.91 -32.36
CA LEU H 821 37.80 67.65 -32.41
C LEU H 821 38.46 66.64 -33.33
N ASP H 822 39.14 67.10 -34.39
CA ASP H 822 39.68 66.20 -35.41
C ASP H 822 40.88 65.42 -34.93
N GLU H 823 41.63 65.96 -33.95
CA GLU H 823 42.66 65.16 -33.30
C GLU H 823 42.07 64.13 -32.37
N LEU H 824 40.93 64.44 -31.76
CA LEU H 824 40.29 63.50 -30.84
C LEU H 824 39.58 62.36 -31.55
N ILE H 825 39.12 62.57 -32.79
CA ILE H 825 38.46 61.50 -33.55
C ILE H 825 39.46 60.44 -33.97
N LEU H 826 40.66 60.87 -34.38
CA LEU H 826 41.68 59.91 -34.82
C LEU H 826 42.31 59.16 -33.64
N GLN H 827 42.33 59.75 -32.47
CA GLN H 827 42.94 59.01 -31.39
C GLN H 827 41.89 58.15 -30.76
N THR H 828 40.64 58.44 -30.99
CA THR H 828 39.60 57.61 -30.47
C THR H 828 39.18 56.67 -31.58
N ASP H 829 39.81 55.52 -31.63
CA ASP H 829 39.49 54.55 -32.64
C ASP H 829 39.22 53.24 -31.95
N ALA H 830 38.08 52.64 -32.20
CA ALA H 830 37.68 51.41 -31.51
C ALA H 830 37.20 51.66 -30.11
N TYR H 831 36.59 52.80 -29.87
CA TYR H 831 36.14 53.15 -28.56
C TYR H 831 34.64 53.06 -28.58
N SER H 832 34.10 52.07 -27.94
CA SER H 832 32.67 51.90 -27.90
C SER H 832 32.01 53.15 -27.34
N GLY H 833 30.68 53.22 -27.47
CA GLY H 833 29.93 54.42 -27.15
C GLY H 833 29.88 54.78 -25.67
N ALA H 834 29.97 53.78 -24.79
CA ALA H 834 30.01 54.05 -23.37
C ALA H 834 31.37 54.59 -22.93
N GLU H 835 32.44 54.24 -23.64
CA GLU H 835 33.75 54.70 -23.28
C GLU H 835 33.99 56.16 -23.67
N ILE H 836 33.33 56.63 -24.73
CA ILE H 836 33.45 58.02 -25.16
C ILE H 836 32.76 58.97 -24.16
N VAL H 837 31.68 58.50 -23.52
CA VAL H 837 31.10 59.25 -22.40
C VAL H 837 32.03 59.22 -21.18
N ALA H 838 32.75 58.12 -20.98
CA ALA H 838 33.61 57.98 -19.81
C ALA H 838 34.91 58.77 -19.92
N VAL H 839 35.35 59.12 -21.13
CA VAL H 839 36.52 59.99 -21.30
C VAL H 839 36.19 61.41 -20.84
N CYS H 840 35.00 61.89 -21.18
CA CYS H 840 34.61 63.27 -20.90
C CYS H 840 34.35 63.51 -19.42
N ARG H 841 33.85 62.51 -18.71
CA ARG H 841 33.73 62.62 -17.26
C ARG H 841 35.08 62.53 -16.56
N GLU H 842 36.02 61.77 -17.14
CA GLU H 842 37.33 61.61 -16.54
C GLU H 842 38.18 62.87 -16.71
N ALA H 843 38.09 63.51 -17.88
CA ALA H 843 38.88 64.71 -18.16
C ALA H 843 38.35 65.91 -17.39
N ALA H 844 37.04 65.96 -17.16
CA ALA H 844 36.48 67.08 -16.43
C ALA H 844 36.67 66.94 -14.93
N LEU H 845 36.71 65.70 -14.42
CA LEU H 845 37.00 65.49 -13.01
C LEU H 845 38.47 65.77 -12.70
N LEU H 846 39.37 65.53 -13.66
CA LEU H 846 40.78 65.78 -13.44
C LEU H 846 41.10 67.26 -13.48
N ALA H 847 40.34 68.06 -14.23
CA ALA H 847 40.53 69.50 -14.22
C ALA H 847 40.03 70.13 -12.93
N LEU H 848 39.01 69.52 -12.32
CA LEU H 848 38.54 69.94 -11.01
C LEU H 848 39.49 69.52 -9.90
N GLU H 849 40.33 68.51 -10.14
CA GLU H 849 41.29 68.07 -9.14
C GLU H 849 42.46 69.04 -9.03
N GLU H 850 42.91 69.58 -10.17
CA GLU H 850 44.04 70.51 -10.16
C GLU H 850 43.66 71.89 -9.63
N ASP H 851 42.40 72.29 -9.78
CA ASP H 851 41.90 73.50 -9.15
C ASP H 851 40.42 73.31 -8.85
N ILE H 852 40.02 73.62 -7.61
CA ILE H 852 38.64 73.43 -7.20
C ILE H 852 37.73 74.48 -7.85
N GLN H 853 38.22 75.71 -7.99
CA GLN H 853 37.49 76.75 -8.71
C GLN H 853 37.96 76.73 -10.17
N ALA H 854 37.32 75.90 -11.00
CA ALA H 854 37.73 75.74 -12.39
C ALA H 854 36.56 76.07 -13.30
N ASN H 855 36.85 76.83 -14.36
CA ASN H 855 35.84 77.26 -15.32
C ASN H 855 35.93 76.52 -16.64
N LEU H 856 37.13 76.26 -17.15
CA LEU H 856 37.31 75.67 -18.46
C LEU H 856 38.21 74.43 -18.37
N ILE H 857 38.06 73.55 -19.35
CA ILE H 857 38.82 72.30 -19.42
C ILE H 857 39.81 72.39 -20.57
N MET H 858 41.07 72.14 -20.31
CA MET H 858 42.13 72.35 -21.29
C MET H 858 42.51 71.05 -21.99
N LYS H 859 43.55 71.13 -22.82
CA LYS H 859 43.99 69.99 -23.63
C LYS H 859 44.75 68.96 -22.82
N ARG H 860 45.40 69.40 -21.74
CA ARG H 860 46.28 68.54 -20.93
C ARG H 860 45.50 67.48 -20.18
N HIS H 861 44.26 67.78 -19.80
CA HIS H 861 43.42 66.79 -19.15
C HIS H 861 42.89 65.76 -20.12
N PHE H 862 42.70 66.12 -21.39
CA PHE H 862 42.21 65.17 -22.37
C PHE H 862 43.28 64.17 -22.78
N THR H 863 44.55 64.60 -22.75
CA THR H 863 45.65 63.68 -22.98
C THR H 863 45.79 62.70 -21.81
N GLN H 864 45.57 63.19 -20.58
CA GLN H 864 45.65 62.36 -19.40
C GLN H 864 44.47 61.40 -19.29
N ALA H 865 43.28 61.83 -19.72
CA ALA H 865 42.12 60.96 -19.65
C ALA H 865 42.14 59.87 -20.72
N LEU H 866 42.84 60.11 -21.83
CA LEU H 866 42.94 59.09 -22.86
C LEU H 866 43.91 57.98 -22.48
N SER H 867 44.90 58.27 -21.63
CA SER H 867 45.83 57.23 -21.21
C SER H 867 45.23 56.30 -20.16
N THR H 868 44.36 56.82 -19.28
CA THR H 868 43.80 55.99 -18.23
C THR H 868 42.71 55.06 -18.76
N VAL H 869 41.88 55.55 -19.68
CA VAL H 869 40.80 54.75 -20.24
C VAL H 869 41.27 54.11 -21.54
N THR H 870 41.22 52.77 -21.59
CA THR H 870 41.68 51.98 -22.72
C THR H 870 40.52 51.15 -23.28
N PRO H 871 40.55 50.79 -24.57
CA PRO H 871 39.50 49.92 -25.10
C PRO H 871 39.59 48.49 -24.57
N ARG H 872 38.45 47.96 -24.14
CA ARG H 872 38.41 46.64 -23.55
C ARG H 872 38.47 45.53 -24.58
N ILE H 873 38.04 45.80 -25.81
CA ILE H 873 38.02 44.76 -26.84
C ILE H 873 39.44 44.50 -27.34
N PRO H 874 39.87 43.25 -27.45
CA PRO H 874 41.18 42.97 -28.04
C PRO H 874 41.15 43.19 -29.55
N GLU H 875 42.34 43.37 -30.09
CA GLU H 875 42.49 43.68 -31.50
C GLU H 875 42.40 42.43 -32.37
N SER H 876 42.49 41.24 -31.77
CA SER H 876 42.25 39.99 -32.50
C SER H 876 40.78 39.79 -32.85
N LEU H 877 39.86 40.22 -31.98
CA LEU H 877 38.43 40.18 -32.30
C LEU H 877 38.03 41.26 -33.28
N ARG H 878 38.82 42.32 -33.41
CA ARG H 878 38.56 43.40 -34.34
C ARG H 878 38.69 42.94 -35.79
N ARG H 879 39.70 42.14 -36.10
CA ARG H 879 39.80 41.61 -37.46
C ARG H 879 39.02 40.33 -37.68
N PHE H 880 38.37 39.80 -36.64
CA PHE H 880 37.42 38.71 -36.86
C PHE H 880 36.20 39.24 -37.61
N TYR H 881 35.67 40.38 -37.17
CA TYR H 881 34.50 40.95 -37.83
C TYR H 881 34.85 41.64 -39.14
N GLU H 882 36.10 42.06 -39.32
CA GLU H 882 36.49 42.61 -40.61
C GLU H 882 36.74 41.51 -41.64
N ASP H 883 37.24 40.35 -41.22
CA ASP H 883 37.33 39.22 -42.14
C ASP H 883 35.98 38.58 -42.38
N TYR H 884 35.05 38.69 -41.42
CA TYR H 884 33.69 38.22 -41.66
C TYR H 884 32.91 39.13 -42.59
N GLN H 885 33.28 40.40 -42.67
CA GLN H 885 32.63 41.30 -43.62
C GLN H 885 33.41 41.36 -44.93
N GLY I 11 -65.47 44.22 -8.63
CA GLY I 11 -65.25 43.08 -7.76
C GLY I 11 -64.11 43.29 -6.79
N PRO I 12 -64.21 42.72 -5.59
CA PRO I 12 -63.12 42.84 -4.63
C PRO I 12 -61.94 41.96 -4.99
N LEU I 13 -60.80 42.26 -4.39
CA LEU I 13 -59.57 41.52 -4.62
C LEU I 13 -59.34 40.55 -3.46
N LEU I 14 -58.73 39.42 -3.78
CA LEU I 14 -58.39 38.38 -2.82
C LEU I 14 -56.89 38.12 -2.90
N LYS I 15 -56.25 38.06 -1.74
CA LYS I 15 -54.82 37.80 -1.67
C LYS I 15 -54.59 36.30 -1.55
N LEU I 16 -53.71 35.76 -2.39
CA LEU I 16 -53.46 34.33 -2.42
C LEU I 16 -52.28 34.00 -1.51
N LEU I 17 -52.44 32.93 -0.73
CA LEU I 17 -51.49 32.47 0.25
C LEU I 17 -51.00 31.07 -0.12
N PRO I 18 -49.82 30.66 0.38
CA PRO I 18 -49.40 29.27 0.23
C PRO I 18 -50.29 28.28 0.97
N LEU I 19 -50.39 27.07 0.41
CA LEU I 19 -51.28 26.04 0.91
C LEU I 19 -50.75 25.41 2.19
N ASP I 20 -51.66 25.14 3.11
CA ASP I 20 -51.33 24.50 4.37
C ASP I 20 -51.00 23.02 4.13
N ALA I 21 -50.22 22.45 5.05
CA ALA I 21 -49.72 21.08 4.87
C ALA I 21 -50.79 20.02 5.12
N ARG I 22 -51.90 20.40 5.74
CA ARG I 22 -53.04 19.52 5.92
C ARG I 22 -53.86 19.34 4.64
N ASP I 23 -53.75 20.26 3.69
CA ASP I 23 -54.58 20.26 2.49
C ASP I 23 -53.84 19.78 1.25
N ARG I 24 -52.67 19.15 1.41
CA ARG I 24 -51.88 18.75 0.25
C ARG I 24 -52.45 17.47 -0.35
N GLY I 25 -52.93 17.55 -1.58
CA GLY I 25 -53.54 16.40 -2.21
C GLY I 25 -54.93 16.07 -1.73
N THR I 26 -55.72 17.07 -1.33
CA THR I 26 -57.07 16.85 -0.85
C THR I 26 -58.15 17.46 -1.73
N GLN I 27 -57.77 18.30 -2.72
CA GLN I 27 -58.65 19.08 -3.60
C GLN I 27 -59.63 19.97 -2.82
N ARG I 28 -59.09 20.71 -1.85
CA ARG I 28 -59.87 21.58 -0.99
C ARG I 28 -59.45 23.03 -1.22
N CYS I 29 -60.43 23.91 -1.36
CA CYS I 29 -60.19 25.33 -1.56
C CYS I 29 -60.86 26.09 -0.42
N ARG I 30 -60.10 26.95 0.24
CA ARG I 30 -60.53 27.54 1.51
C ARG I 30 -60.89 29.01 1.31
N LEU I 31 -62.15 29.34 1.56
CA LEU I 31 -62.68 30.68 1.38
C LEU I 31 -63.28 31.17 2.70
N GLY I 32 -63.44 32.49 2.79
CA GLY I 32 -64.15 33.08 3.90
C GLY I 32 -65.65 33.08 3.68
N PRO I 33 -66.40 33.57 4.69
CA PRO I 33 -67.87 33.43 4.63
C PRO I 33 -68.60 34.39 3.72
N ALA I 34 -68.07 35.60 3.49
CA ALA I 34 -68.75 36.56 2.61
C ALA I 34 -68.63 36.13 1.15
N ALA I 35 -67.49 35.54 0.78
CA ALA I 35 -67.34 34.99 -0.57
C ALA I 35 -68.20 33.76 -0.79
N LEU I 36 -68.42 32.96 0.26
CA LEU I 36 -69.34 31.83 0.15
C LEU I 36 -70.79 32.27 0.10
N HIS I 37 -71.11 33.41 0.71
CA HIS I 37 -72.45 33.97 0.59
C HIS I 37 -72.70 34.54 -0.80
N ALA I 38 -71.68 35.19 -1.37
CA ALA I 38 -71.84 35.77 -2.70
C ALA I 38 -71.82 34.71 -3.80
N LEU I 39 -71.09 33.62 -3.59
CA LEU I 39 -71.13 32.52 -4.54
C LEU I 39 -72.40 31.69 -4.42
N GLY I 40 -72.94 31.56 -3.21
CA GLY I 40 -74.12 30.75 -2.97
C GLY I 40 -73.81 29.27 -3.02
N ALA I 41 -72.86 28.84 -2.21
CA ALA I 41 -72.30 27.50 -2.30
C ALA I 41 -72.41 26.77 -0.98
N ARG I 42 -72.91 25.54 -1.02
CA ARG I 42 -72.87 24.64 0.13
C ARG I 42 -71.48 24.02 0.25
N LEU I 43 -71.27 23.26 1.31
CA LEU I 43 -69.95 22.67 1.55
C LEU I 43 -69.76 21.45 0.65
N GLY I 44 -68.73 21.50 -0.18
CA GLY I 44 -68.45 20.43 -1.10
C GLY I 44 -68.87 20.66 -2.54
N SER I 45 -69.41 21.83 -2.85
CA SER I 45 -69.79 22.10 -4.23
C SER I 45 -68.58 22.52 -5.05
N ALA I 46 -68.73 22.45 -6.37
CA ALA I 46 -67.61 22.61 -7.28
C ALA I 46 -67.41 24.08 -7.62
N VAL I 47 -66.15 24.52 -7.55
CA VAL I 47 -65.76 25.89 -7.88
C VAL I 47 -64.69 25.80 -8.96
N LYS I 48 -64.94 26.46 -10.09
CA LYS I 48 -63.99 26.53 -11.19
C LYS I 48 -63.24 27.85 -11.11
N ILE I 49 -61.92 27.78 -11.05
CA ILE I 49 -61.06 28.94 -10.88
C ILE I 49 -60.30 29.14 -12.18
N SER I 50 -60.43 30.33 -12.77
CA SER I 50 -59.62 30.72 -13.91
C SER I 50 -58.35 31.34 -13.38
N LEU I 51 -57.23 30.66 -13.58
CA LEU I 51 -55.94 31.18 -13.14
C LEU I 51 -55.50 32.30 -14.09
N PRO I 52 -54.81 33.33 -13.58
CA PRO I 52 -54.45 34.46 -14.43
C PRO I 52 -53.33 34.17 -15.41
N ASP I 53 -52.52 33.14 -15.17
CA ASP I 53 -51.44 32.77 -16.08
C ASP I 53 -51.86 31.67 -17.05
N GLY I 54 -53.13 31.63 -17.41
CA GLY I 54 -53.63 30.62 -18.32
C GLY I 54 -54.04 29.35 -17.60
N GLY I 55 -55.24 28.87 -17.89
CA GLY I 55 -55.67 27.59 -17.37
C GLY I 55 -56.67 27.74 -16.24
N SER I 56 -57.40 26.67 -16.00
CA SER I 56 -58.45 26.63 -14.99
C SER I 56 -58.30 25.37 -14.16
N CYS I 57 -58.80 25.43 -12.93
CA CYS I 57 -58.78 24.28 -12.04
C CYS I 57 -60.14 24.11 -11.38
N LEU I 58 -60.39 22.90 -10.89
CA LEU I 58 -61.66 22.51 -10.30
C LEU I 58 -61.43 22.10 -8.86
N CYS I 59 -62.18 22.71 -7.94
CA CYS I 59 -61.95 22.48 -6.52
C CYS I 59 -63.28 22.38 -5.78
N THR I 60 -63.21 21.99 -4.52
CA THR I 60 -64.36 21.88 -3.64
C THR I 60 -64.25 22.89 -2.51
N ALA I 61 -65.34 23.60 -2.23
CA ALA I 61 -65.32 24.69 -1.27
C ALA I 61 -65.45 24.16 0.15
N TRP I 62 -64.52 24.56 1.01
CA TRP I 62 -64.55 24.26 2.43
C TRP I 62 -64.22 25.53 3.21
N PRO I 63 -64.88 25.79 4.33
CA PRO I 63 -64.74 27.11 4.96
C PRO I 63 -63.48 27.24 5.79
N ARG I 64 -63.07 28.49 5.95
CA ARG I 64 -61.87 28.87 6.69
C ARG I 64 -62.20 28.93 8.18
N ARG I 65 -61.26 28.45 9.01
CA ARG I 65 -61.51 28.34 10.45
C ARG I 65 -61.46 29.69 11.17
N ASP I 66 -60.96 30.74 10.54
CA ASP I 66 -60.77 32.01 11.22
C ASP I 66 -61.94 32.97 11.03
N GLY I 67 -62.71 32.83 9.96
CA GLY I 67 -63.69 33.82 9.63
C GLY I 67 -63.15 35.04 8.93
N ALA I 68 -61.93 34.95 8.39
CA ALA I 68 -61.32 36.07 7.71
C ALA I 68 -61.90 36.26 6.32
N ASP I 69 -61.88 37.50 5.87
CA ASP I 69 -62.33 37.87 4.53
C ASP I 69 -61.16 38.38 3.72
N GLY I 70 -61.02 37.89 2.50
CA GLY I 70 -59.97 38.34 1.62
C GLY I 70 -58.76 37.44 1.52
N PHE I 71 -58.91 36.13 1.74
CA PHE I 71 -57.80 35.20 1.64
C PHE I 71 -58.28 33.94 0.95
N VAL I 72 -57.55 33.48 -0.06
CA VAL I 72 -57.91 32.29 -0.83
C VAL I 72 -56.69 31.39 -0.91
N GLN I 73 -56.84 30.14 -0.47
CA GLN I 73 -55.86 29.10 -0.71
C GLN I 73 -56.49 28.03 -1.60
N LEU I 74 -55.71 27.48 -2.53
CA LEU I 74 -56.24 26.52 -3.48
C LEU I 74 -55.26 25.37 -3.67
N ASP I 75 -55.80 24.20 -3.92
CA ASP I 75 -55.00 23.00 -4.20
C ASP I 75 -55.25 22.55 -5.64
N PRO I 76 -54.31 22.77 -6.56
CA PRO I 76 -54.54 22.37 -7.96
C PRO I 76 -54.31 20.89 -8.15
N LEU I 77 -55.38 20.15 -8.34
CA LEU I 77 -55.27 18.71 -8.52
C LEU I 77 -55.81 18.26 -9.85
N CYS I 78 -56.96 18.79 -10.26
CA CYS I 78 -57.53 18.59 -11.58
C CYS I 78 -57.23 19.85 -12.38
N ALA I 79 -56.26 19.77 -13.29
CA ALA I 79 -55.71 20.97 -13.90
C ALA I 79 -55.79 20.92 -15.41
N SER I 80 -55.68 22.09 -16.04
CA SER I 80 -55.41 22.17 -17.46
C SER I 80 -53.99 21.68 -17.72
N PRO I 81 -53.73 21.01 -18.88
CA PRO I 81 -52.43 20.34 -19.06
C PRO I 81 -51.25 21.27 -19.25
N GLY I 82 -50.48 21.43 -18.19
CA GLY I 82 -49.29 22.26 -18.21
C GLY I 82 -49.36 23.54 -17.40
N ALA I 83 -50.43 23.76 -16.64
CA ALA I 83 -50.53 24.95 -15.81
C ALA I 83 -50.57 24.51 -14.35
N ALA I 84 -49.40 24.23 -13.81
CA ALA I 84 -49.21 24.04 -12.37
C ALA I 84 -48.67 25.30 -11.73
N VAL I 85 -48.94 26.47 -12.34
CA VAL I 85 -48.51 27.75 -11.80
C VAL I 85 -49.48 28.30 -10.76
N GLY I 86 -50.56 27.58 -10.44
CA GLY I 86 -51.34 27.90 -9.27
C GLY I 86 -50.65 27.55 -7.98
N ALA I 87 -49.66 26.66 -8.03
CA ALA I 87 -48.78 26.39 -6.91
C ALA I 87 -47.59 27.34 -6.85
N SER I 88 -47.48 28.27 -7.80
CA SER I 88 -46.50 29.35 -7.70
C SER I 88 -47.09 30.39 -6.75
N ARG I 89 -46.76 30.26 -5.47
CA ARG I 89 -47.38 31.02 -4.40
C ARG I 89 -46.72 32.38 -4.25
N SER I 90 -47.02 33.25 -5.21
CA SER I 90 -46.51 34.61 -5.22
C SER I 90 -47.50 35.53 -4.50
N ARG I 91 -47.35 36.84 -4.67
CA ARG I 91 -48.28 37.83 -4.14
C ARG I 91 -49.40 38.15 -5.11
N ARG I 92 -49.78 37.22 -5.98
CA ARG I 92 -50.76 37.49 -7.02
C ARG I 92 -52.16 37.53 -6.44
N SER I 93 -52.91 38.55 -6.81
CA SER I 93 -54.27 38.73 -6.33
C SER I 93 -55.27 38.25 -7.37
N LEU I 94 -56.41 37.77 -6.91
CA LEU I 94 -57.47 37.29 -7.79
C LEU I 94 -58.73 38.11 -7.60
N SER I 95 -59.45 38.34 -8.69
CA SER I 95 -60.76 38.94 -8.58
C SER I 95 -61.78 37.89 -8.19
N LEU I 96 -62.93 38.36 -7.69
CA LEU I 96 -64.01 37.45 -7.34
C LEU I 96 -64.79 37.00 -8.55
N ASN I 97 -64.64 37.66 -9.69
CA ASN I 97 -65.35 37.26 -10.90
C ASN I 97 -64.73 36.05 -11.60
N ARG I 98 -63.55 35.60 -11.17
CA ARG I 98 -62.89 34.46 -11.78
C ARG I 98 -63.26 33.14 -11.12
N LEU I 99 -64.17 33.14 -10.15
CA LEU I 99 -64.62 31.94 -9.48
C LEU I 99 -66.05 31.66 -9.90
N LEU I 100 -66.30 30.47 -10.44
CA LEU I 100 -67.63 30.13 -10.94
C LEU I 100 -68.17 28.88 -10.26
N LEU I 101 -69.50 28.86 -10.08
CA LEU I 101 -70.20 27.73 -9.51
C LEU I 101 -70.82 26.92 -10.65
N VAL I 102 -70.38 25.68 -10.79
CA VAL I 102 -70.61 24.87 -11.99
C VAL I 102 -71.55 23.73 -11.61
N PRO I 103 -72.61 23.47 -12.39
CA PRO I 103 -73.45 22.30 -12.10
C PRO I 103 -72.75 20.99 -12.43
N CYS I 104 -72.93 20.02 -11.55
CA CYS I 104 -72.27 18.72 -11.69
C CYS I 104 -73.33 17.62 -11.74
N PRO I 105 -73.72 17.15 -12.92
CA PRO I 105 -74.55 15.96 -12.99
C PRO I 105 -73.72 14.72 -12.74
N PRO I 106 -74.33 13.62 -12.29
CA PRO I 106 -73.59 12.37 -12.17
C PRO I 106 -73.31 11.76 -13.55
N LEU I 107 -72.33 10.87 -13.58
CA LEU I 107 -71.87 10.30 -14.83
C LEU I 107 -72.12 8.80 -14.91
N ARG I 108 -72.07 8.31 -16.14
CA ARG I 108 -72.30 6.91 -16.46
C ARG I 108 -71.03 6.19 -16.91
N ARG I 109 -70.20 6.82 -17.74
CA ARG I 109 -68.90 6.25 -18.08
C ARG I 109 -67.90 7.36 -18.31
N VAL I 110 -66.62 7.06 -18.08
CA VAL I 110 -65.52 7.98 -18.29
C VAL I 110 -64.50 7.30 -19.20
N ALA I 111 -63.65 8.13 -19.81
CA ALA I 111 -62.56 7.62 -20.63
C ALA I 111 -61.27 8.29 -20.16
N VAL I 112 -60.31 7.49 -19.73
CA VAL I 112 -59.06 8.00 -19.18
C VAL I 112 -57.88 7.42 -19.95
N TRP I 113 -56.83 8.23 -20.08
CA TRP I 113 -55.55 7.82 -20.63
C TRP I 113 -54.53 7.81 -19.49
N PRO I 114 -53.95 6.66 -19.13
CA PRO I 114 -53.08 6.61 -17.96
C PRO I 114 -51.60 6.81 -18.26
N VAL I 115 -50.95 7.52 -17.35
CA VAL I 115 -49.50 7.73 -17.37
C VAL I 115 -48.94 7.06 -16.13
N LEU I 116 -48.08 6.06 -16.33
CA LEU I 116 -47.64 5.17 -15.27
C LEU I 116 -46.29 5.60 -14.71
N ARG I 117 -45.89 4.93 -13.63
CA ARG I 117 -44.62 5.15 -12.99
C ARG I 117 -43.56 4.18 -13.52
N GLU I 118 -42.31 4.44 -13.17
CA GLU I 118 -41.22 3.57 -13.57
C GLU I 118 -41.17 2.37 -12.65
N ARG I 119 -41.26 1.17 -13.22
CA ARG I 119 -41.23 -0.06 -12.44
C ARG I 119 -39.91 -0.80 -12.64
N ARG I 126 -47.31 -5.19 -15.77
CA ARG I 126 -48.51 -5.41 -14.97
C ARG I 126 -49.75 -5.30 -15.86
N ASN I 127 -50.79 -6.06 -15.52
CA ASN I 127 -51.92 -6.25 -16.41
C ASN I 127 -52.87 -5.05 -16.35
N THR I 128 -53.96 -5.18 -17.11
CA THR I 128 -54.97 -4.14 -17.24
C THR I 128 -55.81 -4.01 -15.97
N ALA I 129 -55.93 -5.09 -15.19
CA ALA I 129 -56.80 -5.11 -14.01
C ALA I 129 -56.25 -4.25 -12.88
N ALA I 130 -54.93 -4.23 -12.69
CA ALA I 130 -54.34 -3.37 -11.66
C ALA I 130 -54.40 -1.90 -12.05
N VAL I 131 -54.27 -1.59 -13.34
CA VAL I 131 -54.39 -0.22 -13.83
C VAL I 131 -55.82 0.29 -13.71
N LEU I 132 -56.81 -0.57 -13.98
CA LEU I 132 -58.22 -0.22 -13.78
C LEU I 132 -58.58 -0.06 -12.30
N GLU I 133 -57.99 -0.89 -11.44
CA GLU I 133 -58.28 -0.78 -10.00
C GLU I 133 -57.62 0.46 -9.39
N ALA I 134 -56.43 0.82 -9.88
CA ALA I 134 -55.78 2.05 -9.44
C ALA I 134 -56.49 3.29 -9.97
N ALA I 135 -57.04 3.22 -11.19
CA ALA I 135 -57.84 4.33 -11.71
C ALA I 135 -59.18 4.47 -10.99
N GLN I 136 -59.77 3.35 -10.57
CA GLN I 136 -61.00 3.39 -9.78
C GLN I 136 -60.75 3.96 -8.38
N GLU I 137 -59.61 3.63 -7.77
CA GLU I 137 -59.32 4.18 -6.46
C GLU I 137 -58.89 5.64 -6.52
N LEU I 138 -58.20 6.05 -7.58
CA LEU I 138 -57.83 7.45 -7.71
C LEU I 138 -59.02 8.34 -8.09
N LEU I 139 -59.99 7.81 -8.84
CA LEU I 139 -61.09 8.61 -9.37
C LEU I 139 -62.38 8.38 -8.62
N ARG I 140 -62.36 8.29 -7.29
CA ARG I 140 -63.56 7.95 -6.54
C ARG I 140 -64.10 9.19 -5.83
N ASN I 141 -65.38 9.52 -6.11
CA ASN I 141 -66.15 10.65 -5.54
C ASN I 141 -65.48 12.00 -5.79
N ARG I 142 -65.11 12.26 -7.04
CA ARG I 142 -64.40 13.50 -7.34
C ARG I 142 -65.08 14.26 -8.45
N PRO I 143 -65.02 15.60 -8.44
CA PRO I 143 -65.45 16.36 -9.61
C PRO I 143 -64.31 16.51 -10.61
N ILE I 144 -64.55 16.07 -11.84
CA ILE I 144 -63.55 16.15 -12.90
C ILE I 144 -64.19 16.83 -14.11
N SER I 145 -63.35 17.33 -15.00
CA SER I 145 -63.81 18.03 -16.19
C SER I 145 -63.07 17.53 -17.43
N LEU I 146 -63.59 17.91 -18.59
CA LEU I 146 -63.06 17.43 -19.86
C LEU I 146 -61.76 18.13 -20.23
N GLY I 147 -60.82 17.36 -20.75
CA GLY I 147 -59.51 17.89 -21.09
C GLY I 147 -58.66 18.29 -19.91
N HIS I 148 -58.65 17.48 -18.86
CA HIS I 148 -57.96 17.83 -17.63
C HIS I 148 -57.08 16.67 -17.17
N VAL I 149 -56.05 17.03 -16.41
CA VAL I 149 -55.07 16.10 -15.88
C VAL I 149 -55.33 15.95 -14.38
N VAL I 150 -55.44 14.71 -13.93
CA VAL I 150 -55.53 14.39 -12.51
C VAL I 150 -54.22 13.73 -12.12
N VAL I 151 -53.59 14.29 -11.10
CA VAL I 151 -52.28 13.83 -10.63
C VAL I 151 -52.54 13.02 -9.36
N ALA I 152 -51.79 11.94 -9.17
CA ALA I 152 -51.86 11.20 -7.94
C ALA I 152 -51.29 12.03 -6.78
N PRO I 153 -51.83 11.89 -5.57
CA PRO I 153 -51.20 12.50 -4.39
C PRO I 153 -49.88 11.82 -4.08
N PRO I 154 -48.94 12.52 -3.43
CA PRO I 154 -47.62 11.93 -3.18
C PRO I 154 -47.68 10.86 -2.09
N GLY I 155 -47.09 9.71 -2.38
CA GLY I 155 -47.17 8.57 -1.50
C GLY I 155 -48.39 7.69 -1.68
N ALA I 156 -49.20 7.95 -2.70
CA ALA I 156 -50.35 7.09 -2.96
C ALA I 156 -49.90 5.76 -3.57
N PRO I 157 -50.48 4.65 -3.15
CA PRO I 157 -50.02 3.35 -3.66
C PRO I 157 -50.52 3.07 -5.07
N GLY I 158 -49.81 2.18 -5.75
CA GLY I 158 -50.27 1.74 -7.05
C GLY I 158 -49.33 2.07 -8.18
N LEU I 159 -49.89 2.25 -9.37
CA LEU I 159 -49.10 2.42 -10.58
C LEU I 159 -49.46 3.66 -11.39
N VAL I 160 -50.63 4.22 -11.23
CA VAL I 160 -51.06 5.34 -12.05
C VAL I 160 -50.56 6.63 -11.43
N ALA I 161 -49.65 7.31 -12.11
CA ALA I 161 -49.22 8.62 -11.65
C ALA I 161 -50.09 9.74 -12.19
N ALA I 162 -50.64 9.59 -13.40
CA ALA I 162 -51.45 10.65 -13.95
C ALA I 162 -52.56 10.07 -14.79
N LEU I 163 -53.66 10.81 -14.90
CA LEU I 163 -54.78 10.44 -15.75
C LEU I 163 -55.17 11.63 -16.60
N HIS I 164 -55.26 11.44 -17.91
CA HIS I 164 -55.78 12.47 -18.81
C HIS I 164 -57.22 12.11 -19.13
N ILE I 165 -58.14 13.04 -18.89
CA ILE I 165 -59.56 12.78 -19.14
C ILE I 165 -59.84 13.05 -20.61
N VAL I 166 -60.45 12.07 -21.29
CA VAL I 166 -60.64 12.11 -22.72
C VAL I 166 -62.10 12.35 -23.08
N GLY I 167 -63.02 11.54 -22.55
CA GLY I 167 -64.41 11.71 -22.91
C GLY I 167 -65.35 11.04 -21.94
N GLY I 168 -66.64 11.24 -22.18
CA GLY I 168 -67.68 10.64 -21.37
C GLY I 168 -69.02 10.78 -22.05
N THR I 169 -69.94 9.87 -21.68
CA THR I 169 -71.25 9.86 -22.33
C THR I 169 -72.19 11.01 -21.89
N PRO I 170 -72.35 11.36 -20.56
CA PRO I 170 -73.12 12.59 -20.31
C PRO I 170 -72.32 13.89 -20.35
N SER I 171 -71.15 13.87 -21.01
CA SER I 171 -70.37 15.00 -21.51
C SER I 171 -69.90 15.95 -20.42
N PRO I 172 -68.86 15.61 -19.64
CA PRO I 172 -68.43 16.50 -18.55
C PRO I 172 -67.54 17.65 -19.01
N ASP I 173 -68.07 18.50 -19.90
CA ASP I 173 -67.38 19.71 -20.30
C ASP I 173 -67.63 20.84 -19.28
N PRO I 174 -68.89 21.12 -18.77
CA PRO I 174 -68.87 21.91 -17.53
C PRO I 174 -68.94 21.00 -16.31
N ALA I 175 -67.79 20.36 -16.03
CA ALA I 175 -67.50 19.48 -14.88
C ALA I 175 -68.42 18.27 -14.73
N GLY I 176 -68.27 17.55 -13.62
CA GLY I 176 -69.14 16.42 -13.37
C GLY I 176 -68.65 15.47 -12.30
N LEU I 177 -69.58 14.79 -11.63
CA LEU I 177 -69.28 13.96 -10.47
C LEU I 177 -69.24 12.49 -10.86
N VAL I 178 -68.14 11.82 -10.54
CA VAL I 178 -68.04 10.38 -10.73
C VAL I 178 -68.40 9.67 -9.43
N THR I 179 -69.25 8.69 -9.55
CA THR I 179 -69.93 8.01 -8.45
C THR I 179 -69.25 6.68 -8.17
N PRO I 180 -69.59 6.00 -7.07
CA PRO I 180 -69.18 4.59 -6.94
C PRO I 180 -69.80 3.64 -7.95
N ARG I 181 -70.93 3.98 -8.58
CA ARG I 181 -71.57 3.08 -9.53
C ARG I 181 -71.30 3.43 -10.99
N THR I 182 -70.40 4.37 -11.27
CA THR I 182 -70.04 4.65 -12.65
C THR I 182 -69.07 3.58 -13.17
N ARG I 183 -68.89 3.52 -14.48
CA ARG I 183 -68.04 2.51 -15.09
C ARG I 183 -66.81 3.18 -15.69
N VAL I 184 -65.65 2.88 -15.12
CA VAL I 184 -64.39 3.44 -15.62
C VAL I 184 -63.98 2.61 -16.84
N SER I 185 -64.03 3.22 -18.01
CA SER I 185 -63.66 2.55 -19.25
C SER I 185 -62.36 3.15 -19.75
N LEU I 186 -61.28 2.39 -19.66
CA LEU I 186 -59.95 2.90 -19.99
C LEU I 186 -59.76 2.80 -21.50
N GLY I 187 -60.10 3.88 -22.19
CA GLY I 187 -59.83 3.97 -23.60
C GLY I 187 -58.48 4.60 -23.85
N GLY I 188 -57.60 3.89 -24.55
CA GLY I 188 -56.23 4.36 -24.70
C GLY I 188 -56.05 5.36 -25.82
N GLU I 189 -56.59 6.57 -25.65
CA GLU I 189 -56.44 7.61 -26.66
C GLU I 189 -55.46 8.64 -26.18
N PRO I 190 -54.27 8.75 -26.79
CA PRO I 190 -53.34 9.81 -26.40
C PRO I 190 -53.80 11.15 -26.95
N PRO I 191 -53.45 12.26 -26.26
CA PRO I 191 -53.75 13.59 -26.81
C PRO I 191 -52.86 13.98 -27.98
N VAL I 200 -28.64 21.28 -31.71
CA VAL I 200 -29.11 21.50 -33.08
C VAL I 200 -28.07 22.07 -34.10
N PRO I 201 -27.42 23.29 -33.90
CA PRO I 201 -26.65 23.84 -35.02
C PRO I 201 -25.26 23.24 -35.14
N LEU I 202 -25.07 22.40 -36.16
CA LEU I 202 -23.78 21.78 -36.43
C LEU I 202 -23.41 22.01 -37.89
N GLY I 203 -22.11 22.11 -38.14
CA GLY I 203 -21.62 22.29 -39.50
C GLY I 203 -20.17 21.88 -39.60
N GLY I 204 -19.78 21.46 -40.79
CA GLY I 204 -18.41 21.07 -41.04
C GLY I 204 -18.05 19.66 -40.65
N LEU I 205 -19.00 18.86 -40.17
CA LEU I 205 -18.77 17.49 -39.75
C LEU I 205 -19.62 16.53 -40.54
N SER I 206 -19.82 16.79 -41.83
CA SER I 206 -20.52 15.87 -42.69
C SER I 206 -19.62 14.75 -43.22
N GLU I 207 -18.31 14.88 -43.03
CA GLU I 207 -17.38 13.83 -43.45
C GLU I 207 -17.29 12.67 -42.48
N ALA I 208 -17.81 12.83 -41.26
CA ALA I 208 -17.90 11.71 -40.33
C ALA I 208 -19.32 11.41 -39.88
N ALA I 209 -20.31 12.22 -40.26
CA ALA I 209 -21.69 11.87 -40.00
C ALA I 209 -22.18 10.76 -40.92
N ASP I 210 -21.59 10.66 -42.11
CA ASP I 210 -21.97 9.58 -43.02
C ASP I 210 -21.38 8.25 -42.57
N SER I 211 -20.18 8.27 -41.98
CA SER I 211 -19.56 7.04 -41.50
C SER I 211 -20.25 6.50 -40.25
N LEU I 212 -20.68 7.38 -39.35
CA LEU I 212 -21.39 6.95 -38.15
C LEU I 212 -22.81 6.48 -38.47
N ARG I 213 -23.41 7.03 -39.52
CA ARG I 213 -24.72 6.56 -39.95
C ARG I 213 -24.63 5.19 -40.63
N GLU I 214 -23.59 4.97 -41.44
CA GLU I 214 -23.46 3.75 -42.22
C GLU I 214 -23.12 2.55 -41.34
N LEU I 215 -22.35 2.76 -40.27
CA LEU I 215 -22.07 1.69 -39.33
C LEU I 215 -23.31 1.34 -38.51
N LEU I 216 -24.16 2.32 -38.24
CA LEU I 216 -25.29 2.12 -37.36
C LEU I 216 -26.61 1.94 -38.07
N ARG I 217 -26.66 2.02 -39.41
CA ARG I 217 -27.93 1.73 -40.07
C ARG I 217 -28.19 0.24 -40.15
N LEU I 218 -27.16 -0.57 -40.08
CA LEU I 218 -27.35 -2.01 -40.18
C LEU I 218 -27.86 -2.65 -38.87
N PRO I 219 -27.29 -2.39 -37.61
CA PRO I 219 -27.94 -3.00 -36.45
C PRO I 219 -29.22 -2.32 -35.99
N LEU I 220 -29.22 -0.99 -35.97
CA LEU I 220 -30.25 -0.25 -35.24
C LEU I 220 -31.57 -0.18 -36.00
N ARG I 221 -31.43 -0.09 -37.33
CA ARG I 221 -32.60 0.05 -38.16
C ARG I 221 -33.24 -1.28 -38.39
N TYR I 222 -32.45 -2.23 -38.86
CA TYR I 222 -32.97 -3.54 -39.12
C TYR I 222 -32.56 -4.38 -37.96
N PRO I 223 -33.40 -4.42 -36.93
CA PRO I 223 -33.00 -5.16 -35.75
C PRO I 223 -33.71 -6.48 -35.63
N ARG I 224 -34.69 -6.75 -36.47
CA ARG I 224 -35.46 -7.98 -36.37
C ARG I 224 -35.11 -8.90 -37.49
N ALA I 225 -34.53 -8.36 -38.54
CA ALA I 225 -34.09 -9.22 -39.60
C ALA I 225 -32.76 -9.76 -39.15
N LEU I 226 -32.37 -9.42 -37.93
CA LEU I 226 -31.08 -9.87 -37.43
C LEU I 226 -31.01 -11.37 -37.26
N THR I 227 -32.04 -11.96 -36.72
CA THR I 227 -32.07 -13.40 -36.58
C THR I 227 -32.21 -14.10 -37.91
N ALA I 228 -33.00 -13.53 -38.79
CA ALA I 228 -33.27 -14.09 -40.12
C ALA I 228 -32.04 -14.78 -40.69
N LEU I 229 -30.84 -14.35 -40.30
CA LEU I 229 -29.61 -14.94 -40.81
C LEU I 229 -28.57 -15.24 -39.73
N GLY I 230 -28.67 -14.68 -38.55
CA GLY I 230 -27.65 -14.87 -37.53
C GLY I 230 -26.39 -14.09 -37.84
N LEU I 231 -26.52 -12.77 -37.97
CA LEU I 231 -25.38 -11.93 -38.26
C LEU I 231 -24.54 -11.71 -37.01
N ALA I 232 -23.29 -11.31 -37.22
CA ALA I 232 -22.37 -10.90 -36.15
C ALA I 232 -21.67 -9.63 -36.63
N VAL I 233 -22.30 -8.49 -36.39
CA VAL I 233 -21.75 -7.19 -36.74
C VAL I 233 -21.21 -6.55 -35.47
N PRO I 234 -19.96 -6.04 -35.46
CA PRO I 234 -19.43 -5.41 -34.25
C PRO I 234 -20.09 -4.07 -33.94
N ARG I 235 -20.85 -4.05 -32.85
CA ARG I 235 -21.58 -2.86 -32.44
C ARG I 235 -20.83 -2.10 -31.36
N GLY I 236 -19.62 -1.67 -31.72
CA GLY I 236 -18.81 -0.85 -30.84
C GLY I 236 -18.02 0.19 -31.62
N VAL I 237 -18.26 1.47 -31.33
CA VAL I 237 -17.74 2.57 -32.12
C VAL I 237 -16.93 3.49 -31.21
N LEU I 238 -15.70 3.78 -31.59
CA LEU I 238 -14.83 4.70 -30.85
C LEU I 238 -14.64 5.97 -31.65
N LEU I 239 -14.81 7.11 -30.99
CA LEU I 239 -14.65 8.42 -31.60
C LEU I 239 -13.48 9.15 -30.97
N ALA I 240 -12.55 9.61 -31.78
CA ALA I 240 -11.30 10.17 -31.28
C ALA I 240 -11.06 11.55 -31.90
N GLY I 241 -10.43 12.42 -31.11
CA GLY I 241 -10.10 13.75 -31.56
C GLY I 241 -9.63 14.64 -30.44
N PRO I 242 -9.08 15.81 -30.78
CA PRO I 242 -8.62 16.77 -29.75
C PRO I 242 -9.80 17.41 -29.04
N PRO I 243 -9.61 17.94 -27.83
CA PRO I 243 -10.73 18.56 -27.10
C PRO I 243 -11.18 19.87 -27.73
N GLY I 244 -12.41 19.89 -28.20
CA GLY I 244 -12.98 21.09 -28.78
C GLY I 244 -13.42 20.93 -30.21
N VAL I 245 -13.72 19.70 -30.63
CA VAL I 245 -14.20 19.46 -31.99
C VAL I 245 -15.69 19.13 -32.04
N GLY I 246 -16.32 18.85 -30.91
CA GLY I 246 -17.75 18.62 -30.88
C GLY I 246 -18.17 17.16 -30.96
N LYS I 247 -17.55 16.32 -30.13
CA LYS I 247 -17.81 14.89 -30.20
C LYS I 247 -19.13 14.52 -29.53
N THR I 248 -19.51 15.22 -28.46
CA THR I 248 -20.74 14.92 -27.75
C THR I 248 -21.96 15.38 -28.55
N GLN I 249 -21.83 16.51 -29.25
CA GLN I 249 -22.90 16.98 -30.12
C GLN I 249 -22.99 16.17 -31.42
N LEU I 250 -21.94 15.44 -31.78
CA LEU I 250 -22.02 14.55 -32.94
C LEU I 250 -22.82 13.29 -32.62
N VAL I 251 -22.68 12.76 -31.40
CA VAL I 251 -23.45 11.59 -30.99
C VAL I 251 -24.92 11.98 -30.78
N ARG I 252 -25.18 13.18 -30.26
CA ARG I 252 -26.54 13.64 -30.11
C ARG I 252 -27.19 14.03 -31.43
N ALA I 253 -26.41 14.31 -32.48
CA ALA I 253 -26.99 14.57 -33.78
C ALA I 253 -27.44 13.28 -34.47
N VAL I 254 -26.66 12.20 -34.33
CA VAL I 254 -27.02 10.96 -34.99
C VAL I 254 -28.08 10.20 -34.18
N ALA I 255 -28.16 10.44 -32.87
CA ALA I 255 -29.22 9.83 -32.07
C ALA I 255 -30.56 10.49 -32.31
N ARG I 256 -30.56 11.78 -32.61
CA ARG I 256 -31.80 12.48 -32.89
C ARG I 256 -32.33 12.14 -34.28
N GLU I 257 -31.44 12.07 -35.27
CA GLU I 257 -31.85 11.83 -36.64
C GLU I 257 -32.12 10.37 -36.95
N ALA I 258 -31.74 9.45 -36.08
CA ALA I 258 -32.15 8.06 -36.23
C ALA I 258 -33.25 7.67 -35.28
N GLY I 259 -33.30 8.26 -34.10
CA GLY I 259 -34.39 8.07 -33.17
C GLY I 259 -33.90 7.51 -31.84
N ALA I 260 -34.85 7.53 -30.88
CA ALA I 260 -34.81 6.93 -29.54
C ALA I 260 -33.75 7.47 -28.59
N GLU I 261 -33.84 7.04 -27.33
CA GLU I 261 -33.10 7.65 -26.24
C GLU I 261 -31.67 7.14 -26.19
N LEU I 262 -30.88 7.76 -25.32
CA LEU I 262 -29.51 7.34 -25.11
C LEU I 262 -29.10 7.70 -23.69
N LEU I 263 -28.13 6.96 -23.18
CA LEU I 263 -27.62 7.16 -21.82
C LEU I 263 -26.25 7.78 -21.92
N ALA I 264 -26.16 9.08 -21.60
CA ALA I 264 -24.89 9.78 -21.61
C ALA I 264 -24.26 9.56 -20.23
N VAL I 265 -23.52 8.47 -20.11
CA VAL I 265 -22.90 8.07 -18.85
C VAL I 265 -21.42 8.35 -18.93
N SER I 266 -20.89 9.05 -17.94
CA SER I 266 -19.51 9.49 -17.94
C SER I 266 -18.62 8.47 -17.23
N ALA I 267 -17.32 8.77 -17.18
CA ALA I 267 -16.37 7.85 -16.53
C ALA I 267 -16.45 7.84 -14.99
N PRO I 268 -16.26 8.95 -14.24
CA PRO I 268 -16.18 8.78 -12.79
C PRO I 268 -17.52 8.67 -12.08
N ALA I 269 -18.65 8.72 -12.80
CA ALA I 269 -19.91 8.28 -12.21
C ALA I 269 -19.97 6.76 -12.11
N LEU I 270 -19.20 6.06 -12.94
CA LEU I 270 -19.05 4.61 -12.90
C LEU I 270 -17.96 4.20 -11.92
N GLN I 271 -17.25 5.15 -11.33
CA GLN I 271 -16.20 4.86 -10.36
C GLN I 271 -16.81 4.40 -9.04
N GLY I 272 -16.14 3.44 -8.40
CA GLY I 272 -16.56 2.97 -7.10
C GLY I 272 -15.42 2.98 -6.10
N SER I 273 -15.73 3.39 -4.86
CA SER I 273 -14.69 3.58 -3.84
C SER I 273 -14.19 2.26 -3.27
N ARG I 274 -15.06 1.26 -3.14
CA ARG I 274 -14.66 0.00 -2.55
C ARG I 274 -14.48 -1.08 -3.61
N PRO I 275 -13.54 -2.02 -3.40
CA PRO I 275 -13.44 -3.16 -4.34
C PRO I 275 -14.59 -4.14 -4.16
N GLY I 276 -15.50 -4.16 -5.13
CA GLY I 276 -16.68 -4.98 -5.06
C GLY I 276 -17.94 -4.22 -5.45
N GLU I 277 -17.96 -2.92 -5.16
CA GLU I 277 -19.06 -2.07 -5.56
C GLU I 277 -18.91 -1.52 -6.97
N THR I 278 -17.76 -1.73 -7.61
CA THR I 278 -17.56 -1.31 -8.99
C THR I 278 -18.38 -2.14 -9.97
N GLU I 279 -18.65 -3.41 -9.64
CA GLU I 279 -19.56 -4.23 -10.42
C GLU I 279 -21.00 -3.75 -10.33
N GLU I 280 -21.36 -3.15 -9.18
CA GLU I 280 -22.70 -2.60 -8.99
C GLU I 280 -22.91 -1.35 -9.86
N ASN I 281 -21.83 -0.62 -10.16
CA ASN I 281 -21.88 0.49 -11.09
C ASN I 281 -22.17 0.01 -12.52
N VAL I 282 -21.57 -1.10 -12.92
CA VAL I 282 -21.77 -1.65 -14.25
C VAL I 282 -23.08 -2.44 -14.30
N ARG I 283 -23.60 -2.84 -13.17
CA ARG I 283 -24.87 -3.52 -13.24
C ARG I 283 -26.05 -2.56 -13.44
N ARG I 284 -26.03 -1.34 -12.90
CA ARG I 284 -27.19 -0.49 -13.17
C ARG I 284 -27.13 0.20 -14.53
N VAL I 285 -25.98 0.21 -15.21
CA VAL I 285 -25.91 0.95 -16.47
C VAL I 285 -26.22 -0.01 -17.62
N PHE I 286 -25.94 -1.30 -17.44
CA PHE I 286 -26.18 -2.27 -18.51
C PHE I 286 -27.54 -2.89 -18.45
N GLN I 287 -28.07 -3.15 -17.24
CA GLN I 287 -29.43 -3.67 -17.10
C GLN I 287 -30.48 -2.62 -17.42
N ARG I 288 -30.13 -1.33 -17.29
CA ARG I 288 -30.95 -0.28 -17.87
C ARG I 288 -30.98 -0.36 -19.38
N ALA I 289 -29.82 -0.65 -19.99
CA ALA I 289 -29.76 -0.81 -21.43
C ALA I 289 -30.33 -2.14 -21.91
N ARG I 290 -30.45 -3.13 -21.03
CA ARG I 290 -31.17 -4.35 -21.37
C ARG I 290 -32.66 -4.08 -21.50
N GLU I 291 -33.23 -3.38 -20.53
CA GLU I 291 -34.68 -3.21 -20.48
C GLU I 291 -35.20 -2.09 -21.37
N LEU I 292 -34.33 -1.19 -21.83
CA LEU I 292 -34.77 -0.10 -22.69
C LEU I 292 -34.54 -0.39 -24.17
N ALA I 293 -33.91 -1.51 -24.50
CA ALA I 293 -33.71 -1.91 -25.88
C ALA I 293 -34.73 -2.93 -26.36
N SER I 294 -35.67 -3.32 -25.48
CA SER I 294 -36.63 -4.36 -25.83
C SER I 294 -37.73 -3.86 -26.76
N ARG I 295 -38.14 -2.59 -26.60
CA ARG I 295 -39.22 -2.07 -27.41
C ARG I 295 -38.75 -1.61 -28.78
N GLY I 296 -37.81 -0.67 -28.83
CA GLY I 296 -37.35 -0.14 -30.08
C GLY I 296 -35.84 0.04 -30.12
N PRO I 297 -35.37 1.12 -30.73
CA PRO I 297 -33.93 1.38 -30.77
C PRO I 297 -33.40 1.87 -29.43
N SER I 298 -32.08 1.79 -29.29
CA SER I 298 -31.41 2.21 -28.07
C SER I 298 -29.95 2.54 -28.41
N LEU I 299 -29.32 3.30 -27.54
CA LEU I 299 -27.89 3.55 -27.67
C LEU I 299 -27.31 3.79 -26.28
N LEU I 300 -26.08 3.34 -26.08
CA LEU I 300 -25.36 3.52 -24.83
C LEU I 300 -24.06 4.25 -25.12
N PHE I 301 -23.81 5.34 -24.40
CA PHE I 301 -22.74 6.26 -24.71
C PHE I 301 -21.83 6.44 -23.50
N LEU I 302 -20.59 5.98 -23.63
CA LEU I 302 -19.57 6.12 -22.59
C LEU I 302 -18.64 7.26 -23.01
N ASP I 303 -18.45 8.26 -22.17
CA ASP I 303 -17.63 9.40 -22.55
C ASP I 303 -16.50 9.63 -21.58
N GLU I 304 -15.53 10.43 -21.98
CA GLU I 304 -14.40 10.74 -21.13
C GLU I 304 -13.80 9.49 -20.64
N MET I 305 -12.98 8.88 -21.48
CA MET I 305 -12.39 7.64 -21.09
C MET I 305 -10.96 7.93 -20.73
N ASP I 306 -10.37 8.92 -21.35
CA ASP I 306 -9.00 9.34 -21.10
C ASP I 306 -8.69 9.52 -19.62
N ALA I 307 -9.69 9.85 -18.80
CA ALA I 307 -9.52 9.90 -17.36
C ALA I 307 -9.90 8.60 -16.66
N LEU I 308 -10.22 7.55 -17.44
CA LEU I 308 -10.66 6.21 -16.99
C LEU I 308 -11.88 6.23 -16.08
N SER I 319 -10.20 2.14 -13.61
CA SER I 319 -9.38 1.04 -14.09
C SER I 319 -10.25 -0.14 -14.32
N ARG I 320 -10.51 -0.84 -13.25
CA ARG I 320 -11.30 -2.01 -13.37
C ARG I 320 -12.57 -1.59 -14.06
N VAL I 321 -12.90 -0.31 -14.01
CA VAL I 321 -14.06 0.13 -14.73
C VAL I 321 -13.90 -0.47 -16.09
N VAL I 322 -12.75 -0.23 -16.69
CA VAL I 322 -12.51 -0.77 -17.99
C VAL I 322 -12.68 -2.24 -17.85
N ALA I 323 -12.06 -2.80 -16.82
CA ALA I 323 -12.09 -4.24 -16.68
C ALA I 323 -13.52 -4.73 -16.56
N GLN I 324 -14.32 -4.09 -15.72
CA GLN I 324 -15.67 -4.57 -15.53
C GLN I 324 -16.41 -4.27 -16.79
N VAL I 325 -16.04 -3.18 -17.43
CA VAL I 325 -16.63 -2.88 -18.70
C VAL I 325 -16.28 -4.02 -19.57
N LEU I 326 -15.03 -4.42 -19.52
CA LEU I 326 -14.57 -5.46 -20.40
C LEU I 326 -15.32 -6.76 -20.28
N THR I 327 -15.37 -7.33 -19.09
CA THR I 327 -15.95 -8.66 -18.94
C THR I 327 -17.34 -8.78 -19.45
N LEU I 328 -18.07 -7.70 -19.40
CA LEU I 328 -19.48 -7.71 -19.75
C LEU I 328 -19.71 -7.13 -21.15
N LEU I 329 -18.68 -6.55 -21.76
CA LEU I 329 -18.75 -6.18 -23.18
C LEU I 329 -18.75 -7.42 -24.07
N ASP I 330 -18.05 -8.48 -23.66
CA ASP I 330 -18.16 -9.75 -24.36
C ASP I 330 -19.51 -10.43 -24.10
N GLY I 331 -20.13 -10.14 -22.95
CA GLY I 331 -21.43 -10.68 -22.64
C GLY I 331 -22.58 -10.00 -23.34
N ALA I 332 -22.34 -8.85 -23.96
CA ALA I 332 -23.34 -8.18 -24.78
C ALA I 332 -23.43 -8.75 -26.18
N SER I 333 -22.51 -9.63 -26.56
CA SER I 333 -22.52 -10.28 -27.87
C SER I 333 -23.26 -11.61 -27.87
N GLY I 334 -24.08 -11.87 -26.85
CA GLY I 334 -24.89 -13.06 -26.80
C GLY I 334 -26.32 -12.81 -27.24
N ASP I 335 -26.80 -11.58 -27.03
CA ASP I 335 -28.15 -11.20 -27.41
C ASP I 335 -28.19 -10.16 -28.53
N ARG I 336 -27.10 -9.40 -28.71
CA ARG I 336 -26.83 -8.51 -29.86
C ARG I 336 -27.86 -7.38 -29.97
N GLU I 337 -28.32 -6.85 -28.84
CA GLU I 337 -29.40 -5.89 -28.84
C GLU I 337 -29.01 -4.50 -28.34
N VAL I 338 -27.72 -4.22 -28.13
CA VAL I 338 -27.27 -2.89 -27.74
C VAL I 338 -26.20 -2.44 -28.71
N VAL I 339 -26.02 -1.12 -28.79
CA VAL I 339 -24.88 -0.52 -29.48
C VAL I 339 -24.12 0.34 -28.48
N VAL I 340 -22.79 0.26 -28.54
CA VAL I 340 -21.92 0.97 -27.62
C VAL I 340 -21.14 2.00 -28.40
N VAL I 341 -21.30 3.27 -28.05
CA VAL I 341 -20.56 4.36 -28.69
C VAL I 341 -19.65 4.96 -27.64
N GLY I 342 -18.36 5.03 -27.94
CA GLY I 342 -17.38 5.56 -27.01
C GLY I 342 -16.67 6.79 -27.56
N ALA I 343 -16.09 7.57 -26.66
CA ALA I 343 -15.40 8.79 -27.04
C ALA I 343 -14.16 8.95 -26.18
N THR I 344 -13.06 9.37 -26.79
CA THR I 344 -11.84 9.66 -26.05
C THR I 344 -11.15 10.88 -26.64
N ASN I 345 -10.47 11.62 -25.75
CA ASN I 345 -9.73 12.81 -26.16
C ASN I 345 -8.32 12.46 -26.55
N ARG I 346 -7.71 11.53 -25.84
CA ARG I 346 -6.41 11.03 -26.21
C ARG I 346 -6.57 9.60 -26.69
N PRO I 347 -6.54 9.35 -28.00
CA PRO I 347 -6.65 7.97 -28.49
C PRO I 347 -5.41 7.13 -28.25
N ASP I 348 -4.27 7.73 -27.94
CA ASP I 348 -3.09 6.97 -27.53
C ASP I 348 -3.00 6.84 -26.01
N ALA I 349 -4.11 6.48 -25.39
CA ALA I 349 -4.17 6.10 -23.98
C ALA I 349 -5.32 5.12 -23.84
N LEU I 350 -5.01 3.84 -24.00
CA LEU I 350 -6.01 2.78 -24.06
C LEU I 350 -5.31 1.48 -23.72
N ASP I 351 -5.97 0.37 -24.00
CA ASP I 351 -5.37 -0.94 -23.89
C ASP I 351 -5.55 -1.68 -25.21
N PRO I 352 -4.63 -2.57 -25.57
CA PRO I 352 -4.80 -3.37 -26.80
C PRO I 352 -5.79 -4.53 -26.68
N ALA I 353 -6.40 -4.73 -25.51
CA ALA I 353 -7.42 -5.76 -25.35
C ALA I 353 -8.77 -5.37 -25.93
N LEU I 354 -8.97 -4.11 -26.29
CA LEU I 354 -10.21 -3.66 -26.91
C LEU I 354 -10.25 -3.86 -28.42
N ARG I 355 -9.20 -4.42 -29.01
CA ARG I 355 -9.11 -4.54 -30.45
C ARG I 355 -9.50 -5.92 -30.98
N ARG I 356 -9.96 -6.82 -30.10
CA ARG I 356 -10.53 -8.11 -30.45
C ARG I 356 -11.92 -7.86 -31.05
N PRO I 357 -12.40 -8.71 -31.97
CA PRO I 357 -13.70 -8.43 -32.62
C PRO I 357 -14.91 -8.61 -31.70
N GLY I 358 -15.89 -7.72 -31.89
CA GLY I 358 -17.01 -7.55 -30.99
C GLY I 358 -16.81 -6.41 -30.01
N ARG I 359 -15.57 -6.02 -29.79
CA ARG I 359 -15.18 -4.90 -28.96
C ARG I 359 -15.03 -3.69 -29.88
N PHE I 360 -14.33 -2.64 -29.44
CA PHE I 360 -14.14 -1.44 -30.25
C PHE I 360 -13.16 -1.68 -31.40
N ASP I 361 -13.69 -1.94 -32.60
CA ASP I 361 -12.86 -1.94 -33.80
C ASP I 361 -13.23 -0.87 -34.81
N ARG I 362 -14.50 -0.51 -34.93
CA ARG I 362 -14.91 0.52 -35.89
C ARG I 362 -14.58 1.87 -35.28
N GLU I 363 -13.48 2.46 -35.71
CA GLU I 363 -12.92 3.63 -35.05
C GLU I 363 -12.96 4.82 -36.01
N VAL I 364 -13.67 5.87 -35.62
CA VAL I 364 -13.91 7.03 -36.46
C VAL I 364 -13.12 8.20 -35.89
N VAL I 365 -12.29 8.82 -36.71
CA VAL I 365 -11.34 9.83 -36.26
C VAL I 365 -11.71 11.18 -36.88
N ILE I 366 -11.90 12.19 -36.04
CA ILE I 366 -12.06 13.57 -36.47
C ILE I 366 -10.91 14.40 -35.90
N GLY I 367 -10.58 15.47 -36.61
CA GLY I 367 -9.41 16.25 -36.23
C GLY I 367 -9.66 17.74 -36.27
N THR I 368 -8.60 18.53 -36.36
CA THR I 368 -8.76 19.97 -36.46
C THR I 368 -9.23 20.35 -37.86
N PRO I 369 -10.15 21.33 -37.99
CA PRO I 369 -10.61 21.71 -39.33
C PRO I 369 -9.55 22.49 -40.09
N THR I 370 -9.45 22.21 -41.39
CA THR I 370 -8.24 22.58 -42.11
C THR I 370 -8.24 24.03 -42.54
N LEU I 371 -8.99 24.36 -43.60
CA LEU I 371 -9.49 25.71 -43.82
C LEU I 371 -10.86 25.73 -44.47
N LYS I 372 -11.24 24.68 -45.19
CA LYS I 372 -12.41 24.72 -46.06
C LYS I 372 -13.68 24.57 -45.24
N GLN I 373 -13.70 23.63 -44.31
CA GLN I 373 -14.82 23.50 -43.39
C GLN I 373 -14.65 24.34 -42.13
N ARG I 374 -13.53 25.04 -41.98
CA ARG I 374 -13.49 26.15 -41.04
C ARG I 374 -14.33 27.33 -41.54
N LYS I 375 -14.35 27.54 -42.86
CA LYS I 375 -15.27 28.48 -43.47
C LYS I 375 -16.73 28.03 -43.30
N GLU I 376 -16.99 26.73 -43.41
CA GLU I 376 -18.32 26.20 -43.21
C GLU I 376 -18.75 26.24 -41.74
N ILE I 377 -17.81 26.24 -40.80
CA ILE I 377 -18.14 26.45 -39.40
C ILE I 377 -18.61 27.89 -39.17
N LEU I 378 -17.88 28.84 -39.75
CA LEU I 378 -18.15 30.26 -39.52
C LEU I 378 -19.37 30.76 -40.29
N GLN I 379 -19.82 30.06 -41.31
CA GLN I 379 -21.00 30.50 -42.03
C GLN I 379 -22.30 29.97 -41.43
N VAL I 380 -22.23 29.09 -40.44
CA VAL I 380 -23.41 28.54 -39.78
C VAL I 380 -23.73 29.30 -38.50
N ILE I 381 -22.71 29.61 -37.70
CA ILE I 381 -22.90 30.37 -36.45
C ILE I 381 -23.29 31.81 -36.75
N THR I 382 -22.68 32.41 -37.77
CA THR I 382 -22.91 33.82 -38.04
C THR I 382 -24.18 34.11 -38.82
N SER I 383 -24.94 33.09 -39.23
CA SER I 383 -26.20 33.34 -39.89
C SER I 383 -27.29 33.81 -38.94
N LYS I 384 -27.17 33.45 -37.65
CA LYS I 384 -28.16 33.86 -36.66
C LYS I 384 -27.93 35.27 -36.14
N MET I 385 -26.68 35.66 -35.98
CA MET I 385 -26.28 36.99 -35.57
C MET I 385 -26.46 37.98 -36.72
N PRO I 386 -26.82 39.25 -36.44
CA PRO I 386 -26.94 40.23 -37.53
C PRO I 386 -25.60 40.86 -37.88
N ILE I 387 -25.09 40.55 -39.06
CA ILE I 387 -23.87 41.14 -39.59
C ILE I 387 -24.25 41.89 -40.87
N SER I 388 -23.78 43.13 -40.98
CA SER I 388 -23.93 43.90 -42.21
C SER I 388 -23.12 43.29 -43.34
N SER I 389 -23.55 43.55 -44.57
CA SER I 389 -22.99 42.89 -45.76
C SER I 389 -21.77 43.63 -46.31
N HIS I 390 -20.77 43.85 -45.45
CA HIS I 390 -19.47 44.37 -45.87
C HIS I 390 -18.34 43.65 -45.15
N VAL I 391 -18.64 42.60 -44.40
CA VAL I 391 -17.66 41.88 -43.60
C VAL I 391 -17.28 40.62 -44.37
N ASP I 392 -15.99 40.47 -44.68
CA ASP I 392 -15.52 39.31 -45.42
C ASP I 392 -15.27 38.15 -44.46
N LEU I 393 -15.97 37.04 -44.67
CA LEU I 393 -15.68 35.82 -43.93
C LEU I 393 -14.43 35.13 -44.45
N GLY I 394 -14.03 35.42 -45.69
CA GLY I 394 -12.81 34.86 -46.25
C GLY I 394 -11.55 35.44 -45.67
N LEU I 395 -11.61 36.65 -45.12
CA LEU I 395 -10.45 37.19 -44.42
C LEU I 395 -10.22 36.49 -43.09
N LEU I 396 -11.28 36.05 -42.43
CA LEU I 396 -11.18 35.39 -41.14
C LEU I 396 -10.86 33.91 -41.26
N ALA I 397 -10.79 33.36 -42.47
CA ALA I 397 -10.48 31.94 -42.62
C ALA I 397 -8.98 31.69 -42.40
N GLU I 398 -8.14 32.29 -43.24
CA GLU I 398 -6.71 32.04 -43.17
C GLU I 398 -6.01 32.80 -42.07
N MET I 399 -6.66 33.78 -41.50
CA MET I 399 -6.09 34.52 -40.42
C MET I 399 -6.17 33.70 -39.19
N THR I 400 -7.29 33.01 -39.04
CA THR I 400 -7.54 32.14 -37.89
C THR I 400 -7.04 30.74 -38.23
N VAL I 401 -5.80 30.43 -37.84
CA VAL I 401 -5.24 29.09 -37.99
C VAL I 401 -4.79 28.57 -36.64
N GLY I 402 -4.84 27.26 -36.48
CA GLY I 402 -4.56 26.64 -35.21
C GLY I 402 -5.72 26.57 -34.24
N TYR I 403 -6.93 26.91 -34.68
CA TYR I 403 -8.07 26.97 -33.78
C TYR I 403 -8.89 25.70 -33.88
N VAL I 404 -9.36 25.22 -32.73
CA VAL I 404 -10.36 24.16 -32.70
C VAL I 404 -11.73 24.81 -32.87
N GLY I 405 -12.77 23.99 -33.10
CA GLY I 405 -14.09 24.51 -33.37
C GLY I 405 -14.79 25.15 -32.20
N ALA I 406 -14.41 24.78 -30.97
CA ALA I 406 -15.01 25.41 -29.81
C ALA I 406 -14.47 26.82 -29.58
N ASP I 407 -13.21 27.07 -29.94
CA ASP I 407 -12.65 28.41 -29.80
C ASP I 407 -13.18 29.38 -30.85
N LEU I 408 -13.62 28.85 -31.99
CA LEU I 408 -14.26 29.68 -33.01
C LEU I 408 -15.65 30.16 -32.58
N THR I 409 -16.35 29.35 -31.77
CA THR I 409 -17.63 29.75 -31.21
C THR I 409 -17.46 30.87 -30.20
N ALA I 410 -16.40 30.81 -29.38
CA ALA I 410 -16.11 31.86 -28.41
C ALA I 410 -15.63 33.15 -29.07
N LEU I 411 -15.05 33.06 -30.27
CA LEU I 411 -14.68 34.26 -31.01
C LEU I 411 -15.90 35.02 -31.50
N CYS I 412 -16.96 34.30 -31.85
CA CYS I 412 -18.19 34.93 -32.29
C CYS I 412 -19.00 35.51 -31.13
N ARG I 413 -18.88 34.95 -29.91
CA ARG I 413 -19.50 35.56 -28.75
C ARG I 413 -18.71 36.74 -28.22
N GLU I 414 -17.38 36.71 -28.31
CA GLU I 414 -16.56 37.81 -27.81
C GLU I 414 -16.63 39.02 -28.73
N ALA I 415 -16.81 38.79 -30.04
CA ALA I 415 -16.90 39.91 -30.97
C ALA I 415 -18.22 40.63 -30.86
N ALA I 416 -19.29 39.92 -30.53
CA ALA I 416 -20.59 40.58 -30.39
C ALA I 416 -20.76 41.26 -29.03
N MET I 417 -19.95 40.92 -28.02
CA MET I 417 -19.91 41.80 -26.86
C MET I 417 -19.12 43.07 -27.11
N HIS I 418 -18.15 43.05 -28.03
CA HIS I 418 -17.45 44.28 -28.38
C HIS I 418 -18.33 45.22 -29.19
N ALA I 419 -19.27 44.71 -29.96
CA ALA I 419 -20.22 45.57 -30.66
C ALA I 419 -21.43 45.93 -29.80
N LEU I 420 -21.41 45.58 -28.52
CA LEU I 420 -22.43 45.94 -27.56
C LEU I 420 -21.89 46.73 -26.37
N LEU I 421 -20.68 46.42 -25.90
CA LEU I 421 -20.03 47.28 -24.92
C LEU I 421 -19.62 48.61 -25.53
N HIS I 422 -19.08 48.58 -26.75
CA HIS I 422 -18.63 49.79 -27.44
C HIS I 422 -19.65 50.24 -28.47
N SER I 423 -20.89 49.99 -28.17
CA SER I 423 -21.88 50.32 -29.14
C SER I 423 -22.31 51.69 -28.93
N GLU I 424 -23.51 51.85 -28.42
CA GLU I 424 -24.05 53.17 -28.19
C GLU I 424 -25.48 53.02 -27.79
N LYS I 425 -26.30 54.03 -28.04
CA LYS I 425 -27.72 53.90 -27.76
C LYS I 425 -28.22 52.75 -28.60
N ASN I 426 -27.58 52.52 -29.75
CA ASN I 426 -27.96 51.43 -30.62
C ASN I 426 -29.43 51.52 -31.01
N GLN I 427 -29.92 52.75 -31.13
CA GLN I 427 -31.31 52.95 -31.52
C GLN I 427 -31.54 52.31 -32.86
N ASP I 428 -30.64 52.56 -33.80
CA ASP I 428 -30.75 51.93 -35.11
C ASP I 428 -30.38 50.47 -34.96
N ASN I 429 -31.01 49.62 -35.74
CA ASN I 429 -30.74 48.18 -35.63
C ASN I 429 -29.24 47.88 -35.61
N PRO I 430 -28.78 46.92 -34.80
CA PRO I 430 -27.34 46.73 -34.62
C PRO I 430 -26.72 45.87 -35.70
N VAL I 431 -25.47 46.17 -36.01
CA VAL I 431 -24.63 45.39 -36.90
C VAL I 431 -23.32 45.09 -36.17
N ILE I 432 -22.57 44.13 -36.70
CA ILE I 432 -21.22 43.82 -36.23
C ILE I 432 -20.26 44.26 -37.32
N ASP I 433 -19.18 44.94 -36.92
CA ASP I 433 -18.21 45.48 -37.86
C ASP I 433 -17.01 44.56 -37.92
N GLU I 434 -16.16 44.77 -38.95
CA GLU I 434 -14.89 44.06 -39.07
C GLU I 434 -13.91 44.45 -37.95
N ILE I 435 -14.01 45.67 -37.43
CA ILE I 435 -13.16 46.13 -36.34
C ILE I 435 -13.52 45.44 -35.01
N ASP I 436 -14.74 44.91 -34.89
CA ASP I 436 -15.10 44.14 -33.71
C ASP I 436 -14.45 42.76 -33.71
N PHE I 437 -14.35 42.13 -34.88
CA PHE I 437 -13.71 40.81 -34.98
C PHE I 437 -12.20 40.89 -34.83
N LEU I 438 -11.60 42.05 -35.11
CA LEU I 438 -10.15 42.19 -35.00
C LEU I 438 -9.71 42.26 -33.55
N GLU I 439 -10.48 42.95 -32.70
CA GLU I 439 -10.13 43.03 -31.30
C GLU I 439 -10.57 41.79 -30.53
N ALA I 440 -11.47 40.98 -31.09
CA ALA I 440 -11.82 39.72 -30.47
C ALA I 440 -10.77 38.65 -30.67
N PHE I 441 -9.97 38.73 -31.74
CA PHE I 441 -8.94 37.75 -32.03
C PHE I 441 -7.78 37.84 -31.04
N LYS I 442 -7.56 39.01 -30.46
CA LYS I 442 -6.51 39.17 -29.48
C LYS I 442 -6.85 38.52 -28.15
N ASN I 443 -8.07 38.70 -27.67
CA ASN I 443 -8.42 38.29 -26.32
C ASN I 443 -8.77 36.82 -26.22
N ILE I 444 -8.89 36.10 -27.34
CA ILE I 444 -9.16 34.67 -27.33
C ILE I 444 -7.84 33.95 -27.56
N GLN I 445 -7.41 33.10 -26.67
CA GLN I 445 -6.19 32.32 -26.86
C GLN I 445 -6.43 30.93 -27.40
N PRO I 446 -5.67 30.55 -28.39
CA PRO I 446 -5.98 29.27 -29.00
C PRO I 446 -5.50 28.08 -28.20
N SER I 447 -5.99 26.90 -28.49
CA SER I 447 -5.76 25.69 -27.71
C SER I 447 -4.29 25.32 -27.69
N SER I 448 -4.01 24.09 -27.22
CA SER I 448 -2.65 23.56 -27.30
C SER I 448 -2.25 23.31 -28.75
N PHE I 449 -3.22 22.90 -29.58
CA PHE I 449 -3.12 22.59 -31.00
C PHE I 449 -2.04 21.55 -31.27
N ARG I 450 -2.36 20.28 -31.02
CA ARG I 450 -1.40 19.20 -31.22
C ARG I 450 -1.35 18.68 -32.66
N SER I 451 -2.21 17.73 -33.00
CA SER I 451 -2.18 17.14 -34.33
C SER I 451 -0.80 16.61 -34.60
N VAL I 452 -0.44 15.51 -33.95
CA VAL I 452 0.90 14.99 -34.09
C VAL I 452 1.26 14.74 -35.53
N ILE I 453 0.40 14.02 -36.23
CA ILE I 453 0.72 13.71 -37.58
C ILE I 453 -0.60 13.54 -38.19
N GLY I 454 -0.88 14.39 -39.13
CA GLY I 454 -2.23 14.34 -39.66
C GLY I 454 -2.26 14.26 -41.16
N LEU I 455 -3.47 14.06 -41.69
CA LEU I 455 -3.74 14.23 -43.10
C LEU I 455 -3.60 15.72 -43.40
N MET I 456 -2.50 16.12 -44.02
CA MET I 456 -2.13 17.52 -43.98
C MET I 456 -2.87 18.35 -45.02
N ASP I 457 -2.89 19.66 -44.74
CA ASP I 457 -3.53 20.67 -45.56
C ASP I 457 -2.46 21.59 -46.15
N ILE I 458 -1.39 20.97 -46.65
CA ILE I 458 -0.25 21.67 -47.22
C ILE I 458 -0.64 22.35 -48.53
N LYS I 459 0.15 23.34 -48.91
CA LYS I 459 -0.08 24.05 -50.14
C LYS I 459 0.32 23.19 -51.33
N PRO I 460 -0.36 23.33 -52.47
CA PRO I 460 0.08 22.61 -53.67
C PRO I 460 1.38 23.15 -54.23
N VAL I 461 2.29 22.23 -54.54
CA VAL I 461 3.60 22.56 -55.09
C VAL I 461 3.69 21.93 -56.47
N ASP I 462 3.89 22.76 -57.49
CA ASP I 462 4.06 22.29 -58.86
C ASP I 462 5.44 21.68 -59.06
N TRP I 463 5.61 20.95 -60.16
CA TRP I 463 6.93 20.42 -60.51
C TRP I 463 7.86 21.51 -61.02
N GLU I 464 7.32 22.61 -61.54
CA GLU I 464 8.15 23.68 -62.10
C GLU I 464 8.65 24.66 -61.06
N GLU I 465 8.29 24.49 -59.79
CA GLU I 465 8.85 25.33 -58.74
C GLU I 465 10.27 24.95 -58.36
N ILE I 466 10.70 23.73 -58.69
CA ILE I 466 12.01 23.23 -58.34
C ILE I 466 12.85 23.20 -59.61
N GLY I 467 13.87 24.04 -59.67
CA GLY I 467 14.70 24.11 -60.86
C GLY I 467 15.83 23.09 -60.82
N GLY I 468 16.17 22.56 -61.99
CA GLY I 468 17.14 21.49 -62.06
C GLY I 468 16.52 20.19 -61.59
N LEU I 469 17.42 19.26 -61.21
CA LEU I 469 17.11 17.94 -60.64
C LEU I 469 16.24 17.10 -61.56
N GLU I 470 16.59 17.07 -62.84
CA GLU I 470 15.77 16.38 -63.85
C GLU I 470 15.83 14.87 -63.74
N ASP I 471 16.97 14.33 -63.32
CA ASP I 471 17.10 12.88 -63.18
C ASP I 471 16.42 12.35 -61.92
N VAL I 472 16.42 13.13 -60.84
CA VAL I 472 15.78 12.70 -59.60
C VAL I 472 14.26 12.75 -59.72
N LYS I 473 13.75 13.71 -60.50
CA LYS I 473 12.32 13.79 -60.74
C LYS I 473 11.84 12.67 -61.66
N LEU I 474 12.73 12.15 -62.52
CA LEU I 474 12.41 10.98 -63.32
C LEU I 474 12.42 9.70 -62.49
N LYS I 475 13.32 9.60 -61.51
CA LYS I 475 13.42 8.40 -60.68
C LYS I 475 12.29 8.30 -59.66
N LEU I 476 11.83 9.44 -59.13
CA LEU I 476 10.74 9.41 -58.16
C LEU I 476 9.39 9.14 -58.82
N LYS I 477 9.27 9.44 -60.11
CA LYS I 477 8.04 9.12 -60.84
C LYS I 477 7.92 7.62 -61.08
N GLN I 478 9.04 6.95 -61.33
CA GLN I 478 9.01 5.55 -61.71
C GLN I 478 8.86 4.60 -60.53
N SER I 479 8.92 5.09 -59.31
CA SER I 479 8.89 4.22 -58.14
C SER I 479 7.68 4.41 -57.24
N ILE I 480 7.15 5.62 -57.12
CA ILE I 480 6.05 5.90 -56.20
C ILE I 480 4.75 6.21 -56.92
N GLU I 481 4.78 7.13 -57.88
CA GLU I 481 3.57 7.63 -58.52
C GLU I 481 2.97 6.63 -59.49
N TRP I 482 3.80 5.94 -60.25
CA TRP I 482 3.35 4.94 -61.21
C TRP I 482 2.74 3.65 -60.65
N PRO I 483 3.11 3.13 -59.42
CA PRO I 483 2.20 2.12 -58.83
C PRO I 483 0.83 2.62 -58.38
N LEU I 484 0.71 3.81 -57.80
CA LEU I 484 -0.59 4.25 -57.27
C LEU I 484 -1.46 4.95 -58.30
N LYS I 485 -0.97 5.19 -59.50
CA LYS I 485 -1.83 5.83 -60.49
C LYS I 485 -2.16 4.81 -61.57
N PHE I 486 -1.16 4.04 -61.97
CA PHE I 486 -1.27 3.12 -63.11
C PHE I 486 -0.84 1.73 -62.68
N PRO I 487 -1.65 1.04 -61.87
CA PRO I 487 -1.15 -0.17 -61.19
C PRO I 487 -1.06 -1.41 -62.07
N TRP I 488 -2.08 -1.70 -62.89
CA TRP I 488 -2.13 -2.97 -63.61
C TRP I 488 -1.16 -3.00 -64.78
N GLU I 489 -0.84 -1.83 -65.34
CA GLU I 489 0.15 -1.76 -66.41
C GLU I 489 1.57 -2.03 -65.89
N PHE I 490 1.82 -1.74 -64.61
CA PHE I 490 3.12 -1.96 -64.00
C PHE I 490 3.39 -3.44 -63.76
N VAL I 491 2.37 -4.19 -63.33
CA VAL I 491 2.56 -5.60 -62.97
C VAL I 491 2.60 -6.47 -64.22
N ARG I 492 1.93 -6.04 -65.29
CA ARG I 492 1.90 -6.79 -66.55
C ARG I 492 3.26 -6.75 -67.26
N MET I 493 4.01 -5.67 -67.10
CA MET I 493 5.34 -5.59 -67.69
C MET I 493 6.39 -6.31 -66.86
N GLY I 494 6.07 -6.71 -65.63
CA GLY I 494 6.98 -7.52 -64.85
C GLY I 494 8.00 -6.71 -64.09
N LEU I 495 7.54 -5.75 -63.31
CA LEU I 495 8.42 -4.91 -62.52
C LEU I 495 8.03 -5.01 -61.05
N THR I 496 9.02 -5.08 -60.19
CA THR I 496 8.76 -5.16 -58.75
C THR I 496 8.51 -3.77 -58.18
N GLN I 497 7.96 -3.75 -56.98
CA GLN I 497 7.56 -2.52 -56.33
C GLN I 497 8.44 -2.30 -55.10
N PRO I 498 9.25 -1.25 -55.06
CA PRO I 498 10.12 -1.04 -53.90
C PRO I 498 9.33 -0.51 -52.71
N LYS I 499 9.58 -1.11 -51.54
CA LYS I 499 8.75 -0.88 -50.37
C LYS I 499 9.44 -0.01 -49.32
N GLY I 500 10.33 0.87 -49.76
CA GLY I 500 10.84 1.94 -48.93
C GLY I 500 11.85 2.78 -49.70
N VAL I 501 11.71 4.09 -49.66
CA VAL I 501 12.60 5.01 -50.36
C VAL I 501 13.21 5.93 -49.31
N LEU I 502 14.53 5.94 -49.23
CA LEU I 502 15.25 6.78 -48.28
C LEU I 502 16.04 7.83 -49.06
N LEU I 503 15.83 9.09 -48.69
CA LEU I 503 16.51 10.21 -49.33
C LEU I 503 17.52 10.79 -48.36
N TYR I 504 18.73 11.07 -48.85
CA TYR I 504 19.74 11.70 -48.03
C TYR I 504 20.50 12.73 -48.86
N GLY I 505 20.92 13.80 -48.18
CA GLY I 505 21.61 14.89 -48.85
C GLY I 505 22.02 15.99 -47.89
N PRO I 506 22.64 17.05 -48.41
CA PRO I 506 23.00 18.18 -47.56
C PRO I 506 21.77 18.98 -47.18
N PRO I 507 21.79 19.66 -46.02
CA PRO I 507 20.59 20.37 -45.56
C PRO I 507 20.35 21.67 -46.32
N GLY I 508 19.25 21.70 -47.06
CA GLY I 508 18.92 22.85 -47.89
C GLY I 508 18.94 22.52 -49.36
N CYS I 509 18.65 21.27 -49.71
CA CYS I 509 18.66 20.83 -51.10
C CYS I 509 17.38 20.08 -51.46
N ALA I 510 16.23 20.64 -51.04
CA ALA I 510 14.90 20.41 -51.61
C ALA I 510 14.36 19.00 -51.39
N LYS I 511 14.61 18.40 -50.23
CA LYS I 511 14.08 17.06 -50.00
C LYS I 511 12.61 17.08 -49.60
N THR I 512 12.22 18.01 -48.72
CA THR I 512 10.85 18.09 -48.24
C THR I 512 9.91 18.63 -49.32
N THR I 513 10.44 19.43 -50.25
CA THR I 513 9.63 19.95 -51.35
C THR I 513 9.32 18.88 -52.40
N LEU I 514 10.25 17.94 -52.66
CA LEU I 514 9.99 16.86 -53.62
C LEU I 514 8.97 15.85 -53.12
N VAL I 515 8.89 15.64 -51.81
CA VAL I 515 7.84 14.78 -51.26
C VAL I 515 6.49 15.46 -51.37
N ARG I 516 6.44 16.77 -51.13
CA ARG I 516 5.18 17.50 -51.21
C ARG I 516 4.75 17.73 -52.65
N ALA I 517 5.70 17.77 -53.58
CA ALA I 517 5.34 17.82 -55.00
C ALA I 517 4.85 16.46 -55.50
N LEU I 518 5.29 15.38 -54.85
CA LEU I 518 4.83 14.05 -55.19
C LEU I 518 3.40 13.80 -54.71
N ALA I 519 3.02 14.36 -53.56
CA ALA I 519 1.67 14.17 -53.06
C ALA I 519 0.65 15.01 -53.82
N THR I 520 1.09 16.08 -54.49
CA THR I 520 0.18 16.85 -55.34
C THR I 520 -0.13 16.10 -56.63
N SER I 521 0.88 15.51 -57.26
CA SER I 521 0.70 14.83 -58.54
C SER I 521 0.03 13.47 -58.42
N CYS I 522 0.11 12.80 -57.26
CA CYS I 522 -0.56 11.51 -57.13
C CYS I 522 -2.06 11.64 -56.89
N HIS I 523 -2.50 12.81 -56.37
CA HIS I 523 -3.85 13.09 -55.85
C HIS I 523 -4.30 12.06 -54.81
N CYS I 524 -3.39 11.69 -53.90
CA CYS I 524 -3.72 10.67 -52.92
C CYS I 524 -3.52 11.17 -51.50
N SER I 525 -3.67 10.28 -50.53
CA SER I 525 -3.58 10.65 -49.13
C SER I 525 -2.13 10.88 -48.72
N PHE I 526 -1.94 11.67 -47.68
CA PHE I 526 -0.62 12.10 -47.25
C PHE I 526 -0.61 12.23 -45.74
N VAL I 527 0.13 11.36 -45.07
CA VAL I 527 0.33 11.42 -43.62
C VAL I 527 1.82 11.65 -43.40
N SER I 528 2.19 12.78 -42.80
CA SER I 528 3.59 13.18 -42.74
C SER I 528 4.05 13.27 -41.28
N VAL I 529 4.96 12.39 -40.90
CA VAL I 529 5.59 12.40 -39.60
C VAL I 529 6.75 13.39 -39.64
N SER I 530 6.75 14.36 -38.73
CA SER I 530 7.90 15.23 -38.56
C SER I 530 8.62 14.88 -37.26
N GLY I 531 9.94 15.06 -37.27
CA GLY I 531 10.76 14.63 -36.15
C GLY I 531 10.66 15.48 -34.90
N ALA I 532 10.45 16.79 -35.08
CA ALA I 532 10.39 17.68 -33.93
C ALA I 532 9.07 17.60 -33.18
N ASP I 533 8.03 17.06 -33.81
CA ASP I 533 6.74 16.92 -33.16
C ASP I 533 6.65 15.71 -32.24
N LEU I 534 7.61 14.79 -32.32
CA LEU I 534 7.56 13.58 -31.52
C LEU I 534 7.90 13.83 -30.06
N PHE I 535 8.92 14.65 -29.80
CA PHE I 535 9.35 14.91 -28.43
C PHE I 535 8.76 16.19 -27.87
N SER I 536 7.80 16.79 -28.56
CA SER I 536 7.13 17.98 -28.04
C SER I 536 6.18 17.60 -26.91
N PRO I 537 6.21 18.32 -25.77
CA PRO I 537 5.30 18.02 -24.65
C PRO I 537 3.85 18.42 -24.94
N GLY I 540 8.10 8.79 -23.44
CA GLY I 540 7.52 7.50 -23.12
C GLY I 540 6.23 7.22 -23.88
N ASP I 541 5.76 8.18 -24.65
CA ASP I 541 4.58 7.94 -25.44
C ASP I 541 4.90 8.01 -26.91
N SER I 542 6.16 7.92 -27.26
CA SER I 542 6.51 7.93 -28.66
C SER I 542 6.06 6.67 -29.34
N GLU I 543 6.07 5.55 -28.64
CA GLU I 543 5.74 4.32 -29.31
C GLU I 543 4.26 4.22 -29.56
N LYS I 544 3.47 4.84 -28.72
CA LYS I 544 2.05 4.82 -28.95
C LYS I 544 1.66 5.76 -30.05
N VAL I 545 2.41 6.83 -30.22
CA VAL I 545 2.14 7.76 -31.31
C VAL I 545 2.62 7.19 -32.64
N LEU I 546 3.61 6.32 -32.61
CA LEU I 546 4.02 5.71 -33.85
C LEU I 546 3.07 4.59 -34.26
N SER I 547 2.43 3.93 -33.31
CA SER I 547 1.48 2.88 -33.68
C SER I 547 0.19 3.44 -34.26
N GLN I 548 -0.19 4.67 -33.85
CA GLN I 548 -1.41 5.31 -34.32
C GLN I 548 -1.32 5.75 -35.78
N ILE I 549 -0.13 6.15 -36.21
CA ILE I 549 0.04 6.73 -37.53
C ILE I 549 0.06 5.65 -38.60
N PHE I 550 0.55 4.46 -38.25
CA PHE I 550 0.40 3.32 -39.15
C PHE I 550 -1.05 2.85 -39.24
N ARG I 551 -1.83 3.02 -38.17
CA ARG I 551 -3.26 2.70 -38.24
C ARG I 551 -4.04 3.73 -39.04
N GLN I 552 -3.62 4.99 -38.99
CA GLN I 552 -4.29 6.02 -39.77
C GLN I 552 -3.95 5.91 -41.25
N ALA I 553 -2.74 5.46 -41.59
CA ALA I 553 -2.39 5.25 -42.98
C ALA I 553 -3.01 3.99 -43.56
N ARG I 554 -3.39 3.05 -42.73
CA ARG I 554 -4.02 1.81 -43.18
C ARG I 554 -5.53 1.91 -43.28
N ALA I 555 -6.12 3.08 -43.04
CA ALA I 555 -7.56 3.20 -42.95
C ALA I 555 -8.18 3.30 -44.34
N SER I 556 -8.21 2.14 -45.03
CA SER I 556 -8.96 1.86 -46.27
C SER I 556 -8.56 2.75 -47.45
N THR I 557 -7.29 3.15 -47.51
CA THR I 557 -6.85 4.12 -48.50
C THR I 557 -5.61 3.66 -49.25
N PRO I 558 -5.39 4.16 -50.48
CA PRO I 558 -4.03 4.17 -51.06
C PRO I 558 -3.23 5.33 -50.52
N ALA I 559 -2.25 5.06 -49.65
CA ALA I 559 -1.69 6.10 -48.79
C ALA I 559 -0.18 6.23 -48.97
N ILE I 560 0.31 7.45 -48.73
CA ILE I 560 1.73 7.77 -48.76
C ILE I 560 2.10 8.24 -47.35
N LEU I 561 3.11 7.62 -46.77
CA LEU I 561 3.56 7.97 -45.42
C LEU I 561 4.97 8.53 -45.53
N PHE I 562 5.20 9.66 -44.87
CA PHE I 562 6.48 10.37 -44.95
C PHE I 562 7.06 10.52 -43.55
N LEU I 563 8.14 9.81 -43.27
CA LEU I 563 8.89 9.90 -42.02
C LEU I 563 10.04 10.86 -42.23
N ASP I 564 9.84 12.12 -41.86
CA ASP I 564 10.88 13.11 -42.02
C ASP I 564 11.71 13.19 -40.75
N GLU I 565 13.04 13.21 -40.93
CA GLU I 565 14.07 13.30 -39.88
C GLU I 565 13.97 12.13 -38.90
N ILE I 566 14.34 10.94 -39.40
CA ILE I 566 14.33 9.70 -38.62
C ILE I 566 15.32 9.76 -37.45
N ASP I 567 16.44 10.48 -37.63
CA ASP I 567 17.48 10.62 -36.60
C ASP I 567 17.03 11.39 -35.36
N SER I 568 15.94 12.17 -35.43
CA SER I 568 15.29 12.66 -34.22
C SER I 568 14.01 11.89 -33.89
N ILE I 569 13.47 11.10 -34.83
CA ILE I 569 12.37 10.20 -34.50
C ILE I 569 12.86 9.08 -33.60
N LEU I 570 13.99 8.46 -33.97
CA LEU I 570 14.61 7.46 -33.13
C LEU I 570 15.24 8.07 -31.89
N GLY I 571 15.76 9.28 -32.01
CA GLY I 571 16.52 9.89 -30.94
C GLY I 571 18.00 9.66 -31.13
N ALA I 572 18.39 8.38 -31.15
CA ALA I 572 19.74 7.86 -31.43
C ALA I 572 20.85 8.42 -30.54
N CYS I 580 18.96 1.87 -23.63
CA CYS I 580 17.83 2.77 -23.39
C CYS I 580 16.53 2.18 -23.92
N ASP I 581 15.46 2.30 -23.13
CA ASP I 581 14.16 1.80 -23.53
C ASP I 581 13.47 2.69 -24.56
N VAL I 582 13.88 3.96 -24.63
CA VAL I 582 13.34 4.85 -25.66
C VAL I 582 13.88 4.49 -27.02
N GLN I 583 15.19 4.23 -27.11
CA GLN I 583 15.83 3.93 -28.38
C GLN I 583 15.48 2.54 -28.89
N GLU I 584 15.44 1.55 -28.00
CA GLU I 584 15.29 0.17 -28.43
C GLU I 584 13.86 -0.17 -28.84
N ARG I 585 12.88 0.37 -28.12
CA ARG I 585 11.51 -0.06 -28.34
C ARG I 585 10.85 0.68 -29.50
N VAL I 586 11.24 1.94 -29.75
CA VAL I 586 10.78 2.71 -30.92
C VAL I 586 11.27 2.06 -32.21
N LEU I 587 12.50 1.53 -32.18
CA LEU I 587 13.05 0.73 -33.26
C LEU I 587 12.28 -0.57 -33.45
N SER I 588 11.87 -1.22 -32.36
CA SER I 588 11.17 -2.49 -32.47
C SER I 588 9.72 -2.33 -32.90
N VAL I 589 9.11 -1.17 -32.62
CA VAL I 589 7.79 -0.88 -33.20
C VAL I 589 7.91 -0.63 -34.70
N LEU I 590 8.90 0.17 -35.12
CA LEU I 590 9.00 0.61 -36.50
C LEU I 590 9.45 -0.51 -37.43
N LEU I 591 10.28 -1.43 -36.94
CA LEU I 591 10.67 -2.57 -37.74
C LEU I 591 9.56 -3.61 -37.87
N ASN I 592 8.53 -3.55 -37.03
CA ASN I 592 7.46 -4.52 -37.08
C ASN I 592 6.51 -4.26 -38.25
N GLU I 593 6.02 -3.02 -38.41
CA GLU I 593 5.11 -2.78 -39.53
C GLU I 593 5.81 -2.57 -40.87
N LEU I 594 7.14 -2.49 -40.90
CA LEU I 594 7.85 -2.67 -42.15
C LEU I 594 7.69 -4.10 -42.67
N ASP I 595 7.72 -5.07 -41.77
CA ASP I 595 7.45 -6.45 -42.11
C ASP I 595 5.97 -6.76 -41.86
N GLY I 596 5.13 -6.19 -42.71
CA GLY I 596 3.70 -6.35 -42.57
C GLY I 596 3.20 -7.68 -43.08
N ARG I 620 -4.40 0.88 -52.12
CA ARG I 620 -4.01 -0.49 -52.41
C ARG I 620 -2.84 -0.89 -51.53
N SER I 621 -1.88 0.02 -51.36
CA SER I 621 -0.72 -0.25 -50.53
C SER I 621 -0.16 1.06 -50.00
N VAL I 622 0.85 0.93 -49.13
CA VAL I 622 1.52 2.05 -48.49
C VAL I 622 3.01 1.91 -48.74
N MET I 623 3.63 2.94 -49.34
CA MET I 623 5.09 3.05 -49.29
C MET I 623 5.53 4.18 -48.36
N ILE I 624 6.66 3.94 -47.72
CA ILE I 624 7.23 4.82 -46.72
C ILE I 624 8.37 5.57 -47.39
N ILE I 625 8.22 6.88 -47.53
CA ILE I 625 9.29 7.73 -48.04
C ILE I 625 10.00 8.33 -46.84
N ALA I 626 11.32 8.30 -46.88
CA ALA I 626 12.14 8.65 -45.73
C ALA I 626 13.16 9.68 -46.14
N ALA I 627 13.42 10.63 -45.24
CA ALA I 627 14.36 11.70 -45.52
C ALA I 627 15.20 11.97 -44.28
N THR I 628 16.52 12.01 -44.46
CA THR I 628 17.40 12.32 -43.35
C THR I 628 18.57 13.16 -43.85
N ASN I 629 19.15 13.92 -42.94
CA ASN I 629 20.31 14.75 -43.22
C ASN I 629 21.59 14.24 -42.57
N ARG I 630 21.49 13.29 -41.64
CA ARG I 630 22.65 12.64 -41.03
C ARG I 630 22.51 11.13 -41.25
N PRO I 631 23.07 10.58 -42.33
CA PRO I 631 22.97 9.13 -42.56
C PRO I 631 23.88 8.28 -41.68
N ASP I 632 24.84 8.93 -41.09
CA ASP I 632 25.80 8.20 -40.32
C ASP I 632 25.20 7.50 -39.18
N VAL I 633 24.14 8.04 -38.61
CA VAL I 633 23.62 7.46 -37.41
C VAL I 633 22.59 6.38 -37.56
N LEU I 634 22.10 6.14 -38.74
CA LEU I 634 21.00 5.19 -38.81
C LEU I 634 21.43 3.73 -38.83
N ASP I 635 20.75 2.93 -38.06
CA ASP I 635 21.10 1.53 -37.94
C ASP I 635 21.18 0.77 -39.25
N THR I 636 22.20 -0.04 -39.41
CA THR I 636 22.45 -0.87 -40.57
C THR I 636 21.29 -1.85 -40.81
N ALA I 637 20.56 -2.21 -39.75
CA ALA I 637 19.40 -3.09 -39.84
C ALA I 637 18.22 -2.50 -40.62
N LEU I 638 18.15 -1.17 -40.78
CA LEU I 638 17.09 -0.59 -41.59
C LEU I 638 17.35 -0.71 -43.09
N LEU I 639 18.60 -0.78 -43.53
CA LEU I 639 18.91 -0.82 -44.95
C LEU I 639 19.10 -2.23 -45.48
N ARG I 640 18.55 -3.23 -44.80
CA ARG I 640 18.55 -4.58 -45.31
C ARG I 640 17.54 -4.71 -46.46
N PRO I 641 17.75 -5.65 -47.38
CA PRO I 641 16.71 -5.94 -48.39
C PRO I 641 15.49 -6.57 -47.75
N GLY I 642 14.36 -5.89 -47.86
CA GLY I 642 13.16 -6.24 -47.13
C GLY I 642 12.67 -5.14 -46.21
N ARG I 643 13.45 -4.10 -45.95
CA ARG I 643 12.98 -2.98 -45.15
C ARG I 643 13.04 -1.66 -45.90
N LEU I 644 14.20 -1.25 -46.40
CA LEU I 644 14.34 0.01 -47.14
C LEU I 644 15.32 -0.25 -48.28
N ASP I 645 14.81 -0.37 -49.50
CA ASP I 645 15.66 -0.78 -50.61
C ASP I 645 16.29 0.39 -51.35
N LYS I 646 15.47 1.25 -51.94
CA LYS I 646 15.97 2.21 -52.90
C LYS I 646 16.52 3.44 -52.18
N ILE I 647 17.81 3.72 -52.39
CA ILE I 647 18.50 4.83 -51.76
C ILE I 647 18.89 5.81 -52.87
N ILE I 648 18.41 7.04 -52.78
CA ILE I 648 18.63 8.06 -53.79
C ILE I 648 19.45 9.18 -53.16
N TYR I 649 20.51 9.58 -53.85
CA TYR I 649 21.37 10.67 -53.39
C TYR I 649 20.91 11.96 -54.03
N ILE I 650 20.56 12.95 -53.21
CA ILE I 650 20.12 14.26 -53.68
C ILE I 650 21.34 15.18 -53.67
N PRO I 651 21.86 15.59 -54.81
CA PRO I 651 23.16 16.26 -54.84
C PRO I 651 23.05 17.72 -54.46
N PRO I 652 24.12 18.30 -53.92
CA PRO I 652 24.23 19.75 -53.88
C PRO I 652 24.39 20.31 -55.28
N PRO I 653 23.93 21.54 -55.54
CA PRO I 653 23.89 22.03 -56.93
C PRO I 653 25.25 22.40 -57.50
N ASP I 654 25.39 22.18 -58.80
CA ASP I 654 26.56 22.54 -59.57
C ASP I 654 26.39 23.95 -60.15
N HIS I 655 27.23 24.30 -61.12
CA HIS I 655 27.13 25.60 -61.77
C HIS I 655 25.90 25.69 -62.66
N LYS I 656 25.60 24.62 -63.41
CA LYS I 656 24.42 24.62 -64.26
C LYS I 656 23.15 24.42 -63.44
N GLY I 657 23.27 23.73 -62.29
CA GLY I 657 22.15 23.59 -61.39
C GLY I 657 21.74 24.90 -60.72
N ARG I 658 22.70 25.73 -60.37
CA ARG I 658 22.40 27.00 -59.71
C ARG I 658 21.86 28.05 -60.66
N LEU I 659 22.12 27.92 -61.96
CA LEU I 659 21.54 28.83 -62.94
C LEU I 659 20.03 28.61 -63.10
N SER I 660 19.57 27.38 -62.93
CA SER I 660 18.14 27.11 -63.01
C SER I 660 17.40 27.42 -61.72
N ILE I 661 18.08 27.34 -60.56
CA ILE I 661 17.47 27.76 -59.30
C ILE I 661 17.25 29.27 -59.28
N LEU I 662 18.19 30.01 -59.87
CA LEU I 662 18.12 31.47 -59.92
C LEU I 662 17.01 31.95 -60.85
N LYS I 663 16.69 31.18 -61.90
CA LYS I 663 15.63 31.57 -62.83
C LYS I 663 14.23 31.42 -62.24
N VAL I 664 14.05 30.58 -61.22
CA VAL I 664 12.77 30.48 -60.53
C VAL I 664 12.53 31.74 -59.69
N CYS I 665 13.55 32.21 -58.97
CA CYS I 665 13.41 33.41 -58.15
C CYS I 665 13.39 34.70 -58.96
N THR I 666 13.98 34.72 -60.14
CA THR I 666 14.01 35.88 -61.04
C THR I 666 12.63 36.17 -61.64
N LYS I 667 11.77 35.15 -61.72
CA LYS I 667 10.55 35.11 -62.53
C LYS I 667 9.49 36.15 -62.17
N THR I 668 9.50 36.68 -60.94
CA THR I 668 8.52 37.70 -60.56
C THR I 668 9.15 39.01 -60.09
N MET I 669 10.44 39.22 -60.34
CA MET I 669 11.07 40.49 -60.00
C MET I 669 11.29 41.34 -61.24
N PRO I 670 11.16 42.66 -61.14
CA PRO I 670 11.45 43.50 -62.33
C PRO I 670 12.95 43.78 -62.45
N ILE I 671 13.68 42.77 -62.89
CA ILE I 671 15.13 42.86 -63.05
C ILE I 671 15.42 43.60 -64.34
N GLY I 672 16.22 44.66 -64.24
CA GLY I 672 16.54 45.49 -65.38
C GLY I 672 17.52 44.83 -66.31
N PRO I 673 17.75 45.41 -67.50
CA PRO I 673 18.57 44.76 -68.53
C PRO I 673 20.08 45.00 -68.39
N ASP I 674 20.61 44.74 -67.19
CA ASP I 674 22.05 44.79 -66.97
C ASP I 674 22.52 43.67 -66.06
N VAL I 675 21.70 42.66 -65.82
CA VAL I 675 22.01 41.58 -64.89
C VAL I 675 22.23 40.31 -65.68
N SER I 676 23.42 39.73 -65.55
CA SER I 676 23.74 38.46 -66.17
C SER I 676 23.82 37.41 -65.06
N LEU I 677 22.91 36.45 -65.09
CA LEU I 677 22.84 35.43 -64.05
C LEU I 677 23.88 34.33 -64.23
N GLU I 678 24.52 34.25 -65.40
CA GLU I 678 25.57 33.24 -65.59
C GLU I 678 26.85 33.62 -64.87
N ASN I 679 27.19 34.91 -64.86
CA ASN I 679 28.36 35.37 -64.14
C ASN I 679 28.13 35.34 -62.64
N LEU I 680 26.90 35.57 -62.21
CA LEU I 680 26.56 35.52 -60.80
C LEU I 680 26.49 34.08 -60.29
N ALA I 681 26.24 33.11 -61.18
CA ALA I 681 26.20 31.71 -60.75
C ALA I 681 27.60 31.17 -60.48
N ALA I 682 28.61 31.71 -61.16
CA ALA I 682 29.98 31.30 -60.90
C ALA I 682 30.50 31.88 -59.59
N GLU I 683 30.02 33.07 -59.22
CA GLU I 683 30.46 33.67 -57.96
C GLU I 683 29.82 32.99 -56.76
N THR I 684 28.57 32.53 -56.91
CA THR I 684 27.86 31.88 -55.82
C THR I 684 28.30 30.43 -55.73
N CYS I 685 29.43 30.19 -55.09
CA CYS I 685 29.91 28.85 -54.82
C CYS I 685 29.59 28.49 -53.37
N PHE I 686 29.37 27.19 -53.15
CA PHE I 686 29.01 26.56 -51.86
C PHE I 686 27.70 27.10 -51.26
N PHE I 687 26.80 27.60 -52.08
CA PHE I 687 25.46 27.94 -51.62
C PHE I 687 24.54 26.73 -51.77
N SER I 688 23.59 26.63 -50.86
CA SER I 688 22.48 25.70 -51.02
C SER I 688 21.34 26.45 -51.70
N GLY I 689 20.15 25.83 -51.75
CA GLY I 689 19.02 26.47 -52.38
C GLY I 689 18.38 27.55 -51.54
N ALA I 690 18.47 27.43 -50.22
CA ALA I 690 17.89 28.44 -49.34
C ALA I 690 18.73 29.71 -49.31
N ASP I 691 20.05 29.58 -49.44
CA ASP I 691 20.91 30.76 -49.43
C ASP I 691 20.84 31.53 -50.73
N LEU I 692 20.52 30.86 -51.85
CA LEU I 692 20.28 31.56 -53.09
C LEU I 692 18.93 32.27 -53.07
N ARG I 693 17.95 31.72 -52.35
CA ARG I 693 16.69 32.39 -52.14
C ARG I 693 16.85 33.61 -51.23
N ASN I 694 17.73 33.53 -50.23
CA ASN I 694 18.02 34.68 -49.38
C ASN I 694 18.77 35.78 -50.11
N LEU I 695 19.55 35.42 -51.13
CA LEU I 695 20.32 36.42 -51.88
C LEU I 695 19.42 37.31 -52.72
N CYS I 696 18.37 36.75 -53.32
CA CYS I 696 17.43 37.56 -54.09
C CYS I 696 16.51 38.37 -53.18
N THR I 697 16.26 37.90 -51.96
CA THR I 697 15.47 38.66 -51.00
C THR I 697 16.23 39.89 -50.51
N GLU I 698 17.54 39.77 -50.28
CA GLU I 698 18.35 40.89 -49.78
C GLU I 698 18.55 41.95 -50.85
N ALA I 699 18.74 41.54 -52.11
CA ALA I 699 18.99 42.49 -53.18
C ALA I 699 17.72 43.24 -53.58
N ALA I 700 16.56 42.64 -53.36
CA ALA I 700 15.31 43.36 -53.55
C ALA I 700 15.05 44.34 -52.41
N LEU I 701 15.46 43.98 -51.18
CA LEU I 701 15.26 44.87 -50.05
C LEU I 701 16.25 46.02 -50.05
N LEU I 702 17.46 45.81 -50.58
CA LEU I 702 18.42 46.91 -50.71
C LEU I 702 18.01 47.91 -51.77
N ALA I 703 17.32 47.46 -52.83
CA ALA I 703 16.81 48.38 -53.83
C ALA I 703 15.57 49.12 -53.37
N LEU I 704 14.91 48.64 -52.31
CA LEU I 704 13.83 49.39 -51.69
C LEU I 704 14.34 50.56 -50.85
N GLN I 705 15.42 50.36 -50.08
CA GLN I 705 15.85 51.45 -49.21
C GLN I 705 16.70 52.48 -49.92
N GLU I 706 17.20 52.19 -51.12
CA GLU I 706 18.16 53.06 -51.78
C GLU I 706 17.52 53.96 -52.84
N ASN I 707 16.74 53.38 -53.75
CA ASN I 707 16.13 54.17 -54.81
C ASN I 707 14.77 54.72 -54.44
N GLY I 708 14.21 54.31 -53.31
CA GLY I 708 12.95 54.86 -52.83
C GLY I 708 11.89 53.80 -52.72
N LEU I 709 10.73 54.23 -52.20
CA LEU I 709 9.64 53.30 -52.02
C LEU I 709 8.93 53.00 -53.35
N ASP I 710 8.98 53.93 -54.30
CA ASP I 710 8.52 53.64 -55.66
C ASP I 710 9.68 53.23 -56.57
N ALA I 711 10.49 52.27 -56.13
CA ALA I 711 11.61 51.81 -56.93
C ALA I 711 11.13 50.78 -57.94
N THR I 712 11.65 50.87 -59.16
CA THR I 712 11.15 50.03 -60.24
C THR I 712 12.15 49.00 -60.77
N THR I 713 13.45 49.23 -60.61
CA THR I 713 14.46 48.35 -61.19
C THR I 713 15.41 47.83 -60.13
N VAL I 714 15.95 46.64 -60.39
CA VAL I 714 17.00 46.02 -59.57
C VAL I 714 18.21 45.81 -60.48
N LYS I 715 19.37 46.33 -60.06
CA LYS I 715 20.56 46.34 -60.89
C LYS I 715 21.59 45.32 -60.41
N GLN I 716 22.73 45.30 -61.10
CA GLN I 716 23.79 44.33 -60.83
C GLN I 716 24.55 44.68 -59.55
N GLU I 717 24.73 45.97 -59.28
CA GLU I 717 25.49 46.39 -58.11
C GLU I 717 24.74 46.17 -56.79
N HIS I 718 23.41 46.02 -56.85
CA HIS I 718 22.68 45.53 -55.68
C HIS I 718 22.99 44.07 -55.40
N PHE I 719 23.24 43.27 -56.44
CA PHE I 719 23.51 41.86 -56.28
C PHE I 719 24.91 41.59 -55.74
N LEU I 720 25.89 42.42 -56.13
CA LEU I 720 27.26 42.26 -55.63
C LEU I 720 27.38 42.69 -54.17
N LYS I 721 26.60 43.67 -53.75
CA LYS I 721 26.63 44.10 -52.35
C LYS I 721 25.92 43.12 -51.42
N SER I 722 25.02 42.29 -51.94
CA SER I 722 24.34 41.32 -51.10
C SER I 722 25.18 40.08 -50.83
N LEU I 723 26.26 39.85 -51.59
CA LEU I 723 27.13 38.73 -51.34
C LEU I 723 28.00 38.92 -50.12
N LYS I 724 28.20 40.16 -49.67
CA LYS I 724 28.99 40.41 -48.48
C LYS I 724 28.24 40.07 -47.19
N THR I 725 26.91 40.08 -47.21
CA THR I 725 26.12 39.77 -46.01
C THR I 725 25.67 38.31 -45.98
N VAL I 726 25.13 37.79 -47.08
CA VAL I 726 24.75 36.39 -47.15
C VAL I 726 26.01 35.55 -47.36
N LYS I 727 26.23 34.59 -46.47
CA LYS I 727 27.45 33.81 -46.46
C LYS I 727 27.13 32.32 -46.61
N PRO I 728 28.03 31.53 -47.24
CA PRO I 728 27.73 30.12 -47.52
C PRO I 728 27.59 29.23 -46.31
N SER I 729 26.69 28.26 -46.42
CA SER I 729 26.40 27.33 -45.34
C SER I 729 26.94 25.94 -45.57
N LEU I 730 27.44 25.64 -46.76
CA LEU I 730 28.08 24.36 -47.03
C LEU I 730 29.59 24.48 -46.91
N SER I 731 30.23 23.33 -46.78
CA SER I 731 31.68 23.26 -46.63
C SER I 731 32.17 21.96 -47.22
N CYS I 732 33.49 21.77 -47.21
CA CYS I 732 34.08 20.53 -47.72
C CYS I 732 34.11 19.43 -46.67
N LYS I 733 33.69 19.71 -45.44
CA LYS I 733 33.62 18.68 -44.42
C LYS I 733 32.42 17.75 -44.67
N ASP I 734 31.22 18.31 -44.72
CA ASP I 734 30.04 17.50 -44.93
C ASP I 734 29.83 17.09 -46.38
N LEU I 735 30.46 17.78 -47.33
CA LEU I 735 30.38 17.34 -48.72
C LEU I 735 31.22 16.09 -48.93
N ALA I 736 32.41 16.04 -48.34
CA ALA I 736 33.23 14.83 -48.40
C ALA I 736 32.77 13.74 -47.45
N LEU I 737 31.88 14.07 -46.50
CA LEU I 737 31.24 13.04 -45.70
C LEU I 737 30.33 12.16 -46.54
N TYR I 738 29.68 12.78 -47.51
CA TYR I 738 28.75 12.05 -48.32
C TYR I 738 29.51 11.31 -49.39
N GLU I 739 30.78 11.58 -49.53
CA GLU I 739 31.58 10.83 -50.45
C GLU I 739 32.20 9.64 -49.78
N ASN I 740 32.37 9.71 -48.48
CA ASN I 740 32.83 8.56 -47.77
C ASN I 740 31.63 7.67 -47.62
N LEU I 741 30.53 8.20 -47.12
CA LEU I 741 29.36 7.40 -46.85
C LEU I 741 29.03 6.72 -48.10
N PHE I 742 29.17 7.47 -49.16
CA PHE I 742 28.87 6.93 -50.45
C PHE I 742 29.20 5.47 -50.48
N LYS I 743 30.44 5.13 -50.72
CA LYS I 743 30.76 3.73 -50.87
C LYS I 743 30.94 3.13 -49.54
N LYS I 744 31.65 3.81 -48.68
CA LYS I 744 31.83 3.34 -47.33
C LYS I 744 31.26 1.99 -47.12
N GLU I 745 29.99 1.94 -46.77
CA GLU I 745 29.37 0.67 -46.49
C GLU I 745 28.22 0.34 -47.42
N GLY I 746 27.21 1.20 -47.50
CA GLY I 746 26.03 0.92 -48.30
C GLY I 746 26.18 0.76 -49.80
N PHE I 747 27.26 1.26 -50.36
CA PHE I 747 27.52 1.11 -51.78
C PHE I 747 26.24 1.11 -52.59
N GLY J 44 -77.04 -46.83 1.43
CA GLY J 44 -76.09 -46.24 0.51
C GLY J 44 -76.73 -45.31 -0.49
N THR J 45 -78.05 -45.44 -0.67
CA THR J 45 -78.81 -44.62 -1.60
C THR J 45 -79.55 -43.50 -0.88
N LEU J 46 -78.96 -42.96 0.17
CA LEU J 46 -79.59 -41.91 0.96
C LEU J 46 -79.51 -40.56 0.24
N THR J 47 -80.40 -39.66 0.62
CA THR J 47 -80.49 -38.36 -0.02
C THR J 47 -79.38 -37.43 0.46
N VAL J 48 -79.06 -36.45 -0.37
CA VAL J 48 -77.93 -35.54 -0.15
C VAL J 48 -78.41 -34.33 0.65
N THR J 49 -77.71 -34.03 1.74
CA THR J 49 -77.87 -32.78 2.46
C THR J 49 -76.52 -32.13 2.66
N ASN J 50 -76.57 -30.88 3.12
CA ASN J 50 -75.38 -30.05 3.30
C ASN J 50 -74.61 -30.49 4.54
N LEU J 51 -73.39 -29.97 4.65
CA LEU J 51 -72.54 -30.25 5.80
C LEU J 51 -73.06 -29.53 7.03
N LEU J 52 -72.71 -30.07 8.20
CA LEU J 52 -73.22 -29.55 9.46
C LEU J 52 -72.51 -28.26 9.83
N GLU J 53 -73.24 -27.38 10.52
CA GLU J 53 -72.66 -26.11 10.96
C GLU J 53 -71.72 -26.31 12.14
N LYS J 54 -71.95 -27.33 12.95
CA LYS J 54 -71.07 -27.66 14.08
C LYS J 54 -69.84 -28.33 13.52
N VAL J 55 -68.81 -27.52 13.24
CA VAL J 55 -67.57 -27.99 12.65
C VAL J 55 -66.50 -28.00 13.72
N ASP J 56 -65.95 -29.17 14.01
CA ASP J 56 -64.83 -29.30 14.92
C ASP J 56 -63.53 -29.20 14.14
N ASP J 57 -62.44 -28.89 14.85
CA ASP J 57 -61.15 -28.76 14.22
C ASP J 57 -60.56 -30.14 13.91
N LYS J 58 -60.17 -30.34 12.67
CA LYS J 58 -59.53 -31.58 12.25
C LYS J 58 -58.01 -31.41 12.37
N ILE J 59 -57.25 -32.34 11.82
CA ILE J 59 -55.80 -32.34 12.03
C ILE J 59 -55.12 -31.32 11.12
N PRO J 60 -55.29 -31.28 9.74
CA PRO J 60 -54.78 -30.09 9.04
C PRO J 60 -55.86 -29.03 8.80
N LYS J 61 -55.48 -27.98 8.09
CA LYS J 61 -56.46 -27.13 7.44
C LYS J 61 -56.73 -27.60 6.01
N THR J 62 -55.88 -28.47 5.48
CA THR J 62 -55.93 -28.82 4.07
C THR J 62 -56.97 -29.89 3.76
N PHE J 63 -57.16 -30.85 4.66
CA PHE J 63 -57.99 -32.02 4.36
C PHE J 63 -59.44 -31.84 4.77
N GLN J 64 -59.92 -30.59 4.87
CA GLN J 64 -61.33 -30.35 5.13
C GLN J 64 -62.18 -30.51 3.89
N ASN J 65 -61.57 -30.40 2.70
CA ASN J 65 -62.32 -30.39 1.45
C ASN J 65 -62.78 -31.78 1.06
N SER J 66 -61.99 -32.79 1.36
CA SER J 66 -62.28 -34.16 0.92
C SER J 66 -62.92 -35.00 2.00
N LEU J 67 -63.35 -34.40 3.10
CA LEU J 67 -63.87 -35.14 4.25
C LEU J 67 -65.39 -34.99 4.30
N ILE J 68 -66.10 -36.01 3.81
CA ILE J 68 -67.55 -36.01 3.85
C ILE J 68 -68.04 -36.50 5.21
N HIS J 69 -69.33 -36.34 5.47
CA HIS J 69 -69.89 -36.52 6.81
C HIS J 69 -70.96 -37.59 6.76
N LEU J 70 -70.91 -38.53 7.70
CA LEU J 70 -71.83 -39.67 7.70
C LEU J 70 -72.23 -40.04 9.12
N GLY J 71 -73.35 -40.78 9.21
CA GLY J 71 -73.80 -41.34 10.47
C GLY J 71 -73.54 -42.84 10.54
N LEU J 72 -73.63 -43.37 11.76
CA LEU J 72 -73.07 -44.67 12.13
C LEU J 72 -73.80 -45.85 11.51
N ASN J 73 -75.12 -45.74 11.33
CA ASN J 73 -75.91 -46.85 10.80
C ASN J 73 -75.72 -47.05 9.31
N THR J 74 -75.20 -46.02 8.61
CA THR J 74 -74.86 -46.17 7.20
C THR J 74 -73.65 -47.08 7.01
N MET J 75 -72.61 -46.92 7.83
CA MET J 75 -71.49 -47.86 7.76
C MET J 75 -71.82 -49.19 8.42
N LYS J 76 -72.71 -49.20 9.40
CA LYS J 76 -73.13 -50.46 10.00
C LYS J 76 -74.04 -51.27 9.09
N SER J 77 -74.74 -50.63 8.14
CA SER J 77 -75.70 -51.35 7.32
C SER J 77 -75.13 -51.69 5.95
N ALA J 78 -74.47 -50.72 5.29
CA ALA J 78 -74.05 -50.89 3.90
C ALA J 78 -72.65 -51.47 3.77
N ASN J 79 -72.03 -51.86 4.90
CA ASN J 79 -70.71 -52.50 5.01
C ASN J 79 -69.59 -51.64 4.40
N ILE J 80 -69.47 -50.43 4.93
CA ILE J 80 -68.50 -49.45 4.46
C ILE J 80 -67.46 -49.25 5.56
N CYS J 81 -66.21 -49.58 5.25
CA CYS J 81 -65.12 -49.38 6.19
C CYS J 81 -64.76 -47.91 6.29
N ILE J 82 -64.14 -47.54 7.41
CA ILE J 82 -63.81 -46.15 7.69
C ILE J 82 -62.33 -45.96 7.43
N GLY J 83 -61.93 -44.73 7.10
CA GLY J 83 -60.55 -44.43 6.78
C GLY J 83 -60.13 -44.76 5.37
N ARG J 84 -61.05 -45.23 4.54
CA ARG J 84 -60.80 -45.59 3.16
C ARG J 84 -61.67 -44.75 2.22
N PRO J 85 -61.19 -44.45 1.01
CA PRO J 85 -62.01 -43.67 0.08
C PRO J 85 -63.16 -44.47 -0.49
N VAL J 86 -64.28 -43.77 -0.71
CA VAL J 86 -65.50 -44.33 -1.25
C VAL J 86 -65.89 -43.57 -2.51
N LEU J 87 -66.54 -44.28 -3.43
CA LEU J 87 -66.90 -43.77 -4.74
C LEU J 87 -68.37 -43.42 -4.77
N LEU J 88 -68.68 -42.23 -5.28
CA LEU J 88 -70.02 -41.68 -5.29
C LEU J 88 -70.41 -41.43 -6.74
N THR J 89 -71.55 -41.99 -7.14
CA THR J 89 -72.09 -41.85 -8.49
C THR J 89 -73.37 -41.04 -8.43
N SER J 90 -73.44 -39.97 -9.22
CA SER J 90 -74.62 -39.13 -9.28
C SER J 90 -75.55 -39.60 -10.40
N LEU J 91 -76.66 -38.89 -10.57
CA LEU J 91 -77.61 -39.19 -11.63
C LEU J 91 -77.19 -38.63 -12.98
N ASN J 92 -76.20 -37.73 -13.01
CA ASN J 92 -75.74 -37.12 -14.25
C ASN J 92 -74.55 -37.87 -14.87
N GLY J 93 -74.11 -38.96 -14.26
CA GLY J 93 -73.01 -39.74 -14.79
C GLY J 93 -71.63 -39.33 -14.32
N LYS J 94 -71.54 -38.57 -13.24
CA LYS J 94 -70.26 -38.13 -12.71
C LYS J 94 -69.89 -38.95 -11.48
N GLN J 95 -68.65 -39.41 -11.42
CA GLN J 95 -68.16 -40.24 -10.32
C GLN J 95 -67.07 -39.48 -9.57
N GLU J 96 -67.23 -39.39 -8.25
CA GLU J 96 -66.30 -38.64 -7.42
C GLU J 96 -65.95 -39.47 -6.18
N VAL J 97 -64.69 -39.45 -5.79
CA VAL J 97 -64.18 -40.32 -4.73
C VAL J 97 -63.69 -39.45 -3.56
N TYR J 98 -64.17 -39.78 -2.35
CA TYR J 98 -63.85 -38.99 -1.17
C TYR J 98 -63.58 -39.87 0.04
N THR J 99 -63.38 -39.22 1.20
CA THR J 99 -62.97 -39.87 2.44
C THR J 99 -64.01 -39.58 3.52
N ALA J 100 -64.42 -40.62 4.25
CA ALA J 100 -65.48 -40.48 5.25
C ALA J 100 -64.92 -40.26 6.66
N TRP J 101 -65.77 -39.68 7.52
CA TRP J 101 -65.38 -39.38 8.90
C TRP J 101 -66.63 -39.44 9.79
N PRO J 102 -66.68 -40.38 10.76
CA PRO J 102 -67.94 -40.75 11.42
C PRO J 102 -68.26 -40.05 12.75
N MET J 103 -68.50 -38.74 12.72
CA MET J 103 -69.00 -38.11 13.93
C MET J 103 -70.49 -38.36 14.10
N ALA J 104 -70.94 -38.30 15.36
CA ALA J 104 -72.34 -38.46 15.69
C ALA J 104 -73.03 -37.09 15.67
N GLY J 105 -74.25 -37.03 16.16
CA GLY J 105 -75.07 -35.84 16.00
C GLY J 105 -75.49 -35.62 14.56
N PHE J 106 -75.74 -36.71 13.83
CA PHE J 106 -76.04 -36.67 12.42
C PHE J 106 -77.40 -37.32 12.15
N PRO J 107 -78.22 -36.75 11.27
CA PRO J 107 -79.54 -37.36 10.99
C PRO J 107 -79.40 -38.60 10.12
N GLY J 108 -80.12 -39.65 10.51
CA GLY J 108 -80.09 -40.88 9.75
C GLY J 108 -80.87 -40.79 8.45
N GLY J 109 -80.50 -41.65 7.51
CA GLY J 109 -81.12 -41.64 6.20
C GLY J 109 -80.64 -40.56 5.27
N LYS J 110 -79.52 -39.89 5.59
CA LYS J 110 -78.99 -38.82 4.76
C LYS J 110 -77.48 -38.98 4.64
N VAL J 111 -76.94 -38.38 3.59
CA VAL J 111 -75.50 -38.25 3.41
C VAL J 111 -75.14 -36.77 3.43
N GLY J 112 -74.12 -36.43 4.23
CA GLY J 112 -73.74 -35.06 4.45
C GLY J 112 -72.52 -34.69 3.62
N LEU J 113 -72.72 -33.80 2.65
CA LEU J 113 -71.64 -33.38 1.78
C LEU J 113 -71.41 -31.88 1.93
N SER J 114 -70.19 -31.46 1.64
CA SER J 114 -69.88 -30.04 1.63
C SER J 114 -70.47 -29.38 0.38
N GLU J 115 -70.64 -28.06 0.45
CA GLU J 115 -71.28 -27.34 -0.65
C GLU J 115 -70.36 -27.19 -1.85
N MET J 116 -69.03 -27.19 -1.62
CA MET J 116 -68.09 -27.20 -2.72
C MET J 116 -68.10 -28.54 -3.46
N ALA J 117 -68.28 -29.64 -2.71
CA ALA J 117 -68.46 -30.94 -3.34
C ALA J 117 -69.80 -31.06 -4.05
N GLN J 118 -70.82 -30.37 -3.53
CA GLN J 118 -72.11 -30.34 -4.21
C GLN J 118 -72.06 -29.51 -5.49
N LYS J 119 -71.26 -28.45 -5.52
CA LYS J 119 -71.08 -27.69 -6.74
C LYS J 119 -70.17 -28.41 -7.74
N ASN J 120 -69.24 -29.23 -7.23
CA ASN J 120 -68.40 -30.02 -8.14
C ASN J 120 -69.18 -31.18 -8.76
N VAL J 121 -70.04 -31.82 -7.98
CA VAL J 121 -70.91 -32.86 -8.54
C VAL J 121 -72.00 -32.23 -9.40
N GLY J 122 -72.65 -31.20 -8.88
CA GLY J 122 -73.72 -30.54 -9.59
C GLY J 122 -75.12 -30.91 -9.16
N VAL J 123 -75.35 -31.17 -7.87
CA VAL J 123 -76.63 -31.60 -7.36
C VAL J 123 -77.11 -30.61 -6.31
N ARG J 124 -78.42 -30.64 -6.07
CA ARG J 124 -79.09 -29.85 -5.07
C ARG J 124 -79.31 -30.68 -3.81
N PRO J 125 -79.51 -30.04 -2.64
CA PRO J 125 -79.95 -30.80 -1.45
C PRO J 125 -81.34 -31.39 -1.61
N GLY J 126 -81.40 -32.72 -1.68
CA GLY J 126 -82.65 -33.41 -1.95
C GLY J 126 -82.52 -34.46 -3.03
N ASP J 127 -81.39 -34.45 -3.74
CA ASP J 127 -81.14 -35.41 -4.80
C ASP J 127 -80.60 -36.72 -4.23
N ALA J 128 -80.41 -37.71 -5.09
CA ALA J 128 -79.93 -39.03 -4.69
C ALA J 128 -78.55 -39.29 -5.26
N ILE J 129 -77.84 -40.25 -4.64
CA ILE J 129 -76.46 -40.55 -4.99
C ILE J 129 -76.21 -42.01 -4.59
N GLN J 130 -75.26 -42.67 -5.25
CA GLN J 130 -74.90 -44.04 -4.97
C GLN J 130 -73.51 -44.09 -4.34
N VAL J 131 -73.40 -44.73 -3.18
CA VAL J 131 -72.16 -44.82 -2.42
C VAL J 131 -71.67 -46.27 -2.45
N GLN J 132 -70.43 -46.47 -2.88
CA GLN J 132 -69.84 -47.81 -2.82
C GLN J 132 -68.41 -47.74 -2.29
N PRO J 133 -68.01 -48.70 -1.47
CA PRO J 133 -66.60 -48.74 -1.03
C PRO J 133 -65.70 -49.25 -2.13
N LEU J 134 -64.45 -48.79 -2.12
CA LEU J 134 -63.47 -49.19 -3.13
C LEU J 134 -62.87 -50.52 -2.72
N VAL J 135 -63.22 -51.58 -3.44
CA VAL J 135 -62.63 -52.89 -3.18
C VAL J 135 -61.46 -53.21 -4.12
N GLY J 136 -61.25 -52.41 -5.16
CA GLY J 136 -60.12 -52.63 -6.04
C GLY J 136 -58.83 -52.08 -5.46
N ALA J 137 -57.72 -52.54 -6.02
CA ALA J 137 -56.40 -52.08 -5.60
C ALA J 137 -56.07 -50.73 -6.24
N VAL J 138 -55.44 -49.87 -5.46
CA VAL J 138 -55.07 -48.52 -5.90
C VAL J 138 -53.58 -48.33 -5.68
N LEU J 139 -52.96 -47.52 -6.54
CA LEU J 139 -51.53 -47.24 -6.47
C LEU J 139 -51.29 -45.88 -7.11
N GLN J 140 -50.02 -45.48 -7.14
CA GLN J 140 -49.67 -44.14 -7.62
C GLN J 140 -49.68 -44.09 -9.15
N ALA J 141 -49.51 -42.88 -9.67
CA ALA J 141 -49.54 -42.62 -11.10
C ALA J 141 -48.21 -42.03 -11.55
N GLU J 142 -48.13 -41.71 -12.83
CA GLU J 142 -46.91 -41.15 -13.41
C GLU J 142 -47.14 -39.84 -14.16
N GLU J 143 -48.17 -39.76 -14.98
CA GLU J 143 -48.46 -38.57 -15.76
C GLU J 143 -49.85 -38.05 -15.43
N MET J 144 -49.95 -36.74 -15.24
CA MET J 144 -51.28 -36.14 -15.22
C MET J 144 -51.18 -34.80 -15.91
N ASP J 145 -52.14 -34.50 -16.78
CA ASP J 145 -52.13 -33.28 -17.57
C ASP J 145 -53.26 -32.34 -17.17
N VAL J 146 -52.96 -31.05 -17.22
CA VAL J 146 -53.79 -30.01 -16.65
C VAL J 146 -54.40 -29.19 -17.78
N ALA J 147 -55.73 -29.07 -17.78
CA ALA J 147 -56.44 -28.17 -18.69
C ALA J 147 -56.81 -26.89 -17.95
N LEU J 148 -56.55 -25.76 -18.61
CA LEU J 148 -56.69 -24.46 -18.00
C LEU J 148 -57.11 -23.46 -19.06
N SER J 149 -57.78 -22.38 -18.63
CA SER J 149 -58.14 -21.29 -19.53
C SER J 149 -56.93 -20.39 -19.81
N ASP J 150 -57.15 -19.38 -20.65
CA ASP J 150 -56.06 -18.54 -21.13
C ASP J 150 -55.58 -17.55 -20.08
N LYS J 151 -56.49 -17.03 -19.24
CA LYS J 151 -56.23 -15.93 -18.32
C LYS J 151 -55.28 -16.29 -17.17
N ASP J 152 -55.01 -17.58 -16.94
CA ASP J 152 -54.01 -18.01 -15.99
C ASP J 152 -52.82 -18.67 -16.66
N MET J 153 -52.46 -18.25 -17.89
CA MET J 153 -51.18 -18.70 -18.44
C MET J 153 -49.99 -17.87 -17.94
N GLU J 154 -50.24 -16.77 -17.22
CA GLU J 154 -49.15 -15.93 -16.76
C GLU J 154 -48.46 -16.49 -15.52
N ILE J 155 -49.07 -17.46 -14.84
CA ILE J 155 -48.44 -18.15 -13.72
C ILE J 155 -47.40 -19.12 -14.27
N ASN J 156 -46.21 -19.12 -13.68
CA ASN J 156 -45.13 -19.99 -14.12
C ASN J 156 -45.48 -21.44 -13.74
N GLU J 157 -45.02 -22.37 -14.57
CA GLU J 157 -45.46 -23.76 -14.51
C GLU J 157 -44.84 -24.52 -13.34
N GLU J 158 -43.62 -24.16 -12.94
CA GLU J 158 -42.88 -24.96 -11.97
C GLU J 158 -43.39 -24.79 -10.55
N GLU J 159 -43.62 -23.54 -10.12
CA GLU J 159 -44.16 -23.36 -8.77
C GLU J 159 -45.65 -23.65 -8.70
N LEU J 160 -46.37 -23.55 -9.83
CA LEU J 160 -47.74 -24.05 -9.90
C LEU J 160 -47.79 -25.57 -9.75
N THR J 161 -46.86 -26.28 -10.39
CA THR J 161 -46.78 -27.74 -10.28
C THR J 161 -46.38 -28.16 -8.87
N GLY J 162 -45.47 -27.41 -8.25
CA GLY J 162 -45.08 -27.69 -6.87
C GLY J 162 -46.19 -27.44 -5.87
N CYS J 163 -46.96 -26.36 -6.06
CA CYS J 163 -48.06 -26.07 -5.15
C CYS J 163 -49.25 -27.01 -5.35
N ILE J 164 -49.49 -27.47 -6.59
CA ILE J 164 -50.53 -28.45 -6.86
C ILE J 164 -50.16 -29.80 -6.25
N LEU J 165 -48.89 -30.21 -6.35
CA LEU J 165 -48.45 -31.46 -5.74
C LEU J 165 -48.40 -31.38 -4.21
N ARG J 166 -48.15 -30.20 -3.65
CA ARG J 166 -48.09 -30.12 -2.19
C ARG J 166 -49.47 -30.01 -1.57
N LYS J 167 -50.39 -29.28 -2.19
CA LYS J 167 -51.72 -29.14 -1.60
C LYS J 167 -52.59 -30.35 -1.86
N LEU J 168 -52.50 -30.96 -3.03
CA LEU J 168 -53.27 -32.15 -3.38
C LEU J 168 -52.33 -33.35 -3.28
N ASP J 169 -52.22 -33.90 -2.08
CA ASP J 169 -51.47 -35.13 -1.86
C ASP J 169 -52.41 -36.18 -1.31
N GLY J 170 -52.30 -37.40 -1.83
CA GLY J 170 -53.17 -38.47 -1.40
C GLY J 170 -54.57 -38.40 -1.95
N LYS J 171 -54.79 -37.62 -2.99
CA LYS J 171 -56.11 -37.45 -3.59
C LYS J 171 -56.21 -38.33 -4.81
N ILE J 172 -57.22 -39.19 -4.84
CA ILE J 172 -57.43 -40.10 -5.96
C ILE J 172 -58.13 -39.32 -7.07
N VAL J 173 -57.49 -39.26 -8.24
CA VAL J 173 -57.92 -38.35 -9.30
C VAL J 173 -58.68 -39.14 -10.35
N LEU J 174 -59.60 -38.45 -11.02
CA LEU J 174 -60.36 -38.98 -12.14
C LEU J 174 -60.55 -37.85 -13.14
N PRO J 175 -60.64 -38.17 -14.44
CA PRO J 175 -60.89 -37.12 -15.43
C PRO J 175 -62.32 -36.58 -15.35
N GLY J 176 -62.48 -35.32 -15.73
CA GLY J 176 -63.75 -34.66 -15.65
C GLY J 176 -64.09 -34.01 -14.32
N ASN J 177 -63.08 -33.69 -13.51
CA ASN J 177 -63.31 -33.15 -12.18
C ASN J 177 -62.55 -31.84 -12.00
N PHE J 178 -63.09 -30.97 -11.15
CA PHE J 178 -62.53 -29.65 -10.88
C PHE J 178 -61.91 -29.65 -9.50
N LEU J 179 -60.57 -29.63 -9.45
CA LEU J 179 -59.85 -29.62 -8.18
C LEU J 179 -59.67 -28.18 -7.70
N TYR J 180 -59.45 -28.04 -6.39
CA TYR J 180 -59.29 -26.74 -5.77
C TYR J 180 -57.99 -26.67 -4.99
N CYS J 181 -57.33 -25.52 -5.08
CA CYS J 181 -56.19 -25.20 -4.24
C CYS J 181 -56.12 -23.69 -4.08
N THR J 182 -55.60 -23.25 -2.93
CA THR J 182 -55.54 -21.82 -2.59
C THR J 182 -54.12 -21.34 -2.83
N PHE J 183 -53.86 -20.84 -4.04
CA PHE J 183 -52.54 -20.32 -4.38
C PHE J 183 -52.41 -18.95 -3.77
N TYR J 184 -51.67 -18.88 -2.64
CA TYR J 184 -51.25 -17.66 -1.93
C TYR J 184 -52.43 -16.84 -1.42
N GLY J 185 -53.52 -17.51 -1.05
CA GLY J 185 -54.74 -16.85 -0.67
C GLY J 185 -55.75 -16.66 -1.78
N ARG J 186 -55.31 -16.75 -3.04
CA ARG J 186 -56.21 -16.66 -4.19
C ARG J 186 -56.73 -18.05 -4.55
N PRO J 187 -58.04 -18.20 -4.76
CA PRO J 187 -58.57 -19.49 -5.20
C PRO J 187 -58.21 -19.80 -6.66
N TYR J 188 -58.38 -21.05 -7.02
CA TYR J 188 -57.89 -21.56 -8.30
C TYR J 188 -58.72 -22.75 -8.72
N LYS J 189 -58.93 -22.88 -10.04
CA LYS J 189 -59.70 -23.98 -10.62
C LYS J 189 -58.97 -24.52 -11.84
N LEU J 190 -59.12 -25.81 -12.08
CA LEU J 190 -58.42 -26.49 -13.16
C LEU J 190 -59.19 -27.75 -13.55
N GLN J 191 -58.94 -28.25 -14.75
CA GLN J 191 -59.62 -29.44 -15.25
C GLN J 191 -58.61 -30.57 -15.45
N VAL J 192 -59.07 -31.80 -15.22
CA VAL J 192 -58.21 -32.97 -15.26
C VAL J 192 -58.56 -33.79 -16.51
N LEU J 193 -57.55 -34.01 -17.35
CA LEU J 193 -57.66 -34.87 -18.52
C LEU J 193 -57.20 -36.28 -18.14
N ARG J 194 -56.84 -37.09 -19.14
CA ARG J 194 -56.41 -38.48 -19.07
C ARG J 194 -55.27 -38.78 -18.08
N VAL J 195 -55.18 -40.03 -17.61
CA VAL J 195 -54.14 -40.44 -16.67
C VAL J 195 -53.37 -41.60 -17.25
N LYS J 196 -52.20 -41.85 -16.69
CA LYS J 196 -51.36 -42.98 -17.07
C LYS J 196 -51.08 -43.84 -15.85
N GLY J 197 -51.00 -45.16 -16.07
CA GLY J 197 -50.85 -46.10 -15.00
C GLY J 197 -49.43 -46.63 -14.85
N ALA J 198 -49.15 -47.19 -13.67
CA ALA J 198 -47.85 -47.77 -13.39
C ALA J 198 -47.68 -49.11 -14.09
N ASP J 199 -48.77 -49.85 -14.26
CA ASP J 199 -48.71 -51.11 -14.98
C ASP J 199 -48.57 -50.90 -16.48
N GLY J 200 -49.04 -49.76 -16.99
CA GLY J 200 -48.87 -49.45 -18.39
C GLY J 200 -50.19 -49.23 -19.11
N MET J 201 -51.29 -49.47 -18.41
CA MET J 201 -52.61 -49.30 -19.01
C MET J 201 -52.97 -47.83 -19.09
N ILE J 202 -53.71 -47.47 -20.13
CA ILE J 202 -53.97 -46.08 -20.49
C ILE J 202 -55.46 -45.81 -20.32
N LEU J 203 -55.79 -44.85 -19.47
CA LEU J 203 -57.14 -44.36 -19.32
C LEU J 203 -57.29 -43.03 -20.03
N GLY J 204 -58.45 -42.82 -20.65
CA GLY J 204 -58.74 -41.58 -21.33
C GLY J 204 -59.25 -40.50 -20.39
N GLY J 315 -66.38 -45.05 -18.13
CA GLY J 315 -65.69 -46.31 -18.42
C GLY J 315 -65.39 -47.12 -17.18
N ALA J 316 -64.46 -46.61 -16.35
CA ALA J 316 -64.06 -47.28 -15.13
C ALA J 316 -65.04 -46.91 -14.02
N LYS J 317 -66.18 -47.60 -14.03
CA LYS J 317 -67.27 -47.31 -13.10
C LYS J 317 -67.50 -48.43 -12.09
N CYS J 318 -66.58 -49.39 -11.98
CA CYS J 318 -66.71 -50.48 -11.03
C CYS J 318 -65.82 -50.23 -9.82
N ASN J 319 -66.24 -50.78 -8.68
CA ASN J 319 -65.47 -50.66 -7.45
C ASN J 319 -64.24 -51.56 -7.42
N THR J 320 -64.19 -52.57 -8.29
CA THR J 320 -63.01 -53.41 -8.44
C THR J 320 -61.95 -52.80 -9.34
N ASP J 321 -62.26 -51.68 -10.00
CA ASP J 321 -61.35 -51.08 -10.96
C ASP J 321 -60.21 -50.34 -10.25
N THR J 322 -59.07 -50.29 -10.94
CA THR J 322 -57.86 -49.71 -10.37
C THR J 322 -57.89 -48.20 -10.56
N PHE J 323 -57.82 -47.45 -9.46
CA PHE J 323 -57.76 -46.00 -9.48
C PHE J 323 -56.39 -45.52 -9.01
N TYR J 324 -56.10 -44.26 -9.30
CA TYR J 324 -54.75 -43.72 -9.17
C TYR J 324 -54.76 -42.45 -8.32
N PHE J 325 -53.77 -42.31 -7.44
CA PHE J 325 -53.74 -41.20 -6.50
C PHE J 325 -52.47 -40.37 -6.68
N ILE J 326 -52.63 -39.07 -6.45
CA ILE J 326 -51.58 -38.09 -6.75
C ILE J 326 -50.56 -38.09 -5.62
N SER J 327 -49.32 -38.38 -5.97
CA SER J 327 -48.24 -38.32 -4.99
C SER J 327 -47.11 -37.48 -5.55
N SER J 328 -45.98 -37.45 -4.85
CA SER J 328 -44.78 -36.91 -5.47
C SER J 328 -44.21 -37.95 -6.43
N THR J 329 -43.25 -37.49 -7.26
CA THR J 329 -42.77 -38.14 -8.49
C THR J 329 -43.93 -38.56 -9.41
N THR J 330 -44.86 -37.63 -9.60
CA THR J 330 -45.78 -37.67 -10.73
C THR J 330 -45.50 -36.46 -11.59
N ARG J 331 -45.23 -36.69 -12.88
CA ARG J 331 -44.91 -35.60 -13.79
C ARG J 331 -46.20 -35.07 -14.40
N VAL J 332 -46.25 -33.75 -14.55
CA VAL J 332 -47.47 -33.04 -14.88
C VAL J 332 -47.28 -32.38 -16.23
N ASN J 333 -48.13 -32.74 -17.18
CA ASN J 333 -48.19 -32.07 -18.47
C ASN J 333 -49.23 -30.96 -18.41
N PHE J 334 -49.09 -30.00 -19.33
CA PHE J 334 -49.97 -28.84 -19.38
C PHE J 334 -50.52 -28.66 -20.79
N THR J 335 -51.84 -28.47 -20.89
CA THR J 335 -52.50 -28.18 -22.16
C THR J 335 -53.21 -26.84 -22.05
N GLU J 336 -53.91 -26.47 -23.11
CA GLU J 336 -54.69 -25.23 -23.14
C GLU J 336 -56.18 -25.52 -23.08
N GLN J 347 -27.04 -22.38 -29.28
CA GLN J 347 -26.10 -22.95 -28.32
C GLN J 347 -24.74 -23.17 -28.98
N PHE J 348 -24.16 -24.36 -28.79
CA PHE J 348 -22.86 -24.67 -29.38
C PHE J 348 -22.97 -25.89 -30.30
N LYS J 349 -23.76 -26.89 -29.86
CA LYS J 349 -23.97 -28.21 -30.46
C LYS J 349 -22.62 -28.93 -30.63
N VAL J 350 -21.90 -28.61 -31.72
CA VAL J 350 -20.63 -29.20 -32.18
C VAL J 350 -20.81 -30.72 -32.29
N THR J 351 -21.52 -31.15 -33.33
CA THR J 351 -21.60 -32.58 -33.61
C THR J 351 -20.47 -33.00 -34.54
N TYR J 352 -20.38 -34.30 -34.80
CA TYR J 352 -19.38 -34.82 -35.75
C TYR J 352 -19.82 -34.65 -37.20
N ASP J 353 -21.05 -34.23 -37.45
CA ASP J 353 -21.45 -33.88 -38.82
C ASP J 353 -20.75 -32.61 -39.27
N MET J 354 -20.90 -31.54 -38.51
CA MET J 354 -20.52 -30.19 -38.93
C MET J 354 -19.12 -29.81 -38.45
N ILE J 355 -18.14 -30.68 -38.74
CA ILE J 355 -16.75 -30.32 -38.47
C ILE J 355 -16.05 -30.02 -39.78
N GLY J 356 -15.95 -31.03 -40.66
CA GLY J 356 -15.51 -30.89 -42.04
C GLY J 356 -14.12 -30.37 -42.32
N GLY J 357 -13.74 -30.36 -43.60
CA GLY J 357 -12.64 -29.54 -44.05
C GLY J 357 -11.30 -30.24 -43.97
N LEU J 358 -10.76 -30.64 -45.14
CA LEU J 358 -9.53 -31.45 -45.31
C LEU J 358 -9.58 -32.72 -44.45
N SER J 359 -10.73 -33.39 -44.49
CA SER J 359 -11.08 -34.44 -43.53
C SER J 359 -10.42 -35.75 -43.94
N SER J 360 -9.11 -35.84 -43.70
CA SER J 360 -8.40 -37.11 -43.67
C SER J 360 -7.83 -37.40 -42.30
N GLN J 361 -7.41 -36.36 -41.58
CA GLN J 361 -6.99 -36.45 -40.19
C GLN J 361 -8.16 -36.46 -39.22
N LEU J 362 -9.38 -36.16 -39.72
CA LEU J 362 -10.56 -36.29 -38.88
C LEU J 362 -10.88 -37.76 -38.63
N LYS J 363 -10.77 -38.60 -39.65
CA LYS J 363 -10.90 -40.04 -39.44
C LYS J 363 -9.65 -40.64 -38.85
N ALA J 364 -8.47 -40.04 -39.10
CA ALA J 364 -7.22 -40.62 -38.64
C ALA J 364 -6.98 -40.45 -37.15
N ILE J 365 -7.68 -39.53 -36.50
CA ILE J 365 -7.60 -39.39 -35.05
C ILE J 365 -8.53 -40.38 -34.35
N ARG J 366 -9.47 -40.99 -35.08
CA ARG J 366 -10.44 -41.88 -34.47
C ARG J 366 -9.84 -43.24 -34.09
N GLU J 367 -8.96 -43.80 -34.92
CA GLU J 367 -8.46 -45.15 -34.70
C GLU J 367 -7.01 -45.16 -34.23
N ILE J 368 -6.56 -44.08 -33.58
CA ILE J 368 -5.31 -44.09 -32.85
C ILE J 368 -5.51 -43.78 -31.37
N ILE J 369 -6.42 -42.85 -31.04
CA ILE J 369 -6.72 -42.49 -29.66
C ILE J 369 -8.17 -42.77 -29.31
N GLU J 370 -9.11 -42.38 -30.18
CA GLU J 370 -10.53 -42.47 -29.87
C GLU J 370 -11.07 -43.89 -29.96
N LEU J 371 -10.42 -44.80 -30.69
CA LEU J 371 -10.87 -46.19 -30.69
C LEU J 371 -10.52 -46.93 -29.39
N PRO J 372 -9.41 -46.65 -28.68
CA PRO J 372 -9.42 -46.96 -27.23
C PRO J 372 -10.47 -46.21 -26.43
N LEU J 373 -10.79 -44.96 -26.81
CA LEU J 373 -11.67 -44.14 -25.99
C LEU J 373 -13.15 -44.31 -26.33
N LYS J 374 -13.48 -45.08 -27.37
CA LYS J 374 -14.88 -45.31 -27.70
C LYS J 374 -15.54 -46.28 -26.73
N GLN J 375 -14.84 -47.34 -26.36
CA GLN J 375 -15.34 -48.32 -25.41
C GLN J 375 -14.52 -48.28 -24.12
N PRO J 376 -15.16 -48.36 -22.94
CA PRO J 376 -14.40 -48.16 -21.69
C PRO J 376 -13.65 -49.36 -21.13
N GLU J 377 -14.18 -50.60 -21.19
CA GLU J 377 -13.60 -51.70 -20.41
C GLU J 377 -13.25 -52.94 -21.24
N LEU J 378 -12.42 -52.81 -22.29
CA LEU J 378 -11.77 -54.00 -22.83
C LEU J 378 -10.31 -53.77 -23.20
N PHE J 379 -9.90 -52.52 -23.44
CA PHE J 379 -8.51 -52.24 -23.75
C PHE J 379 -7.66 -52.02 -22.50
N LYS J 380 -8.26 -52.06 -21.31
CA LYS J 380 -7.51 -51.90 -20.07
C LYS J 380 -6.73 -53.17 -19.73
N SER J 381 -7.23 -54.33 -20.14
CA SER J 381 -6.62 -55.61 -19.77
C SER J 381 -5.45 -56.01 -20.67
N TYR J 382 -5.14 -55.23 -21.71
CA TYR J 382 -4.02 -55.55 -22.61
C TYR J 382 -2.75 -54.81 -22.22
N GLY J 383 -2.79 -53.48 -22.20
CA GLY J 383 -1.62 -52.68 -21.94
C GLY J 383 -0.96 -52.20 -23.22
N ILE J 384 -1.07 -50.90 -23.49
CA ILE J 384 -0.53 -50.32 -24.72
C ILE J 384 0.37 -49.15 -24.35
N PRO J 385 1.30 -48.78 -25.23
CA PRO J 385 1.94 -47.46 -25.12
C PRO J 385 0.92 -46.35 -25.31
N ALA J 386 1.14 -45.24 -24.61
CA ALA J 386 0.14 -44.18 -24.52
C ALA J 386 0.55 -42.94 -25.28
N PRO J 387 -0.11 -42.60 -26.40
CA PRO J 387 0.08 -41.27 -26.99
C PRO J 387 -0.68 -40.21 -26.19
N ARG J 388 -0.04 -39.69 -25.13
CA ARG J 388 -0.69 -38.73 -24.24
C ARG J 388 -0.89 -37.37 -24.88
N GLY J 389 -0.07 -37.04 -25.88
CA GLY J 389 -0.17 -35.78 -26.58
C GLY J 389 -0.56 -35.97 -28.03
N VAL J 390 -1.28 -34.99 -28.58
CA VAL J 390 -1.76 -35.04 -29.95
C VAL J 390 -0.98 -34.11 -30.86
N LEU J 391 -0.71 -32.89 -30.38
CA LEU J 391 0.11 -31.84 -31.02
C LEU J 391 -0.46 -31.46 -32.40
N LEU J 392 -1.63 -30.81 -32.34
CA LEU J 392 -2.22 -30.24 -33.53
C LEU J 392 -1.49 -28.95 -33.90
N TYR J 393 -0.92 -28.93 -35.09
CA TYR J 393 -0.28 -27.72 -35.60
C TYR J 393 -1.33 -26.89 -36.34
N GLY J 394 -0.90 -25.82 -37.00
CA GLY J 394 -1.78 -25.04 -37.82
C GLY J 394 -1.45 -23.57 -37.86
N PRO J 395 -1.99 -22.85 -38.85
CA PRO J 395 -1.80 -21.39 -38.90
C PRO J 395 -2.73 -20.68 -37.95
N PRO J 396 -2.57 -19.34 -37.73
CA PRO J 396 -3.60 -18.58 -37.01
C PRO J 396 -4.94 -18.57 -37.73
N GLY J 397 -5.89 -19.27 -37.14
CA GLY J 397 -7.15 -19.56 -37.79
C GLY J 397 -7.50 -21.03 -37.64
N THR J 398 -8.16 -21.58 -38.65
CA THR J 398 -8.66 -22.96 -38.82
C THR J 398 -9.61 -23.32 -37.66
N GLY J 399 -9.65 -24.59 -37.29
CA GLY J 399 -10.68 -25.07 -36.39
C GLY J 399 -10.14 -25.65 -35.10
N LYS J 400 -9.11 -25.00 -34.53
CA LYS J 400 -8.43 -25.52 -33.36
C LYS J 400 -9.18 -25.30 -32.05
N THR J 401 -10.31 -24.59 -32.04
CA THR J 401 -11.12 -24.47 -30.84
C THR J 401 -12.46 -25.20 -30.90
N MET J 402 -12.86 -25.73 -32.07
CA MET J 402 -14.08 -26.53 -32.11
C MET J 402 -13.82 -28.02 -31.92
N ILE J 403 -12.66 -28.51 -32.37
CA ILE J 403 -12.32 -29.91 -32.17
C ILE J 403 -11.93 -30.18 -30.73
N ALA J 404 -11.50 -29.15 -29.99
CA ALA J 404 -11.31 -29.28 -28.55
C ALA J 404 -12.64 -29.42 -27.83
N ARG J 405 -13.67 -28.73 -28.31
CA ARG J 405 -15.00 -28.92 -27.74
C ARG J 405 -15.65 -30.21 -28.20
N ALA J 406 -15.27 -30.72 -29.37
CA ALA J 406 -15.93 -31.88 -29.99
C ALA J 406 -15.64 -33.18 -29.26
N VAL J 407 -14.46 -33.29 -28.65
CA VAL J 407 -14.09 -34.53 -27.96
C VAL J 407 -14.71 -34.62 -26.58
N ALA J 408 -15.29 -33.54 -26.07
CA ALA J 408 -15.87 -33.53 -24.73
C ALA J 408 -17.39 -33.67 -24.73
N ASN J 409 -18.08 -33.06 -25.69
CA ASN J 409 -19.53 -33.04 -25.71
C ASN J 409 -20.18 -34.21 -26.45
N GLU J 410 -19.39 -35.03 -27.14
CA GLU J 410 -19.96 -36.06 -27.99
C GLU J 410 -19.97 -37.43 -27.30
N VAL J 411 -18.81 -37.89 -26.85
CA VAL J 411 -18.75 -39.10 -26.05
C VAL J 411 -19.14 -38.77 -24.62
N GLY J 412 -19.78 -39.73 -23.96
CA GLY J 412 -20.32 -39.49 -22.63
C GLY J 412 -19.38 -39.85 -21.50
N ALA J 413 -18.75 -38.84 -20.91
CA ALA J 413 -17.75 -39.05 -19.86
C ALA J 413 -17.71 -37.80 -18.99
N TYR J 414 -16.67 -37.70 -18.17
CA TYR J 414 -16.48 -36.53 -17.32
C TYR J 414 -15.97 -35.36 -18.16
N VAL J 415 -16.74 -34.28 -18.19
CA VAL J 415 -16.48 -33.14 -19.08
C VAL J 415 -15.89 -32.01 -18.27
N SER J 416 -14.63 -31.68 -18.53
CA SER J 416 -13.98 -30.51 -17.96
C SER J 416 -12.89 -30.05 -18.91
N VAL J 417 -12.91 -28.78 -19.29
CA VAL J 417 -11.88 -28.15 -20.10
C VAL J 417 -11.40 -26.90 -19.37
N ILE J 418 -10.15 -26.50 -19.64
CA ILE J 418 -9.59 -25.26 -19.13
C ILE J 418 -8.94 -24.51 -20.28
N ASN J 419 -8.68 -23.22 -20.06
CA ASN J 419 -8.03 -22.37 -21.04
C ASN J 419 -6.60 -22.09 -20.59
N GLY J 420 -5.67 -22.22 -21.53
CA GLY J 420 -4.25 -22.10 -21.24
C GLY J 420 -3.75 -20.70 -20.90
N PRO J 421 -3.66 -19.79 -21.88
CA PRO J 421 -3.10 -18.46 -21.60
C PRO J 421 -4.12 -17.38 -21.28
N GLU J 422 -5.39 -17.72 -21.07
CA GLU J 422 -6.38 -16.71 -20.73
C GLU J 422 -6.23 -16.22 -19.29
N ILE J 423 -5.97 -17.14 -18.36
CA ILE J 423 -5.84 -16.80 -16.95
C ILE J 423 -4.38 -16.52 -16.63
N ILE J 424 -4.10 -15.30 -16.17
CA ILE J 424 -2.77 -14.88 -15.72
C ILE J 424 -2.96 -14.19 -14.37
N SER J 425 -2.30 -14.71 -13.35
CA SER J 425 -2.41 -14.16 -12.01
C SER J 425 -1.09 -14.39 -11.27
N LYS J 426 -0.95 -13.73 -10.13
CA LYS J 426 0.22 -13.93 -9.27
C LYS J 426 0.13 -15.21 -8.48
N PHE J 427 -1.05 -15.53 -7.95
CA PHE J 427 -1.29 -16.76 -7.20
C PHE J 427 -1.99 -17.74 -8.13
N TYR J 428 -1.27 -18.79 -8.53
CA TYR J 428 -1.79 -19.73 -9.52
C TYR J 428 -1.62 -21.20 -9.16
N GLY J 429 -0.60 -21.56 -8.37
CA GLY J 429 -0.35 -22.95 -8.06
C GLY J 429 -1.33 -23.52 -7.06
N GLU J 430 -1.93 -22.67 -6.23
CA GLU J 430 -3.02 -23.10 -5.37
C GLU J 430 -4.34 -23.24 -6.11
N THR J 431 -4.44 -22.66 -7.31
CA THR J 431 -5.53 -22.96 -8.22
C THR J 431 -5.15 -24.10 -9.17
N GLU J 432 -3.85 -24.27 -9.42
CA GLU J 432 -3.40 -25.41 -10.21
C GLU J 432 -3.53 -26.72 -9.43
N ALA J 433 -3.28 -26.67 -8.11
CA ALA J 433 -3.53 -27.83 -7.27
C ALA J 433 -5.02 -28.06 -7.08
N LYS J 434 -5.83 -27.00 -7.18
CA LYS J 434 -7.28 -27.17 -7.29
C LYS J 434 -7.65 -27.81 -8.62
N LEU J 435 -6.86 -27.54 -9.65
CA LEU J 435 -7.10 -28.15 -10.94
C LEU J 435 -6.67 -29.58 -10.88
N ARG J 436 -5.39 -29.79 -10.61
CA ARG J 436 -4.87 -31.14 -10.52
C ARG J 436 -5.66 -31.89 -9.49
N GLN J 437 -6.27 -31.14 -8.58
CA GLN J 437 -7.14 -31.78 -7.62
C GLN J 437 -8.21 -32.48 -8.40
N ILE J 438 -8.86 -31.73 -9.29
CA ILE J 438 -9.89 -32.31 -10.11
C ILE J 438 -9.31 -33.54 -10.73
N PHE J 439 -8.14 -33.39 -11.31
CA PHE J 439 -7.49 -34.53 -11.89
C PHE J 439 -7.59 -35.70 -10.91
N ALA J 440 -7.35 -35.43 -9.63
CA ALA J 440 -7.40 -36.50 -8.65
C ALA J 440 -8.84 -36.98 -8.43
N GLU J 441 -9.83 -36.10 -8.62
CA GLU J 441 -11.21 -36.55 -8.69
C GLU J 441 -11.49 -37.24 -10.01
N ALA J 442 -10.73 -36.90 -11.07
CA ALA J 442 -10.88 -37.58 -12.35
C ALA J 442 -10.20 -38.94 -12.37
N THR J 443 -9.36 -39.26 -11.39
CA THR J 443 -8.85 -40.62 -11.26
C THR J 443 -9.92 -41.59 -10.78
N LEU J 444 -10.94 -41.10 -10.06
CA LEU J 444 -12.06 -41.95 -9.71
C LEU J 444 -12.97 -42.21 -10.91
N ARG J 445 -13.23 -41.18 -11.71
CA ARG J 445 -14.01 -41.30 -12.94
C ARG J 445 -13.06 -41.58 -14.09
N HIS J 446 -12.65 -42.85 -14.19
CA HIS J 446 -11.60 -43.42 -15.04
C HIS J 446 -11.60 -43.12 -16.55
N PRO J 447 -12.75 -42.77 -17.24
CA PRO J 447 -12.62 -42.14 -18.57
C PRO J 447 -11.84 -40.82 -18.59
N SER J 448 -12.32 -39.82 -17.84
CA SER J 448 -11.59 -38.60 -17.43
C SER J 448 -11.14 -37.75 -18.62
N ILE J 449 -12.11 -37.17 -19.32
CA ILE J 449 -11.78 -36.21 -20.38
C ILE J 449 -11.41 -34.91 -19.68
N ILE J 450 -10.11 -34.71 -19.46
CA ILE J 450 -9.56 -33.48 -18.91
C ILE J 450 -8.26 -33.19 -19.65
N PHE J 451 -8.11 -31.96 -20.14
CA PHE J 451 -6.92 -31.57 -20.89
C PHE J 451 -6.70 -30.07 -20.73
N ILE J 452 -5.47 -29.66 -21.02
CA ILE J 452 -5.07 -28.26 -20.96
C ILE J 452 -5.13 -27.76 -22.40
N ASP J 453 -6.20 -27.05 -22.74
CA ASP J 453 -6.35 -26.54 -24.09
C ASP J 453 -5.49 -25.31 -24.28
N GLN J 454 -5.37 -24.91 -25.57
CA GLN J 454 -4.59 -23.72 -25.93
C GLN J 454 -3.17 -23.79 -25.41
N LEU J 455 -2.34 -24.59 -26.08
CA LEU J 455 -0.93 -24.72 -25.71
C LEU J 455 -0.01 -23.96 -26.64
N ASP J 456 -0.44 -22.79 -27.09
CA ASP J 456 0.27 -22.01 -28.09
C ASP J 456 1.55 -21.41 -27.51
N ALA J 457 1.42 -20.53 -26.52
CA ALA J 457 2.59 -19.92 -25.89
C ALA J 457 2.71 -20.29 -24.42
N LEU J 458 1.70 -19.98 -23.60
CA LEU J 458 1.73 -19.92 -22.13
C LEU J 458 2.96 -19.14 -21.65
N CYS J 459 3.87 -19.82 -20.96
CA CYS J 459 5.24 -19.33 -20.86
C CYS J 459 6.02 -19.81 -22.07
N PRO J 460 6.53 -18.91 -22.92
CA PRO J 460 7.08 -19.35 -24.22
C PRO J 460 8.47 -19.96 -24.11
N LYS J 461 8.52 -21.30 -24.20
CA LYS J 461 9.68 -22.22 -24.25
C LYS J 461 10.83 -21.93 -23.28
N ARG J 462 10.49 -21.40 -22.09
CA ARG J 462 11.42 -20.82 -21.09
C ARG J 462 12.37 -19.80 -21.72
N GLU J 463 11.82 -18.92 -22.57
CA GLU J 463 12.57 -17.86 -23.22
C GLU J 463 12.06 -16.49 -22.84
N GLY J 464 10.74 -16.28 -22.87
CA GLY J 464 10.14 -15.06 -22.39
C GLY J 464 9.92 -15.00 -20.90
N ALA J 465 10.19 -16.09 -20.18
CA ALA J 465 10.06 -16.14 -18.73
C ALA J 465 11.37 -15.64 -18.12
N GLN J 466 11.52 -14.30 -18.12
CA GLN J 466 12.73 -13.68 -17.61
C GLN J 466 12.78 -13.70 -16.08
N ASN J 467 11.66 -13.41 -15.43
CA ASN J 467 11.61 -13.38 -13.97
C ASN J 467 11.33 -14.77 -13.42
N GLU J 468 11.67 -14.96 -12.15
CA GLU J 468 11.52 -16.25 -11.48
C GLU J 468 10.10 -16.51 -11.00
N VAL J 469 9.21 -15.52 -11.06
CA VAL J 469 7.81 -15.73 -10.68
C VAL J 469 7.10 -16.58 -11.71
N GLU J 470 7.29 -16.27 -12.99
CA GLU J 470 6.71 -17.06 -14.08
C GLU J 470 7.60 -18.25 -14.47
N LYS J 471 8.77 -18.40 -13.85
CA LYS J 471 9.54 -19.63 -13.97
C LYS J 471 9.05 -20.70 -13.02
N ARG J 472 8.21 -20.36 -12.05
CA ARG J 472 7.58 -21.36 -11.19
C ARG J 472 6.40 -22.06 -11.86
N VAL J 473 5.92 -21.53 -13.00
CA VAL J 473 4.92 -22.20 -13.81
C VAL J 473 5.51 -23.46 -14.43
N VAL J 474 6.79 -23.40 -14.80
CA VAL J 474 7.49 -24.54 -15.38
C VAL J 474 7.73 -25.62 -14.32
N ALA J 475 8.09 -25.21 -13.11
CA ALA J 475 8.38 -26.16 -12.04
C ALA J 475 7.12 -26.81 -11.46
N SER J 476 6.00 -26.07 -11.43
CA SER J 476 4.77 -26.63 -10.90
C SER J 476 4.09 -27.59 -11.87
N LEU J 477 4.21 -27.34 -13.18
CA LEU J 477 3.46 -28.11 -14.16
C LEU J 477 4.24 -29.29 -14.71
N LEU J 478 5.49 -29.08 -15.13
CA LEU J 478 6.25 -30.09 -15.87
C LEU J 478 6.76 -31.23 -14.98
N THR J 479 6.78 -31.03 -13.66
CA THR J 479 7.07 -32.13 -12.76
C THR J 479 5.91 -33.12 -12.71
N LEU J 480 4.68 -32.62 -12.62
CA LEU J 480 3.51 -33.47 -12.47
C LEU J 480 3.07 -34.12 -13.77
N MET J 481 3.17 -33.42 -14.91
CA MET J 481 2.65 -33.97 -16.15
C MET J 481 3.59 -34.96 -16.83
N ASP J 482 4.83 -35.05 -16.36
CA ASP J 482 5.77 -36.06 -16.84
C ASP J 482 5.80 -37.28 -15.93
N GLY J 483 5.98 -37.07 -14.63
CA GLY J 483 5.85 -38.14 -13.66
C GLY J 483 4.44 -38.23 -13.11
N ILE J 484 3.49 -38.66 -13.95
CA ILE J 484 2.10 -38.77 -13.53
C ILE J 484 1.90 -39.97 -12.62
N GLY J 485 2.46 -41.11 -13.00
CA GLY J 485 2.19 -42.34 -12.28
C GLY J 485 0.81 -42.88 -12.63
N SER J 486 0.33 -43.80 -11.77
CA SER J 486 -0.96 -44.50 -11.86
C SER J 486 -1.09 -45.27 -13.18
N GLU J 487 -0.24 -46.28 -13.33
CA GLU J 487 -0.13 -47.04 -14.57
C GLU J 487 -1.11 -48.22 -14.64
N VAL J 488 -2.10 -48.29 -13.73
CA VAL J 488 -3.17 -49.26 -13.87
C VAL J 488 -4.07 -48.88 -15.04
N SER J 489 -4.39 -47.59 -15.18
CA SER J 489 -5.13 -47.10 -16.34
C SER J 489 -4.16 -46.99 -17.52
N GLU J 490 -4.40 -47.80 -18.55
CA GLU J 490 -3.48 -47.88 -19.69
C GLU J 490 -3.78 -46.75 -20.67
N GLY J 491 -3.23 -45.58 -20.35
CA GLY J 491 -3.37 -44.41 -21.20
C GLY J 491 -4.75 -43.81 -21.30
N GLN J 492 -5.48 -43.72 -20.19
CA GLN J 492 -6.82 -43.18 -20.19
C GLN J 492 -6.86 -41.67 -19.96
N VAL J 493 -5.71 -41.02 -19.86
CA VAL J 493 -5.62 -39.57 -19.70
C VAL J 493 -5.03 -39.01 -20.99
N LEU J 494 -5.77 -38.11 -21.64
CA LEU J 494 -5.38 -37.53 -22.92
C LEU J 494 -5.18 -36.04 -22.76
N VAL J 495 -4.06 -35.54 -23.27
CA VAL J 495 -3.75 -34.11 -23.28
C VAL J 495 -3.81 -33.63 -24.72
N LEU J 496 -4.64 -32.63 -24.99
CA LEU J 496 -4.84 -32.08 -26.32
C LEU J 496 -4.15 -30.72 -26.39
N GLY J 497 -3.20 -30.59 -27.31
CA GLY J 497 -2.39 -29.37 -27.39
C GLY J 497 -3.02 -28.23 -28.14
N ALA J 498 -3.30 -28.46 -29.44
CA ALA J 498 -3.82 -27.50 -30.42
C ALA J 498 -2.93 -26.26 -30.51
N THR J 499 -1.67 -26.49 -30.86
CA THR J 499 -0.68 -25.44 -30.89
C THR J 499 -0.82 -24.58 -32.13
N ASN J 500 -0.85 -23.25 -31.94
CA ASN J 500 -0.84 -22.32 -33.05
C ASN J 500 0.59 -22.06 -33.53
N ARG J 501 1.45 -21.54 -32.66
CA ARG J 501 2.82 -21.28 -33.03
C ARG J 501 3.64 -22.55 -32.85
N PRO J 502 4.21 -23.11 -33.93
CA PRO J 502 4.99 -24.35 -33.76
C PRO J 502 6.38 -24.14 -33.20
N HIS J 503 6.93 -22.93 -33.32
CA HIS J 503 8.27 -22.64 -32.88
C HIS J 503 8.31 -22.06 -31.47
N ALA J 504 7.17 -21.88 -30.83
CA ALA J 504 7.09 -21.48 -29.43
C ALA J 504 7.00 -22.66 -28.49
N LEU J 505 7.02 -23.89 -29.01
CA LEU J 505 6.94 -25.09 -28.20
C LEU J 505 8.26 -25.34 -27.48
N ASP J 506 8.18 -25.86 -26.26
CA ASP J 506 9.37 -26.20 -25.50
C ASP J 506 10.02 -27.47 -26.04
N ALA J 507 11.29 -27.65 -25.69
CA ALA J 507 12.06 -28.80 -26.16
C ALA J 507 11.82 -30.05 -25.33
N ALA J 508 11.09 -29.94 -24.22
CA ALA J 508 10.76 -31.09 -23.37
C ALA J 508 9.41 -31.69 -23.70
N LEU J 509 8.86 -31.41 -24.88
CA LEU J 509 7.59 -31.94 -25.34
C LEU J 509 7.74 -32.63 -26.69
N ARG J 510 8.86 -33.33 -26.88
CA ARG J 510 9.17 -33.91 -28.18
C ARG J 510 9.54 -35.38 -28.02
N ARG J 511 9.91 -35.79 -26.81
CA ARG J 511 10.22 -37.18 -26.52
C ARG J 511 8.94 -38.02 -26.50
N PRO J 512 9.04 -39.33 -26.76
CA PRO J 512 7.85 -40.19 -26.73
C PRO J 512 7.29 -40.38 -25.32
N GLY J 513 6.05 -40.88 -25.29
CA GLY J 513 5.21 -40.86 -24.10
C GLY J 513 4.29 -39.66 -24.12
N ARG J 514 4.88 -38.47 -24.22
CA ARG J 514 4.16 -37.22 -24.45
C ARG J 514 4.11 -36.96 -25.96
N PHE J 515 3.89 -35.69 -26.35
CA PHE J 515 3.41 -35.19 -27.65
C PHE J 515 4.22 -35.67 -28.84
N ASP J 516 3.57 -36.44 -29.72
CA ASP J 516 4.29 -37.12 -30.80
C ASP J 516 3.67 -36.89 -32.18
N LYS J 517 2.35 -36.88 -32.28
CA LYS J 517 1.66 -36.92 -33.56
C LYS J 517 1.69 -35.56 -34.25
N GLU J 518 1.59 -35.59 -35.58
CA GLU J 518 1.74 -34.40 -36.43
C GLU J 518 0.58 -34.39 -37.42
N ILE J 519 -0.52 -33.76 -37.06
CA ILE J 519 -1.67 -33.62 -37.95
C ILE J 519 -2.08 -32.16 -38.03
N GLU J 520 -2.39 -31.71 -39.24
CA GLU J 520 -2.46 -30.29 -39.55
C GLU J 520 -3.45 -30.04 -40.68
N ILE J 521 -4.14 -28.91 -40.60
CA ILE J 521 -5.04 -28.47 -41.66
C ILE J 521 -4.23 -27.69 -42.69
N GLY J 522 -4.04 -28.30 -43.86
CA GLY J 522 -3.04 -27.85 -44.81
C GLY J 522 -3.49 -26.75 -45.75
N VAL J 523 -2.83 -26.71 -46.90
CA VAL J 523 -2.89 -25.62 -47.87
C VAL J 523 -4.21 -25.66 -48.65
N PRO J 524 -4.84 -24.52 -48.92
CA PRO J 524 -6.00 -24.47 -49.84
C PRO J 524 -5.62 -24.87 -51.25
N ASN J 525 -6.34 -25.88 -51.79
CA ASN J 525 -6.08 -26.40 -53.13
C ASN J 525 -7.38 -26.60 -53.92
N ALA J 526 -8.43 -25.86 -53.58
CA ALA J 526 -9.81 -25.97 -54.10
C ALA J 526 -10.35 -27.39 -53.93
N GLN J 527 -10.53 -27.74 -52.66
CA GLN J 527 -10.68 -29.08 -52.13
C GLN J 527 -11.98 -29.17 -51.33
N ASP J 528 -12.06 -30.12 -50.38
CA ASP J 528 -13.28 -30.52 -49.68
C ASP J 528 -13.77 -29.54 -48.61
N ARG J 529 -13.38 -28.26 -48.66
CA ARG J 529 -14.08 -27.20 -47.94
C ARG J 529 -15.32 -26.74 -48.71
N LEU J 530 -15.55 -27.29 -49.90
CA LEU J 530 -16.86 -27.20 -50.54
C LEU J 530 -17.89 -28.04 -49.79
N ASP J 531 -17.43 -29.10 -49.11
CA ASP J 531 -18.31 -29.90 -48.26
C ASP J 531 -18.77 -29.13 -47.03
N ILE J 532 -17.88 -28.33 -46.43
CA ILE J 532 -18.27 -27.57 -45.24
C ILE J 532 -19.12 -26.35 -45.59
N LEU J 533 -19.03 -25.85 -46.80
CA LEU J 533 -19.91 -24.77 -47.10
C LEU J 533 -21.29 -25.32 -47.33
N GLN J 534 -21.38 -26.47 -47.97
CA GLN J 534 -22.68 -27.01 -48.34
C GLN J 534 -23.59 -27.17 -47.14
N LYS J 535 -23.02 -27.41 -45.96
CA LYS J 535 -23.78 -27.77 -44.78
C LYS J 535 -23.67 -26.76 -43.64
N LEU J 536 -22.97 -25.65 -43.85
CA LEU J 536 -23.28 -24.45 -43.09
C LEU J 536 -24.24 -23.53 -43.84
N LEU J 537 -24.54 -23.84 -45.09
CA LEU J 537 -25.55 -23.10 -45.86
C LEU J 537 -26.85 -23.88 -45.77
N ARG J 538 -27.38 -23.98 -44.56
CA ARG J 538 -28.46 -24.91 -44.26
C ARG J 538 -29.66 -24.30 -43.54
N ARG J 539 -29.49 -23.17 -42.84
CA ARG J 539 -30.58 -22.60 -42.06
C ARG J 539 -30.99 -21.22 -42.53
N VAL J 540 -30.54 -20.81 -43.72
CA VAL J 540 -30.84 -19.48 -44.26
C VAL J 540 -31.56 -19.66 -45.60
N PRO J 541 -32.42 -18.71 -46.02
CA PRO J 541 -33.02 -18.83 -47.37
C PRO J 541 -32.04 -18.45 -48.47
N HIS J 542 -31.24 -19.37 -48.98
CA HIS J 542 -30.23 -18.93 -49.97
C HIS J 542 -30.58 -19.20 -51.42
N LEU J 543 -29.56 -19.41 -52.23
CA LEU J 543 -29.78 -19.71 -53.64
C LEU J 543 -28.48 -20.10 -54.34
N LEU J 544 -28.27 -21.40 -54.54
CA LEU J 544 -27.06 -21.88 -55.21
C LEU J 544 -27.11 -23.32 -55.76
N THR J 545 -27.31 -23.49 -57.07
CA THR J 545 -27.32 -24.80 -57.69
C THR J 545 -25.97 -25.50 -57.49
N GLU J 546 -25.95 -26.81 -57.78
CA GLU J 546 -24.72 -27.58 -57.64
C GLU J 546 -23.73 -27.27 -58.75
N ALA J 547 -24.21 -26.85 -59.92
CA ALA J 547 -23.31 -26.40 -60.98
C ALA J 547 -22.68 -25.06 -60.66
N GLU J 548 -23.38 -24.24 -59.87
CA GLU J 548 -22.79 -23.01 -59.35
C GLU J 548 -21.86 -23.26 -58.17
N LEU J 549 -21.91 -24.43 -57.57
CA LEU J 549 -20.91 -24.85 -56.60
C LEU J 549 -19.71 -25.50 -57.28
N LEU J 550 -19.81 -25.83 -58.57
CA LEU J 550 -18.69 -26.37 -59.32
C LEU J 550 -17.69 -25.30 -59.74
N GLN J 551 -18.15 -24.07 -60.02
CA GLN J 551 -17.22 -22.98 -60.27
C GLN J 551 -16.58 -22.47 -58.99
N LEU J 552 -17.18 -22.74 -57.84
CA LEU J 552 -16.55 -22.55 -56.55
C LEU J 552 -15.59 -23.69 -56.20
N ALA J 553 -15.62 -24.79 -56.95
CA ALA J 553 -14.72 -25.91 -56.72
C ALA J 553 -13.41 -25.78 -57.48
N ASN J 554 -13.20 -24.69 -58.20
CA ASN J 554 -11.95 -24.44 -58.90
C ASN J 554 -11.21 -23.23 -58.37
N SER J 555 -11.90 -22.26 -57.77
CA SER J 555 -11.30 -21.04 -57.28
C SER J 555 -11.24 -20.98 -55.75
N ALA J 556 -11.27 -22.14 -55.08
CA ALA J 556 -11.25 -22.18 -53.62
C ALA J 556 -9.86 -22.44 -53.07
N HIS J 557 -8.82 -22.08 -53.82
CA HIS J 557 -7.44 -22.13 -53.30
C HIS J 557 -7.01 -20.77 -52.74
N GLY J 558 -7.87 -20.17 -51.92
CA GLY J 558 -7.61 -18.84 -51.40
C GLY J 558 -7.47 -18.78 -49.90
N TYR J 559 -8.56 -18.39 -49.24
CA TYR J 559 -8.62 -18.15 -47.81
C TYR J 559 -8.67 -19.46 -47.02
N VAL J 560 -8.89 -19.34 -45.72
CA VAL J 560 -8.78 -20.48 -44.81
C VAL J 560 -10.15 -20.78 -44.21
N GLY J 561 -10.20 -21.74 -43.31
CA GLY J 561 -11.46 -22.12 -42.69
C GLY J 561 -11.98 -21.16 -41.64
N ALA J 562 -11.15 -20.22 -41.18
CA ALA J 562 -11.57 -19.29 -40.13
C ALA J 562 -12.50 -18.22 -40.68
N ASP J 563 -12.19 -17.67 -41.85
CA ASP J 563 -13.01 -16.61 -42.42
C ASP J 563 -14.03 -17.13 -43.43
N LEU J 564 -14.47 -18.39 -43.26
CA LEU J 564 -15.65 -18.88 -43.96
C LEU J 564 -16.90 -18.12 -43.53
N LYS J 565 -17.01 -17.83 -42.23
CA LYS J 565 -18.18 -17.15 -41.71
C LYS J 565 -18.16 -15.67 -42.02
N VAL J 566 -17.00 -15.13 -42.39
CA VAL J 566 -16.91 -13.72 -42.75
C VAL J 566 -17.60 -13.46 -44.09
N LEU J 567 -17.22 -14.19 -45.15
CA LEU J 567 -17.83 -13.89 -46.45
C LEU J 567 -19.21 -14.50 -46.56
N CYS J 568 -19.57 -15.43 -45.68
CA CYS J 568 -20.98 -15.82 -45.61
C CYS J 568 -21.82 -14.72 -44.99
N ASN J 569 -21.25 -13.96 -44.05
CA ASN J 569 -21.99 -12.85 -43.47
C ASN J 569 -21.99 -11.61 -44.37
N GLU J 570 -20.81 -11.12 -44.76
CA GLU J 570 -20.77 -9.82 -45.44
C GLU J 570 -21.20 -9.87 -46.90
N ALA J 571 -21.33 -11.04 -47.50
CA ALA J 571 -22.08 -11.14 -48.74
C ALA J 571 -23.53 -11.52 -48.49
N GLY J 572 -23.80 -12.21 -47.38
CA GLY J 572 -25.18 -12.44 -46.98
C GLY J 572 -25.87 -11.17 -46.53
N LEU J 573 -25.14 -10.29 -45.84
CA LEU J 573 -25.70 -9.00 -45.45
C LEU J 573 -25.64 -8.01 -46.61
N CYS J 574 -24.83 -8.28 -47.63
CA CYS J 574 -24.86 -7.52 -48.86
C CYS J 574 -26.17 -7.72 -49.62
N ALA J 575 -26.76 -8.91 -49.50
CA ALA J 575 -28.08 -9.17 -50.09
C ALA J 575 -29.20 -8.40 -49.41
N LEU J 576 -29.02 -8.02 -48.13
CA LEU J 576 -30.01 -7.21 -47.46
C LEU J 576 -30.00 -5.78 -47.98
N ARG J 577 -28.84 -5.28 -48.38
CA ARG J 577 -28.79 -3.87 -48.76
C ARG J 577 -29.09 -3.62 -50.24
N ARG J 578 -29.36 -4.66 -51.03
CA ARG J 578 -29.92 -4.40 -52.36
C ARG J 578 -31.43 -4.29 -52.37
N ILE J 579 -32.14 -4.94 -51.44
CA ILE J 579 -33.59 -4.86 -51.48
C ILE J 579 -34.12 -3.55 -50.89
N LEU J 580 -33.26 -2.80 -50.19
CA LEU J 580 -33.59 -1.43 -49.85
C LEU J 580 -33.31 -0.48 -51.00
N LYS J 581 -32.41 -0.84 -51.93
CA LYS J 581 -32.10 0.01 -53.07
C LYS J 581 -33.24 0.02 -54.08
N LYS J 582 -33.93 -1.11 -54.26
CA LYS J 582 -35.08 -1.12 -55.15
C LYS J 582 -36.32 -0.58 -54.46
N GLN J 583 -36.75 -1.23 -53.38
CA GLN J 583 -37.95 -0.83 -52.65
C GLN J 583 -37.60 -0.50 -51.20
N PRO J 584 -37.39 0.78 -50.84
CA PRO J 584 -37.22 1.16 -49.43
C PRO J 584 -38.53 1.48 -48.72
N ASN J 585 -39.53 0.60 -48.88
CA ASN J 585 -40.85 0.85 -48.31
C ASN J 585 -41.50 -0.36 -47.68
N LEU J 586 -40.96 -1.58 -47.86
CA LEU J 586 -41.61 -2.79 -47.36
C LEU J 586 -41.42 -2.92 -45.85
N PRO J 587 -42.39 -3.49 -45.15
CA PRO J 587 -42.21 -3.75 -43.71
C PRO J 587 -41.26 -4.90 -43.46
N ASP J 588 -40.84 -5.02 -42.20
CA ASP J 588 -39.83 -5.99 -41.80
C ASP J 588 -40.36 -7.42 -41.72
N VAL J 589 -41.68 -7.62 -41.76
CA VAL J 589 -42.20 -8.99 -41.81
C VAL J 589 -42.03 -9.58 -43.20
N LYS J 590 -41.93 -8.75 -44.23
CA LYS J 590 -41.61 -9.21 -45.57
C LYS J 590 -40.12 -9.10 -45.90
N VAL J 591 -39.33 -8.49 -45.01
CA VAL J 591 -37.88 -8.43 -45.21
C VAL J 591 -37.26 -9.79 -44.96
N ALA J 592 -37.64 -10.43 -43.85
CA ALA J 592 -37.01 -11.69 -43.42
C ALA J 592 -37.40 -12.89 -44.26
N GLY J 593 -38.50 -12.79 -45.01
CA GLY J 593 -38.85 -13.84 -45.94
C GLY J 593 -38.21 -13.65 -47.30
N LEU J 594 -38.16 -12.41 -47.76
CA LEU J 594 -37.64 -12.09 -49.10
C LEU J 594 -36.17 -11.72 -49.07
N VAL J 595 -35.34 -12.58 -48.49
CA VAL J 595 -33.88 -12.49 -48.63
C VAL J 595 -33.43 -13.77 -49.31
N LYS J 596 -32.83 -13.65 -50.49
CA LYS J 596 -32.32 -14.79 -51.23
C LYS J 596 -30.96 -14.38 -51.77
N ILE J 597 -29.90 -15.04 -51.32
CA ILE J 597 -28.56 -14.72 -51.80
C ILE J 597 -28.36 -15.34 -53.18
N THR J 598 -27.68 -14.61 -54.05
CA THR J 598 -27.52 -14.99 -55.45
C THR J 598 -26.06 -15.30 -55.73
N LEU J 599 -25.76 -15.51 -57.02
CA LEU J 599 -24.39 -15.69 -57.47
C LEU J 599 -23.60 -14.39 -57.38
N LYS J 600 -24.28 -13.25 -57.55
CA LYS J 600 -23.62 -11.95 -57.58
C LYS J 600 -23.25 -11.42 -56.20
N ASP J 601 -23.65 -12.09 -55.12
CA ASP J 601 -23.31 -11.62 -53.78
C ASP J 601 -21.84 -11.85 -53.46
N PHE J 602 -21.38 -13.10 -53.62
CA PHE J 602 -19.98 -13.42 -53.45
C PHE J 602 -19.15 -13.13 -54.69
N LEU J 603 -19.81 -12.86 -55.82
CA LEU J 603 -19.10 -12.27 -56.97
C LEU J 603 -18.82 -10.80 -56.75
N GLN J 604 -19.52 -10.16 -55.82
CA GLN J 604 -19.11 -8.86 -55.32
C GLN J 604 -18.03 -9.00 -54.25
N ALA J 605 -17.85 -10.19 -53.69
CA ALA J 605 -17.07 -10.38 -52.48
C ALA J 605 -15.90 -11.35 -52.64
N MET J 606 -15.17 -11.32 -53.77
CA MET J 606 -13.84 -11.91 -53.72
C MET J 606 -12.80 -10.89 -53.27
N ASN J 607 -13.01 -9.61 -53.57
CA ASN J 607 -12.09 -8.57 -53.16
C ASN J 607 -12.50 -7.90 -51.86
N ASP J 608 -13.56 -8.38 -51.23
CA ASP J 608 -13.99 -7.83 -49.95
C ASP J 608 -13.18 -8.36 -48.78
N ILE J 609 -12.36 -9.38 -48.99
CA ILE J 609 -11.56 -9.96 -47.92
C ILE J 609 -10.24 -9.19 -47.85
N ARG J 610 -9.92 -8.67 -46.66
CA ARG J 610 -8.62 -8.09 -46.41
C ARG J 610 -7.56 -9.19 -46.45
N PRO J 611 -6.43 -8.99 -47.18
CA PRO J 611 -5.50 -10.11 -47.42
C PRO J 611 -4.67 -10.52 -46.21
N SER J 612 -5.07 -11.62 -45.59
CA SER J 612 -4.32 -12.25 -44.51
C SER J 612 -4.26 -13.76 -44.62
N ALA J 613 -5.05 -14.39 -45.48
CA ALA J 613 -5.11 -15.83 -45.60
C ALA J 613 -4.76 -16.36 -46.98
N MET J 614 -4.77 -15.51 -48.02
CA MET J 614 -4.38 -15.97 -49.35
C MET J 614 -2.88 -16.02 -49.54
N ARG J 615 -2.10 -15.42 -48.64
CA ARG J 615 -0.65 -15.41 -48.76
C ARG J 615 -0.03 -16.77 -48.39
N ASN J 623 11.92 -27.64 -63.86
CA ASN J 623 13.18 -28.27 -63.51
C ASN J 623 14.19 -28.14 -64.64
N VAL J 624 15.39 -27.72 -64.30
CA VAL J 624 16.46 -27.62 -65.28
C VAL J 624 17.25 -28.92 -65.29
N SER J 625 18.00 -29.13 -66.36
CA SER J 625 18.86 -30.30 -66.51
C SER J 625 20.26 -29.84 -66.87
N TRP J 626 21.18 -30.81 -66.98
CA TRP J 626 22.56 -30.48 -67.32
C TRP J 626 22.75 -30.14 -68.79
N SER J 627 21.84 -30.59 -69.66
CA SER J 627 21.93 -30.24 -71.07
C SER J 627 21.34 -28.87 -71.37
N ASP J 628 20.58 -28.30 -70.44
CA ASP J 628 20.10 -26.93 -70.60
C ASP J 628 21.22 -25.93 -70.40
N ILE J 629 22.15 -26.24 -69.50
CA ILE J 629 23.23 -25.33 -69.14
C ILE J 629 24.45 -25.72 -69.98
N GLY J 630 24.83 -24.85 -70.92
CA GLY J 630 25.99 -25.13 -71.74
C GLY J 630 27.27 -24.84 -70.97
N GLY J 631 28.26 -25.70 -71.18
CA GLY J 631 29.44 -25.64 -70.36
C GLY J 631 29.17 -26.23 -68.99
N LEU J 632 30.10 -25.94 -68.07
CA LEU J 632 30.10 -26.36 -66.66
C LEU J 632 30.02 -27.88 -66.50
N GLU J 633 30.76 -28.59 -67.33
CA GLU J 633 30.84 -30.04 -67.24
C GLU J 633 31.99 -30.51 -66.37
N SER J 634 32.97 -29.64 -66.10
CA SER J 634 33.99 -29.95 -65.11
C SER J 634 33.46 -29.81 -63.70
N ILE J 635 32.45 -28.95 -63.50
CA ILE J 635 31.87 -28.78 -62.16
C ILE J 635 30.91 -29.92 -61.84
N LYS J 636 30.49 -30.70 -62.85
CA LYS J 636 29.71 -31.91 -62.61
C LYS J 636 30.53 -32.98 -61.91
N LEU J 637 31.79 -33.19 -62.36
CA LEU J 637 32.64 -34.23 -61.78
C LEU J 637 33.12 -33.88 -60.38
N LYS J 638 33.34 -32.60 -60.11
CA LYS J 638 33.73 -32.17 -58.76
C LYS J 638 32.57 -32.26 -57.78
N LEU J 639 31.34 -32.11 -58.27
CA LEU J 639 30.18 -32.26 -57.40
C LEU J 639 29.74 -33.70 -57.24
N GLU J 640 30.12 -34.60 -58.15
CA GLU J 640 29.83 -36.02 -57.96
C GLU J 640 30.71 -36.66 -56.89
N GLN J 641 31.85 -36.05 -56.56
CA GLN J 641 32.76 -36.59 -55.57
C GLN J 641 32.29 -36.38 -54.14
N ALA J 642 31.27 -35.54 -53.90
CA ALA J 642 30.72 -35.36 -52.57
C ALA J 642 29.35 -35.98 -52.39
N VAL J 643 28.65 -36.35 -53.46
CA VAL J 643 27.31 -36.90 -53.38
C VAL J 643 27.29 -38.40 -53.65
N GLU J 644 27.92 -38.83 -54.74
CA GLU J 644 27.82 -40.20 -55.21
C GLU J 644 29.00 -41.08 -54.81
N TRP J 645 30.22 -40.56 -54.91
CA TRP J 645 31.46 -41.28 -54.68
C TRP J 645 31.76 -41.79 -53.26
N PRO J 646 31.25 -41.21 -52.15
CA PRO J 646 31.31 -41.96 -50.88
C PRO J 646 30.58 -43.29 -50.84
N LEU J 647 29.45 -43.44 -51.52
CA LEU J 647 28.70 -44.68 -51.45
C LEU J 647 29.01 -45.66 -52.57
N LYS J 648 29.57 -45.19 -53.68
CA LYS J 648 29.75 -46.05 -54.85
C LYS J 648 31.18 -46.39 -55.18
N HIS J 649 32.13 -45.49 -54.92
CA HIS J 649 33.55 -45.75 -55.14
C HIS J 649 34.32 -45.45 -53.86
N PRO J 650 34.30 -46.35 -52.87
CA PRO J 650 34.92 -46.00 -51.58
C PRO J 650 36.42 -46.27 -51.49
N GLU J 651 36.95 -47.20 -52.30
CA GLU J 651 38.32 -47.65 -52.13
C GLU J 651 39.36 -46.71 -52.75
N SER J 652 38.95 -45.77 -53.59
CA SER J 652 39.92 -44.84 -54.14
C SER J 652 40.30 -43.75 -53.15
N PHE J 653 39.42 -43.42 -52.20
CA PHE J 653 39.76 -42.46 -51.17
C PHE J 653 40.68 -43.04 -50.11
N ILE J 654 40.54 -44.33 -49.78
CA ILE J 654 41.42 -44.95 -48.80
C ILE J 654 42.78 -45.25 -49.44
N ARG J 655 42.83 -45.42 -50.76
CA ARG J 655 44.11 -45.64 -51.44
C ARG J 655 44.93 -44.36 -51.51
N MET J 656 44.29 -43.21 -51.70
CA MET J 656 45.00 -41.94 -51.68
C MET J 656 45.25 -41.42 -50.28
N GLY J 657 44.55 -41.94 -49.28
CA GLY J 657 44.80 -41.54 -47.92
C GLY J 657 44.11 -40.27 -47.47
N ILE J 658 42.99 -39.92 -48.10
CA ILE J 658 42.21 -38.76 -47.68
C ILE J 658 40.87 -39.25 -47.14
N GLN J 659 40.35 -38.51 -46.16
CA GLN J 659 38.97 -38.65 -45.78
C GLN J 659 38.08 -38.13 -46.92
N PRO J 660 36.95 -38.79 -47.19
CA PRO J 660 36.01 -38.30 -48.22
C PRO J 660 35.40 -36.97 -47.82
N PRO J 661 35.18 -36.07 -48.79
CA PRO J 661 34.85 -34.68 -48.46
C PRO J 661 33.40 -34.52 -48.02
N LYS J 662 33.08 -33.30 -47.61
CA LYS J 662 31.74 -32.93 -47.17
C LYS J 662 31.27 -31.76 -48.02
N GLY J 663 30.30 -31.01 -47.51
CA GLY J 663 29.59 -30.02 -48.31
C GLY J 663 30.44 -28.86 -48.78
N VAL J 664 30.00 -28.27 -49.90
CA VAL J 664 30.82 -27.47 -50.78
C VAL J 664 30.38 -26.02 -50.69
N LEU J 665 31.34 -25.10 -50.62
CA LEU J 665 31.07 -23.68 -50.77
C LEU J 665 31.29 -23.27 -52.23
N LEU J 666 30.35 -22.52 -52.80
CA LEU J 666 30.45 -22.02 -54.16
C LEU J 666 30.57 -20.50 -54.13
N TYR J 667 31.53 -19.96 -54.87
CA TYR J 667 31.73 -18.52 -54.89
C TYR J 667 31.99 -18.06 -56.32
N GLY J 668 31.61 -16.81 -56.60
CA GLY J 668 31.81 -16.23 -57.90
C GLY J 668 31.10 -14.90 -58.08
N PRO J 669 30.86 -14.51 -59.33
CA PRO J 669 30.05 -13.31 -59.59
C PRO J 669 28.60 -13.57 -59.23
N PRO J 670 27.83 -12.52 -58.91
CA PRO J 670 26.42 -12.72 -58.59
C PRO J 670 25.59 -13.06 -59.81
N GLY J 671 24.51 -13.80 -59.57
CA GLY J 671 23.65 -14.22 -60.66
C GLY J 671 22.78 -15.37 -60.22
N CYS J 672 22.01 -15.86 -61.18
CA CYS J 672 21.11 -16.98 -60.99
C CYS J 672 21.78 -18.30 -61.41
N SER J 673 23.07 -18.24 -61.75
CA SER J 673 23.79 -19.43 -62.23
C SER J 673 24.08 -20.41 -61.11
N LYS J 674 24.26 -19.93 -59.88
CA LYS J 674 24.55 -20.83 -58.77
C LYS J 674 23.33 -21.58 -58.28
N THR J 675 22.13 -21.02 -58.44
CA THR J 675 20.91 -21.71 -58.04
C THR J 675 20.54 -22.81 -59.05
N MET J 676 20.85 -22.61 -60.32
CA MET J 676 20.55 -23.62 -61.34
C MET J 676 21.48 -24.83 -61.28
N ILE J 677 22.70 -24.66 -60.74
CA ILE J 677 23.63 -25.78 -60.61
C ILE J 677 23.15 -26.74 -59.52
N ALA J 678 22.65 -26.19 -58.40
CA ALA J 678 22.14 -27.02 -57.32
C ALA J 678 20.81 -27.69 -57.66
N LYS J 679 20.00 -27.07 -58.51
CA LYS J 679 18.77 -27.70 -58.95
C LYS J 679 19.02 -28.79 -59.98
N ALA J 680 20.04 -28.61 -60.83
CA ALA J 680 20.37 -29.64 -61.82
C ALA J 680 21.17 -30.79 -61.22
N LEU J 681 21.73 -30.61 -60.03
CA LEU J 681 22.38 -31.72 -59.35
C LEU J 681 21.37 -32.70 -58.78
N ALA J 682 20.25 -32.18 -58.26
CA ALA J 682 19.20 -33.02 -57.71
C ALA J 682 18.26 -33.60 -58.78
N ASN J 683 18.44 -33.22 -60.04
CA ASN J 683 17.63 -33.73 -61.13
C ASN J 683 18.19 -35.04 -61.69
N GLU J 684 19.49 -35.08 -61.98
CA GLU J 684 20.08 -36.25 -62.61
C GLU J 684 20.28 -37.39 -61.64
N SER J 685 20.77 -37.11 -60.44
CA SER J 685 20.71 -38.06 -59.34
C SER J 685 19.54 -37.63 -58.47
N GLY J 686 18.61 -38.56 -58.23
CA GLY J 686 17.36 -38.18 -57.61
C GLY J 686 17.48 -37.97 -56.11
N LEU J 687 17.47 -36.71 -55.70
CA LEU J 687 17.61 -36.35 -54.30
C LEU J 687 16.58 -35.28 -53.97
N ASN J 688 16.19 -35.23 -52.69
CA ASN J 688 15.29 -34.19 -52.23
C ASN J 688 16.03 -32.86 -52.09
N PHE J 689 15.27 -31.77 -52.17
CA PHE J 689 15.83 -30.42 -52.17
C PHE J 689 15.18 -29.60 -51.07
N LEU J 690 16.00 -28.94 -50.26
CA LEU J 690 15.53 -28.05 -49.21
C LEU J 690 16.36 -26.78 -49.26
N ALA J 691 15.73 -25.63 -49.06
CA ALA J 691 16.40 -24.35 -49.27
C ALA J 691 16.23 -23.45 -48.05
N ILE J 692 17.33 -22.81 -47.65
CA ILE J 692 17.34 -21.75 -46.65
C ILE J 692 17.91 -20.52 -47.32
N LYS J 693 17.25 -19.38 -47.19
CA LYS J 693 17.79 -18.15 -47.71
C LYS J 693 18.32 -17.27 -46.59
N GLY J 694 19.46 -16.65 -46.86
CA GLY J 694 20.24 -15.88 -45.92
C GLY J 694 19.60 -14.68 -45.27
N PRO J 695 19.21 -13.64 -46.04
CA PRO J 695 18.60 -12.45 -45.41
C PRO J 695 17.20 -12.65 -44.87
N GLU J 696 16.51 -13.75 -45.22
CA GLU J 696 15.23 -14.03 -44.60
C GLU J 696 15.39 -14.53 -43.17
N LEU J 697 16.54 -15.14 -42.84
CA LEU J 697 16.76 -15.60 -41.47
C LEU J 697 17.08 -14.46 -40.53
N MET J 698 17.79 -13.43 -40.99
CA MET J 698 18.13 -12.29 -40.14
C MET J 698 17.10 -11.17 -40.24
N ASN J 699 15.82 -11.53 -40.09
CA ASN J 699 14.73 -10.58 -40.04
C ASN J 699 13.81 -10.80 -38.86
N LYS J 700 13.73 -12.02 -38.34
CA LYS J 700 12.78 -12.43 -37.33
C LYS J 700 13.49 -12.55 -35.99
N TYR J 701 12.79 -13.10 -35.00
CA TYR J 701 13.30 -13.15 -33.64
C TYR J 701 14.39 -14.20 -33.50
N VAL J 702 15.17 -14.08 -32.42
CA VAL J 702 16.27 -14.99 -32.16
C VAL J 702 15.76 -16.34 -31.67
N GLY J 703 14.53 -16.39 -31.15
CA GLY J 703 13.94 -17.67 -30.82
C GLY J 703 13.49 -18.43 -32.04
N GLU J 704 12.85 -17.73 -32.98
CA GLU J 704 12.21 -18.43 -34.09
C GLU J 704 13.24 -18.76 -35.17
N SER J 705 14.35 -18.01 -35.23
CA SER J 705 15.42 -18.29 -36.18
C SER J 705 16.18 -19.56 -35.81
N GLU J 706 16.36 -19.82 -34.52
CA GLU J 706 17.01 -21.05 -34.08
C GLU J 706 16.13 -22.27 -34.29
N ARG J 707 14.81 -22.11 -34.18
CA ARG J 707 13.91 -23.22 -34.48
C ARG J 707 13.88 -23.52 -35.98
N ALA J 708 13.90 -22.48 -36.82
CA ALA J 708 13.79 -22.64 -38.27
C ALA J 708 15.03 -23.29 -38.89
N VAL J 709 16.18 -23.22 -38.22
CA VAL J 709 17.31 -24.06 -38.59
C VAL J 709 17.02 -25.52 -38.28
N ARG J 710 16.34 -25.78 -37.16
CA ARG J 710 16.20 -27.15 -36.65
C ARG J 710 15.20 -28.00 -37.42
N GLU J 711 14.05 -27.43 -37.87
CA GLU J 711 13.18 -28.27 -38.69
C GLU J 711 13.67 -28.46 -40.12
N THR J 712 14.60 -27.63 -40.59
CA THR J 712 15.13 -27.85 -41.93
C THR J 712 16.07 -29.05 -41.94
N PHE J 713 16.87 -29.20 -40.89
CA PHE J 713 17.73 -30.37 -40.74
C PHE J 713 16.93 -31.61 -40.39
N ARG J 714 15.82 -31.48 -39.66
CA ARG J 714 15.01 -32.64 -39.29
C ARG J 714 14.21 -33.17 -40.46
N LYS J 715 13.73 -32.29 -41.33
CA LYS J 715 13.04 -32.72 -42.54
C LYS J 715 14.00 -33.39 -43.51
N ALA J 716 15.20 -32.85 -43.65
CA ALA J 716 16.18 -33.38 -44.57
C ALA J 716 16.91 -34.60 -44.03
N ARG J 717 16.80 -34.90 -42.74
CA ARG J 717 17.33 -36.14 -42.20
C ARG J 717 16.29 -37.24 -42.11
N ALA J 718 15.00 -36.89 -42.16
CA ALA J 718 13.95 -37.91 -42.18
C ALA J 718 13.90 -38.62 -43.53
N VAL J 719 13.97 -37.87 -44.62
CA VAL J 719 14.19 -38.48 -45.93
C VAL J 719 15.68 -38.67 -46.11
N ALA J 720 16.09 -39.79 -46.69
CA ALA J 720 17.51 -40.13 -46.57
C ALA J 720 18.42 -39.46 -47.61
N PRO J 721 18.13 -39.41 -48.96
CA PRO J 721 19.01 -38.59 -49.80
C PRO J 721 18.50 -37.15 -49.93
N SER J 722 19.28 -36.18 -49.44
CA SER J 722 18.81 -34.80 -49.48
C SER J 722 19.97 -33.83 -49.63
N ILE J 723 19.70 -32.75 -50.35
CA ILE J 723 20.63 -31.63 -50.51
C ILE J 723 20.01 -30.41 -49.85
N ILE J 724 20.74 -29.80 -48.93
CA ILE J 724 20.32 -28.56 -48.29
C ILE J 724 21.08 -27.42 -48.96
N PHE J 725 20.35 -26.41 -49.43
CA PHE J 725 20.93 -25.27 -50.11
C PHE J 725 20.86 -24.06 -49.19
N PHE J 726 21.98 -23.38 -48.99
CA PHE J 726 22.02 -22.23 -48.13
C PHE J 726 22.53 -21.13 -48.99
N ASP J 727 21.65 -20.27 -49.43
CA ASP J 727 22.07 -19.22 -50.30
C ASP J 727 22.41 -18.03 -49.46
N GLN J 728 23.47 -17.36 -49.83
CA GLN J 728 23.90 -16.16 -49.15
C GLN J 728 24.22 -16.43 -47.69
N LEU J 729 25.35 -17.07 -47.45
CA LEU J 729 25.79 -17.33 -46.10
C LEU J 729 26.58 -16.17 -45.60
N ASP J 730 26.79 -15.19 -46.45
CA ASP J 730 27.63 -14.06 -46.06
C ASP J 730 26.79 -13.12 -45.23
N ALA J 731 25.51 -13.33 -45.21
CA ALA J 731 24.62 -12.53 -44.39
C ALA J 731 24.71 -12.85 -42.91
N LEU J 732 25.38 -13.95 -42.54
CA LEU J 732 25.60 -14.31 -41.13
C LEU J 732 26.93 -13.74 -40.61
N ALA J 733 27.14 -12.45 -40.84
CA ALA J 733 28.37 -11.77 -40.42
C ALA J 733 28.01 -10.29 -40.29
N VAL J 734 27.79 -9.84 -39.07
CA VAL J 734 27.38 -8.47 -38.82
C VAL J 734 28.58 -7.64 -38.42
N GLU J 735 28.51 -6.35 -38.72
CA GLU J 735 29.54 -5.42 -38.29
C GLU J 735 29.37 -5.14 -36.79
N ARG J 736 30.47 -4.73 -36.16
CA ARG J 736 30.44 -4.37 -34.75
C ARG J 736 29.69 -3.05 -34.54
N GLY J 737 29.94 -2.06 -35.40
CA GLY J 737 29.25 -0.79 -35.31
C GLY J 737 27.85 -0.82 -35.89
N SER J 738 26.95 -1.50 -35.21
CA SER J 738 25.56 -1.64 -35.64
C SER J 738 24.72 -1.76 -34.39
N SER J 739 23.50 -2.29 -34.54
CA SER J 739 22.65 -2.53 -33.39
C SER J 739 23.18 -3.72 -32.59
N LEU J 740 22.91 -3.68 -31.29
CA LEU J 740 23.38 -4.74 -30.40
C LEU J 740 22.55 -6.00 -30.57
N GLY J 741 21.27 -5.85 -30.94
CA GLY J 741 20.39 -7.00 -31.11
C GLY J 741 20.67 -7.82 -32.35
N ALA J 742 21.33 -7.24 -33.36
CA ALA J 742 21.70 -7.99 -34.54
C ALA J 742 22.87 -8.93 -34.27
N GLY J 743 23.71 -8.61 -33.27
CA GLY J 743 24.80 -9.50 -32.91
C GLY J 743 24.37 -10.77 -32.22
N ASN J 744 23.29 -10.72 -31.43
CA ASN J 744 22.80 -11.93 -30.79
C ASN J 744 22.08 -12.86 -31.75
N VAL J 745 21.52 -12.32 -32.83
CA VAL J 745 20.93 -13.18 -33.85
C VAL J 745 22.02 -13.92 -34.62
N ALA J 746 23.12 -13.22 -34.94
CA ALA J 746 24.20 -13.83 -35.71
C ALA J 746 25.01 -14.80 -34.87
N ASP J 747 25.09 -14.59 -33.56
CA ASP J 747 25.85 -15.50 -32.71
C ASP J 747 25.10 -16.78 -32.42
N ARG J 748 23.78 -16.70 -32.24
CA ARG J 748 23.01 -17.89 -31.89
C ARG J 748 22.62 -18.74 -33.08
N VAL J 749 22.46 -18.15 -34.27
CA VAL J 749 22.17 -18.93 -35.47
C VAL J 749 23.40 -19.74 -35.88
N LEU J 750 24.58 -19.13 -35.76
CA LEU J 750 25.85 -19.78 -36.07
C LEU J 750 26.17 -20.90 -35.09
N ALA J 751 25.82 -20.73 -33.81
CA ALA J 751 26.10 -21.75 -32.81
C ALA J 751 25.18 -22.95 -32.97
N GLN J 752 23.92 -22.72 -33.37
CA GLN J 752 23.00 -23.82 -33.63
C GLN J 752 23.37 -24.55 -34.92
N LEU J 753 23.88 -23.84 -35.91
CA LEU J 753 24.27 -24.44 -37.18
C LEU J 753 25.53 -25.31 -37.03
N LEU J 754 26.43 -24.93 -36.14
CA LEU J 754 27.66 -25.70 -35.95
C LEU J 754 27.41 -27.02 -35.23
N THR J 755 26.42 -27.05 -34.33
CA THR J 755 26.00 -28.29 -33.70
C THR J 755 25.34 -29.23 -34.70
N GLU J 756 24.54 -28.70 -35.62
CA GLU J 756 23.82 -29.53 -36.57
C GLU J 756 24.69 -30.05 -37.69
N MET J 757 25.76 -29.34 -38.05
CA MET J 757 26.70 -29.86 -39.03
C MET J 757 27.55 -30.98 -38.45
N ASP J 758 27.74 -30.97 -37.12
CA ASP J 758 28.46 -32.06 -36.46
C ASP J 758 27.62 -33.32 -36.38
N GLY J 759 26.31 -33.19 -36.52
CA GLY J 759 25.43 -34.35 -36.46
C GLY J 759 25.33 -35.15 -37.74
N ILE J 760 25.38 -34.47 -38.89
CA ILE J 760 25.21 -35.14 -40.17
C ILE J 760 26.52 -35.68 -40.74
N GLU J 761 27.60 -35.63 -39.95
CA GLU J 761 28.89 -36.06 -40.45
C GLU J 761 28.96 -37.53 -40.82
N GLN J 762 28.57 -38.43 -39.94
CA GLN J 762 28.72 -39.85 -40.25
C GLN J 762 27.58 -40.38 -41.06
N LEU J 763 26.70 -39.50 -41.51
CA LEU J 763 25.62 -39.96 -42.39
C LEU J 763 26.07 -39.66 -43.82
N LYS J 764 26.25 -40.70 -44.62
CA LYS J 764 26.83 -40.48 -45.94
C LYS J 764 25.78 -40.28 -47.01
N ASP J 765 24.77 -39.46 -46.76
CA ASP J 765 23.75 -39.24 -47.78
C ASP J 765 23.21 -37.81 -47.76
N VAL J 766 23.75 -36.97 -46.89
CA VAL J 766 23.27 -35.60 -46.70
C VAL J 766 24.43 -34.64 -47.00
N THR J 767 24.19 -33.69 -47.91
CA THR J 767 25.20 -32.73 -48.36
C THR J 767 24.64 -31.32 -48.20
N ILE J 768 25.48 -30.39 -47.76
CA ILE J 768 25.09 -28.99 -47.60
C ILE J 768 25.84 -28.16 -48.63
N LEU J 769 25.13 -27.68 -49.64
CA LEU J 769 25.71 -26.74 -50.60
C LEU J 769 25.42 -25.32 -50.13
N ALA J 770 26.42 -24.46 -50.21
CA ALA J 770 26.27 -23.07 -49.85
C ALA J 770 26.81 -22.20 -50.98
N ALA J 771 26.18 -21.05 -51.21
CA ALA J 771 26.58 -20.12 -52.23
C ALA J 771 26.79 -18.74 -51.62
N THR J 772 27.85 -18.05 -52.04
CA THR J 772 28.15 -16.74 -51.52
C THR J 772 28.84 -15.91 -52.59
N ASN J 773 28.89 -14.60 -52.36
CA ASN J 773 29.55 -13.66 -53.25
C ASN J 773 30.86 -13.13 -52.70
N ARG J 774 30.96 -12.95 -51.38
CA ARG J 774 32.17 -12.46 -50.73
C ARG J 774 32.68 -13.57 -49.82
N PRO J 775 33.72 -14.32 -50.22
CA PRO J 775 34.17 -15.46 -49.41
C PRO J 775 34.97 -15.10 -48.18
N ASP J 776 35.44 -13.86 -48.06
CA ASP J 776 36.23 -13.50 -46.90
C ASP J 776 35.38 -13.11 -45.69
N ARG J 777 34.07 -13.00 -45.83
CA ARG J 777 33.20 -12.69 -44.71
C ARG J 777 32.64 -13.93 -44.02
N ILE J 778 33.00 -15.13 -44.46
CA ILE J 778 32.60 -16.36 -43.80
C ILE J 778 33.42 -16.51 -42.53
N ASP J 779 32.79 -17.02 -41.47
CA ASP J 779 33.50 -17.28 -40.21
C ASP J 779 34.49 -18.43 -40.37
N LYS J 780 35.52 -18.42 -39.52
CA LYS J 780 36.61 -19.38 -39.63
C LYS J 780 36.20 -20.75 -39.13
N ALA J 781 35.24 -20.82 -38.19
CA ALA J 781 34.78 -22.09 -37.64
C ALA J 781 33.99 -22.93 -38.63
N LEU J 782 33.39 -22.33 -39.65
CA LEU J 782 32.71 -23.11 -40.67
C LEU J 782 33.70 -23.77 -41.62
N MET J 783 34.80 -23.10 -41.93
CA MET J 783 35.78 -23.59 -42.90
C MET J 783 36.84 -24.41 -42.16
N ARG J 784 36.46 -25.60 -41.77
CA ARG J 784 37.29 -26.55 -41.05
C ARG J 784 37.18 -27.89 -41.76
N PRO J 785 38.16 -28.81 -41.56
CA PRO J 785 37.98 -30.17 -42.06
C PRO J 785 36.86 -30.93 -41.35
N GLY J 786 35.81 -31.24 -42.09
CA GLY J 786 34.65 -31.91 -41.55
C GLY J 786 33.36 -31.19 -41.85
N ARG J 787 33.38 -29.85 -41.84
CA ARG J 787 32.17 -29.07 -42.05
C ARG J 787 32.01 -28.60 -43.50
N ILE J 788 32.91 -27.77 -43.99
CA ILE J 788 32.90 -27.31 -45.38
C ILE J 788 34.34 -27.39 -45.90
N ASP J 789 34.54 -28.15 -46.97
CA ASP J 789 35.88 -28.49 -47.43
C ASP J 789 36.22 -27.92 -48.79
N ARG J 790 35.44 -28.20 -49.83
CA ARG J 790 35.81 -27.77 -51.17
C ARG J 790 35.32 -26.36 -51.46
N ILE J 791 36.13 -25.61 -52.20
CA ILE J 791 35.70 -24.37 -52.81
C ILE J 791 35.83 -24.53 -54.33
N ILE J 792 34.84 -24.04 -55.06
CA ILE J 792 34.82 -24.09 -56.52
C ILE J 792 34.35 -22.75 -57.06
N TYR J 793 34.79 -22.43 -58.27
CA TYR J 793 34.60 -21.12 -58.89
C TYR J 793 33.59 -21.25 -60.02
N VAL J 794 32.46 -20.57 -59.89
CA VAL J 794 31.44 -20.53 -60.92
C VAL J 794 31.76 -19.37 -61.85
N PRO J 795 32.00 -19.60 -63.14
CA PRO J 795 32.54 -18.56 -64.02
C PRO J 795 31.47 -17.57 -64.47
N LEU J 796 31.91 -16.55 -65.20
CA LEU J 796 31.00 -15.65 -65.87
C LEU J 796 30.30 -16.40 -67.00
N PRO J 797 29.00 -16.14 -67.25
CA PRO J 797 28.22 -17.05 -68.10
C PRO J 797 28.53 -16.91 -69.58
N ASP J 798 28.59 -18.05 -70.25
CA ASP J 798 28.89 -18.11 -71.67
C ASP J 798 27.61 -17.96 -72.49
N ALA J 799 27.69 -18.30 -73.78
CA ALA J 799 26.61 -17.97 -74.72
C ALA J 799 25.40 -18.88 -74.55
N ALA J 800 25.62 -20.15 -74.25
CA ALA J 800 24.50 -21.06 -74.06
C ALA J 800 23.81 -20.87 -72.72
N THR J 801 24.54 -20.43 -71.70
CA THR J 801 23.95 -20.19 -70.38
C THR J 801 23.06 -18.95 -70.39
N ARG J 802 23.45 -17.91 -71.13
CA ARG J 802 22.73 -16.65 -71.16
C ARG J 802 21.42 -16.73 -71.91
N ARG J 803 21.25 -17.73 -72.78
CA ARG J 803 19.96 -18.04 -73.36
C ARG J 803 18.95 -18.48 -72.32
N GLU J 804 19.39 -19.23 -71.30
CA GLU J 804 18.49 -19.68 -70.25
C GLU J 804 18.09 -18.55 -69.30
N ILE J 805 18.97 -17.56 -69.11
CA ILE J 805 18.61 -16.43 -68.25
C ILE J 805 17.65 -15.49 -68.97
N PHE J 806 17.82 -15.32 -70.29
CA PHE J 806 16.90 -14.48 -71.06
C PHE J 806 15.53 -15.14 -71.24
N LYS J 807 15.50 -16.47 -71.41
CA LYS J 807 14.24 -17.16 -71.64
C LYS J 807 13.41 -17.28 -70.37
N LEU J 808 14.06 -17.34 -69.22
CA LEU J 808 13.33 -17.37 -67.96
C LEU J 808 12.73 -16.01 -67.65
N GLN J 809 13.42 -14.94 -68.02
CA GLN J 809 12.91 -13.60 -67.84
C GLN J 809 11.93 -13.19 -68.94
N PHE J 810 11.89 -13.93 -70.05
CA PHE J 810 10.90 -13.66 -71.08
C PHE J 810 9.55 -14.30 -70.80
N HIS J 811 9.47 -15.18 -69.80
CA HIS J 811 8.21 -15.80 -69.40
C HIS J 811 7.34 -14.88 -68.56
N SER J 812 7.87 -13.76 -68.07
CA SER J 812 7.10 -12.83 -67.26
C SER J 812 6.91 -11.48 -67.93
N MET J 813 7.39 -11.30 -69.16
CA MET J 813 7.34 -10.03 -69.85
C MET J 813 6.69 -10.19 -71.22
N PRO J 814 5.91 -9.20 -71.68
CA PRO J 814 5.36 -9.26 -73.04
C PRO J 814 6.33 -8.78 -74.12
N VAL J 815 7.19 -9.66 -74.55
CA VAL J 815 8.25 -9.34 -75.50
C VAL J 815 7.74 -9.64 -76.91
N SER J 816 8.15 -8.82 -77.88
CA SER J 816 7.67 -8.92 -79.25
C SER J 816 8.25 -10.13 -79.98
N ASN J 817 7.78 -10.32 -81.20
CA ASN J 817 8.27 -11.38 -82.08
C ASN J 817 9.31 -10.90 -83.08
N GLU J 818 9.74 -9.64 -82.99
CA GLU J 818 10.78 -9.14 -83.86
C GLU J 818 12.11 -8.92 -83.14
N VAL J 819 12.22 -9.29 -81.87
CA VAL J 819 13.51 -9.27 -81.20
C VAL J 819 14.32 -10.48 -81.66
N ASP J 820 15.63 -10.33 -81.65
CA ASP J 820 16.53 -11.40 -82.01
C ASP J 820 17.27 -11.83 -80.76
N LEU J 821 17.11 -13.10 -80.38
CA LEU J 821 17.85 -13.63 -79.24
C LEU J 821 19.33 -13.76 -79.53
N ASP J 822 19.68 -14.11 -80.77
CA ASP J 822 21.08 -14.31 -81.13
C ASP J 822 21.84 -13.00 -81.20
N GLU J 823 21.19 -11.92 -81.65
CA GLU J 823 21.83 -10.62 -81.65
C GLU J 823 21.95 -10.05 -80.24
N LEU J 824 20.99 -10.38 -79.38
CA LEU J 824 21.04 -9.94 -77.99
C LEU J 824 22.06 -10.72 -77.17
N ILE J 825 22.26 -12.00 -77.50
CA ILE J 825 23.26 -12.82 -76.80
C ILE J 825 24.66 -12.37 -77.18
N LEU J 826 24.88 -12.06 -78.46
CA LEU J 826 26.19 -11.65 -78.95
C LEU J 826 26.59 -10.25 -78.49
N GLN J 827 25.63 -9.41 -78.12
CA GLN J 827 25.94 -8.09 -77.59
C GLN J 827 26.04 -8.07 -76.07
N THR J 828 25.81 -9.20 -75.40
CA THR J 828 25.93 -9.29 -73.96
C THR J 828 26.99 -10.31 -73.58
N ASP J 829 28.18 -10.20 -74.19
CA ASP J 829 29.15 -11.30 -74.22
C ASP J 829 29.83 -11.55 -72.88
N ALA J 830 30.16 -10.51 -72.12
CA ALA J 830 30.86 -10.70 -70.86
C ALA J 830 30.08 -10.14 -69.67
N TYR J 831 28.77 -10.04 -69.77
CA TYR J 831 27.99 -9.45 -68.70
C TYR J 831 27.78 -10.47 -67.59
N SER J 832 27.53 -9.99 -66.38
CA SER J 832 27.24 -10.89 -65.29
C SER J 832 25.73 -11.16 -65.22
N GLY J 833 25.31 -11.93 -64.22
CA GLY J 833 23.92 -12.37 -64.16
C GLY J 833 22.94 -11.30 -63.70
N ALA J 834 23.38 -10.39 -62.84
CA ALA J 834 22.51 -9.31 -62.40
C ALA J 834 22.39 -8.21 -63.44
N GLU J 835 23.35 -8.09 -64.36
CA GLU J 835 23.25 -7.10 -65.42
C GLU J 835 22.21 -7.47 -66.46
N ILE J 836 22.03 -8.76 -66.73
CA ILE J 836 21.02 -9.24 -67.67
C ILE J 836 19.61 -9.00 -67.14
N VAL J 837 19.42 -9.16 -65.83
CA VAL J 837 18.15 -8.81 -65.20
C VAL J 837 17.94 -7.30 -65.20
N ALA J 838 19.01 -6.53 -64.96
CA ALA J 838 18.89 -5.08 -64.95
C ALA J 838 18.72 -4.48 -66.35
N VAL J 839 19.15 -5.18 -67.40
CA VAL J 839 18.83 -4.79 -68.77
C VAL J 839 17.33 -4.95 -69.02
N CYS J 840 16.74 -6.04 -68.53
CA CYS J 840 15.32 -6.31 -68.78
C CYS J 840 14.40 -5.42 -67.95
N ARG J 841 14.85 -4.96 -66.78
CA ARG J 841 14.05 -3.99 -66.02
C ARG J 841 14.09 -2.62 -66.67
N GLU J 842 15.23 -2.24 -67.23
CA GLU J 842 15.38 -0.92 -67.81
C GLU J 842 14.67 -0.79 -69.14
N ALA J 843 14.60 -1.86 -69.92
CA ALA J 843 13.87 -1.82 -71.18
C ALA J 843 12.36 -1.80 -70.96
N ALA J 844 11.90 -2.34 -69.83
CA ALA J 844 10.49 -2.25 -69.48
C ALA J 844 10.10 -0.84 -69.06
N LEU J 845 10.98 -0.16 -68.32
CA LEU J 845 10.70 1.20 -67.88
C LEU J 845 10.85 2.21 -69.01
N LEU J 846 11.74 1.95 -69.98
CA LEU J 846 11.91 2.88 -71.09
C LEU J 846 10.79 2.76 -72.11
N ALA J 847 10.25 1.56 -72.30
CA ALA J 847 9.18 1.37 -73.26
C ALA J 847 7.85 1.91 -72.74
N LEU J 848 7.67 1.90 -71.44
CA LEU J 848 6.47 2.47 -70.85
C LEU J 848 6.50 4.02 -70.75
N GLU J 849 7.66 4.68 -70.84
CA GLU J 849 7.70 6.14 -70.81
C GLU J 849 7.28 6.80 -72.12
N GLU J 850 7.32 6.10 -73.26
CA GLU J 850 6.84 6.71 -74.50
C GLU J 850 5.33 6.84 -74.49
N ASP J 851 4.63 5.73 -74.30
CA ASP J 851 3.20 5.74 -74.09
C ASP J 851 2.83 4.80 -72.95
N ILE J 852 1.72 5.12 -72.29
CA ILE J 852 1.33 4.40 -71.08
C ILE J 852 0.51 3.16 -71.39
N GLN J 853 -0.06 3.06 -72.60
CA GLN J 853 -0.81 1.89 -73.00
C GLN J 853 0.02 1.00 -73.91
N ALA J 854 1.31 0.88 -73.59
CA ALA J 854 2.23 0.07 -74.39
C ALA J 854 1.91 -1.41 -74.20
N ASN J 855 1.75 -2.10 -75.32
CA ASN J 855 1.38 -3.52 -75.24
C ASN J 855 2.53 -4.50 -75.36
N LEU J 856 3.44 -4.28 -76.30
CA LEU J 856 4.60 -5.12 -76.46
C LEU J 856 5.86 -4.25 -76.52
N ILE J 857 7.01 -4.78 -76.15
CA ILE J 857 8.25 -4.01 -76.21
C ILE J 857 8.97 -4.26 -77.53
N MET J 858 9.45 -3.22 -78.19
CA MET J 858 10.07 -3.32 -79.50
C MET J 858 11.60 -3.45 -79.39
N LYS J 859 12.28 -3.41 -80.54
CA LYS J 859 13.72 -3.61 -80.63
C LYS J 859 14.50 -2.40 -80.14
N ARG J 860 14.04 -1.20 -80.47
CA ARG J 860 14.75 0.05 -80.16
C ARG J 860 14.77 0.39 -78.69
N HIS J 861 13.86 -0.19 -77.90
CA HIS J 861 13.95 -0.07 -76.45
C HIS J 861 15.10 -0.90 -75.89
N PHE J 862 15.41 -2.03 -76.51
CA PHE J 862 16.51 -2.86 -76.01
C PHE J 862 17.86 -2.30 -76.41
N THR J 863 17.92 -1.54 -77.50
CA THR J 863 19.19 -1.04 -78.03
C THR J 863 19.75 0.09 -77.16
N GLN J 864 18.91 1.02 -76.73
CA GLN J 864 19.38 2.07 -75.84
C GLN J 864 19.48 1.63 -74.39
N ALA J 865 18.84 0.51 -74.02
CA ALA J 865 19.01 -0.02 -72.67
C ALA J 865 20.36 -0.70 -72.50
N LEU J 866 20.92 -1.24 -73.58
CA LEU J 866 22.23 -1.86 -73.52
C LEU J 866 23.35 -0.82 -73.41
N SER J 867 23.11 0.40 -73.90
CA SER J 867 24.09 1.46 -73.76
C SER J 867 24.15 2.02 -72.35
N THR J 868 23.03 1.98 -71.62
CA THR J 868 22.99 2.52 -70.27
C THR J 868 23.70 1.60 -69.27
N VAL J 869 23.46 0.31 -69.35
CA VAL J 869 23.98 -0.64 -68.37
C VAL J 869 25.31 -1.19 -68.87
N THR J 870 26.36 -0.99 -68.07
CA THR J 870 27.73 -1.34 -68.38
C THR J 870 28.22 -2.46 -67.45
N PRO J 871 29.24 -3.24 -67.87
CA PRO J 871 29.83 -4.22 -66.93
C PRO J 871 30.58 -3.59 -65.77
PG ATP K . 16.12 -33.63 -9.56
O1G ATP K . 17.26 -32.72 -9.85
O2G ATP K . 15.84 -33.82 -8.06
O3G ATP K . 14.84 -33.21 -10.27
PB ATP K . 17.11 -35.77 -11.34
O1B ATP K . 16.43 -35.42 -12.59
O2B ATP K . 18.59 -35.44 -11.24
O3B ATP K . 16.42 -35.08 -10.10
PA ATP K . 17.77 -38.63 -11.33
O1A ATP K . 18.19 -39.29 -10.08
O2A ATP K . 18.90 -38.21 -12.28
O3A ATP K . 16.95 -37.32 -11.01
O5' ATP K . 16.80 -39.52 -12.18
C5' ATP K . 16.60 -40.92 -11.85
C4' ATP K . 16.75 -41.80 -13.06
O4' ATP K . 17.80 -41.32 -13.91
C3' ATP K . 17.15 -43.24 -12.73
O3' ATP K . 16.00 -44.03 -12.42
C2' ATP K . 17.80 -43.68 -14.03
O2' ATP K . 16.82 -44.07 -14.98
C1' ATP K . 18.52 -42.41 -14.48
N9 ATP K . 19.93 -42.26 -14.13
C8 ATP K . 20.46 -41.10 -13.60
N7 ATP K . 21.75 -41.15 -13.36
C5 ATP K . 22.11 -42.42 -13.78
C6 ATP K . 23.34 -43.10 -13.80
N6 ATP K . 24.49 -42.56 -13.37
N1 ATP K . 23.37 -44.36 -14.29
C2 ATP K . 22.23 -44.91 -14.71
N3 ATP K . 21.02 -44.36 -14.76
C4 ATP K . 21.01 -43.11 -14.27
PG ATP L . 48.02 4.76 -11.78
O1G ATP L . 47.04 4.13 -10.86
O2G ATP L . 47.98 4.20 -13.20
O3G ATP L . 47.91 6.27 -11.86
PB ATP L . 51.00 4.54 -11.84
O1B ATP L . 51.21 3.60 -12.95
O2B ATP L . 51.31 6.00 -12.14
O3B ATP L . 49.51 4.49 -11.29
PA ATP L . 52.20 2.82 -9.77
O1A ATP L . 51.12 1.82 -9.90
O2A ATP L . 52.53 3.22 -8.34
O3A ATP L . 51.85 4.14 -10.56
O5' ATP L . 53.53 2.30 -10.47
C5' ATP L . 53.49 1.22 -11.42
C4' ATP L . 54.83 0.55 -11.52
O4' ATP L . 55.82 1.49 -12.01
C3' ATP L . 55.40 -0.03 -10.22
O3' ATP L . 55.82 -1.37 -10.40
C2' ATP L . 56.57 0.89 -9.89
O2' ATP L . 57.62 0.17 -9.25
C1' ATP L . 57.00 1.35 -11.27
N9 ATP L . 57.71 2.61 -11.31
C8 ATP L . 57.25 3.78 -11.85
N7 ATP L . 58.08 4.79 -11.75
C5 ATP L . 59.18 4.23 -11.10
C6 ATP L . 60.42 4.77 -10.69
N6 ATP L . 60.78 6.05 -10.89
N1 ATP L . 61.29 3.94 -10.08
C2 ATP L . 60.95 2.67 -9.87
N3 ATP L . 59.81 2.05 -10.22
C4 ATP L . 58.96 2.90 -10.82
PG ATP M . 27.03 -13.29 11.31
O1G ATP M . 26.24 -14.24 10.45
O2G ATP M . 27.70 -12.20 10.52
O3G ATP M . 26.21 -12.68 12.44
PB ATP M . 29.29 -13.79 13.13
O1B ATP M . 30.38 -12.94 12.63
O2B ATP M . 28.56 -13.26 14.36
O3B ATP M . 28.21 -14.05 12.04
PA ATP M . 29.73 -16.22 14.73
O1A ATP M . 30.11 -15.50 15.96
O2A ATP M . 28.35 -16.87 14.77
O3A ATP M . 29.77 -15.27 13.48
O5' ATP M . 30.79 -17.34 14.37
C5' ATP M . 31.81 -17.73 15.32
C4' ATP M . 32.71 -18.75 14.71
O4' ATP M . 33.90 -18.10 14.21
C3' ATP M . 33.24 -19.81 15.67
O3' ATP M . 32.31 -20.87 15.83
C2' ATP M . 34.51 -20.27 14.98
O2' ATP M . 34.20 -21.23 13.96
C1' ATP M . 35.02 -18.97 14.33
N9 ATP M . 36.05 -18.30 15.11
C8 ATP M . 36.75 -18.83 16.17
N7 ATP M . 37.64 -18.00 16.68
C5 ATP M . 37.52 -16.87 15.90
C6 ATP M . 38.18 -15.62 15.93
N6 ATP M . 39.14 -15.32 16.80
N1 ATP M . 37.82 -14.69 15.00
C2 ATP M . 36.87 -15.00 14.13
N3 ATP M . 36.18 -16.13 14.01
C4 ATP M . 36.55 -17.04 14.93
PG ATP N . 20.83 19.95 21.51
O1G ATP N . 20.27 20.24 20.16
O2G ATP N . 20.23 18.72 22.18
O3G ATP N . 22.36 19.85 21.53
PB ATP N . 21.23 22.24 23.44
O1B ATP N . 22.70 22.21 23.28
O2B ATP N . 20.56 23.59 23.17
O3B ATP N . 20.49 21.15 22.53
PA ATP N . 19.93 22.37 26.07
O1A ATP N . 18.48 22.35 25.75
O2A ATP N . 20.47 23.79 26.30
O3A ATP N . 20.79 21.78 24.89
O5' ATP N . 20.27 21.46 27.30
C5' ATP N . 19.31 21.21 28.35
C4' ATP N . 20.00 20.71 29.60
O4' ATP N . 21.43 20.86 29.44
C3' ATP N . 19.65 21.48 30.86
O3' ATP N . 18.55 20.88 31.55
C2' ATP N . 20.94 21.39 31.69
O2' ATP N . 21.02 20.14 32.36
C1' ATP N . 21.99 21.52 30.57
N9 ATP N . 22.30 22.91 30.15
C8 ATP N . 22.25 23.36 28.85
N7 ATP N . 22.56 24.62 28.71
C5 ATP N . 22.87 25.04 30.00
C6 ATP N . 23.27 26.28 30.51
N6 ATP N . 23.47 27.37 29.77
N1 ATP N . 23.49 26.37 31.86
C2 ATP N . 23.29 25.28 32.61
N3 ATP N . 22.92 24.06 32.22
C4 ATP N . 22.70 23.99 30.90
PG ATP O . -5.25 36.91 -2.12
O1G ATP O . -3.95 36.52 -2.74
O2G ATP O . -6.46 36.52 -2.96
O3G ATP O . -5.45 36.40 -0.69
PB ATP O . -5.58 39.72 -2.91
O1B ATP O . -4.46 39.92 -3.84
O2B ATP O . -6.94 39.56 -3.56
O3B ATP O . -5.35 38.48 -2.01
PA ATP O . -6.08 42.43 -1.92
O1A ATP O . -7.44 42.58 -2.46
O2A ATP O . -4.96 43.12 -2.69
O3A ATP O . -5.70 40.91 -1.86
O5' ATP O . -6.00 42.96 -0.44
C5' ATP O . -6.55 44.24 -0.09
C4' ATP O . -5.48 45.15 0.46
O4' ATP O . -4.66 45.66 -0.61
C3' ATP O . -6.03 46.37 1.18
O3' ATP O . -5.12 46.78 2.20
C2' ATP O . -6.11 47.39 0.05
O2' ATP O . -6.03 48.72 0.56
C1' ATP O . -4.84 47.06 -0.73
N9 ATP O . -4.85 47.38 -2.16
C8 ATP O . -4.52 46.49 -3.16
N7 ATP O . -4.57 46.99 -4.37
C5 ATP O . -4.96 48.30 -4.17
C6 ATP O . -5.21 49.36 -5.06
N6 ATP O . -5.09 49.26 -6.39
N1 ATP O . -5.58 50.55 -4.53
C2 ATP O . -5.70 50.66 -3.21
N3 ATP O . -5.49 49.74 -2.28
C4 ATP O . -5.13 48.57 -2.82
PG ATP P . 15.38 19.35 -43.11
O1G ATP P . 15.11 20.24 -41.95
O2G ATP P . 16.85 18.98 -43.27
O3G ATP P . 14.54 18.08 -43.15
PB ATP P . 15.76 20.87 -45.60
O1B ATP P . 16.65 21.90 -45.06
O2B ATP P . 16.40 19.84 -46.52
O3B ATP P . 15.03 20.10 -44.46
PA ATP P . 14.20 21.77 -47.92
O1A ATP P . 13.20 20.83 -48.45
O2A ATP P . 15.54 21.75 -48.62
O3A ATP P . 14.53 21.49 -46.41
O5' ATP P . 13.68 23.25 -47.98
C5' ATP P . 13.50 23.91 -49.25
C4' ATP P . 13.75 25.38 -49.13
O4' ATP P . 14.78 25.77 -50.06
C3' ATP P . 12.56 26.26 -49.51
O3' ATP P . 12.70 27.57 -49.00
C2' ATP P . 12.67 26.23 -51.03
O2' ATP P . 12.04 27.38 -51.61
C1' ATP P . 14.18 26.29 -51.24
N9 ATP P . 14.70 25.53 -52.38
C8 ATP P . 15.64 24.54 -52.30
N7 ATP P . 15.97 24.02 -53.45
C5 ATP P . 15.21 24.73 -54.37
C6 ATP P . 15.09 24.65 -55.76
N6 ATP P . 15.77 23.79 -56.53
N1 ATP P . 14.23 25.50 -56.37
C2 ATP P . 13.52 26.37 -55.62
N3 ATP P . 13.55 26.52 -54.30
C4 ATP P . 14.42 25.67 -53.71
PG ATP Q . -14.64 17.11 -25.03
O1G ATP Q . -13.91 17.84 -23.95
O2G ATP Q . -13.71 16.51 -26.07
O3G ATP Q . -15.58 16.02 -24.52
PB ATP Q . -16.33 18.16 -27.22
O1B ATP Q . -15.45 18.60 -28.32
O2B ATP Q . -16.99 16.81 -27.42
O3B ATP Q . -15.56 18.09 -25.84
PA ATP Q . -18.99 19.42 -27.30
O1A ATP Q . -19.50 18.25 -28.06
O2A ATP Q . -19.74 19.71 -26.01
O3A ATP Q . -17.48 19.22 -26.91
O5' ATP Q . -18.98 20.72 -28.16
C5' ATP Q . -18.30 21.92 -27.70
C4' ATP Q . -18.88 23.11 -28.40
O4' ATP Q . -18.75 22.96 -29.82
C3' ATP Q . -20.37 23.36 -28.17
O3' ATP Q . -20.59 24.22 -27.07
C2' ATP Q . -20.83 24.01 -29.49
O2' ATP Q . -21.23 25.35 -29.27
C1' ATP Q . -19.59 23.95 -30.37
N9 ATP Q . -19.87 23.62 -31.76
C8 ATP Q . -21.09 23.71 -32.37
N7 ATP Q . -21.09 23.37 -33.63
C5 ATP Q . -19.77 23.01 -33.88
C6 ATP Q . -19.11 22.54 -35.02
N6 ATP Q . -19.71 22.35 -36.20
N1 ATP Q . -17.78 22.28 -34.93
C2 ATP Q . -17.17 22.49 -33.76
N3 ATP Q . -17.70 22.92 -32.61
C4 ATP Q . -19.01 23.16 -32.74
MG MG R . -17.84 15.30 -24.37
PG ATP S . -8.76 -18.63 -32.51
O1G ATP S . -7.43 -18.43 -33.15
O2G ATP S . -8.69 -18.72 -30.99
O3G ATP S . -9.81 -17.57 -32.90
PB ATP S . -10.02 -20.71 -34.25
O1B ATP S . -9.58 -20.03 -35.48
O2B ATP S . -9.76 -22.21 -34.15
O3B ATP S . -9.41 -20.02 -32.97
PA ATP S . -12.93 -21.19 -34.50
O1A ATP S . -13.87 -21.37 -33.38
O2A ATP S . -12.54 -22.47 -35.23
O3A ATP S . -11.59 -20.49 -34.03
O5' ATP S . -13.52 -20.18 -35.56
C5' ATP S . -14.71 -19.41 -35.29
C4' ATP S . -15.86 -19.92 -36.12
O4' ATP S . -15.43 -20.06 -37.51
C3' ATP S . -16.41 -21.27 -35.74
O3' ATP S . -17.39 -21.17 -34.71
C2' ATP S . -17.02 -21.76 -37.06
O2' ATP S . -18.31 -21.20 -37.28
C1' ATP S . -16.01 -21.22 -38.08
N9 ATP S . -14.94 -22.15 -38.42
C8 ATP S . -13.60 -21.96 -38.18
N7 ATP S . -12.83 -22.94 -38.60
C5 ATP S . -13.72 -23.84 -39.16
C6 ATP S . -13.54 -25.08 -39.79
N6 ATP S . -12.36 -25.67 -39.96
N1 ATP S . -14.65 -25.72 -40.25
C2 ATP S . -15.85 -25.14 -40.08
N3 ATP S . -16.13 -23.97 -39.51
C4 ATP S . -15.03 -23.35 -39.07
#